data_6F8L
#
_entry.id   6F8L
#
_entity_poly.entity_id   1
_entity_poly.type   'polypeptide(L)'
_entity_poly.pdbx_seq_one_letter_code
;MSVLTIGDKRLGAALLDAGLLTDEELQRALERHREVGGSLAEVLVDMGLLSERRIAQTIEDRFGIPLVELHRVEIPPKVK
ALLPAEKAKELKAIPFALDEEAGVVRVAFLNPLDTLSLEEVEDLTGLVVEPYQTTKSAFLYALAKHYPELGLPVPPPPSG
EGQKDLKLGELLLQKGWISREALEEALVEQEKTGDLLGRILVRKGLPEEALYRALAEQKGLEFLESTEGIVPDPSAALLL
LRSDALRYGAVPIGFQNGEVEVVLSDPRHKEAVAQLLNRPARFYLALPQAWEELFRRAYPQKNRLGEVLVQEGKLSREAL
KEALEVQKGLPRAKPLGEILVELGLARPEDVEEALQKQRRGGGRLEDTLVQSGKLRPEALAQAVATQLGYPYVDPEEDPP
DPGAPLLLPEDLCRRYGVFPHRLEGNRLVLLMKDPRNILALDDVRLALKRKGLNYEVAPAVATEAAITKLIERFYGKAEL
SEIAKEFAKKQAEEEVPSPLELDESAAQKFVKQVIREAFLQDASDIHIEPRQNDVQVRLRIDGALRPYSTLPKGALNAVI
SVVKIMGGLNIAEKRLPQDGRVRYREGAIDVDLRLSTLPTVYGEKAVMRLLKKASDIPEIEDLGFAPGVFERFKEVISKP
YGIFLITGPTGSGKSFTTFSILKRIATPDKNTQTIEDPVEYEIPGINQTQVNPQAGLTFARALRAFLRQDPDIIMVGEIR
DSETAKIATEAALTGHLVIATLHTNDAAQAITRLDEMGVEPFNISAALIGVLSQRLVRRVCEHCKVEVKPDPETLRRLGL
SEAEIQGARLYKGMGCERCGGTGYKGRYAIHELLVVDDEIRHAIVAGKSATEIKEIARRKGMKTLREDGLYKALQGITTL
EEVLARTIEAAAELALVPRGSSAHHHHHHHHHH
;
_entity_poly.pdbx_strand_id   G,J,K,L,H,I,M,N,O,P,Q,R,A,B,C,D,E,F
#
# COMPACT_ATOMS: atom_id res chain seq x y z
N LEU A 330 -39.68 14.50 -18.35
CA LEU A 330 -39.82 13.74 -19.59
C LEU A 330 -39.89 12.24 -19.34
N PRO A 331 -40.65 11.49 -20.16
CA PRO A 331 -41.59 11.82 -21.25
C PRO A 331 -42.78 12.67 -20.79
N ARG A 332 -43.40 13.39 -21.72
CA ARG A 332 -44.55 14.21 -21.36
C ARG A 332 -45.83 13.39 -21.28
N ALA A 333 -45.89 12.61 -20.21
CA ALA A 333 -46.96 11.66 -19.89
C ALA A 333 -48.27 12.38 -19.56
N LYS A 334 -49.41 11.71 -19.73
CA LYS A 334 -50.67 12.30 -19.30
C LYS A 334 -50.65 12.35 -17.77
N PRO A 335 -51.42 13.22 -17.10
CA PRO A 335 -51.58 13.19 -15.65
C PRO A 335 -52.16 11.88 -15.18
N LEU A 336 -51.66 11.37 -14.06
CA LEU A 336 -52.14 10.11 -13.49
C LEU A 336 -53.60 10.26 -13.04
N GLY A 337 -53.89 11.31 -12.29
CA GLY A 337 -55.25 11.53 -11.80
C GLY A 337 -56.26 11.54 -12.94
N GLU A 338 -55.98 12.37 -13.93
CA GLU A 338 -56.89 12.51 -15.07
C GLU A 338 -57.18 11.17 -15.73
N ILE A 339 -56.15 10.36 -15.98
CA ILE A 339 -56.42 9.09 -16.64
C ILE A 339 -57.13 8.10 -15.75
N LEU A 340 -56.96 8.19 -14.44
CA LEU A 340 -57.70 7.28 -13.58
C LEU A 340 -59.18 7.57 -13.71
N VAL A 341 -59.50 8.86 -13.87
CA VAL A 341 -60.87 9.23 -14.07
C VAL A 341 -61.35 8.74 -15.45
N GLU A 342 -60.53 8.97 -16.48
CA GLU A 342 -60.81 8.54 -17.86
C GLU A 342 -61.16 7.06 -17.95
N LEU A 343 -60.37 6.26 -17.26
CA LEU A 343 -60.48 4.81 -17.24
C LEU A 343 -61.53 4.27 -16.28
N GLY A 344 -62.09 5.12 -15.43
CA GLY A 344 -63.04 4.68 -14.42
C GLY A 344 -62.38 4.02 -13.21
N LEU A 345 -61.06 4.21 -13.06
CA LEU A 345 -60.33 3.59 -11.97
C LEU A 345 -60.51 4.37 -10.68
N ALA A 346 -60.60 5.69 -10.79
CA ALA A 346 -60.74 6.53 -9.61
C ALA A 346 -61.73 7.62 -9.92
N ARG A 347 -62.48 8.06 -8.93
CA ARG A 347 -63.39 9.15 -9.18
C ARG A 347 -62.57 10.41 -9.12
N PRO A 348 -62.99 11.51 -9.75
CA PRO A 348 -62.37 12.81 -9.62
C PRO A 348 -62.12 13.15 -8.15
N GLU A 349 -63.01 12.68 -7.29
CA GLU A 349 -62.92 12.90 -5.87
C GLU A 349 -61.78 12.11 -5.23
N ASP A 350 -61.43 10.96 -5.79
CA ASP A 350 -60.43 10.12 -5.18
C ASP A 350 -59.07 10.60 -5.60
N VAL A 351 -58.99 11.08 -6.84
CA VAL A 351 -57.71 11.62 -7.29
C VAL A 351 -57.49 12.96 -6.62
N GLU A 352 -58.58 13.69 -6.30
CA GLU A 352 -58.47 14.94 -5.57
C GLU A 352 -58.07 14.71 -4.13
N GLU A 353 -58.67 13.74 -3.43
CA GLU A 353 -58.26 13.50 -2.05
C GLU A 353 -56.79 13.13 -2.01
N ALA A 354 -56.40 12.20 -2.88
CA ALA A 354 -55.03 11.77 -2.95
C ALA A 354 -54.11 12.93 -3.35
N LEU A 355 -54.56 13.81 -4.24
CA LEU A 355 -53.78 14.96 -4.65
C LEU A 355 -53.53 15.88 -3.47
N GLN A 356 -54.56 16.15 -2.69
CA GLN A 356 -54.35 17.02 -1.53
C GLN A 356 -53.33 16.38 -0.60
N LYS A 357 -53.40 15.06 -0.46
CA LYS A 357 -52.45 14.43 0.40
C LYS A 357 -51.05 14.50 -0.18
N GLN A 358 -50.86 14.31 -1.49
CA GLN A 358 -49.48 14.35 -1.98
C GLN A 358 -48.96 15.77 -1.94
N ARG A 359 -49.90 16.75 -2.03
CA ARG A 359 -49.56 18.16 -2.02
C ARG A 359 -48.74 18.49 -0.81
N ARG A 360 -49.10 17.88 0.32
CA ARG A 360 -48.35 18.14 1.55
C ARG A 360 -47.40 16.98 1.89
N GLY A 361 -47.80 15.75 1.53
CA GLY A 361 -47.06 14.52 1.81
C GLY A 361 -45.71 14.42 1.08
N GLY A 362 -45.65 14.93 -0.15
CA GLY A 362 -44.44 14.88 -0.96
C GLY A 362 -44.33 13.68 -1.90
N GLY A 363 -45.35 12.83 -1.93
CA GLY A 363 -45.32 11.66 -2.81
C GLY A 363 -45.95 11.99 -4.14
N ARG A 364 -46.21 10.96 -4.94
CA ARG A 364 -46.86 11.12 -6.23
C ARG A 364 -48.34 10.89 -6.02
N LEU A 365 -49.19 11.35 -6.93
CA LEU A 365 -50.61 11.07 -6.77
C LEU A 365 -50.84 9.58 -6.62
N GLU A 366 -50.14 8.80 -7.43
CA GLU A 366 -50.28 7.36 -7.37
C GLU A 366 -49.90 6.79 -6.01
N ASP A 367 -49.05 7.50 -5.23
CA ASP A 367 -48.66 6.98 -3.94
C ASP A 367 -49.75 7.25 -2.97
N THR A 368 -50.33 8.43 -3.05
CA THR A 368 -51.36 8.72 -2.09
C THR A 368 -52.66 7.99 -2.42
N LEU A 369 -52.88 7.67 -3.71
CA LEU A 369 -54.03 6.85 -4.09
C LEU A 369 -53.91 5.43 -3.56
N VAL A 370 -52.72 4.82 -3.67
CA VAL A 370 -52.64 3.46 -3.14
C VAL A 370 -52.54 3.47 -1.60
N GLN A 371 -51.86 4.47 -1.02
CA GLN A 371 -51.71 4.58 0.44
C GLN A 371 -53.02 4.82 1.15
N SER A 372 -53.89 5.59 0.51
CA SER A 372 -55.18 5.94 1.07
C SER A 372 -56.23 4.85 0.86
N GLY A 373 -55.88 3.80 0.09
CA GLY A 373 -56.83 2.75 -0.21
C GLY A 373 -57.81 3.12 -1.32
N LYS A 374 -57.48 4.10 -2.17
CA LYS A 374 -58.40 4.49 -3.23
C LYS A 374 -58.29 3.53 -4.38
N LEU A 375 -57.06 3.15 -4.65
CA LEU A 375 -56.73 2.26 -5.74
C LEU A 375 -55.81 1.13 -5.37
N ARG A 376 -55.95 0.05 -6.07
CA ARG A 376 -55.05 -1.07 -5.97
C ARG A 376 -53.80 -0.70 -6.80
N PRO A 377 -52.58 -1.18 -6.46
CA PRO A 377 -51.35 -0.91 -7.19
C PRO A 377 -51.47 -1.35 -8.65
N GLU A 378 -52.39 -2.29 -8.90
CA GLU A 378 -52.65 -2.76 -10.25
C GLU A 378 -53.17 -1.60 -11.09
N ALA A 379 -54.08 -0.81 -10.49
CA ALA A 379 -54.75 0.28 -11.17
C ALA A 379 -53.79 1.39 -11.43
N LEU A 380 -52.93 1.65 -10.47
CA LEU A 380 -52.01 2.75 -10.66
C LEU A 380 -51.08 2.43 -11.83
N ALA A 381 -50.55 1.22 -11.86
CA ALA A 381 -49.63 0.81 -12.92
C ALA A 381 -50.34 0.70 -14.28
N GLN A 382 -51.56 0.17 -14.30
CA GLN A 382 -52.33 0.06 -15.53
C GLN A 382 -52.66 1.44 -16.04
N ALA A 383 -52.95 2.36 -15.13
CA ALA A 383 -53.20 3.72 -15.52
C ALA A 383 -51.95 4.27 -16.18
N VAL A 384 -50.77 3.97 -15.64
CA VAL A 384 -49.55 4.47 -16.25
C VAL A 384 -49.43 3.94 -17.68
N ALA A 385 -49.79 2.68 -17.89
CA ALA A 385 -49.72 2.13 -19.25
C ALA A 385 -50.52 3.02 -20.20
N THR A 386 -51.71 3.44 -19.75
CA THR A 386 -52.58 4.34 -20.50
C THR A 386 -51.97 5.73 -20.64
N GLN A 387 -51.35 6.19 -19.56
CA GLN A 387 -50.75 7.50 -19.41
C GLN A 387 -49.69 7.74 -20.49
N LEU A 388 -49.01 6.66 -20.87
CA LEU A 388 -47.99 6.68 -21.91
C LEU A 388 -48.36 6.04 -23.25
N GLY A 389 -49.26 5.06 -23.26
CA GLY A 389 -49.58 4.31 -24.47
C GLY A 389 -48.68 3.07 -24.66
N TYR A 390 -48.17 2.53 -23.56
CA TYR A 390 -47.27 1.36 -23.57
C TYR A 390 -47.88 0.14 -22.90
N PRO A 391 -47.42 -1.09 -23.18
CA PRO A 391 -47.97 -2.32 -22.61
C PRO A 391 -47.96 -2.39 -21.10
N TYR A 392 -49.02 -3.02 -20.56
CA TYR A 392 -49.13 -3.33 -19.13
C TYR A 392 -48.89 -4.81 -18.99
N VAL A 393 -47.93 -5.16 -18.17
CA VAL A 393 -47.59 -6.55 -17.94
C VAL A 393 -47.53 -6.80 -16.44
N ASP A 394 -47.47 -8.06 -16.02
CA ASP A 394 -47.25 -8.34 -14.62
C ASP A 394 -46.27 -9.50 -14.43
N PRO A 395 -44.98 -9.23 -14.18
CA PRO A 395 -43.89 -10.17 -14.08
C PRO A 395 -44.05 -11.37 -13.20
N GLU A 396 -45.00 -11.36 -12.26
CA GLU A 396 -45.16 -12.53 -11.41
C GLU A 396 -45.82 -13.62 -12.25
N GLU A 397 -46.57 -13.16 -13.27
CA GLU A 397 -47.35 -13.98 -14.18
C GLU A 397 -46.73 -13.98 -15.57
N ASP A 398 -46.07 -12.88 -15.90
CA ASP A 398 -45.51 -12.60 -17.22
C ASP A 398 -43.99 -12.45 -17.20
N PRO A 399 -43.21 -13.52 -17.17
CA PRO A 399 -41.79 -13.41 -17.01
C PRO A 399 -41.31 -12.61 -18.21
N PRO A 400 -40.29 -11.78 -18.05
CA PRO A 400 -39.78 -10.80 -18.98
C PRO A 400 -39.00 -11.34 -20.13
N ASP A 401 -39.57 -12.23 -20.91
CA ASP A 401 -38.76 -12.80 -21.99
C ASP A 401 -37.37 -13.13 -21.52
N PRO A 402 -37.19 -14.07 -20.58
CA PRO A 402 -35.95 -14.41 -19.90
C PRO A 402 -34.64 -14.43 -20.72
N GLY A 403 -34.66 -14.33 -22.06
CA GLY A 403 -33.40 -14.28 -22.80
C GLY A 403 -32.88 -12.84 -22.87
N ALA A 404 -33.74 -11.89 -22.50
CA ALA A 404 -33.44 -10.46 -22.51
C ALA A 404 -32.70 -9.88 -21.29
N PRO A 405 -33.12 -10.17 -20.02
CA PRO A 405 -32.63 -9.58 -18.76
C PRO A 405 -31.13 -9.43 -18.65
N LEU A 406 -30.39 -10.36 -19.27
CA LEU A 406 -28.94 -10.42 -19.23
C LEU A 406 -28.28 -9.17 -19.76
N LEU A 407 -29.02 -8.43 -20.56
CA LEU A 407 -28.49 -7.25 -21.14
C LEU A 407 -28.05 -6.13 -20.16
N LEU A 408 -28.72 -6.01 -18.99
CA LEU A 408 -28.47 -4.87 -18.09
C LEU A 408 -27.74 -5.24 -16.80
N PRO A 409 -26.70 -4.49 -16.40
CA PRO A 409 -26.02 -4.71 -15.13
C PRO A 409 -26.98 -4.67 -13.95
N GLU A 410 -26.77 -5.66 -13.07
CA GLU A 410 -27.58 -5.95 -11.89
C GLU A 410 -27.84 -4.77 -10.97
N ASP A 411 -26.80 -3.99 -10.74
CA ASP A 411 -26.94 -2.88 -9.82
C ASP A 411 -27.81 -1.79 -10.41
N LEU A 412 -27.76 -1.61 -11.72
CA LEU A 412 -28.53 -0.54 -12.30
C LEU A 412 -29.98 -0.91 -12.17
N CYS A 413 -30.26 -2.18 -12.49
CA CYS A 413 -31.63 -2.68 -12.49
C CYS A 413 -32.29 -2.31 -11.17
N ARG A 414 -31.57 -2.63 -10.08
CA ARG A 414 -32.03 -2.34 -8.74
C ARG A 414 -32.14 -0.86 -8.39
N ARG A 415 -31.18 -0.05 -8.85
CA ARG A 415 -31.20 1.38 -8.52
C ARG A 415 -32.33 2.16 -9.18
N TYR A 416 -32.75 1.76 -10.38
CA TYR A 416 -33.82 2.49 -11.06
C TYR A 416 -35.21 1.83 -11.11
N GLY A 417 -35.33 0.54 -10.79
CA GLY A 417 -36.66 -0.07 -10.88
C GLY A 417 -37.00 -0.38 -12.33
N VAL A 418 -35.96 -0.79 -13.07
CA VAL A 418 -36.05 -1.08 -14.49
C VAL A 418 -35.72 -2.53 -14.77
N PHE A 419 -36.31 -3.10 -15.81
CA PHE A 419 -35.98 -4.46 -16.14
C PHE A 419 -36.07 -4.72 -17.67
N PRO A 420 -35.01 -5.20 -18.34
CA PRO A 420 -35.02 -5.53 -19.77
C PRO A 420 -35.98 -6.65 -20.19
N HIS A 421 -36.72 -6.38 -21.26
CA HIS A 421 -37.66 -7.27 -21.92
C HIS A 421 -37.15 -7.57 -23.32
N ARG A 422 -37.93 -8.27 -24.12
CA ARG A 422 -37.50 -8.74 -25.42
C ARG A 422 -36.58 -7.79 -26.17
N LEU A 423 -35.49 -8.39 -26.66
CA LEU A 423 -34.49 -7.71 -27.44
C LEU A 423 -34.82 -7.86 -28.93
N GLU A 424 -34.53 -6.84 -29.72
CA GLU A 424 -34.76 -6.93 -31.17
C GLU A 424 -33.48 -6.60 -31.88
N GLY A 425 -32.58 -7.56 -31.90
CA GLY A 425 -31.26 -7.32 -32.48
C GLY A 425 -30.48 -6.45 -31.51
N ASN A 426 -30.74 -5.15 -31.61
CA ASN A 426 -30.16 -4.14 -30.76
C ASN A 426 -31.18 -3.33 -29.94
N ARG A 427 -32.47 -3.44 -30.28
CA ARG A 427 -33.49 -2.64 -29.59
C ARG A 427 -33.84 -3.28 -28.25
N LEU A 428 -34.23 -2.48 -27.26
CA LEU A 428 -34.68 -3.03 -25.97
C LEU A 428 -36.06 -2.56 -25.50
N VAL A 429 -36.93 -3.49 -25.08
CA VAL A 429 -38.17 -3.08 -24.39
C VAL A 429 -37.83 -2.98 -22.88
N LEU A 430 -38.18 -1.87 -22.21
CA LEU A 430 -37.78 -1.78 -20.79
C LEU A 430 -38.99 -1.64 -19.85
N LEU A 431 -39.09 -2.56 -18.90
CA LEU A 431 -40.17 -2.57 -17.94
C LEU A 431 -39.84 -1.85 -16.66
N MET A 432 -40.71 -0.94 -16.28
CA MET A 432 -40.55 -0.12 -15.10
C MET A 432 -41.79 -0.02 -14.23
N LYS A 433 -41.56 0.25 -12.93
CA LYS A 433 -42.69 0.45 -11.99
C LYS A 433 -43.63 1.61 -12.34
N ASP A 434 -43.11 2.54 -13.11
CA ASP A 434 -43.80 3.74 -13.54
C ASP A 434 -43.08 4.34 -14.73
N PRO A 435 -42.71 3.52 -15.76
CA PRO A 435 -41.88 3.96 -16.88
C PRO A 435 -41.66 5.43 -16.90
N ARG A 436 -42.24 6.14 -17.84
CA ARG A 436 -42.06 7.57 -17.83
C ARG A 436 -40.56 7.77 -17.64
N ASN A 437 -40.21 8.41 -16.53
CA ASN A 437 -38.84 8.67 -16.11
C ASN A 437 -37.78 8.47 -17.19
N ILE A 438 -37.55 9.50 -17.98
CA ILE A 438 -36.53 9.40 -19.02
C ILE A 438 -35.17 9.08 -18.43
N LEU A 439 -34.92 9.50 -17.18
CA LEU A 439 -33.64 9.19 -16.56
C LEU A 439 -33.47 7.70 -16.43
N ALA A 440 -34.52 6.98 -16.04
CA ALA A 440 -34.40 5.55 -15.89
C ALA A 440 -34.09 4.95 -17.25
N LEU A 441 -34.76 5.44 -18.29
CA LEU A 441 -34.53 4.96 -19.65
C LEU A 441 -33.10 5.24 -20.13
N ASP A 442 -32.56 6.42 -19.83
CA ASP A 442 -31.22 6.75 -20.26
C ASP A 442 -30.08 6.22 -19.38
N ASP A 443 -30.25 6.10 -18.07
CA ASP A 443 -29.11 5.58 -17.32
C ASP A 443 -28.99 4.11 -17.75
N VAL A 444 -30.13 3.48 -18.05
CA VAL A 444 -30.17 2.14 -18.58
C VAL A 444 -29.43 2.10 -19.90
N ARG A 445 -29.69 3.07 -20.80
CA ARG A 445 -28.96 3.16 -22.06
C ARG A 445 -27.48 3.08 -21.87
N LEU A 446 -26.95 3.81 -20.88
CA LEU A 446 -25.51 3.79 -20.71
C LEU A 446 -25.00 2.44 -20.32
N ALA A 447 -25.67 1.81 -19.36
CA ALA A 447 -25.21 0.51 -18.91
C ALA A 447 -25.29 -0.50 -20.05
N LEU A 448 -26.37 -0.40 -20.82
CA LEU A 448 -26.62 -1.32 -21.89
C LEU A 448 -25.80 -1.11 -23.10
N LYS A 449 -25.52 0.11 -23.46
CA LYS A 449 -24.80 0.30 -24.69
C LYS A 449 -23.33 0.02 -24.44
N ARG A 450 -22.87 0.31 -23.22
CA ARG A 450 -21.49 0.04 -22.87
C ARG A 450 -21.23 -1.48 -22.75
N LYS A 451 -22.19 -2.23 -22.22
CA LYS A 451 -22.02 -3.68 -22.00
C LYS A 451 -22.87 -4.60 -22.88
N GLY A 452 -23.93 -4.07 -23.46
CA GLY A 452 -24.94 -4.84 -24.19
C GLY A 452 -25.23 -4.36 -25.62
N LEU A 453 -26.50 -4.05 -25.87
CA LEU A 453 -27.00 -3.71 -27.22
C LEU A 453 -26.82 -2.26 -27.59
N ASN A 454 -26.89 -1.95 -28.89
CA ASN A 454 -26.81 -0.55 -29.34
C ASN A 454 -27.98 0.29 -28.76
N TYR A 455 -29.05 -0.40 -28.34
CA TYR A 455 -30.23 0.14 -27.67
C TYR A 455 -31.18 0.90 -28.61
N GLU A 456 -31.79 1.96 -28.08
CA GLU A 456 -33.03 2.60 -28.51
C GLU A 456 -34.15 1.79 -27.85
N VAL A 457 -35.00 2.47 -27.06
CA VAL A 457 -35.91 1.78 -26.14
C VAL A 457 -37.38 2.14 -26.13
N ALA A 458 -38.18 1.09 -25.94
CA ALA A 458 -39.63 1.18 -25.76
C ALA A 458 -39.96 0.84 -24.30
N PRO A 459 -40.53 1.72 -23.48
CA PRO A 459 -40.88 1.45 -22.10
C PRO A 459 -42.07 0.50 -21.93
N ALA A 460 -42.22 -0.07 -20.75
CA ALA A 460 -43.40 -0.87 -20.38
C ALA A 460 -43.66 -0.69 -18.90
N VAL A 461 -44.87 -1.04 -18.44
CA VAL A 461 -45.19 -0.87 -17.02
C VAL A 461 -45.83 -2.08 -16.36
N ALA A 462 -45.52 -2.26 -15.09
CA ALA A 462 -46.17 -3.29 -14.30
C ALA A 462 -46.29 -2.84 -12.87
N THR A 463 -47.24 -3.41 -12.10
CA THR A 463 -47.22 -3.09 -10.70
C THR A 463 -45.82 -3.20 -10.16
N GLU A 464 -45.50 -2.25 -9.31
CA GLU A 464 -44.22 -2.18 -8.67
C GLU A 464 -43.91 -3.46 -7.94
N ALA A 465 -44.95 -4.11 -7.40
CA ALA A 465 -44.69 -5.33 -6.62
C ALA A 465 -44.06 -6.41 -7.49
N ALA A 466 -44.54 -6.53 -8.72
CA ALA A 466 -44.12 -7.57 -9.63
C ALA A 466 -42.73 -7.30 -10.14
N ILE A 467 -42.46 -6.04 -10.45
CA ILE A 467 -41.17 -5.64 -10.97
C ILE A 467 -40.09 -5.76 -9.93
N THR A 468 -40.40 -5.36 -8.70
CA THR A 468 -39.42 -5.48 -7.65
C THR A 468 -38.97 -6.93 -7.53
N LYS A 469 -39.94 -7.84 -7.49
CA LYS A 469 -39.62 -9.25 -7.38
C LYS A 469 -38.87 -9.69 -8.62
N LEU A 470 -39.28 -9.21 -9.78
CA LEU A 470 -38.65 -9.59 -11.03
C LEU A 470 -37.16 -9.24 -11.05
N ILE A 471 -36.83 -8.02 -10.64
CA ILE A 471 -35.45 -7.59 -10.61
C ILE A 471 -34.67 -8.50 -9.66
N GLU A 472 -35.22 -8.76 -8.48
CA GLU A 472 -34.50 -9.62 -7.56
C GLU A 472 -34.38 -11.06 -8.09
N ARG A 473 -35.38 -11.54 -8.82
CA ARG A 473 -35.35 -12.90 -9.37
C ARG A 473 -34.26 -13.09 -10.43
N PHE A 474 -34.00 -12.07 -11.24
CA PHE A 474 -32.98 -12.19 -12.29
C PHE A 474 -31.57 -11.67 -12.02
N TYR A 475 -31.37 -10.87 -10.97
CA TYR A 475 -30.03 -10.30 -10.79
C TYR A 475 -29.34 -10.70 -9.49
N GLN B 163 -61.33 -22.53 -6.42
CA GLN B 163 -60.35 -22.92 -5.40
C GLN B 163 -59.83 -21.68 -4.67
N LYS B 164 -58.85 -21.00 -5.25
CA LYS B 164 -58.32 -19.79 -4.65
C LYS B 164 -58.26 -18.66 -5.67
N ASP B 165 -59.04 -17.62 -5.41
CA ASP B 165 -59.14 -16.47 -6.30
C ASP B 165 -59.79 -15.30 -5.59
N LEU B 166 -59.96 -14.18 -6.30
CA LEU B 166 -60.61 -13.03 -5.68
C LEU B 166 -62.15 -13.03 -5.73
N LYS B 167 -62.76 -14.14 -6.18
CA LYS B 167 -64.22 -14.32 -6.25
C LYS B 167 -64.98 -13.43 -7.24
N LEU B 168 -65.41 -14.01 -8.36
CA LEU B 168 -66.21 -13.24 -9.30
C LEU B 168 -67.54 -12.92 -8.66
N GLY B 169 -68.22 -11.95 -9.21
CA GLY B 169 -69.49 -11.51 -8.70
C GLY B 169 -69.24 -10.49 -7.63
N GLU B 170 -68.59 -10.91 -6.55
CA GLU B 170 -68.26 -9.97 -5.51
C GLU B 170 -67.16 -9.01 -5.97
N LEU B 171 -66.05 -9.52 -6.54
CA LEU B 171 -65.02 -8.59 -7.00
C LEU B 171 -65.58 -7.80 -8.16
N LEU B 172 -66.41 -8.47 -8.98
CA LEU B 172 -66.97 -7.81 -10.13
C LEU B 172 -67.80 -6.61 -9.69
N LEU B 173 -68.50 -6.74 -8.56
CA LEU B 173 -69.29 -5.63 -8.10
C LEU B 173 -68.35 -4.51 -7.60
N GLN B 174 -67.31 -4.88 -6.83
CA GLN B 174 -66.39 -3.90 -6.23
C GLN B 174 -65.60 -3.08 -7.26
N LYS B 175 -65.21 -3.73 -8.35
CA LYS B 175 -64.48 -3.14 -9.46
C LYS B 175 -65.37 -2.37 -10.43
N GLY B 176 -66.69 -2.50 -10.31
CA GLY B 176 -67.63 -1.86 -11.23
C GLY B 176 -67.92 -2.66 -12.51
N TRP B 177 -67.62 -3.96 -12.53
CA TRP B 177 -67.86 -4.75 -13.72
C TRP B 177 -69.35 -5.13 -13.82
N ILE B 178 -70.00 -5.41 -12.68
CA ILE B 178 -71.42 -5.83 -12.65
C ILE B 178 -72.32 -4.92 -11.87
N SER B 179 -73.61 -5.11 -12.10
CA SER B 179 -74.63 -4.49 -11.29
C SER B 179 -74.93 -5.38 -10.12
N ARG B 180 -75.50 -4.83 -9.05
CA ARG B 180 -75.92 -5.66 -7.94
C ARG B 180 -76.97 -6.64 -8.37
N GLU B 181 -77.89 -6.20 -9.21
CA GLU B 181 -78.97 -7.06 -9.65
C GLU B 181 -78.43 -8.26 -10.40
N ALA B 182 -77.39 -8.06 -11.24
CA ALA B 182 -76.81 -9.18 -11.95
C ALA B 182 -76.30 -10.20 -10.95
N LEU B 183 -75.70 -9.70 -9.87
CA LEU B 183 -75.12 -10.55 -8.85
C LEU B 183 -76.15 -11.34 -8.09
N GLU B 184 -77.23 -10.69 -7.70
CA GLU B 184 -78.21 -11.40 -6.89
C GLU B 184 -78.85 -12.55 -7.66
N GLU B 185 -79.19 -12.31 -8.93
CA GLU B 185 -79.82 -13.40 -9.67
C GLU B 185 -78.83 -14.51 -9.94
N ALA B 186 -77.63 -14.13 -10.35
CA ALA B 186 -76.63 -15.09 -10.71
C ALA B 186 -76.17 -15.98 -9.57
N LEU B 187 -76.05 -15.44 -8.38
CA LEU B 187 -75.64 -16.27 -7.25
C LEU B 187 -76.70 -17.32 -6.98
N VAL B 188 -77.96 -16.91 -7.06
CA VAL B 188 -79.04 -17.83 -6.81
C VAL B 188 -79.09 -18.94 -7.83
N GLU B 189 -78.98 -18.60 -9.11
CA GLU B 189 -79.04 -19.66 -10.09
C GLU B 189 -77.84 -20.58 -9.99
N GLN B 190 -76.67 -20.04 -9.66
CA GLN B 190 -75.53 -20.92 -9.47
C GLN B 190 -75.82 -21.96 -8.41
N GLU B 191 -76.30 -21.53 -7.26
CA GLU B 191 -76.51 -22.49 -6.20
C GLU B 191 -77.69 -23.42 -6.47
N LYS B 192 -78.75 -22.91 -7.12
CA LYS B 192 -79.91 -23.74 -7.44
C LYS B 192 -79.65 -24.81 -8.49
N THR B 193 -78.91 -24.45 -9.52
CA THR B 193 -78.76 -25.34 -10.65
C THR B 193 -77.40 -25.99 -10.77
N GLY B 194 -76.38 -25.43 -10.15
CA GLY B 194 -75.04 -25.94 -10.33
C GLY B 194 -74.34 -25.30 -11.51
N ASP B 195 -75.03 -24.38 -12.20
CA ASP B 195 -74.43 -23.67 -13.33
C ASP B 195 -73.54 -22.62 -12.71
N LEU B 196 -72.82 -21.89 -13.52
CA LEU B 196 -71.89 -20.92 -12.96
C LEU B 196 -72.40 -19.49 -12.87
N LEU B 197 -72.03 -18.84 -11.78
CA LEU B 197 -72.33 -17.43 -11.51
C LEU B 197 -72.06 -16.52 -12.70
N GLY B 198 -70.89 -16.64 -13.30
CA GLY B 198 -70.55 -15.73 -14.37
C GLY B 198 -71.53 -15.75 -15.54
N ARG B 199 -72.07 -16.92 -15.85
CA ARG B 199 -72.98 -17.10 -16.98
C ARG B 199 -74.32 -16.43 -16.80
N ILE B 200 -74.67 -16.19 -15.56
CA ILE B 200 -75.92 -15.56 -15.23
C ILE B 200 -75.66 -14.09 -14.98
N LEU B 201 -74.48 -13.74 -14.46
CA LEU B 201 -74.24 -12.33 -14.25
C LEU B 201 -74.36 -11.66 -15.60
N VAL B 202 -73.81 -12.30 -16.62
CA VAL B 202 -73.93 -11.71 -17.92
C VAL B 202 -75.31 -11.83 -18.40
N ARG B 203 -75.71 -10.82 -19.14
CA ARG B 203 -77.03 -10.71 -19.74
C ARG B 203 -78.09 -10.33 -18.71
N LYS B 204 -77.72 -10.30 -17.42
CA LYS B 204 -78.60 -9.87 -16.35
C LYS B 204 -78.08 -8.54 -15.85
N GLY B 205 -77.12 -7.99 -16.62
CA GLY B 205 -76.48 -6.73 -16.32
C GLY B 205 -74.99 -6.68 -16.74
N LEU B 206 -74.29 -7.82 -16.71
CA LEU B 206 -72.86 -7.83 -17.04
C LEU B 206 -72.52 -8.14 -18.51
N PRO B 207 -71.63 -7.39 -19.15
CA PRO B 207 -71.07 -7.74 -20.45
C PRO B 207 -70.22 -8.99 -20.32
N GLU B 208 -70.15 -9.84 -21.34
CA GLU B 208 -69.19 -10.95 -21.21
C GLU B 208 -67.79 -10.42 -21.14
N GLU B 209 -67.52 -9.36 -21.88
CA GLU B 209 -66.19 -8.78 -21.87
C GLU B 209 -65.78 -8.45 -20.45
N ALA B 210 -66.71 -7.88 -19.70
CA ALA B 210 -66.52 -7.51 -18.31
C ALA B 210 -66.25 -8.75 -17.44
N LEU B 211 -66.98 -9.87 -17.68
CA LEU B 211 -66.63 -11.06 -16.88
C LEU B 211 -65.24 -11.49 -17.10
N TYR B 212 -64.84 -11.51 -18.35
CA TYR B 212 -63.60 -12.14 -18.65
C TYR B 212 -62.40 -11.26 -18.34
N ARG B 213 -62.50 -9.95 -18.54
CA ARG B 213 -61.36 -9.15 -18.15
C ARG B 213 -61.20 -9.28 -16.64
N ALA B 214 -62.35 -9.26 -15.95
CA ALA B 214 -62.39 -9.38 -14.52
C ALA B 214 -61.93 -10.71 -14.01
N LEU B 215 -62.32 -11.79 -14.67
CA LEU B 215 -61.89 -13.09 -14.22
C LEU B 215 -60.40 -13.21 -14.33
N ALA B 216 -59.79 -12.67 -15.38
CA ALA B 216 -58.34 -12.77 -15.44
C ALA B 216 -57.73 -12.07 -14.24
N GLU B 217 -58.29 -10.92 -13.88
CA GLU B 217 -57.86 -10.11 -12.75
C GLU B 217 -57.98 -10.91 -11.44
N GLN B 218 -59.11 -11.59 -11.29
CA GLN B 218 -59.43 -12.40 -10.13
C GLN B 218 -58.62 -13.68 -9.99
N LYS B 219 -58.31 -14.28 -11.13
CA LYS B 219 -57.67 -15.57 -11.22
C LYS B 219 -56.15 -15.55 -11.42
N GLY B 220 -55.60 -14.47 -11.99
CA GLY B 220 -54.16 -14.41 -12.32
C GLY B 220 -53.87 -15.01 -13.71
N LEU B 221 -54.80 -14.78 -14.64
CA LEU B 221 -54.69 -15.29 -16.01
C LEU B 221 -54.35 -14.21 -17.01
N GLU B 222 -53.95 -14.61 -18.21
CA GLU B 222 -53.69 -13.59 -19.21
C GLU B 222 -54.91 -13.29 -20.06
N PHE B 223 -55.58 -12.20 -19.73
CA PHE B 223 -56.73 -11.84 -20.53
C PHE B 223 -56.19 -11.44 -21.87
N LEU B 224 -56.88 -11.88 -22.91
CA LEU B 224 -56.50 -11.57 -24.26
C LEU B 224 -57.48 -10.47 -24.70
N GLU B 225 -58.31 -10.71 -25.71
CA GLU B 225 -59.33 -9.73 -26.10
C GLU B 225 -60.61 -10.48 -26.48
N SER B 226 -61.14 -10.20 -27.67
CA SER B 226 -62.23 -11.01 -28.16
C SER B 226 -61.49 -12.20 -28.69
N THR B 227 -62.21 -13.18 -29.12
CA THR B 227 -61.60 -14.38 -29.63
C THR B 227 -60.98 -14.23 -31.01
N GLU B 228 -61.27 -13.11 -31.68
CA GLU B 228 -60.78 -12.93 -33.03
C GLU B 228 -59.28 -12.74 -33.05
N GLY B 229 -58.70 -12.36 -31.91
CA GLY B 229 -57.27 -12.14 -31.82
C GLY B 229 -56.49 -13.41 -31.45
N ILE B 230 -57.17 -14.55 -31.37
CA ILE B 230 -56.49 -15.76 -30.94
C ILE B 230 -56.21 -16.74 -32.06
N VAL B 231 -54.94 -17.04 -32.23
CA VAL B 231 -54.53 -17.95 -33.29
C VAL B 231 -54.16 -19.33 -32.73
N PRO B 232 -54.87 -20.40 -33.12
CA PRO B 232 -54.72 -21.77 -32.66
C PRO B 232 -53.46 -22.45 -33.17
N ASP B 233 -53.04 -23.52 -32.50
CA ASP B 233 -51.93 -24.35 -32.98
C ASP B 233 -52.39 -25.75 -33.39
N PRO B 234 -52.51 -26.07 -34.69
CA PRO B 234 -52.99 -27.34 -35.22
C PRO B 234 -52.32 -28.58 -34.61
N SER B 235 -51.12 -28.43 -34.06
CA SER B 235 -50.37 -29.56 -33.49
C SER B 235 -51.12 -30.11 -32.27
N ALA B 236 -51.89 -29.22 -31.66
CA ALA B 236 -52.65 -29.45 -30.45
C ALA B 236 -54.01 -30.04 -30.74
N ALA B 237 -54.30 -30.34 -32.02
CA ALA B 237 -55.59 -30.90 -32.42
C ALA B 237 -55.88 -32.18 -31.65
N LEU B 238 -54.83 -32.87 -31.23
CA LEU B 238 -54.90 -34.11 -30.47
C LEU B 238 -55.68 -33.95 -29.16
N LEU B 239 -55.80 -32.70 -28.68
CA LEU B 239 -56.47 -32.40 -27.43
C LEU B 239 -57.96 -31.99 -27.55
N LEU B 240 -58.37 -31.36 -28.67
CA LEU B 240 -59.73 -30.79 -28.77
C LEU B 240 -60.13 -30.55 -30.26
N LEU B 241 -61.36 -30.91 -30.68
CA LEU B 241 -61.77 -30.69 -32.08
C LEU B 241 -62.75 -29.50 -32.26
N ARG B 242 -63.01 -29.07 -33.52
CA ARG B 242 -63.94 -27.95 -33.81
C ARG B 242 -65.30 -28.08 -33.11
N SER B 243 -65.88 -29.27 -33.18
CA SER B 243 -67.20 -29.55 -32.61
C SER B 243 -67.20 -29.53 -31.08
N ASP B 244 -66.02 -29.53 -30.45
CA ASP B 244 -65.91 -29.46 -29.01
C ASP B 244 -65.63 -28.00 -28.63
N ALA B 245 -64.75 -27.36 -29.40
CA ALA B 245 -64.24 -26.00 -29.18
C ALA B 245 -65.38 -25.00 -29.12
N LEU B 246 -66.39 -25.24 -29.96
CA LEU B 246 -67.60 -24.43 -30.07
C LEU B 246 -68.33 -24.25 -28.75
N ARG B 247 -68.32 -25.27 -27.88
CA ARG B 247 -69.02 -25.21 -26.58
C ARG B 247 -68.02 -25.17 -25.43
N TYR B 248 -66.80 -25.65 -25.70
CA TYR B 248 -65.71 -25.67 -24.75
C TYR B 248 -65.43 -24.23 -24.36
N GLY B 249 -65.36 -23.36 -25.37
CA GLY B 249 -65.07 -21.96 -25.16
C GLY B 249 -63.59 -21.70 -25.33
N ALA B 250 -62.93 -22.54 -26.15
CA ALA B 250 -61.50 -22.38 -26.42
C ALA B 250 -60.99 -23.35 -27.43
N VAL B 251 -59.80 -23.04 -27.89
CA VAL B 251 -58.99 -23.91 -28.71
C VAL B 251 -57.60 -23.90 -28.09
N PRO B 252 -56.85 -25.01 -28.03
CA PRO B 252 -55.51 -25.04 -27.53
C PRO B 252 -54.47 -24.43 -28.45
N ILE B 253 -53.46 -23.89 -27.79
CA ILE B 253 -52.24 -23.40 -28.37
C ILE B 253 -51.10 -24.18 -27.69
N GLY B 254 -50.19 -24.75 -28.45
CA GLY B 254 -49.15 -25.53 -27.80
C GLY B 254 -49.77 -26.83 -27.32
N PHE B 255 -48.98 -27.71 -26.76
CA PHE B 255 -49.50 -28.99 -26.33
C PHE B 255 -48.64 -29.59 -25.23
N GLN B 256 -48.17 -28.74 -24.34
CA GLN B 256 -47.28 -29.14 -23.26
C GLN B 256 -47.99 -29.69 -22.04
N ASN B 257 -47.48 -30.78 -21.47
CA ASN B 257 -48.08 -31.38 -20.27
C ASN B 257 -48.02 -30.46 -19.06
N GLY B 258 -47.05 -29.57 -19.03
CA GLY B 258 -46.93 -28.67 -17.90
C GLY B 258 -47.65 -27.35 -18.14
N GLU B 259 -48.22 -27.15 -19.35
CA GLU B 259 -48.89 -25.92 -19.72
C GLU B 259 -49.37 -25.88 -21.16
N VAL B 260 -50.50 -26.47 -21.44
CA VAL B 260 -51.07 -26.26 -22.75
C VAL B 260 -51.56 -24.83 -22.64
N GLU B 261 -51.37 -24.04 -23.66
CA GLU B 261 -51.81 -22.67 -23.57
C GLU B 261 -53.28 -22.67 -23.96
N VAL B 262 -54.16 -22.48 -22.99
CA VAL B 262 -55.57 -22.61 -23.25
C VAL B 262 -56.28 -21.31 -22.98
N VAL B 263 -57.14 -20.93 -23.89
CA VAL B 263 -57.82 -19.64 -23.85
C VAL B 263 -59.29 -19.71 -23.39
N LEU B 264 -59.59 -20.69 -22.52
CA LEU B 264 -60.94 -20.91 -21.95
C LEU B 264 -61.62 -19.77 -21.30
N SER B 265 -62.85 -19.55 -21.76
CA SER B 265 -63.69 -18.53 -21.18
C SER B 265 -63.94 -18.81 -19.70
N ASP B 266 -64.04 -20.10 -19.32
CA ASP B 266 -64.27 -20.39 -17.92
C ASP B 266 -63.95 -21.83 -17.51
N PRO B 267 -62.70 -22.14 -17.06
CA PRO B 267 -62.17 -23.46 -16.70
C PRO B 267 -62.82 -24.08 -15.46
N ARG B 268 -63.87 -23.43 -14.91
CA ARG B 268 -64.63 -23.95 -13.79
C ARG B 268 -65.70 -24.95 -14.28
N HIS B 269 -66.22 -24.78 -15.50
CA HIS B 269 -67.29 -25.67 -15.97
C HIS B 269 -66.76 -27.03 -16.33
N LYS B 270 -66.50 -27.85 -15.32
CA LYS B 270 -65.76 -29.11 -15.49
C LYS B 270 -66.35 -30.05 -16.51
N GLU B 271 -67.67 -30.03 -16.68
CA GLU B 271 -68.32 -30.92 -17.62
C GLU B 271 -67.83 -30.67 -19.05
N ALA B 272 -67.45 -29.43 -19.34
CA ALA B 272 -67.00 -29.06 -20.66
C ALA B 272 -65.49 -28.83 -20.71
N VAL B 273 -64.97 -28.12 -19.72
CA VAL B 273 -63.58 -27.68 -19.72
C VAL B 273 -62.62 -28.83 -19.55
N ALA B 274 -63.09 -29.96 -19.03
CA ALA B 274 -62.27 -31.15 -18.91
C ALA B 274 -61.69 -31.60 -20.26
N GLN B 275 -62.35 -31.25 -21.38
CA GLN B 275 -61.83 -31.64 -22.69
C GLN B 275 -60.58 -30.81 -22.88
N LEU B 276 -59.69 -31.16 -23.82
CA LEU B 276 -58.43 -30.42 -24.05
C LEU B 276 -57.40 -30.67 -22.94
N LEU B 277 -57.82 -30.47 -21.69
CA LEU B 277 -57.00 -30.58 -20.50
C LEU B 277 -56.76 -32.04 -20.13
N ASN B 278 -56.12 -32.71 -21.07
CA ASN B 278 -55.70 -34.08 -21.01
C ASN B 278 -54.24 -33.85 -20.72
N ARG B 279 -53.85 -32.65 -21.14
CA ARG B 279 -52.56 -32.07 -20.94
C ARG B 279 -52.90 -30.77 -20.16
N PRO B 280 -52.48 -30.65 -18.89
CA PRO B 280 -52.77 -29.53 -18.00
C PRO B 280 -52.46 -28.23 -18.67
N ALA B 281 -53.13 -27.17 -18.24
CA ALA B 281 -52.98 -25.89 -18.89
C ALA B 281 -52.97 -24.70 -17.99
N ARG B 282 -52.38 -23.66 -18.51
CA ARG B 282 -52.45 -22.34 -17.90
C ARG B 282 -53.45 -21.60 -18.72
N PHE B 283 -54.28 -20.80 -18.09
CA PHE B 283 -55.29 -20.16 -18.88
C PHE B 283 -54.99 -18.72 -19.26
N TYR B 284 -55.47 -18.42 -20.44
CA TYR B 284 -55.44 -17.16 -21.13
C TYR B 284 -56.92 -16.91 -21.27
N LEU B 285 -57.36 -15.71 -21.58
CA LEU B 285 -58.82 -15.58 -21.54
C LEU B 285 -59.51 -14.69 -22.59
N ALA B 286 -60.61 -15.20 -23.14
CA ALA B 286 -61.43 -14.48 -24.13
C ALA B 286 -62.93 -14.88 -23.99
N LEU B 287 -63.80 -14.16 -24.70
CA LEU B 287 -65.27 -14.29 -24.59
C LEU B 287 -65.94 -15.51 -25.29
N PRO B 288 -66.89 -16.24 -24.66
CA PRO B 288 -67.57 -17.40 -25.21
C PRO B 288 -68.59 -17.12 -26.29
N GLN B 289 -69.23 -15.95 -26.32
CA GLN B 289 -70.11 -15.72 -27.47
C GLN B 289 -69.24 -15.43 -28.65
N ALA B 290 -68.13 -14.76 -28.37
CA ALA B 290 -67.18 -14.47 -29.41
C ALA B 290 -66.63 -15.80 -29.90
N TRP B 291 -66.39 -16.77 -28.98
CA TRP B 291 -65.90 -18.07 -29.40
C TRP B 291 -66.92 -18.82 -30.23
N GLU B 292 -68.20 -18.77 -29.87
CA GLU B 292 -69.15 -19.54 -30.66
C GLU B 292 -69.15 -19.09 -32.11
N GLU B 293 -69.28 -17.79 -32.32
CA GLU B 293 -69.28 -17.33 -33.68
C GLU B 293 -67.92 -17.40 -34.33
N LEU B 294 -66.85 -17.16 -33.57
CA LEU B 294 -65.55 -17.23 -34.18
C LEU B 294 -65.35 -18.60 -34.75
N PHE B 295 -65.57 -19.62 -33.94
CA PHE B 295 -65.32 -20.96 -34.39
C PHE B 295 -66.21 -21.32 -35.56
N ARG B 296 -67.47 -20.90 -35.50
CA ARG B 296 -68.36 -21.22 -36.59
C ARG B 296 -67.86 -20.63 -37.90
N ARG B 297 -67.35 -19.40 -37.82
CA ARG B 297 -66.87 -18.62 -38.96
C ARG B 297 -65.41 -18.88 -39.36
N ALA B 298 -64.55 -19.06 -38.37
CA ALA B 298 -63.10 -19.16 -38.56
C ALA B 298 -62.63 -20.53 -38.96
N TYR B 299 -63.26 -21.57 -38.46
CA TYR B 299 -62.75 -22.88 -38.73
C TYR B 299 -63.77 -23.94 -38.42
N GLN C 163 -50.56 -24.80 -42.73
CA GLN C 163 -51.47 -23.83 -42.15
C GLN C 163 -51.46 -22.54 -42.95
N LYS C 164 -50.27 -22.00 -43.21
CA LYS C 164 -50.15 -20.77 -44.00
C LYS C 164 -48.73 -20.55 -44.50
N ASP C 165 -48.58 -19.65 -45.47
CA ASP C 165 -47.27 -19.22 -45.97
C ASP C 165 -47.38 -17.86 -46.65
N LEU C 166 -46.27 -17.32 -47.19
CA LEU C 166 -46.35 -15.98 -47.81
C LEU C 166 -46.90 -15.98 -49.25
N LYS C 167 -47.29 -17.16 -49.74
CA LYS C 167 -47.85 -17.39 -51.06
C LYS C 167 -46.90 -17.15 -52.22
N LEU C 168 -46.99 -18.09 -53.13
CA LEU C 168 -46.23 -18.14 -54.34
C LEU C 168 -46.87 -17.22 -55.34
N GLY C 169 -46.06 -16.52 -56.09
CA GLY C 169 -46.56 -15.55 -57.04
C GLY C 169 -46.70 -14.22 -56.35
N GLU C 170 -47.49 -14.20 -55.30
CA GLU C 170 -47.68 -12.97 -54.57
C GLU C 170 -46.40 -12.51 -53.88
N LEU C 171 -45.60 -13.43 -53.31
CA LEU C 171 -44.36 -12.96 -52.70
C LEU C 171 -43.42 -12.45 -53.80
N LEU C 172 -43.41 -13.15 -54.92
CA LEU C 172 -42.53 -12.86 -56.04
C LEU C 172 -42.85 -11.48 -56.62
N LEU C 173 -44.12 -11.09 -56.53
CA LEU C 173 -44.55 -9.78 -56.99
C LEU C 173 -44.04 -8.75 -55.97
N GLN C 174 -44.24 -9.04 -54.68
CA GLN C 174 -43.82 -8.15 -53.59
C GLN C 174 -42.30 -7.96 -53.56
N LYS C 175 -41.57 -9.01 -53.93
CA LYS C 175 -40.11 -9.00 -53.96
C LYS C 175 -39.53 -8.37 -55.21
N GLY C 176 -40.37 -7.97 -56.19
CA GLY C 176 -39.88 -7.32 -57.39
C GLY C 176 -39.42 -8.22 -58.55
N TRP C 177 -39.82 -9.49 -58.62
CA TRP C 177 -39.35 -10.33 -59.72
C TRP C 177 -40.36 -10.82 -60.76
N ILE C 178 -41.64 -10.91 -60.41
CA ILE C 178 -42.57 -11.56 -61.34
C ILE C 178 -43.45 -10.59 -62.08
N SER C 179 -43.64 -10.81 -63.38
CA SER C 179 -44.57 -9.95 -64.06
C SER C 179 -45.95 -10.38 -63.61
N ARG C 180 -46.94 -9.50 -63.65
CA ARG C 180 -48.24 -9.97 -63.23
C ARG C 180 -48.73 -11.06 -64.17
N GLU C 181 -48.45 -10.91 -65.46
CA GLU C 181 -48.86 -11.92 -66.42
C GLU C 181 -48.29 -13.27 -66.07
N ALA C 182 -47.00 -13.32 -65.70
CA ALA C 182 -46.39 -14.60 -65.37
C ALA C 182 -47.16 -15.24 -64.25
N LEU C 183 -47.51 -14.41 -63.27
CA LEU C 183 -48.22 -14.87 -62.09
C LEU C 183 -49.53 -15.49 -62.50
N GLU C 184 -50.32 -14.74 -63.27
CA GLU C 184 -51.65 -15.19 -63.63
C GLU C 184 -51.67 -16.40 -64.54
N GLU C 185 -50.80 -16.44 -65.55
CA GLU C 185 -50.82 -17.60 -66.43
C GLU C 185 -50.44 -18.83 -65.65
N ALA C 186 -49.36 -18.71 -64.90
CA ALA C 186 -48.84 -19.81 -64.14
C ALA C 186 -49.85 -20.29 -63.11
N LEU C 187 -50.61 -19.37 -62.52
CA LEU C 187 -51.62 -19.74 -61.56
C LEU C 187 -52.70 -20.55 -62.21
N VAL C 188 -53.17 -20.14 -63.37
CA VAL C 188 -54.22 -20.91 -64.01
C VAL C 188 -53.74 -22.33 -64.30
N GLU C 189 -52.52 -22.47 -64.80
CA GLU C 189 -52.03 -23.81 -65.03
C GLU C 189 -52.01 -24.59 -63.70
N GLN C 190 -51.53 -23.99 -62.62
CA GLN C 190 -51.60 -24.66 -61.32
C GLN C 190 -53.01 -25.14 -61.05
N GLU C 191 -53.97 -24.25 -61.21
CA GLU C 191 -55.36 -24.57 -60.95
C GLU C 191 -55.86 -25.71 -61.84
N LYS C 192 -55.38 -25.77 -63.09
CA LYS C 192 -55.78 -26.83 -64.01
C LYS C 192 -54.92 -28.08 -64.01
N THR C 193 -53.76 -28.08 -63.35
CA THR C 193 -52.88 -29.26 -63.42
C THR C 193 -52.49 -29.87 -62.09
N GLY C 194 -52.51 -29.09 -61.02
CA GLY C 194 -52.03 -29.58 -59.73
C GLY C 194 -50.55 -29.27 -59.52
N ASP C 195 -49.90 -28.77 -60.58
CA ASP C 195 -48.51 -28.40 -60.47
C ASP C 195 -48.57 -27.08 -59.78
N LEU C 196 -47.46 -26.53 -59.36
CA LEU C 196 -47.49 -25.26 -58.66
C LEU C 196 -47.02 -24.08 -59.43
N LEU C 197 -47.64 -22.97 -59.11
CA LEU C 197 -47.34 -21.69 -59.65
C LEU C 197 -45.85 -21.43 -59.81
N GLY C 198 -45.03 -21.70 -58.81
CA GLY C 198 -43.58 -21.41 -58.88
C GLY C 198 -42.89 -22.15 -60.01
N ARG C 199 -42.95 -23.47 -59.94
CA ARG C 199 -42.40 -24.36 -60.97
C ARG C 199 -42.87 -23.94 -62.36
N ILE C 200 -44.12 -23.50 -62.43
CA ILE C 200 -44.75 -23.07 -63.65
C ILE C 200 -44.26 -21.67 -64.10
N LEU C 201 -44.14 -20.73 -63.15
CA LEU C 201 -43.72 -19.33 -63.35
C LEU C 201 -42.39 -19.09 -63.94
N VAL C 202 -41.42 -19.84 -63.52
CA VAL C 202 -40.16 -19.62 -64.14
C VAL C 202 -40.39 -19.82 -65.61
N ARG C 203 -39.86 -18.93 -66.46
CA ARG C 203 -40.03 -18.93 -67.93
C ARG C 203 -41.34 -18.27 -68.41
N LYS C 204 -42.29 -18.01 -67.51
CA LYS C 204 -43.55 -17.35 -67.86
C LYS C 204 -43.39 -15.84 -67.72
N GLY C 205 -42.20 -15.45 -67.33
CA GLY C 205 -41.84 -14.07 -67.08
C GLY C 205 -41.15 -13.94 -65.73
N LEU C 206 -41.01 -15.04 -65.00
CA LEU C 206 -40.31 -14.99 -63.73
C LEU C 206 -38.89 -15.57 -63.84
N PRO C 207 -37.86 -14.90 -63.28
CA PRO C 207 -36.54 -15.46 -63.12
C PRO C 207 -36.56 -16.66 -62.19
N GLU C 208 -35.81 -17.70 -62.51
CA GLU C 208 -35.77 -18.85 -61.61
C GLU C 208 -35.25 -18.49 -60.23
N GLU C 209 -34.39 -17.49 -60.20
CA GLU C 209 -33.80 -17.02 -58.98
C GLU C 209 -34.86 -16.50 -58.05
N ALA C 210 -35.90 -15.94 -58.62
CA ALA C 210 -36.94 -15.38 -57.84
C ALA C 210 -37.63 -16.42 -57.05
N LEU C 211 -37.94 -17.48 -57.75
CA LEU C 211 -38.65 -18.55 -57.11
C LEU C 211 -37.84 -19.13 -56.05
N TYR C 212 -36.56 -19.26 -56.31
CA TYR C 212 -35.76 -20.00 -55.40
C TYR C 212 -35.04 -19.14 -54.39
N ARG C 213 -35.58 -17.95 -54.17
CA ARG C 213 -35.19 -17.12 -53.04
C ARG C 213 -36.47 -16.80 -52.31
N ALA C 214 -37.50 -16.37 -53.05
CA ALA C 214 -38.76 -16.00 -52.45
C ALA C 214 -39.33 -17.20 -51.73
N LEU C 215 -39.21 -18.40 -52.30
CA LEU C 215 -39.73 -19.58 -51.65
C LEU C 215 -39.08 -19.87 -50.31
N ALA C 216 -37.85 -19.39 -50.07
CA ALA C 216 -37.25 -19.65 -48.79
C ALA C 216 -37.95 -18.82 -47.79
N GLU C 217 -38.25 -17.59 -48.20
CA GLU C 217 -38.90 -16.68 -47.31
C GLU C 217 -40.35 -17.08 -47.12
N GLN C 218 -40.96 -17.62 -48.18
CA GLN C 218 -42.35 -18.03 -48.12
C GLN C 218 -42.54 -19.16 -47.16
N LYS C 219 -41.59 -20.10 -47.14
CA LYS C 219 -41.73 -21.29 -46.33
C LYS C 219 -40.82 -21.38 -45.09
N GLY C 220 -39.85 -20.46 -44.94
CA GLY C 220 -38.95 -20.53 -43.78
C GLY C 220 -37.80 -21.51 -43.98
N LEU C 221 -37.27 -21.54 -45.20
CA LEU C 221 -36.20 -22.46 -45.56
C LEU C 221 -34.82 -21.86 -45.50
N GLU C 222 -33.83 -22.73 -45.46
CA GLU C 222 -32.45 -22.29 -45.53
C GLU C 222 -32.08 -22.19 -46.99
N PHE C 223 -30.91 -21.65 -47.30
CA PHE C 223 -30.54 -21.44 -48.70
C PHE C 223 -29.17 -22.02 -49.02
N LEU C 224 -29.09 -22.75 -50.13
CA LEU C 224 -27.84 -23.40 -50.56
C LEU C 224 -27.19 -22.98 -51.87
N GLU C 225 -25.92 -23.38 -51.95
CA GLU C 225 -25.05 -23.27 -53.11
C GLU C 225 -25.36 -24.47 -54.03
N SER C 226 -24.84 -24.46 -55.25
CA SER C 226 -25.03 -25.58 -56.18
C SER C 226 -24.17 -26.74 -55.77
N THR C 227 -24.31 -27.87 -56.47
CA THR C 227 -23.49 -29.04 -56.15
C THR C 227 -22.00 -28.88 -56.42
N GLU C 228 -21.58 -27.71 -56.91
CA GLU C 228 -20.16 -27.46 -57.04
C GLU C 228 -19.56 -27.48 -55.62
N GLY C 229 -20.36 -27.03 -54.64
CA GLY C 229 -20.01 -26.99 -53.22
C GLY C 229 -20.83 -28.03 -52.46
N ILE C 230 -22.10 -28.19 -52.84
CA ILE C 230 -22.96 -29.13 -52.13
C ILE C 230 -22.82 -30.53 -52.65
N VAL C 231 -21.83 -31.21 -52.13
CA VAL C 231 -21.56 -32.57 -52.52
C VAL C 231 -22.56 -33.46 -51.79
N PRO C 232 -23.38 -34.26 -52.48
CA PRO C 232 -24.39 -35.12 -51.91
C PRO C 232 -23.82 -36.32 -51.20
N ASP C 233 -24.58 -36.85 -50.26
CA ASP C 233 -24.23 -38.09 -49.61
C ASP C 233 -25.22 -39.20 -50.02
N PRO C 234 -24.75 -40.18 -50.87
CA PRO C 234 -25.52 -41.24 -51.50
C PRO C 234 -26.25 -42.13 -50.52
N SER C 235 -25.86 -42.07 -49.23
CA SER C 235 -26.50 -42.87 -48.20
C SER C 235 -27.98 -42.57 -48.21
N ALA C 236 -28.32 -41.30 -48.45
CA ALA C 236 -29.70 -40.88 -48.52
C ALA C 236 -30.13 -40.71 -49.96
N ALA C 237 -29.23 -40.27 -50.84
CA ALA C 237 -29.68 -40.00 -52.21
C ALA C 237 -30.29 -41.25 -52.85
N LEU C 238 -29.82 -42.43 -52.43
CA LEU C 238 -30.35 -43.69 -52.95
C LEU C 238 -31.80 -43.96 -52.56
N LEU C 239 -32.39 -43.06 -51.78
CA LEU C 239 -33.78 -43.15 -51.39
C LEU C 239 -34.69 -42.55 -52.46
N LEU C 240 -34.10 -41.93 -53.51
CA LEU C 240 -34.90 -41.33 -54.57
C LEU C 240 -34.16 -41.36 -55.92
N LEU C 241 -34.76 -42.00 -56.91
CA LEU C 241 -34.19 -42.12 -58.25
C LEU C 241 -33.85 -40.78 -58.85
N ARG C 242 -32.68 -40.63 -59.48
CA ARG C 242 -32.32 -39.35 -60.08
C ARG C 242 -33.46 -38.76 -60.91
N SER C 243 -34.10 -39.59 -61.74
CA SER C 243 -35.21 -39.12 -62.58
C SER C 243 -36.38 -38.62 -61.74
N ASP C 244 -36.61 -39.24 -60.58
CA ASP C 244 -37.70 -38.83 -59.74
C ASP C 244 -37.32 -37.53 -59.07
N ALA C 245 -36.04 -37.44 -58.67
CA ALA C 245 -35.48 -36.26 -58.02
C ALA C 245 -35.58 -35.08 -58.94
N LEU C 246 -35.37 -35.33 -60.24
CA LEU C 246 -35.43 -34.28 -61.22
C LEU C 246 -36.86 -33.78 -61.38
N ARG C 247 -37.83 -34.70 -61.44
CA ARG C 247 -39.23 -34.29 -61.59
C ARG C 247 -39.79 -33.71 -60.28
N TYR C 248 -39.24 -34.15 -59.15
CA TYR C 248 -39.57 -33.63 -57.83
C TYR C 248 -39.01 -32.23 -57.66
N GLY C 249 -37.74 -32.07 -57.96
CA GLY C 249 -37.03 -30.84 -57.70
C GLY C 249 -36.14 -30.97 -56.46
N ALA C 250 -35.78 -32.22 -56.09
CA ALA C 250 -34.88 -32.46 -54.95
C ALA C 250 -34.41 -33.89 -54.84
N VAL C 251 -33.24 -34.07 -54.22
CA VAL C 251 -32.72 -35.39 -53.87
C VAL C 251 -32.30 -35.30 -52.40
N PRO C 252 -32.45 -36.39 -51.63
CA PRO C 252 -31.94 -36.54 -50.29
C PRO C 252 -30.42 -36.45 -50.15
N ILE C 253 -29.95 -35.73 -49.11
CA ILE C 253 -28.53 -35.68 -48.76
C ILE C 253 -28.28 -36.00 -47.29
N GLY C 254 -27.53 -37.05 -47.03
CA GLY C 254 -27.22 -37.40 -45.65
C GLY C 254 -28.39 -38.13 -45.02
N PHE C 255 -28.11 -38.94 -44.01
CA PHE C 255 -29.17 -39.69 -43.35
C PHE C 255 -28.92 -39.81 -41.87
N GLN C 256 -29.38 -38.82 -41.11
CA GLN C 256 -29.09 -38.79 -39.69
C GLN C 256 -30.13 -39.60 -38.96
N ASN C 257 -30.02 -40.92 -39.08
CA ASN C 257 -31.01 -41.85 -38.51
C ASN C 257 -32.43 -41.45 -38.91
N GLY C 258 -32.60 -41.09 -40.17
CA GLY C 258 -33.89 -40.67 -40.70
C GLY C 258 -33.95 -39.21 -41.13
N GLU C 259 -33.12 -38.33 -40.56
CA GLU C 259 -33.18 -36.94 -41.03
C GLU C 259 -32.32 -36.71 -42.25
N VAL C 260 -32.96 -36.17 -43.26
CA VAL C 260 -32.36 -35.92 -44.56
C VAL C 260 -32.28 -34.45 -44.95
N GLU C 261 -31.14 -33.99 -45.46
CA GLU C 261 -31.07 -32.62 -45.95
C GLU C 261 -31.76 -32.64 -47.30
N VAL C 262 -32.64 -31.68 -47.57
CA VAL C 262 -33.32 -31.75 -48.85
C VAL C 262 -33.14 -30.53 -49.74
N VAL C 263 -32.58 -30.79 -50.89
CA VAL C 263 -32.22 -29.70 -51.77
C VAL C 263 -33.35 -29.32 -52.72
N LEU C 264 -34.23 -28.46 -52.26
CA LEU C 264 -35.42 -28.11 -53.02
C LEU C 264 -35.32 -27.05 -54.06
N SER C 265 -36.20 -27.23 -55.05
CA SER C 265 -36.55 -26.18 -55.95
C SER C 265 -37.83 -25.58 -55.36
N ASP C 266 -39.02 -26.10 -55.67
CA ASP C 266 -40.24 -25.47 -55.14
C ASP C 266 -40.96 -26.22 -53.99
N PRO C 267 -40.82 -25.79 -52.69
CA PRO C 267 -41.38 -26.41 -51.49
C PRO C 267 -42.90 -26.35 -51.39
N ARG C 268 -43.54 -25.50 -52.20
CA ARG C 268 -44.97 -25.34 -52.08
C ARG C 268 -45.68 -26.53 -52.74
N HIS C 269 -45.00 -27.15 -53.71
CA HIS C 269 -45.62 -28.22 -54.46
C HIS C 269 -45.70 -29.45 -53.62
N LYS C 270 -46.81 -29.55 -52.89
CA LYS C 270 -47.04 -30.66 -51.97
C LYS C 270 -46.79 -31.98 -52.64
N GLU C 271 -47.28 -32.18 -53.86
CA GLU C 271 -47.05 -33.46 -54.52
C GLU C 271 -45.54 -33.75 -54.61
N ALA C 272 -44.77 -32.77 -55.06
CA ALA C 272 -43.34 -32.94 -55.21
C ALA C 272 -42.67 -33.21 -53.89
N VAL C 273 -43.11 -32.55 -52.81
CA VAL C 273 -42.47 -32.76 -51.52
C VAL C 273 -43.16 -33.85 -50.71
N ALA C 274 -44.36 -34.26 -51.14
CA ALA C 274 -45.03 -35.39 -50.51
C ALA C 274 -44.10 -36.56 -50.72
N GLN C 275 -43.47 -36.58 -51.90
CA GLN C 275 -42.43 -37.55 -52.13
C GLN C 275 -41.34 -37.10 -51.17
N LEU C 276 -40.91 -37.99 -50.27
CA LEU C 276 -39.89 -37.71 -49.23
C LEU C 276 -40.54 -37.35 -47.88
N LEU C 277 -41.59 -36.50 -47.83
CA LEU C 277 -42.15 -36.17 -46.50
C LEU C 277 -42.99 -37.24 -45.84
N ASN C 278 -42.25 -38.23 -45.38
CA ASN C 278 -42.66 -39.39 -44.63
C ASN C 278 -41.52 -39.57 -43.63
N ARG C 279 -40.55 -38.63 -43.74
CA ARG C 279 -39.37 -38.54 -42.91
C ARG C 279 -38.95 -37.07 -42.79
N PRO C 280 -38.19 -36.65 -41.75
CA PRO C 280 -37.73 -35.29 -41.56
C PRO C 280 -36.94 -34.80 -42.76
N ALA C 281 -37.17 -33.54 -43.12
CA ALA C 281 -36.52 -32.93 -44.27
C ALA C 281 -35.98 -31.56 -43.95
N ARG C 282 -34.67 -31.43 -43.91
CA ARG C 282 -34.10 -30.14 -43.61
C ARG C 282 -34.09 -29.43 -44.92
N PHE C 283 -35.21 -28.84 -45.25
CA PHE C 283 -35.34 -28.26 -46.56
C PHE C 283 -34.51 -26.99 -46.72
N TYR C 284 -33.84 -26.93 -47.85
CA TYR C 284 -33.07 -25.78 -48.28
C TYR C 284 -33.53 -25.41 -49.65
N LEU C 285 -33.39 -24.15 -50.00
CA LEU C 285 -33.78 -23.68 -51.31
C LEU C 285 -32.62 -23.30 -52.23
N ALA C 286 -32.73 -23.67 -53.51
CA ALA C 286 -31.82 -23.19 -54.57
C ALA C 286 -32.41 -23.56 -55.92
N LEU C 287 -31.71 -23.22 -56.99
CA LEU C 287 -32.24 -23.47 -58.32
C LEU C 287 -32.32 -24.98 -58.66
N PRO C 288 -33.34 -25.43 -59.41
CA PRO C 288 -33.52 -26.80 -59.85
C PRO C 288 -32.37 -27.27 -60.72
N GLN C 289 -31.64 -26.34 -61.35
CA GLN C 289 -30.51 -26.71 -62.19
C GLN C 289 -29.29 -26.98 -61.30
N ALA C 290 -29.23 -26.26 -60.18
CA ALA C 290 -28.14 -26.41 -59.23
C ALA C 290 -28.26 -27.81 -58.69
N TRP C 291 -29.53 -28.15 -58.51
CA TRP C 291 -29.96 -29.41 -58.03
C TRP C 291 -29.86 -30.49 -59.12
N GLU C 292 -30.17 -30.21 -60.38
CA GLU C 292 -30.00 -31.28 -61.36
C GLU C 292 -28.57 -31.78 -61.37
N GLU C 293 -27.61 -30.86 -61.28
CA GLU C 293 -26.23 -31.34 -61.26
C GLU C 293 -26.03 -32.16 -59.99
N LEU C 294 -26.63 -31.72 -58.89
CA LEU C 294 -26.55 -32.48 -57.66
C LEU C 294 -27.08 -33.87 -57.87
N PHE C 295 -28.24 -33.98 -58.51
CA PHE C 295 -28.93 -35.24 -58.69
C PHE C 295 -28.02 -36.16 -59.47
N ARG C 296 -27.33 -35.61 -60.47
CA ARG C 296 -26.39 -36.35 -61.28
C ARG C 296 -25.17 -36.79 -60.46
N ARG C 297 -24.85 -36.03 -59.42
CA ARG C 297 -23.76 -36.36 -58.51
C ARG C 297 -24.25 -37.23 -57.34
N ALA C 298 -25.55 -37.17 -57.06
CA ALA C 298 -26.17 -37.82 -55.90
C ALA C 298 -26.59 -39.26 -56.11
N TYR C 299 -27.31 -39.54 -57.20
CA TYR C 299 -27.81 -40.90 -57.42
C TYR C 299 -28.42 -41.11 -58.81
N GLN D 163 -19.14 -48.10 -44.86
CA GLN D 163 -20.10 -47.54 -45.81
C GLN D 163 -19.44 -46.78 -46.94
N LYS D 164 -18.50 -45.91 -46.59
CA LYS D 164 -17.81 -45.10 -47.59
C LYS D 164 -16.33 -45.00 -47.27
N ASP D 165 -15.51 -44.82 -48.32
CA ASP D 165 -14.06 -44.82 -48.16
C ASP D 165 -13.36 -44.12 -49.33
N LEU D 166 -12.03 -44.26 -49.46
CA LEU D 166 -11.33 -43.53 -50.51
C LEU D 166 -10.99 -44.29 -51.79
N LYS D 167 -11.55 -45.49 -51.97
CA LYS D 167 -11.39 -46.35 -53.16
C LYS D 167 -10.00 -46.93 -53.51
N LEU D 168 -10.09 -48.13 -54.10
CA LEU D 168 -8.97 -48.92 -54.60
C LEU D 168 -8.51 -48.44 -55.95
N GLY D 169 -7.21 -48.38 -56.11
CA GLY D 169 -6.59 -47.89 -57.32
C GLY D 169 -6.39 -46.41 -57.22
N GLU D 170 -7.48 -45.70 -56.96
CA GLU D 170 -7.33 -44.27 -56.92
C GLU D 170 -6.40 -43.86 -55.80
N LEU D 171 -6.42 -44.50 -54.60
CA LEU D 171 -5.38 -44.05 -53.68
C LEU D 171 -4.02 -44.67 -53.91
N LEU D 172 -3.96 -45.78 -54.65
CA LEU D 172 -2.67 -46.42 -54.77
C LEU D 172 -1.77 -45.42 -55.49
N LEU D 173 -2.38 -44.74 -56.44
CA LEU D 173 -1.73 -43.72 -57.22
C LEU D 173 -1.78 -42.34 -56.58
N GLN D 174 -2.97 -41.91 -56.16
CA GLN D 174 -3.18 -40.57 -55.61
C GLN D 174 -2.31 -40.29 -54.41
N LYS D 175 -1.99 -41.31 -53.61
CA LYS D 175 -1.19 -41.06 -52.44
C LYS D 175 0.33 -41.11 -52.72
N GLY D 176 0.72 -41.16 -53.99
CA GLY D 176 2.15 -41.09 -54.35
C GLY D 176 2.89 -42.41 -54.17
N TRP D 177 2.15 -43.49 -54.20
CA TRP D 177 2.72 -44.79 -54.00
C TRP D 177 2.99 -45.57 -55.28
N ILE D 178 2.03 -45.67 -56.20
CA ILE D 178 2.34 -46.42 -57.41
C ILE D 178 2.07 -45.63 -58.66
N SER D 179 2.56 -46.14 -59.79
CA SER D 179 2.25 -45.52 -61.06
C SER D 179 0.89 -45.97 -61.56
N ARG D 180 0.25 -45.12 -62.36
CA ARG D 180 -1.00 -45.47 -63.00
C ARG D 180 -0.82 -46.64 -63.95
N GLU D 181 0.32 -46.69 -64.64
CA GLU D 181 0.51 -47.75 -65.61
C GLU D 181 0.49 -49.12 -64.96
N ALA D 182 1.17 -49.26 -63.81
CA ALA D 182 1.17 -50.55 -63.17
C ALA D 182 -0.17 -50.83 -62.55
N LEU D 183 -0.79 -49.76 -62.06
CA LEU D 183 -2.09 -49.85 -61.42
C LEU D 183 -3.04 -50.52 -62.40
N GLU D 184 -3.07 -49.96 -63.61
CA GLU D 184 -3.96 -50.44 -64.63
C GLU D 184 -3.61 -51.84 -65.11
N GLU D 185 -2.33 -52.21 -65.19
CA GLU D 185 -2.01 -53.55 -65.67
C GLU D 185 -2.77 -54.60 -64.86
N ALA D 186 -2.69 -54.49 -63.54
CA ALA D 186 -3.40 -55.41 -62.68
C ALA D 186 -4.89 -55.19 -62.74
N LEU D 187 -5.34 -53.94 -62.90
CA LEU D 187 -6.76 -53.66 -62.94
C LEU D 187 -7.41 -54.37 -64.12
N VAL D 188 -6.69 -54.47 -65.23
CA VAL D 188 -7.23 -55.18 -66.39
C VAL D 188 -7.47 -56.63 -65.99
N GLU D 189 -6.51 -57.23 -65.29
CA GLU D 189 -6.71 -58.59 -64.80
C GLU D 189 -7.93 -58.61 -63.85
N GLN D 190 -8.02 -57.66 -62.93
CA GLN D 190 -9.11 -57.60 -61.95
C GLN D 190 -10.50 -57.69 -62.55
N GLU D 191 -10.74 -56.86 -63.56
CA GLU D 191 -12.05 -56.76 -64.18
C GLU D 191 -12.51 -58.05 -64.85
N LYS D 192 -11.58 -58.91 -65.25
CA LYS D 192 -11.98 -60.13 -65.91
C LYS D 192 -12.18 -61.28 -64.93
N THR D 193 -11.95 -60.99 -63.65
CA THR D 193 -12.10 -62.01 -62.62
C THR D 193 -13.16 -61.66 -61.60
N GLY D 194 -13.39 -60.37 -61.39
CA GLY D 194 -14.31 -59.91 -60.34
C GLY D 194 -13.59 -59.85 -58.98
N ASP D 195 -12.28 -60.06 -58.99
CA ASP D 195 -11.42 -60.06 -57.82
C ASP D 195 -10.99 -58.62 -57.64
N LEU D 196 -9.98 -58.38 -56.81
CA LEU D 196 -9.52 -57.00 -56.59
C LEU D 196 -8.08 -56.69 -56.96
N LEU D 197 -7.88 -55.46 -57.42
CA LEU D 197 -6.62 -54.85 -57.82
C LEU D 197 -5.45 -54.93 -56.82
N GLY D 198 -5.65 -54.57 -55.55
CA GLY D 198 -4.54 -54.52 -54.57
C GLY D 198 -3.82 -55.87 -54.56
N ARG D 199 -4.61 -56.91 -54.30
CA ARG D 199 -4.17 -58.31 -54.30
C ARG D 199 -3.41 -58.73 -55.57
N ILE D 200 -3.70 -58.09 -56.71
CA ILE D 200 -3.11 -58.43 -57.99
C ILE D 200 -1.82 -57.63 -58.26
N LEU D 201 -1.79 -56.34 -57.91
CA LEU D 201 -0.61 -55.48 -58.13
C LEU D 201 0.61 -55.96 -57.36
N VAL D 202 0.36 -56.42 -56.14
CA VAL D 202 1.41 -57.05 -55.35
C VAL D 202 1.59 -58.28 -56.20
N ARG D 203 2.65 -59.07 -56.11
CA ARG D 203 2.74 -60.24 -57.02
C ARG D 203 3.11 -59.86 -58.48
N LYS D 204 2.39 -58.94 -59.13
CA LYS D 204 2.74 -58.50 -60.50
C LYS D 204 4.04 -57.70 -60.52
N GLY D 205 4.58 -57.39 -59.34
CA GLY D 205 5.88 -56.74 -59.22
C GLY D 205 5.85 -55.27 -58.82
N LEU D 206 4.70 -54.73 -58.54
CA LEU D 206 4.65 -53.34 -58.14
C LEU D 206 4.98 -53.33 -56.64
N PRO D 207 5.95 -52.52 -56.13
CA PRO D 207 6.40 -52.58 -54.77
C PRO D 207 5.23 -52.77 -53.85
N GLU D 208 5.33 -53.83 -53.09
CA GLU D 208 4.29 -54.23 -52.20
C GLU D 208 4.12 -53.21 -51.09
N GLU D 209 5.22 -52.54 -50.69
CA GLU D 209 5.13 -51.49 -49.68
C GLU D 209 4.22 -50.37 -50.13
N ALA D 210 4.39 -49.93 -51.37
CA ALA D 210 3.61 -48.84 -51.91
C ALA D 210 2.14 -49.18 -51.91
N LEU D 211 1.87 -50.42 -52.31
CA LEU D 211 0.51 -50.89 -52.36
C LEU D 211 -0.07 -50.98 -50.98
N TYR D 212 0.72 -51.49 -50.05
CA TYR D 212 0.34 -51.62 -48.66
C TYR D 212 0.02 -50.33 -47.97
N ARG D 213 0.91 -49.38 -48.12
CA ARG D 213 0.66 -48.17 -47.43
C ARG D 213 -0.65 -47.56 -47.91
N ALA D 214 -0.85 -47.55 -49.22
CA ALA D 214 -2.05 -47.00 -49.79
C ALA D 214 -3.28 -47.77 -49.37
N LEU D 215 -3.18 -49.09 -49.37
CA LEU D 215 -4.31 -49.93 -49.07
C LEU D 215 -4.82 -49.72 -47.67
N ALA D 216 -3.94 -49.53 -46.71
CA ALA D 216 -4.47 -49.34 -45.38
C ALA D 216 -5.28 -48.09 -45.31
N GLU D 217 -4.72 -47.04 -45.89
CA GLU D 217 -5.38 -45.77 -45.87
C GLU D 217 -6.70 -45.83 -46.65
N GLN D 218 -6.81 -46.64 -47.67
CA GLN D 218 -8.10 -46.70 -48.38
C GLN D 218 -9.28 -46.98 -47.49
N LYS D 219 -9.12 -47.79 -46.44
CA LYS D 219 -10.24 -48.14 -45.58
C LYS D 219 -10.13 -47.63 -44.13
N GLY D 220 -9.23 -46.69 -43.86
CA GLY D 220 -9.10 -46.19 -42.48
C GLY D 220 -8.36 -47.15 -41.58
N LEU D 221 -7.45 -47.94 -42.13
CA LEU D 221 -6.77 -48.95 -41.34
C LEU D 221 -5.38 -48.58 -40.84
N GLU D 222 -4.95 -49.28 -39.78
CA GLU D 222 -3.67 -49.04 -39.11
C GLU D 222 -2.47 -49.75 -39.72
N PHE D 223 -1.33 -49.07 -39.73
CA PHE D 223 -0.10 -49.62 -40.27
C PHE D 223 0.66 -50.53 -39.33
N LEU D 224 1.16 -51.63 -39.88
CA LEU D 224 2.00 -52.55 -39.14
C LEU D 224 3.46 -52.52 -39.57
N GLU D 225 4.29 -52.88 -38.61
CA GLU D 225 5.71 -53.09 -38.80
C GLU D 225 5.87 -54.50 -39.31
N SER D 226 7.09 -54.92 -39.55
CA SER D 226 7.32 -56.27 -40.05
C SER D 226 6.89 -57.26 -38.99
N THR D 227 6.93 -58.55 -39.33
CA THR D 227 6.58 -59.61 -38.39
C THR D 227 7.56 -59.75 -37.20
N GLU D 228 8.60 -58.90 -37.15
CA GLU D 228 9.46 -58.85 -35.98
C GLU D 228 8.70 -58.14 -34.85
N GLY D 229 7.73 -57.30 -35.23
CA GLY D 229 6.91 -56.54 -34.28
C GLY D 229 5.48 -57.09 -34.19
N ILE D 230 4.99 -57.71 -35.28
CA ILE D 230 3.62 -58.25 -35.26
C ILE D 230 3.66 -59.58 -34.51
N VAL D 231 2.90 -59.68 -33.42
CA VAL D 231 2.91 -60.91 -32.67
C VAL D 231 1.60 -61.68 -32.86
N PRO D 232 1.63 -62.89 -33.43
CA PRO D 232 0.47 -63.71 -33.71
C PRO D 232 -0.12 -64.33 -32.47
N ASP D 233 -1.38 -64.70 -32.58
CA ASP D 233 -2.07 -65.49 -31.57
C ASP D 233 -2.90 -66.55 -32.25
N PRO D 234 -2.34 -67.78 -32.36
CA PRO D 234 -2.86 -68.95 -33.02
C PRO D 234 -4.29 -69.28 -32.66
N SER D 235 -4.76 -68.83 -31.49
CA SER D 235 -6.11 -69.13 -31.07
C SER D 235 -7.10 -68.58 -32.07
N ALA D 236 -6.79 -67.38 -32.58
CA ALA D 236 -7.62 -66.71 -33.56
C ALA D 236 -7.18 -67.10 -34.92
N ALA D 237 -5.93 -67.52 -35.05
CA ALA D 237 -5.44 -67.94 -36.35
C ALA D 237 -6.33 -69.06 -36.87
N LEU D 238 -6.83 -69.87 -35.92
CA LEU D 238 -7.77 -70.97 -36.18
C LEU D 238 -9.04 -70.51 -36.91
N LEU D 239 -9.33 -69.22 -36.89
CA LEU D 239 -10.49 -68.66 -37.56
C LEU D 239 -10.39 -68.87 -39.08
N LEU D 240 -9.16 -68.95 -39.64
CA LEU D 240 -9.03 -69.20 -41.08
C LEU D 240 -7.61 -69.69 -41.41
N LEU D 241 -7.54 -70.88 -41.99
CA LEU D 241 -6.29 -71.55 -42.37
C LEU D 241 -5.55 -70.87 -43.48
N ARG D 242 -4.22 -70.78 -43.33
CA ARG D 242 -3.34 -70.19 -44.35
C ARG D 242 -3.76 -70.37 -45.79
N SER D 243 -4.18 -71.55 -46.22
CA SER D 243 -4.47 -71.65 -47.65
C SER D 243 -5.56 -70.64 -48.07
N ASP D 244 -6.60 -70.48 -47.27
CA ASP D 244 -7.66 -69.57 -47.63
C ASP D 244 -7.39 -68.20 -47.08
N ALA D 245 -6.76 -68.17 -45.92
CA ALA D 245 -6.44 -66.93 -45.25
C ALA D 245 -5.41 -66.15 -46.05
N LEU D 246 -4.47 -66.85 -46.66
CA LEU D 246 -3.46 -66.23 -47.49
C LEU D 246 -4.11 -65.76 -48.77
N ARG D 247 -4.99 -66.58 -49.36
CA ARG D 247 -5.71 -66.13 -50.55
C ARG D 247 -6.56 -64.89 -50.23
N TYR D 248 -7.15 -64.86 -49.03
CA TYR D 248 -7.87 -63.69 -48.52
C TYR D 248 -6.91 -62.55 -48.39
N GLY D 249 -5.80 -62.83 -47.74
CA GLY D 249 -4.84 -61.82 -47.45
C GLY D 249 -5.01 -61.33 -46.03
N ALA D 250 -5.26 -62.23 -45.07
CA ALA D 250 -5.30 -61.74 -43.70
C ALA D 250 -5.06 -62.79 -42.62
N VAL D 251 -4.30 -62.44 -41.59
CA VAL D 251 -4.09 -63.40 -40.51
C VAL D 251 -4.96 -62.99 -39.29
N PRO D 252 -5.90 -63.82 -38.82
CA PRO D 252 -6.70 -63.51 -37.65
C PRO D 252 -5.87 -63.67 -36.36
N ILE D 253 -5.86 -62.64 -35.51
CA ILE D 253 -5.06 -62.62 -34.29
C ILE D 253 -5.81 -62.20 -33.01
N GLY D 254 -5.81 -63.05 -31.99
CA GLY D 254 -6.45 -62.71 -30.71
C GLY D 254 -7.96 -62.85 -30.76
N PHE D 255 -8.60 -62.98 -29.64
CA PHE D 255 -10.04 -63.09 -29.66
C PHE D 255 -10.53 -62.96 -28.25
N GLN D 256 -9.61 -62.81 -27.34
CA GLN D 256 -9.97 -62.82 -25.94
C GLN D 256 -10.92 -61.72 -25.54
N ASN D 257 -11.78 -62.06 -24.59
CA ASN D 257 -12.71 -61.10 -24.01
C ASN D 257 -13.65 -60.50 -25.05
N GLY D 258 -13.21 -59.43 -25.68
CA GLY D 258 -14.04 -58.71 -26.63
C GLY D 258 -13.29 -58.15 -27.83
N GLU D 259 -12.11 -58.68 -28.17
CA GLU D 259 -11.47 -58.09 -29.35
C GLU D 259 -10.54 -59.02 -30.15
N VAL D 260 -10.65 -58.94 -31.49
CA VAL D 260 -9.76 -59.65 -32.44
C VAL D 260 -9.18 -58.68 -33.48
N GLU D 261 -7.90 -58.89 -33.80
CA GLU D 261 -7.21 -58.09 -34.78
C GLU D 261 -7.12 -58.86 -36.09
N VAL D 262 -7.30 -58.20 -37.22
CA VAL D 262 -7.14 -58.92 -38.47
C VAL D 262 -6.11 -58.26 -39.38
N VAL D 263 -4.99 -58.93 -39.58
CA VAL D 263 -3.90 -58.29 -40.29
C VAL D 263 -3.93 -58.55 -41.80
N LEU D 264 -4.59 -57.63 -42.52
CA LEU D 264 -4.89 -57.60 -43.97
C LEU D 264 -3.76 -57.31 -44.98
N SER D 265 -3.96 -57.77 -46.23
CA SER D 265 -3.13 -57.32 -47.37
C SER D 265 -3.98 -56.56 -48.40
N ASP D 266 -5.32 -56.72 -48.38
CA ASP D 266 -6.24 -56.03 -49.31
C ASP D 266 -7.65 -55.83 -48.72
N PRO D 267 -7.88 -54.68 -48.08
CA PRO D 267 -9.07 -54.21 -47.39
C PRO D 267 -10.36 -54.15 -48.16
N ARG D 268 -10.33 -54.22 -49.50
CA ARG D 268 -11.63 -54.14 -50.18
C ARG D 268 -12.28 -55.45 -50.53
N HIS D 269 -11.73 -56.57 -50.07
CA HIS D 269 -12.41 -57.82 -50.41
C HIS D 269 -13.69 -57.95 -49.63
N LYS D 270 -14.73 -57.29 -50.10
CA LYS D 270 -16.03 -57.15 -49.43
C LYS D 270 -16.53 -58.48 -48.85
N GLU D 271 -16.34 -59.53 -49.59
CA GLU D 271 -16.76 -60.85 -49.19
C GLU D 271 -15.89 -61.45 -48.07
N ALA D 272 -14.59 -61.14 -48.11
CA ALA D 272 -13.63 -61.69 -47.16
C ALA D 272 -13.50 -60.82 -45.93
N VAL D 273 -13.79 -59.53 -46.04
CA VAL D 273 -13.71 -58.65 -44.86
C VAL D 273 -14.84 -58.95 -43.89
N ALA D 274 -15.77 -59.78 -44.35
CA ALA D 274 -16.86 -60.30 -43.56
C ALA D 274 -16.36 -61.44 -42.65
N GLN D 275 -15.13 -61.91 -42.89
CA GLN D 275 -14.47 -62.99 -42.18
C GLN D 275 -13.55 -62.42 -41.10
N LEU D 276 -13.14 -63.26 -40.15
CA LEU D 276 -12.11 -62.99 -39.13
C LEU D 276 -12.47 -61.97 -38.03
N LEU D 277 -13.33 -61.00 -38.33
CA LEU D 277 -13.80 -60.02 -37.37
C LEU D 277 -14.88 -60.72 -36.54
N ASN D 278 -14.44 -61.64 -35.68
CA ASN D 278 -15.29 -62.57 -34.95
C ASN D 278 -15.77 -62.10 -33.58
N ARG D 279 -15.60 -60.82 -33.33
CA ARG D 279 -15.98 -60.12 -32.12
C ARG D 279 -15.62 -58.69 -32.48
N PRO D 280 -15.85 -57.66 -31.66
CA PRO D 280 -15.43 -56.32 -31.99
C PRO D 280 -14.03 -56.47 -32.54
N ALA D 281 -13.76 -55.77 -33.61
CA ALA D 281 -12.50 -56.01 -34.26
C ALA D 281 -12.06 -54.87 -35.15
N ARG D 282 -10.79 -54.91 -35.50
CA ARG D 282 -10.21 -53.92 -36.39
C ARG D 282 -9.18 -54.51 -37.33
N PHE D 283 -9.13 -53.97 -38.53
CA PHE D 283 -8.15 -54.41 -39.51
C PHE D 283 -6.85 -53.60 -39.46
N TYR D 284 -5.76 -54.31 -39.68
CA TYR D 284 -4.40 -53.79 -39.72
C TYR D 284 -3.71 -54.28 -40.98
N LEU D 285 -2.76 -53.54 -41.53
CA LEU D 285 -2.06 -54.03 -42.74
C LEU D 285 -0.56 -54.19 -42.78
N ALA D 286 -0.12 -55.15 -43.60
CA ALA D 286 1.30 -55.25 -43.98
C ALA D 286 1.40 -55.80 -45.40
N LEU D 287 2.24 -56.81 -45.63
CA LEU D 287 2.44 -57.34 -46.96
C LEU D 287 1.91 -58.78 -47.09
N PRO D 288 1.39 -59.22 -48.26
CA PRO D 288 0.96 -60.60 -48.52
C PRO D 288 1.97 -61.66 -48.06
N GLN D 289 3.26 -61.34 -48.24
CA GLN D 289 4.30 -62.27 -47.84
C GLN D 289 4.38 -62.35 -46.34
N ALA D 290 4.11 -61.23 -45.69
CA ALA D 290 4.17 -61.21 -44.25
C ALA D 290 3.16 -62.20 -43.75
N TRP D 291 2.00 -62.20 -44.41
CA TRP D 291 0.96 -63.12 -44.00
C TRP D 291 1.38 -64.53 -44.26
N GLU D 292 1.99 -64.81 -45.40
CA GLU D 292 2.40 -66.19 -45.64
C GLU D 292 3.29 -66.65 -44.50
N GLU D 293 4.25 -65.82 -44.13
CA GLU D 293 5.19 -66.22 -43.09
C GLU D 293 4.51 -66.23 -41.71
N LEU D 294 3.62 -65.28 -41.49
CA LEU D 294 2.96 -65.17 -40.21
C LEU D 294 2.05 -66.36 -40.03
N PHE D 295 1.40 -66.81 -41.11
CA PHE D 295 0.54 -67.98 -41.06
C PHE D 295 1.36 -69.19 -40.69
N ARG D 296 2.57 -69.30 -41.23
CA ARG D 296 3.42 -70.43 -40.88
C ARG D 296 3.72 -70.41 -39.38
N ARG D 297 3.70 -69.21 -38.79
CA ARG D 297 3.89 -68.98 -37.36
C ARG D 297 2.54 -68.82 -36.61
N ALA D 298 1.40 -69.14 -37.24
CA ALA D 298 0.09 -68.92 -36.61
C ALA D 298 -0.93 -70.08 -36.87
N TYR D 299 -1.13 -70.49 -38.14
CA TYR D 299 -2.08 -71.53 -38.57
C TYR D 299 -2.19 -71.60 -40.11
N LEU E 330 -14.84 -8.12 -61.85
CA LEU E 330 -16.21 -8.32 -61.42
C LEU E 330 -16.24 -9.45 -60.39
N PRO E 331 -16.84 -9.28 -59.20
CA PRO E 331 -17.63 -8.20 -58.61
C PRO E 331 -16.94 -6.85 -58.55
N ARG E 332 -17.75 -5.81 -58.64
CA ARG E 332 -17.32 -4.42 -58.58
C ARG E 332 -18.12 -3.78 -57.46
N ALA E 333 -18.58 -4.65 -56.57
CA ALA E 333 -19.47 -4.39 -55.45
C ALA E 333 -20.87 -4.04 -55.89
N LYS E 334 -21.10 -4.07 -57.19
CA LYS E 334 -22.39 -3.93 -57.85
C LYS E 334 -23.41 -3.19 -57.02
N PRO E 335 -23.17 -1.91 -56.67
CA PRO E 335 -23.78 -1.22 -55.58
C PRO E 335 -25.22 -1.62 -55.56
N LEU E 336 -25.77 -1.84 -54.40
CA LEU E 336 -27.08 -2.43 -54.27
C LEU E 336 -28.06 -2.09 -55.38
N GLY E 337 -28.27 -0.85 -55.70
CA GLY E 337 -29.21 -0.61 -56.76
C GLY E 337 -28.81 -1.30 -58.06
N GLU E 338 -27.52 -1.32 -58.40
CA GLU E 338 -27.09 -1.95 -59.65
C GLU E 338 -27.46 -3.41 -59.68
N ILE E 339 -27.11 -4.12 -58.62
CA ILE E 339 -27.51 -5.51 -58.59
C ILE E 339 -29.01 -5.69 -58.68
N LEU E 340 -29.78 -4.81 -58.07
CA LEU E 340 -31.21 -4.93 -58.15
C LEU E 340 -31.73 -4.64 -59.54
N VAL E 341 -31.07 -3.74 -60.25
CA VAL E 341 -31.48 -3.46 -61.61
C VAL E 341 -31.27 -4.69 -62.46
N GLU E 342 -30.12 -5.32 -62.30
CA GLU E 342 -29.88 -6.53 -63.07
C GLU E 342 -30.78 -7.68 -62.62
N LEU E 343 -31.10 -7.75 -61.33
CA LEU E 343 -32.03 -8.75 -60.82
C LEU E 343 -33.45 -8.46 -61.31
N GLY E 344 -33.73 -7.17 -61.55
CA GLY E 344 -35.01 -6.67 -62.00
C GLY E 344 -35.83 -6.09 -60.84
N LEU E 345 -35.21 -6.06 -59.67
CA LEU E 345 -35.82 -5.56 -58.44
C LEU E 345 -35.90 -4.06 -58.36
N ALA E 346 -35.10 -3.38 -59.14
CA ALA E 346 -35.12 -1.93 -59.14
C ALA E 346 -35.04 -1.42 -60.56
N ARG E 347 -35.67 -0.32 -60.87
CA ARG E 347 -35.47 0.23 -62.19
C ARG E 347 -34.24 1.10 -62.12
N PRO E 348 -33.53 1.33 -63.22
CA PRO E 348 -32.45 2.30 -63.30
C PRO E 348 -32.90 3.65 -62.70
N GLU E 349 -34.18 3.98 -62.84
CA GLU E 349 -34.75 5.22 -62.31
C GLU E 349 -34.84 5.23 -60.78
N ASP E 350 -34.96 4.06 -60.17
CA ASP E 350 -35.15 3.99 -58.73
C ASP E 350 -33.81 4.06 -58.08
N VAL E 351 -32.83 3.49 -58.76
CA VAL E 351 -31.51 3.53 -58.22
C VAL E 351 -30.95 4.92 -58.49
N GLU E 352 -31.34 5.54 -59.61
CA GLU E 352 -30.94 6.91 -59.89
C GLU E 352 -31.46 7.83 -58.79
N GLU E 353 -32.75 7.72 -58.46
CA GLU E 353 -33.28 8.57 -57.42
C GLU E 353 -32.52 8.34 -56.12
N ALA E 354 -32.30 7.08 -55.78
CA ALA E 354 -31.58 6.72 -54.56
C ALA E 354 -30.14 7.26 -54.54
N LEU E 355 -29.47 7.26 -55.70
CA LEU E 355 -28.13 7.82 -55.83
C LEU E 355 -28.17 9.33 -55.65
N GLN E 356 -29.20 9.95 -56.21
CA GLN E 356 -29.35 11.38 -56.08
C GLN E 356 -29.60 11.70 -54.61
N LYS E 357 -30.32 10.81 -53.93
CA LYS E 357 -30.57 11.01 -52.52
C LYS E 357 -29.26 10.91 -51.73
N GLN E 358 -28.46 9.83 -51.91
CA GLN E 358 -27.23 9.65 -51.10
C GLN E 358 -26.24 10.79 -51.30
N ARG E 359 -26.31 11.42 -52.47
CA ARG E 359 -25.46 12.55 -52.78
C ARG E 359 -25.48 13.59 -51.66
N ARG E 360 -26.65 13.77 -51.02
CA ARG E 360 -26.77 14.73 -49.93
C ARG E 360 -27.27 14.02 -48.66
N GLY E 361 -27.85 12.84 -48.87
CA GLY E 361 -28.50 12.03 -47.84
C GLY E 361 -27.56 11.21 -46.95
N GLY E 362 -26.30 11.04 -47.34
CA GLY E 362 -25.34 10.34 -46.48
C GLY E 362 -25.38 8.81 -46.56
N GLY E 363 -26.58 8.25 -46.49
CA GLY E 363 -26.76 6.79 -46.53
C GLY E 363 -26.23 6.21 -47.84
N ARG E 364 -25.99 4.91 -47.85
CA ARG E 364 -25.46 4.17 -49.00
C ARG E 364 -26.57 3.93 -50.00
N LEU E 365 -26.26 3.48 -51.21
CA LEU E 365 -27.34 3.11 -52.14
C LEU E 365 -28.22 2.05 -51.46
N GLU E 366 -27.55 1.20 -50.68
CA GLU E 366 -28.18 0.18 -49.85
C GLU E 366 -29.22 0.78 -48.88
N ASP E 367 -29.00 2.01 -48.45
CA ASP E 367 -29.90 2.63 -47.49
C ASP E 367 -30.89 3.52 -48.21
N THR E 368 -30.45 4.23 -49.24
CA THR E 368 -31.34 5.17 -49.87
C THR E 368 -32.44 4.48 -50.65
N LEU E 369 -32.18 3.28 -51.16
CA LEU E 369 -33.24 2.53 -51.80
C LEU E 369 -34.34 2.07 -50.81
N VAL E 370 -33.99 1.71 -49.58
CA VAL E 370 -35.08 1.35 -48.66
C VAL E 370 -35.71 2.63 -48.07
N GLN E 371 -34.90 3.66 -47.84
CA GLN E 371 -35.40 4.93 -47.29
C GLN E 371 -36.35 5.61 -48.26
N SER E 372 -36.08 5.47 -49.55
CA SER E 372 -36.86 6.07 -50.62
C SER E 372 -38.13 5.28 -50.94
N GLY E 373 -38.32 4.13 -50.28
CA GLY E 373 -39.49 3.33 -50.53
C GLY E 373 -39.39 2.52 -51.81
N LYS E 374 -38.19 2.12 -52.21
CA LYS E 374 -38.06 1.36 -53.44
C LYS E 374 -37.92 -0.11 -53.09
N LEU E 375 -37.12 -0.37 -52.06
CA LEU E 375 -36.80 -1.73 -51.65
C LEU E 375 -37.18 -2.12 -50.25
N ARG E 376 -37.20 -3.43 -50.04
CA ARG E 376 -37.31 -4.05 -48.72
C ARG E 376 -35.88 -4.33 -48.22
N PRO E 377 -35.57 -4.27 -46.92
CA PRO E 377 -34.29 -4.68 -46.35
C PRO E 377 -33.88 -6.09 -46.80
N GLU E 378 -34.86 -6.95 -47.08
CA GLU E 378 -34.58 -8.30 -47.54
C GLU E 378 -33.95 -8.27 -48.93
N ALA E 379 -34.43 -7.33 -49.76
CA ALA E 379 -33.97 -7.18 -51.13
C ALA E 379 -32.56 -6.71 -51.09
N LEU E 380 -32.26 -5.91 -50.08
CA LEU E 380 -30.92 -5.41 -50.00
C LEU E 380 -30.03 -6.58 -49.74
N ALA E 381 -30.33 -7.34 -48.68
CA ALA E 381 -29.44 -8.42 -48.31
C ALA E 381 -29.35 -9.50 -49.37
N GLN E 382 -30.48 -9.89 -49.97
CA GLN E 382 -30.39 -10.94 -50.97
C GLN E 382 -29.67 -10.43 -52.20
N ALA E 383 -29.93 -9.19 -52.59
CA ALA E 383 -29.23 -8.66 -53.73
C ALA E 383 -27.76 -8.53 -53.41
N VAL E 384 -27.44 -8.19 -52.17
CA VAL E 384 -26.05 -8.10 -51.73
C VAL E 384 -25.38 -9.45 -51.93
N ALA E 385 -26.06 -10.54 -51.61
CA ALA E 385 -25.46 -11.84 -51.87
C ALA E 385 -25.06 -11.97 -53.34
N THR E 386 -25.93 -11.49 -54.23
CA THR E 386 -25.72 -11.59 -55.67
C THR E 386 -24.82 -10.46 -56.19
N GLN E 387 -24.66 -9.44 -55.37
CA GLN E 387 -23.82 -8.27 -55.62
C GLN E 387 -22.36 -8.65 -55.49
N LEU E 388 -22.09 -9.32 -54.37
CA LEU E 388 -20.75 -9.65 -53.95
C LEU E 388 -20.28 -11.08 -54.21
N GLY E 389 -21.20 -12.04 -54.35
CA GLY E 389 -20.79 -13.44 -54.49
C GLY E 389 -20.76 -14.14 -53.13
N TYR E 390 -21.63 -13.70 -52.22
CA TYR E 390 -21.72 -14.24 -50.87
C TYR E 390 -23.16 -14.66 -50.56
N PRO E 391 -23.56 -15.89 -50.97
CA PRO E 391 -24.92 -16.41 -51.02
C PRO E 391 -25.73 -16.05 -49.81
N TYR E 392 -27.01 -15.76 -50.05
CA TYR E 392 -27.85 -15.35 -48.94
C TYR E 392 -27.93 -16.49 -47.97
N VAL E 393 -27.80 -16.18 -46.72
CA VAL E 393 -27.89 -17.17 -45.68
C VAL E 393 -28.81 -16.69 -44.59
N ASP E 394 -29.57 -17.61 -43.98
CA ASP E 394 -30.37 -17.22 -42.82
C ASP E 394 -29.78 -17.81 -41.53
N PRO E 395 -29.05 -17.01 -40.73
CA PRO E 395 -28.36 -17.31 -39.50
C PRO E 395 -29.26 -17.90 -38.44
N GLU E 396 -30.57 -17.71 -38.54
CA GLU E 396 -31.37 -18.30 -37.49
C GLU E 396 -31.07 -19.80 -37.39
N GLU E 397 -30.83 -20.44 -38.55
CA GLU E 397 -30.56 -21.87 -38.64
C GLU E 397 -29.21 -22.24 -39.26
N ASP E 398 -28.67 -21.40 -40.16
CA ASP E 398 -27.46 -21.80 -40.87
C ASP E 398 -26.31 -22.05 -39.88
N PRO E 399 -25.75 -23.29 -39.84
CA PRO E 399 -24.80 -23.75 -38.81
C PRO E 399 -23.96 -22.67 -38.12
N PRO E 400 -24.48 -22.08 -37.03
CA PRO E 400 -23.85 -21.06 -36.23
C PRO E 400 -22.85 -21.71 -35.28
N ASP E 401 -21.81 -22.28 -35.88
CA ASP E 401 -20.76 -23.05 -35.20
C ASP E 401 -20.11 -22.33 -34.05
N PRO E 402 -20.25 -22.77 -32.78
CA PRO E 402 -19.66 -22.18 -31.57
C PRO E 402 -18.17 -21.85 -31.69
N GLY E 403 -17.43 -22.62 -32.51
CA GLY E 403 -16.02 -22.36 -32.64
C GLY E 403 -15.81 -20.99 -33.25
N ALA E 404 -16.71 -20.62 -34.14
CA ALA E 404 -16.64 -19.39 -34.86
C ALA E 404 -16.76 -18.19 -33.87
N PRO E 405 -17.72 -18.14 -32.91
CA PRO E 405 -17.76 -17.23 -31.78
C PRO E 405 -16.52 -17.25 -30.92
N LEU E 406 -15.87 -18.41 -30.80
CA LEU E 406 -14.67 -18.44 -30.00
C LEU E 406 -13.58 -17.73 -30.77
N LEU E 407 -13.61 -17.92 -32.09
CA LEU E 407 -12.69 -17.24 -32.97
C LEU E 407 -12.96 -15.74 -32.91
N LEU E 408 -14.22 -15.33 -33.09
CA LEU E 408 -14.62 -13.93 -33.13
C LEU E 408 -15.67 -13.60 -32.02
N PRO E 409 -15.25 -12.99 -30.88
CA PRO E 409 -16.04 -12.63 -29.68
C PRO E 409 -17.18 -11.64 -29.91
N GLU E 410 -18.12 -11.58 -28.94
CA GLU E 410 -19.27 -10.67 -29.04
C GLU E 410 -18.89 -9.21 -29.30
N ASP E 411 -17.84 -8.71 -28.64
CA ASP E 411 -17.49 -7.30 -28.83
C ASP E 411 -17.12 -7.03 -30.28
N LEU E 412 -16.37 -7.95 -30.86
CA LEU E 412 -15.90 -7.87 -32.22
C LEU E 412 -17.13 -8.02 -33.14
N CYS E 413 -18.06 -8.92 -32.76
CA CYS E 413 -19.26 -9.12 -33.56
C CYS E 413 -20.13 -7.87 -33.70
N ARG E 414 -20.38 -7.17 -32.58
CA ARG E 414 -21.25 -6.00 -32.66
C ARG E 414 -20.57 -4.82 -33.32
N ARG E 415 -19.25 -4.71 -33.18
CA ARG E 415 -18.55 -3.63 -33.85
C ARG E 415 -18.68 -3.75 -35.35
N TYR E 416 -18.70 -4.99 -35.87
CA TYR E 416 -18.72 -5.17 -37.31
C TYR E 416 -20.03 -5.70 -37.95
N GLY E 417 -21.04 -6.05 -37.14
CA GLY E 417 -22.30 -6.51 -37.72
C GLY E 417 -22.17 -7.93 -38.24
N VAL E 418 -21.40 -8.74 -37.50
CA VAL E 418 -21.16 -10.09 -37.93
C VAL E 418 -21.49 -11.14 -36.90
N PHE E 419 -21.81 -12.32 -37.39
CA PHE E 419 -22.02 -13.46 -36.52
C PHE E 419 -21.44 -14.74 -37.09
N PRO E 420 -20.19 -15.03 -36.80
CA PRO E 420 -19.42 -16.11 -37.32
C PRO E 420 -20.14 -17.46 -37.41
N HIS E 421 -20.15 -18.02 -38.60
CA HIS E 421 -20.70 -19.35 -38.86
C HIS E 421 -19.53 -20.29 -39.04
N ARG E 422 -19.81 -21.53 -39.40
CA ARG E 422 -18.80 -22.60 -39.48
C ARG E 422 -17.38 -22.25 -39.87
N LEU E 423 -16.47 -22.89 -39.10
CA LEU E 423 -15.04 -22.81 -39.36
C LEU E 423 -14.61 -24.02 -40.19
N GLU E 424 -13.71 -23.80 -41.15
CA GLU E 424 -13.21 -24.91 -41.99
C GLU E 424 -11.70 -24.81 -42.16
N GLY E 425 -10.93 -25.65 -41.49
CA GLY E 425 -9.50 -25.43 -41.57
C GLY E 425 -9.28 -24.04 -40.99
N ASN E 426 -8.68 -23.13 -41.75
CA ASN E 426 -8.47 -21.79 -41.21
C ASN E 426 -9.58 -20.82 -41.64
N ARG E 427 -10.58 -21.30 -42.36
CA ARG E 427 -11.65 -20.44 -42.85
C ARG E 427 -12.70 -20.08 -41.82
N LEU E 428 -13.27 -18.89 -41.99
CA LEU E 428 -14.45 -18.47 -41.24
C LEU E 428 -15.58 -17.93 -42.10
N VAL E 429 -16.77 -18.47 -41.95
CA VAL E 429 -17.89 -17.85 -42.63
C VAL E 429 -18.28 -16.61 -41.87
N LEU E 430 -17.65 -15.50 -42.22
CA LEU E 430 -17.90 -14.30 -41.45
C LEU E 430 -19.19 -13.68 -41.86
N LEU E 431 -20.24 -14.22 -41.34
CA LEU E 431 -21.56 -13.79 -41.67
C LEU E 431 -21.62 -12.31 -41.44
N MET E 432 -22.08 -11.55 -42.43
CA MET E 432 -22.08 -10.09 -42.25
C MET E 432 -23.34 -9.47 -42.85
N LYS E 433 -23.84 -8.42 -42.21
CA LYS E 433 -25.04 -7.74 -42.75
C LYS E 433 -24.86 -7.20 -44.17
N ASP E 434 -23.62 -6.93 -44.53
CA ASP E 434 -23.22 -6.48 -45.84
C ASP E 434 -21.72 -6.66 -46.06
N PRO E 435 -21.26 -7.81 -46.61
CA PRO E 435 -19.87 -8.18 -46.83
C PRO E 435 -19.09 -7.15 -47.65
N ARG E 436 -19.80 -6.20 -48.30
CA ARG E 436 -19.19 -5.14 -49.08
C ARG E 436 -18.27 -4.30 -48.21
N ASN E 437 -18.58 -4.21 -46.91
CA ASN E 437 -17.78 -3.35 -46.06
C ASN E 437 -16.44 -3.96 -45.72
N ILE E 438 -15.49 -3.68 -46.58
CA ILE E 438 -14.13 -4.19 -46.45
C ILE E 438 -13.40 -3.65 -45.24
N LEU E 439 -13.89 -2.58 -44.63
CA LEU E 439 -13.15 -2.09 -43.50
C LEU E 439 -13.58 -2.87 -42.29
N ALA E 440 -14.86 -3.21 -42.26
CA ALA E 440 -15.37 -4.03 -41.18
C ALA E 440 -14.65 -5.36 -41.25
N LEU E 441 -14.50 -5.84 -42.48
CA LEU E 441 -13.82 -7.09 -42.71
C LEU E 441 -12.35 -7.00 -42.34
N ASP E 442 -11.64 -5.95 -42.79
CA ASP E 442 -10.21 -5.85 -42.46
C ASP E 442 -9.96 -5.81 -40.96
N ASP E 443 -10.82 -5.13 -40.20
CA ASP E 443 -10.60 -5.11 -38.76
C ASP E 443 -10.85 -6.48 -38.15
N VAL E 444 -11.87 -7.19 -38.61
CA VAL E 444 -12.11 -8.52 -38.09
C VAL E 444 -10.95 -9.43 -38.45
N ARG E 445 -10.53 -9.37 -39.71
CA ARG E 445 -9.43 -10.16 -40.24
C ARG E 445 -8.18 -10.05 -39.42
N LEU E 446 -7.74 -8.83 -39.15
CA LEU E 446 -6.51 -8.66 -38.41
C LEU E 446 -6.66 -9.14 -36.98
N ALA E 447 -7.83 -8.90 -36.38
CA ALA E 447 -8.04 -9.36 -35.03
C ALA E 447 -7.95 -10.87 -34.95
N LEU E 448 -8.55 -11.53 -35.93
CA LEU E 448 -8.58 -12.97 -35.89
C LEU E 448 -7.25 -13.56 -36.31
N LYS E 449 -6.58 -12.93 -37.27
CA LYS E 449 -5.28 -13.39 -37.72
C LYS E 449 -4.33 -13.50 -36.54
N ARG E 450 -4.40 -12.49 -35.66
CA ARG E 450 -3.55 -12.43 -34.50
C ARG E 450 -4.03 -13.27 -33.31
N LYS E 451 -5.33 -13.59 -33.23
CA LYS E 451 -5.86 -14.30 -32.06
C LYS E 451 -6.24 -15.78 -32.23
N GLY E 452 -6.69 -16.18 -33.42
CA GLY E 452 -7.19 -17.55 -33.62
C GLY E 452 -6.57 -18.27 -34.83
N LEU E 453 -7.38 -18.43 -35.88
CA LEU E 453 -7.02 -19.11 -37.11
C LEU E 453 -6.20 -18.20 -38.02
N ASN E 454 -5.53 -18.77 -39.03
CA ASN E 454 -4.79 -17.94 -40.02
C ASN E 454 -5.78 -17.15 -40.88
N TYR E 455 -7.03 -17.54 -40.74
CA TYR E 455 -8.23 -17.00 -41.32
C TYR E 455 -8.34 -17.36 -42.81
N GLU E 456 -9.03 -16.52 -43.58
CA GLU E 456 -9.61 -16.82 -44.89
C GLU E 456 -11.10 -16.75 -44.59
N VAL E 457 -11.84 -16.02 -45.39
CA VAL E 457 -13.22 -15.74 -45.00
C VAL E 457 -14.23 -16.02 -46.11
N ALA E 458 -15.40 -16.49 -45.69
CA ALA E 458 -16.50 -16.75 -46.61
C ALA E 458 -17.76 -16.04 -46.12
N PRO E 459 -17.76 -14.71 -46.10
CA PRO E 459 -18.74 -13.87 -45.44
C PRO E 459 -20.11 -13.84 -46.06
N ALA E 460 -20.85 -14.93 -45.95
CA ALA E 460 -22.22 -14.98 -46.48
C ALA E 460 -23.02 -13.78 -45.94
N VAL E 461 -23.87 -13.17 -46.78
CA VAL E 461 -24.67 -12.03 -46.31
C VAL E 461 -25.98 -12.45 -45.66
N ALA E 462 -26.38 -11.72 -44.62
CA ALA E 462 -27.68 -11.99 -44.00
C ALA E 462 -28.28 -10.75 -43.41
N THR E 463 -29.60 -10.71 -43.26
CA THR E 463 -30.10 -9.55 -42.54
C THR E 463 -29.44 -9.42 -41.19
N GLU E 464 -29.17 -8.17 -40.82
CA GLU E 464 -28.59 -7.84 -39.54
C GLU E 464 -29.40 -8.41 -38.41
N ALA E 465 -30.72 -8.53 -38.57
CA ALA E 465 -31.52 -9.04 -37.48
C ALA E 465 -31.14 -10.47 -37.10
N ALA E 466 -30.89 -11.31 -38.09
CA ALA E 466 -30.61 -12.71 -37.85
C ALA E 466 -29.21 -12.84 -37.33
N ILE E 467 -28.35 -11.98 -37.87
CA ILE E 467 -26.97 -12.01 -37.46
C ILE E 467 -26.90 -11.63 -36.01
N THR E 468 -27.57 -10.56 -35.68
CA THR E 468 -27.54 -10.03 -34.34
C THR E 468 -28.20 -10.98 -33.36
N LYS E 469 -29.33 -11.61 -33.71
CA LYS E 469 -29.92 -12.55 -32.76
C LYS E 469 -28.91 -13.66 -32.46
N LEU E 470 -28.11 -14.08 -33.44
CA LEU E 470 -27.12 -15.08 -33.09
C LEU E 470 -26.02 -14.47 -32.23
N ILE E 471 -25.71 -13.18 -32.44
CA ILE E 471 -24.66 -12.59 -31.64
C ILE E 471 -25.11 -12.66 -30.19
N GLU E 472 -26.36 -12.27 -29.94
CA GLU E 472 -26.93 -12.32 -28.60
C GLU E 472 -26.86 -13.72 -28.00
N ARG E 473 -27.28 -14.69 -28.80
CA ARG E 473 -27.37 -16.10 -28.45
C ARG E 473 -26.07 -16.79 -28.05
N PHE E 474 -24.99 -16.48 -28.73
CA PHE E 474 -23.72 -17.19 -28.52
C PHE E 474 -22.66 -16.71 -27.54
N TYR E 475 -22.94 -15.75 -26.68
CA TYR E 475 -21.89 -15.36 -25.74
C TYR E 475 -22.44 -15.22 -24.32
N LEU F 330 24.05 -37.13 -37.19
CA LEU F 330 23.95 -38.36 -37.98
C LEU F 330 22.55 -38.98 -37.81
N PRO F 331 21.68 -38.89 -38.82
CA PRO F 331 21.81 -38.33 -40.17
C PRO F 331 21.96 -36.82 -40.11
N ARG F 332 22.35 -36.22 -41.23
CA ARG F 332 22.51 -34.77 -41.26
C ARG F 332 21.25 -33.99 -41.57
N ALA F 333 20.09 -34.65 -41.57
CA ALA F 333 18.84 -33.97 -41.87
C ALA F 333 19.02 -33.22 -43.17
N LYS F 334 19.31 -33.97 -44.22
CA LYS F 334 19.62 -33.39 -45.51
C LYS F 334 18.51 -32.44 -45.83
N PRO F 335 18.76 -31.28 -46.45
CA PRO F 335 17.72 -30.39 -46.85
C PRO F 335 16.70 -31.26 -47.50
N LEU F 336 15.45 -30.91 -47.33
CA LEU F 336 14.43 -31.83 -47.79
C LEU F 336 14.54 -31.96 -49.30
N GLY F 337 14.66 -30.84 -49.99
CA GLY F 337 14.81 -30.95 -51.43
C GLY F 337 16.02 -31.80 -51.79
N GLU F 338 17.11 -31.74 -51.01
CA GLU F 338 18.31 -32.52 -51.32
C GLU F 338 18.00 -34.00 -51.34
N ILE F 339 17.34 -34.47 -50.30
CA ILE F 339 16.95 -35.86 -50.27
C ILE F 339 15.92 -36.20 -51.33
N LEU F 340 15.01 -35.29 -51.63
CA LEU F 340 14.12 -35.58 -52.72
C LEU F 340 14.89 -35.69 -54.04
N VAL F 341 15.91 -34.86 -54.24
CA VAL F 341 16.66 -34.95 -55.47
C VAL F 341 17.33 -36.31 -55.58
N GLU F 342 17.94 -36.77 -54.49
CA GLU F 342 18.61 -38.07 -54.51
C GLU F 342 17.63 -39.18 -54.87
N LEU F 343 16.40 -39.03 -54.40
CA LEU F 343 15.34 -39.99 -54.65
C LEU F 343 14.67 -39.80 -56.02
N GLY F 344 15.03 -38.74 -56.75
CA GLY F 344 14.45 -38.41 -58.05
C GLY F 344 13.10 -37.69 -57.91
N LEU F 345 12.80 -37.26 -56.70
CA LEU F 345 11.55 -36.66 -56.29
C LEU F 345 11.57 -35.11 -56.17
N ALA F 346 12.64 -34.50 -56.71
CA ALA F 346 12.88 -33.04 -56.73
C ALA F 346 13.96 -32.74 -57.74
N ARG F 347 14.20 -31.46 -58.03
CA ARG F 347 15.26 -31.17 -59.02
C ARG F 347 16.33 -30.17 -58.53
N PRO F 348 17.63 -30.53 -58.67
CA PRO F 348 18.78 -29.80 -58.16
C PRO F 348 18.96 -28.39 -58.71
N GLU F 349 18.40 -28.11 -59.89
CA GLU F 349 18.53 -26.78 -60.45
C GLU F 349 17.80 -25.81 -59.55
N ASP F 350 16.70 -26.31 -59.01
CA ASP F 350 15.80 -25.53 -58.21
C ASP F 350 16.26 -25.49 -56.77
N VAL F 351 16.96 -26.52 -56.30
CA VAL F 351 17.40 -26.42 -54.91
C VAL F 351 18.48 -25.33 -54.85
N GLU F 352 19.25 -25.18 -55.93
CA GLU F 352 20.23 -24.11 -55.94
C GLU F 352 19.54 -22.75 -56.00
N GLU F 353 18.49 -22.61 -56.81
CA GLU F 353 17.85 -21.30 -56.83
C GLU F 353 17.27 -20.99 -55.44
N ALA F 354 16.67 -22.00 -54.82
CA ALA F 354 16.08 -21.81 -53.50
C ALA F 354 17.16 -21.54 -52.45
N LEU F 355 18.35 -22.11 -52.62
CA LEU F 355 19.44 -21.85 -51.68
C LEU F 355 19.70 -20.36 -51.64
N GLN F 356 19.69 -19.75 -52.81
CA GLN F 356 19.93 -18.34 -52.89
C GLN F 356 18.72 -17.56 -52.31
N LYS F 357 17.51 -18.14 -52.39
CA LYS F 357 16.35 -17.46 -51.82
C LYS F 357 16.31 -17.50 -50.29
N GLN F 358 16.55 -18.69 -49.70
CA GLN F 358 16.44 -18.91 -48.24
C GLN F 358 17.48 -18.09 -47.50
N ARG F 359 18.55 -17.78 -48.21
CA ARG F 359 19.61 -16.91 -47.78
C ARG F 359 19.05 -15.62 -47.17
N ARG F 360 17.94 -15.12 -47.74
CA ARG F 360 17.30 -13.90 -47.30
C ARG F 360 15.81 -14.14 -47.06
N GLY F 361 15.33 -15.26 -47.56
CA GLY F 361 13.93 -15.64 -47.53
C GLY F 361 13.48 -16.11 -46.16
N GLY F 362 14.42 -16.44 -45.29
CA GLY F 362 14.07 -16.84 -43.92
C GLY F 362 13.69 -18.31 -43.84
N GLY F 363 12.69 -18.70 -44.60
CA GLY F 363 12.31 -20.10 -44.64
C GLY F 363 13.56 -20.83 -45.03
N ARG F 364 13.71 -22.06 -44.55
CA ARG F 364 14.92 -22.83 -44.81
C ARG F 364 14.88 -23.31 -46.22
N LEU F 365 15.99 -23.84 -46.73
CA LEU F 365 15.95 -24.32 -48.10
C LEU F 365 14.71 -25.14 -48.37
N GLU F 366 14.44 -26.13 -47.54
CA GLU F 366 13.25 -26.96 -47.71
C GLU F 366 11.93 -26.21 -47.59
N ASP F 367 11.90 -25.09 -46.88
CA ASP F 367 10.63 -24.42 -46.76
C ASP F 367 10.44 -23.64 -48.01
N THR F 368 11.53 -23.03 -48.48
CA THR F 368 11.41 -22.21 -49.65
C THR F 368 11.17 -23.11 -50.85
N LEU F 369 11.71 -24.32 -50.82
CA LEU F 369 11.48 -25.25 -51.90
C LEU F 369 10.10 -25.83 -51.93
N VAL F 370 9.55 -26.20 -50.78
CA VAL F 370 8.22 -26.74 -50.87
C VAL F 370 7.24 -25.63 -51.19
N GLN F 371 7.50 -24.43 -50.66
CA GLN F 371 6.67 -23.26 -50.89
C GLN F 371 6.73 -22.82 -52.35
N SER F 372 7.89 -22.98 -52.97
CA SER F 372 8.11 -22.58 -54.35
C SER F 372 7.72 -23.67 -55.36
N GLY F 373 7.38 -24.88 -54.89
CA GLY F 373 7.05 -25.97 -55.82
C GLY F 373 8.30 -26.54 -56.52
N LYS F 374 9.46 -26.41 -55.89
CA LYS F 374 10.75 -26.83 -56.45
C LYS F 374 11.20 -28.26 -56.09
N LEU F 375 10.34 -28.89 -55.32
CA LEU F 375 10.48 -30.26 -54.89
C LEU F 375 9.06 -30.77 -54.81
N ARG F 376 8.84 -32.07 -54.74
CA ARG F 376 7.46 -32.55 -54.68
C ARG F 376 6.94 -32.65 -53.22
N PRO F 377 6.01 -31.74 -52.76
CA PRO F 377 5.48 -31.59 -51.39
C PRO F 377 4.87 -32.84 -50.77
N GLU F 378 4.48 -33.79 -51.60
CA GLU F 378 3.87 -35.02 -51.11
C GLU F 378 4.93 -36.12 -51.06
N ALA F 379 5.82 -36.13 -52.06
CA ALA F 379 6.94 -37.08 -52.15
C ALA F 379 7.89 -36.79 -51.00
N LEU F 380 7.78 -35.55 -50.55
CA LEU F 380 8.44 -34.99 -49.39
C LEU F 380 8.29 -35.92 -48.24
N ALA F 381 7.12 -36.50 -48.04
CA ALA F 381 6.92 -37.35 -46.89
C ALA F 381 7.88 -38.55 -46.88
N GLN F 382 8.17 -39.12 -48.05
CA GLN F 382 9.05 -40.29 -48.13
C GLN F 382 10.47 -39.82 -47.83
N ALA F 383 10.76 -38.64 -48.36
CA ALA F 383 12.05 -38.01 -48.23
C ALA F 383 12.33 -37.50 -46.82
N VAL F 384 11.33 -36.95 -46.13
CA VAL F 384 11.49 -36.48 -44.76
C VAL F 384 11.72 -37.64 -43.86
N ALA F 385 10.95 -38.70 -44.08
CA ALA F 385 11.15 -39.89 -43.31
C ALA F 385 12.61 -40.33 -43.44
N THR F 386 13.10 -40.32 -44.69
CA THR F 386 14.48 -40.68 -45.00
C THR F 386 15.50 -39.69 -44.39
N GLN F 387 15.19 -38.41 -44.48
CA GLN F 387 15.97 -37.27 -44.00
C GLN F 387 16.29 -37.33 -42.51
N LEU F 388 15.25 -37.59 -41.73
CA LEU F 388 15.32 -37.55 -40.28
C LEU F 388 15.31 -38.91 -39.58
N GLY F 389 14.88 -39.98 -40.26
CA GLY F 389 14.73 -41.29 -39.60
C GLY F 389 13.36 -41.37 -38.93
N TYR F 390 12.39 -40.70 -39.55
CA TYR F 390 11.02 -40.59 -39.06
C TYR F 390 9.99 -41.40 -39.89
N PRO F 391 8.81 -41.71 -39.32
CA PRO F 391 7.63 -42.25 -40.01
C PRO F 391 7.01 -41.28 -41.02
N TYR F 392 6.21 -41.82 -41.95
CA TYR F 392 5.42 -41.01 -42.88
C TYR F 392 4.03 -41.63 -43.06
N VAL F 393 2.98 -40.80 -42.93
CA VAL F 393 1.56 -41.24 -42.94
C VAL F 393 0.60 -40.38 -43.77
N ASP F 394 -0.63 -40.89 -44.05
CA ASP F 394 -1.67 -40.02 -44.60
C ASP F 394 -3.01 -40.12 -43.82
N PRO F 395 -3.23 -39.19 -42.87
CA PRO F 395 -4.30 -39.00 -41.92
C PRO F 395 -5.70 -38.87 -42.49
N GLU F 396 -5.87 -38.83 -43.82
CA GLU F 396 -7.23 -38.76 -44.29
C GLU F 396 -7.87 -39.99 -43.73
N GLU F 397 -7.11 -41.07 -43.75
CA GLU F 397 -7.57 -42.32 -43.24
C GLU F 397 -6.65 -42.97 -42.20
N ASP F 398 -5.34 -42.65 -42.19
CA ASP F 398 -4.47 -43.27 -41.18
C ASP F 398 -5.16 -42.92 -39.85
N PRO F 399 -5.65 -43.89 -39.07
CA PRO F 399 -6.59 -43.71 -37.98
C PRO F 399 -6.14 -42.96 -36.71
N PRO F 400 -7.13 -42.34 -36.04
CA PRO F 400 -7.05 -41.58 -34.82
C PRO F 400 -6.96 -42.44 -33.57
N ASP F 401 -5.76 -42.88 -33.20
CA ASP F 401 -5.60 -43.67 -31.96
C ASP F 401 -6.54 -43.09 -30.90
N PRO F 402 -7.35 -43.88 -30.18
CA PRO F 402 -8.30 -43.40 -29.17
C PRO F 402 -7.78 -42.33 -28.21
N GLY F 403 -6.48 -42.31 -27.90
CA GLY F 403 -5.98 -41.29 -26.96
C GLY F 403 -5.47 -40.04 -27.68
N ALA F 404 -5.45 -40.09 -29.00
CA ALA F 404 -4.91 -39.02 -29.81
C ALA F 404 -5.52 -37.65 -29.57
N PRO F 405 -6.85 -37.44 -29.50
CA PRO F 405 -7.45 -36.15 -29.28
C PRO F 405 -7.30 -35.67 -27.85
N LEU F 406 -6.91 -36.56 -26.96
CA LEU F 406 -6.83 -36.21 -25.57
C LEU F 406 -5.42 -35.74 -25.37
N LEU F 407 -4.53 -36.46 -26.02
CA LEU F 407 -3.14 -36.16 -26.07
C LEU F 407 -2.93 -34.87 -26.77
N LEU F 408 -3.53 -34.73 -27.92
CA LEU F 408 -3.33 -33.52 -28.64
C LEU F 408 -4.68 -32.86 -28.91
N PRO F 409 -5.07 -31.84 -28.10
CA PRO F 409 -6.34 -31.16 -28.19
C PRO F 409 -6.42 -30.25 -29.40
N GLU F 410 -7.63 -29.80 -29.76
CA GLU F 410 -7.81 -28.89 -30.91
C GLU F 410 -6.89 -27.68 -30.96
N ASP F 411 -6.64 -27.04 -29.82
CA ASP F 411 -5.77 -25.86 -29.84
C ASP F 411 -4.41 -26.25 -30.39
N LEU F 412 -3.85 -27.33 -29.84
CA LEU F 412 -2.53 -27.82 -30.18
C LEU F 412 -2.52 -28.36 -31.61
N CYS F 413 -3.61 -29.04 -31.99
CA CYS F 413 -3.76 -29.62 -33.31
C CYS F 413 -3.56 -28.57 -34.37
N ARG F 414 -4.33 -27.49 -34.22
CA ARG F 414 -4.32 -26.40 -35.17
C ARG F 414 -3.02 -25.61 -35.10
N ARG F 415 -2.45 -25.46 -33.91
CA ARG F 415 -1.21 -24.70 -33.78
C ARG F 415 -0.04 -25.29 -34.57
N TYR F 416 0.10 -26.62 -34.61
CA TYR F 416 1.26 -27.14 -35.33
C TYR F 416 0.99 -28.10 -36.50
N GLY F 417 -0.28 -28.43 -36.81
CA GLY F 417 -0.50 -29.37 -37.90
C GLY F 417 -0.19 -30.77 -37.39
N VAL F 418 -0.74 -31.05 -36.20
CA VAL F 418 -0.47 -32.29 -35.50
C VAL F 418 -1.63 -33.10 -34.89
N PHE F 419 -1.42 -34.42 -34.80
CA PHE F 419 -2.38 -35.36 -34.16
C PHE F 419 -1.69 -36.72 -33.92
N PRO F 420 -1.86 -37.36 -32.82
CA PRO F 420 -1.29 -38.68 -32.63
C PRO F 420 -1.86 -39.77 -33.51
N HIS F 421 -0.99 -40.75 -33.78
CA HIS F 421 -1.34 -42.00 -34.41
C HIS F 421 -1.10 -43.00 -33.31
N ARG F 422 -0.75 -44.24 -33.60
CA ARG F 422 -0.69 -45.17 -32.49
C ARG F 422 0.21 -44.70 -31.36
N LEU F 423 -0.25 -44.96 -30.15
CA LEU F 423 0.54 -44.66 -28.96
C LEU F 423 1.08 -45.96 -28.38
N GLU F 424 2.34 -45.93 -27.92
CA GLU F 424 3.00 -47.06 -27.29
C GLU F 424 3.51 -46.64 -25.92
N GLY F 425 2.67 -46.78 -24.89
CA GLY F 425 3.05 -46.20 -23.60
C GLY F 425 3.12 -44.70 -23.82
N ASN F 426 4.27 -44.09 -23.51
CA ASN F 426 4.40 -42.64 -23.71
C ASN F 426 4.98 -42.31 -25.08
N ARG F 427 5.27 -43.34 -25.86
CA ARG F 427 5.85 -43.14 -27.17
C ARG F 427 4.78 -42.83 -28.20
N LEU F 428 4.93 -41.68 -28.78
CA LEU F 428 4.00 -41.13 -29.72
C LEU F 428 4.36 -41.15 -31.19
N VAL F 429 3.50 -41.73 -32.01
CA VAL F 429 3.70 -41.54 -33.43
C VAL F 429 2.97 -40.23 -33.69
N LEU F 430 3.73 -39.20 -34.00
CA LEU F 430 3.15 -37.85 -34.06
C LEU F 430 2.91 -37.31 -35.41
N LEU F 431 1.66 -37.20 -35.79
CA LEU F 431 1.38 -36.63 -37.07
C LEU F 431 1.92 -35.26 -37.08
N MET F 432 2.69 -34.96 -38.08
CA MET F 432 3.32 -33.67 -38.18
C MET F 432 3.39 -33.18 -39.61
N LYS F 433 2.89 -31.99 -39.85
CA LYS F 433 2.97 -31.41 -41.20
C LYS F 433 4.39 -31.50 -41.79
N ASP F 434 5.41 -31.11 -41.02
CA ASP F 434 6.78 -31.26 -41.52
C ASP F 434 7.80 -31.27 -40.37
N PRO F 435 8.23 -32.47 -39.91
CA PRO F 435 9.15 -32.72 -38.83
C PRO F 435 10.50 -32.03 -38.97
N ARG F 436 10.86 -31.55 -40.16
CA ARG F 436 12.13 -30.86 -40.29
C ARG F 436 12.08 -29.57 -39.47
N ASN F 437 10.89 -29.00 -39.32
CA ASN F 437 10.76 -27.76 -38.57
C ASN F 437 10.89 -28.06 -37.09
N ILE F 438 12.14 -28.08 -36.64
CA ILE F 438 12.45 -28.42 -35.26
C ILE F 438 11.86 -27.43 -34.28
N LEU F 439 11.71 -26.17 -34.69
CA LEU F 439 11.12 -25.19 -33.78
C LEU F 439 9.69 -25.60 -33.47
N ALA F 440 8.92 -25.92 -34.51
CA ALA F 440 7.56 -26.34 -34.30
C ALA F 440 7.55 -27.61 -33.45
N LEU F 441 8.48 -28.54 -33.73
CA LEU F 441 8.51 -29.74 -32.92
C LEU F 441 8.84 -29.44 -31.48
N ASP F 442 9.70 -28.45 -31.18
CA ASP F 442 9.99 -28.16 -29.78
C ASP F 442 8.75 -27.63 -29.04
N ASP F 443 7.90 -26.83 -29.70
CA ASP F 443 6.70 -26.43 -28.95
C ASP F 443 5.79 -27.63 -28.74
N VAL F 444 5.70 -28.52 -29.75
CA VAL F 444 4.85 -29.69 -29.66
C VAL F 444 5.40 -30.64 -28.61
N ARG F 445 6.71 -30.78 -28.57
CA ARG F 445 7.43 -31.61 -27.62
C ARG F 445 7.00 -31.28 -26.22
N LEU F 446 7.02 -30.00 -25.91
CA LEU F 446 6.63 -29.60 -24.59
C LEU F 446 5.13 -29.82 -24.40
N ALA F 447 4.33 -29.44 -25.39
CA ALA F 447 2.91 -29.56 -25.22
C ALA F 447 2.43 -30.99 -24.99
N LEU F 448 3.00 -31.95 -25.71
CA LEU F 448 2.57 -33.34 -25.63
C LEU F 448 3.28 -34.13 -24.56
N LYS F 449 4.03 -33.41 -23.76
CA LYS F 449 4.73 -33.92 -22.61
C LYS F 449 3.89 -33.52 -21.40
N ARG F 450 3.01 -32.54 -21.61
CA ARG F 450 2.14 -31.97 -20.61
C ARG F 450 0.71 -32.52 -20.80
N LYS F 451 0.27 -32.60 -22.06
CA LYS F 451 -1.04 -33.14 -22.40
C LYS F 451 -0.91 -34.63 -22.64
N GLY F 452 -1.79 -35.44 -22.02
CA GLY F 452 -1.81 -36.87 -22.32
C GLY F 452 -0.63 -37.70 -21.79
N LEU F 453 0.47 -37.61 -22.54
CA LEU F 453 1.68 -38.41 -22.32
C LEU F 453 2.87 -37.59 -21.85
N ASN F 454 3.96 -38.30 -21.57
CA ASN F 454 5.25 -37.72 -21.17
C ASN F 454 6.21 -37.63 -22.37
N TYR F 455 5.59 -37.77 -23.54
CA TYR F 455 6.18 -37.73 -24.88
C TYR F 455 7.29 -38.78 -25.03
N GLU F 456 8.11 -38.60 -26.08
CA GLU F 456 9.00 -39.59 -26.70
C GLU F 456 8.31 -39.72 -28.04
N VAL F 457 9.01 -39.46 -29.13
CA VAL F 457 8.26 -39.33 -30.35
C VAL F 457 8.92 -39.78 -31.62
N ALA F 458 8.07 -40.21 -32.52
CA ALA F 458 8.39 -40.58 -33.88
C ALA F 458 7.48 -39.78 -34.82
N PRO F 459 7.83 -38.52 -35.17
CA PRO F 459 7.02 -37.65 -35.97
C PRO F 459 6.68 -38.38 -37.23
N ALA F 460 5.44 -38.26 -37.64
CA ALA F 460 4.93 -38.92 -38.80
C ALA F 460 4.56 -37.90 -39.85
N VAL F 461 5.47 -37.67 -40.77
CA VAL F 461 5.26 -36.61 -41.74
C VAL F 461 4.02 -36.84 -42.59
N ALA F 462 3.24 -35.78 -42.82
CA ALA F 462 2.03 -35.90 -43.63
C ALA F 462 1.55 -34.62 -44.24
N THR F 463 0.82 -34.71 -45.34
CA THR F 463 0.17 -33.54 -45.92
C THR F 463 -0.82 -32.93 -44.95
N GLU F 464 -0.86 -31.60 -44.93
CA GLU F 464 -1.78 -30.85 -44.09
C GLU F 464 -3.25 -31.12 -44.43
N ALA F 465 -3.57 -31.46 -45.69
CA ALA F 465 -5.00 -31.65 -46.01
C ALA F 465 -5.56 -32.80 -45.19
N ALA F 466 -4.79 -33.85 -45.16
CA ALA F 466 -5.11 -35.07 -44.45
C ALA F 466 -5.13 -34.83 -42.98
N ILE F 467 -4.14 -34.05 -42.51
CA ILE F 467 -4.03 -33.80 -41.09
C ILE F 467 -5.27 -33.10 -40.62
N THR F 468 -5.68 -32.06 -41.35
CA THR F 468 -6.85 -31.29 -41.00
C THR F 468 -8.05 -32.19 -40.85
N LYS F 469 -8.26 -33.09 -41.82
CA LYS F 469 -9.41 -33.96 -41.72
C LYS F 469 -9.31 -34.84 -40.47
N LEU F 470 -8.10 -35.36 -40.16
CA LEU F 470 -7.94 -36.19 -38.96
C LEU F 470 -8.26 -35.37 -37.70
N ILE F 471 -7.98 -34.08 -37.72
CA ILE F 471 -8.22 -33.31 -36.52
C ILE F 471 -9.69 -33.06 -36.32
N GLU F 472 -10.30 -32.49 -37.35
CA GLU F 472 -11.68 -32.03 -37.29
C GLU F 472 -12.68 -33.17 -37.10
N ARG F 473 -12.41 -34.35 -37.65
CA ARG F 473 -13.33 -35.46 -37.47
C ARG F 473 -13.19 -36.17 -36.13
N PHE F 474 -12.08 -35.95 -35.39
CA PHE F 474 -11.86 -36.77 -34.20
C PHE F 474 -11.66 -36.04 -32.86
N TYR F 475 -11.32 -34.75 -32.86
CA TYR F 475 -11.19 -34.09 -31.57
C TYR F 475 -12.57 -33.73 -31.03
N LEU G 330 21.50 -41.78 10.38
CA LEU G 330 21.70 -42.87 11.32
C LEU G 330 20.48 -43.77 11.55
N PRO G 331 20.70 -45.04 11.88
CA PRO G 331 21.94 -45.80 11.98
C PRO G 331 22.47 -46.18 10.62
N ARG G 332 23.75 -46.50 10.48
CA ARG G 332 24.16 -47.06 9.19
C ARG G 332 23.62 -48.49 9.11
N ALA G 333 23.49 -49.10 10.30
CA ALA G 333 23.02 -50.46 10.46
C ALA G 333 23.82 -51.40 9.57
N LYS G 334 23.17 -52.12 8.64
CA LYS G 334 23.91 -53.03 7.74
C LYS G 334 23.98 -52.37 6.35
N PRO G 335 25.04 -51.63 6.01
CA PRO G 335 25.16 -50.76 4.85
C PRO G 335 24.80 -51.41 3.55
N LEU G 336 24.35 -50.61 2.61
CA LEU G 336 24.02 -51.12 1.30
C LEU G 336 25.23 -51.79 0.64
N GLY G 337 26.42 -51.25 0.88
CA GLY G 337 27.62 -51.85 0.28
C GLY G 337 27.92 -53.24 0.85
N GLU G 338 27.30 -53.58 1.97
CA GLU G 338 27.43 -54.86 2.63
C GLU G 338 26.28 -55.79 2.25
N ILE G 339 25.05 -55.29 2.38
CA ILE G 339 23.89 -56.14 2.16
C ILE G 339 23.48 -56.29 0.74
N LEU G 340 23.82 -55.36 -0.14
CA LEU G 340 23.44 -55.60 -1.51
C LEU G 340 24.23 -56.81 -1.98
N VAL G 341 25.41 -56.99 -1.38
CA VAL G 341 26.23 -58.14 -1.67
C VAL G 341 25.63 -59.39 -1.01
N GLU G 342 25.37 -59.33 0.31
CA GLU G 342 24.80 -60.47 1.03
C GLU G 342 23.49 -60.98 0.42
N LEU G 343 22.66 -60.05 -0.01
CA LEU G 343 21.34 -60.31 -0.56
C LEU G 343 21.35 -60.75 -2.02
N GLY G 344 22.52 -60.72 -2.68
CA GLY G 344 22.60 -61.11 -4.08
C GLY G 344 22.06 -60.06 -5.04
N LEU G 345 22.08 -58.79 -4.63
CA LEU G 345 21.55 -57.73 -5.47
C LEU G 345 22.67 -57.10 -6.29
N ALA G 346 23.82 -56.90 -5.66
CA ALA G 346 24.94 -56.26 -6.33
C ALA G 346 26.20 -57.02 -5.97
N ARG G 347 27.14 -57.13 -6.88
CA ARG G 347 28.36 -57.84 -6.55
C ARG G 347 29.20 -56.89 -5.72
N PRO G 348 30.16 -57.34 -4.91
CA PRO G 348 31.11 -56.49 -4.21
C PRO G 348 31.68 -55.44 -5.16
N GLU G 349 31.87 -55.85 -6.41
CA GLU G 349 32.41 -54.98 -7.44
C GLU G 349 31.41 -53.92 -7.87
N ASP G 350 30.11 -54.22 -7.80
CA ASP G 350 29.12 -53.28 -8.26
C ASP G 350 28.90 -52.25 -7.21
N VAL G 351 28.94 -52.70 -5.96
CA VAL G 351 28.75 -51.71 -4.94
C VAL G 351 30.00 -50.86 -4.86
N GLU G 352 31.18 -51.44 -5.13
CA GLU G 352 32.38 -50.63 -5.05
C GLU G 352 32.48 -49.64 -6.20
N GLU G 353 32.16 -50.05 -7.45
CA GLU G 353 32.27 -49.05 -8.51
C GLU G 353 31.31 -47.92 -8.20
N ALA G 354 30.12 -48.26 -7.72
CA ALA G 354 29.13 -47.27 -7.38
C ALA G 354 29.64 -46.37 -6.23
N LEU G 355 30.32 -46.96 -5.24
CA LEU G 355 30.88 -46.18 -4.14
C LEU G 355 31.98 -45.25 -4.66
N GLN G 356 32.76 -45.70 -5.63
CA GLN G 356 33.80 -44.85 -6.17
C GLN G 356 33.19 -43.74 -7.02
N LYS G 357 32.05 -44.00 -7.65
CA LYS G 357 31.46 -42.93 -8.42
C LYS G 357 30.95 -41.85 -7.49
N GLN G 358 30.27 -42.24 -6.41
CA GLN G 358 29.77 -41.22 -5.45
C GLN G 358 30.90 -40.52 -4.73
N ARG G 359 32.05 -41.19 -4.63
CA ARG G 359 33.22 -40.59 -4.02
C ARG G 359 33.53 -39.25 -4.68
N ARG G 360 33.20 -39.13 -5.97
CA ARG G 360 33.45 -37.92 -6.71
C ARG G 360 32.14 -37.20 -7.06
N GLY G 361 31.06 -37.98 -7.28
CA GLY G 361 29.75 -37.48 -7.70
C GLY G 361 28.86 -36.92 -6.58
N GLY G 362 29.11 -37.30 -5.32
CA GLY G 362 28.35 -36.82 -4.16
C GLY G 362 27.04 -37.55 -3.81
N GLY G 363 26.72 -38.64 -4.52
CA GLY G 363 25.47 -39.35 -4.24
C GLY G 363 25.64 -40.43 -3.18
N ARG G 364 24.59 -41.23 -3.01
CA ARG G 364 24.58 -42.35 -2.06
C ARG G 364 24.79 -43.63 -2.83
N LEU G 365 25.14 -44.73 -2.17
CA LEU G 365 25.27 -46.00 -2.90
C LEU G 365 23.99 -46.35 -3.62
N GLU G 366 22.86 -46.08 -2.97
CA GLU G 366 21.61 -46.33 -3.62
C GLU G 366 21.42 -45.50 -4.90
N ASP G 367 22.09 -44.34 -4.99
CA ASP G 367 21.91 -43.51 -6.16
C ASP G 367 22.84 -43.97 -7.23
N THR G 368 24.06 -44.30 -6.84
CA THR G 368 25.03 -44.68 -7.84
C THR G 368 24.76 -46.05 -8.43
N LEU G 369 24.17 -46.96 -7.67
CA LEU G 369 23.80 -48.24 -8.26
C LEU G 369 22.63 -48.10 -9.20
N VAL G 370 21.66 -47.24 -8.89
CA VAL G 370 20.55 -47.07 -9.82
C VAL G 370 21.00 -46.26 -11.05
N GLN G 371 21.75 -45.17 -10.84
CA GLN G 371 22.24 -44.30 -11.91
C GLN G 371 23.15 -45.04 -12.88
N SER G 372 23.93 -46.00 -12.36
CA SER G 372 24.85 -46.79 -13.17
C SER G 372 24.13 -47.89 -13.94
N GLY G 373 22.84 -48.11 -13.65
CA GLY G 373 22.09 -49.18 -14.28
C GLY G 373 22.36 -50.54 -13.63
N LYS G 374 22.98 -50.53 -12.45
CA LYS G 374 23.35 -51.76 -11.76
C LYS G 374 22.18 -52.35 -10.98
N LEU G 375 21.47 -51.50 -10.24
CA LEU G 375 20.33 -51.96 -9.45
C LEU G 375 19.00 -51.29 -9.74
N ARG G 376 17.98 -52.08 -9.48
CA ARG G 376 16.58 -51.73 -9.53
C ARG G 376 16.27 -50.89 -8.30
N PRO G 377 15.39 -49.87 -8.36
CA PRO G 377 15.05 -49.07 -7.19
C PRO G 377 14.44 -49.95 -6.10
N GLU G 378 13.83 -51.09 -6.50
CA GLU G 378 13.27 -52.05 -5.55
C GLU G 378 14.38 -52.72 -4.78
N ALA G 379 15.52 -52.96 -5.44
CA ALA G 379 16.64 -53.62 -4.81
C ALA G 379 17.17 -52.74 -3.72
N LEU G 380 17.21 -51.44 -4.01
CA LEU G 380 17.77 -50.57 -3.00
C LEU G 380 16.79 -50.31 -1.88
N ALA G 381 15.52 -50.12 -2.19
CA ALA G 381 14.57 -49.83 -1.13
C ALA G 381 14.38 -51.03 -0.21
N GLN G 382 14.30 -52.22 -0.82
CA GLN G 382 14.13 -53.43 -0.04
C GLN G 382 15.40 -53.70 0.74
N ALA G 383 16.57 -53.42 0.12
CA ALA G 383 17.82 -53.59 0.84
C ALA G 383 17.84 -52.64 2.01
N VAL G 384 17.35 -51.42 1.85
CA VAL G 384 17.30 -50.50 2.96
C VAL G 384 16.37 -51.02 4.04
N ALA G 385 15.23 -51.61 3.67
CA ALA G 385 14.35 -52.16 4.70
C ALA G 385 15.13 -53.18 5.52
N THR G 386 15.91 -54.01 4.82
CA THR G 386 16.76 -55.02 5.46
C THR G 386 17.84 -54.36 6.31
N GLN G 387 18.44 -53.31 5.76
CA GLN G 387 19.49 -52.55 6.39
C GLN G 387 19.08 -52.00 7.71
N LEU G 388 17.90 -51.41 7.75
CA LEU G 388 17.43 -50.74 8.94
C LEU G 388 16.50 -51.58 9.81
N GLY G 389 15.91 -52.65 9.24
CA GLY G 389 14.95 -53.47 9.99
C GLY G 389 13.59 -52.79 10.04
N TYR G 390 13.29 -52.04 8.98
CA TYR G 390 12.07 -51.26 8.89
C TYR G 390 11.06 -51.89 7.93
N PRO G 391 9.78 -51.54 8.03
CA PRO G 391 8.74 -51.97 7.11
C PRO G 391 9.03 -51.54 5.68
N TYR G 392 8.58 -52.36 4.74
CA TYR G 392 8.71 -52.03 3.32
C TYR G 392 7.32 -51.71 2.79
N VAL G 393 7.22 -50.63 2.07
CA VAL G 393 5.97 -50.14 1.53
C VAL G 393 5.95 -50.17 0.01
N ASP G 394 4.81 -50.55 -0.59
CA ASP G 394 4.65 -50.43 -2.04
C ASP G 394 3.68 -49.26 -2.34
N PRO G 395 4.19 -48.01 -2.41
CA PRO G 395 3.51 -46.75 -2.54
C PRO G 395 2.70 -46.61 -3.81
N GLU G 396 2.86 -47.55 -4.75
CA GLU G 396 2.11 -47.44 -5.98
C GLU G 396 0.64 -47.67 -5.64
N GLU G 397 0.42 -48.53 -4.63
CA GLU G 397 -0.91 -48.91 -4.21
C GLU G 397 -1.23 -48.60 -2.76
N ASP G 398 -0.22 -48.37 -1.93
CA ASP G 398 -0.45 -48.19 -0.50
C ASP G 398 -1.65 -47.29 -0.20
N PRO G 399 -2.59 -47.74 0.68
CA PRO G 399 -3.77 -47.06 1.22
C PRO G 399 -3.47 -46.48 2.62
N PRO G 400 -2.63 -45.45 2.73
CA PRO G 400 -1.93 -45.01 3.92
C PRO G 400 -2.79 -44.35 4.95
N ASP G 401 -3.78 -45.06 5.48
CA ASP G 401 -4.70 -44.46 6.44
C ASP G 401 -5.04 -43.03 5.99
N PRO G 402 -5.50 -42.86 4.74
CA PRO G 402 -5.53 -41.62 3.96
C PRO G 402 -5.96 -40.34 4.66
N GLY G 403 -6.83 -40.40 5.66
CA GLY G 403 -7.27 -39.15 6.29
C GLY G 403 -6.43 -38.71 7.49
N ALA G 404 -5.56 -39.59 7.95
CA ALA G 404 -4.78 -39.37 9.15
C ALA G 404 -3.48 -38.54 8.98
N PRO G 405 -2.56 -38.93 8.08
CA PRO G 405 -1.26 -38.33 7.96
C PRO G 405 -1.28 -36.92 7.45
N LEU G 406 -2.46 -36.51 6.97
CA LEU G 406 -2.69 -35.25 6.30
C LEU G 406 -2.43 -34.05 7.20
N LEU G 407 -2.27 -34.29 8.49
CA LEU G 407 -1.89 -33.20 9.36
C LEU G 407 -0.57 -32.55 8.84
N LEU G 408 0.32 -33.36 8.20
CA LEU G 408 1.60 -32.86 7.68
C LEU G 408 1.35 -32.05 6.39
N PRO G 409 1.79 -30.78 6.27
CA PRO G 409 1.59 -29.99 5.08
C PRO G 409 2.10 -30.69 3.85
N GLU G 410 1.33 -30.59 2.79
CA GLU G 410 1.62 -31.22 1.52
C GLU G 410 2.95 -30.77 0.95
N ASP G 411 3.29 -29.52 1.25
CA ASP G 411 4.52 -28.95 0.75
C ASP G 411 5.71 -29.53 1.49
N LEU G 412 5.54 -29.90 2.76
CA LEU G 412 6.65 -30.44 3.52
C LEU G 412 6.94 -31.79 2.92
N CYS G 413 5.87 -32.53 2.69
CA CYS G 413 5.96 -33.86 2.13
C CYS G 413 6.84 -33.82 0.89
N ARG G 414 6.48 -32.93 -0.02
CA ARG G 414 7.20 -32.76 -1.27
C ARG G 414 8.62 -32.20 -1.09
N ARG G 415 8.83 -31.30 -0.14
CA ARG G 415 10.15 -30.73 0.10
C ARG G 415 11.18 -31.78 0.49
N TYR G 416 10.77 -32.76 1.30
CA TYR G 416 11.71 -33.78 1.74
C TYR G 416 11.53 -35.16 1.11
N GLY G 417 10.45 -35.39 0.36
CA GLY G 417 10.25 -36.71 -0.23
C GLY G 417 9.78 -37.69 0.83
N VAL G 418 8.93 -37.20 1.72
CA VAL G 418 8.45 -38.00 2.82
C VAL G 418 6.95 -38.22 2.73
N PHE G 419 6.53 -39.39 3.14
CA PHE G 419 5.13 -39.70 3.11
C PHE G 419 4.59 -40.31 4.41
N PRO G 420 4.09 -39.51 5.34
CA PRO G 420 3.49 -39.99 6.57
C PRO G 420 2.25 -40.80 6.23
N HIS G 421 1.98 -41.86 7.02
CA HIS G 421 0.82 -42.77 6.83
C HIS G 421 -0.18 -42.80 8.02
N ARG G 422 -0.18 -43.90 8.78
CA ARG G 422 -1.16 -44.10 9.84
C ARG G 422 -0.96 -43.38 11.12
N LEU G 423 -2.07 -42.83 11.62
CA LEU G 423 -2.07 -42.26 12.97
C LEU G 423 -2.71 -43.24 13.92
N GLU G 424 -2.13 -43.34 15.08
CA GLU G 424 -2.69 -44.17 16.13
C GLU G 424 -2.40 -43.48 17.42
N GLY G 425 -3.44 -42.99 18.04
CA GLY G 425 -3.22 -42.13 19.17
C GLY G 425 -2.44 -40.96 18.60
N ASN G 426 -1.32 -40.62 19.21
CA ASN G 426 -0.51 -39.52 18.73
C ASN G 426 0.68 -39.94 17.89
N ARG G 427 0.80 -41.25 17.59
CA ARG G 427 1.93 -41.80 16.86
C ARG G 427 1.71 -41.76 15.36
N LEU G 428 2.81 -41.72 14.59
CA LEU G 428 2.69 -41.72 13.12
C LEU G 428 3.77 -42.51 12.37
N VAL G 429 3.34 -43.31 11.39
CA VAL G 429 4.28 -44.06 10.53
C VAL G 429 4.86 -43.17 9.40
N LEU G 430 6.19 -43.21 9.14
CA LEU G 430 6.74 -42.36 8.06
C LEU G 430 7.55 -43.05 6.97
N LEU G 431 7.13 -42.88 5.73
CA LEU G 431 7.83 -43.44 4.59
C LEU G 431 8.82 -42.51 3.89
N MET G 432 10.05 -43.00 3.76
CA MET G 432 11.18 -42.31 3.13
C MET G 432 11.87 -43.24 2.12
N LYS G 433 12.63 -42.69 1.16
CA LYS G 433 13.34 -43.63 0.27
C LYS G 433 14.44 -44.36 1.05
N ASP G 434 14.84 -43.75 2.16
CA ASP G 434 15.84 -44.26 3.08
C ASP G 434 15.66 -43.61 4.47
N PRO G 435 14.98 -44.27 5.41
CA PRO G 435 14.67 -43.82 6.75
C PRO G 435 15.86 -43.46 7.61
N ARG G 436 17.05 -43.79 7.14
CA ARG G 436 18.30 -43.45 7.79
C ARG G 436 18.36 -41.91 7.87
N ASN G 437 17.63 -41.25 6.95
CA ASN G 437 17.54 -39.80 6.87
C ASN G 437 16.65 -39.25 8.00
N ILE G 438 17.23 -39.18 9.19
CA ILE G 438 16.48 -38.70 10.34
C ILE G 438 16.07 -37.25 10.20
N LEU G 439 16.69 -36.52 9.28
CA LEU G 439 16.26 -35.16 9.02
C LEU G 439 14.80 -35.21 8.60
N ALA G 440 14.49 -36.13 7.69
CA ALA G 440 13.15 -36.27 7.16
C ALA G 440 12.18 -36.61 8.27
N LEU G 441 12.63 -37.46 9.20
CA LEU G 441 11.77 -37.82 10.34
C LEU G 441 11.45 -36.57 11.18
N ASP G 442 12.46 -35.70 11.38
CA ASP G 442 12.30 -34.49 12.18
C ASP G 442 11.56 -33.32 11.49
N ASP G 443 11.64 -33.18 10.16
CA ASP G 443 10.86 -32.09 9.56
C ASP G 443 9.40 -32.49 9.58
N VAL G 444 9.14 -33.76 9.43
CA VAL G 444 7.78 -34.23 9.55
C VAL G 444 7.28 -33.97 10.97
N ARG G 445 8.11 -34.31 11.99
CA ARG G 445 7.80 -34.08 13.39
C ARG G 445 7.41 -32.66 13.66
N LEU G 446 8.21 -31.72 13.15
CA LEU G 446 7.95 -30.32 13.40
C LEU G 446 6.60 -29.87 13.00
N ALA G 447 6.24 -30.08 11.74
CA ALA G 447 4.96 -29.57 11.35
C ALA G 447 3.83 -30.29 12.07
N LEU G 448 3.94 -31.59 12.23
CA LEU G 448 2.87 -32.36 12.84
C LEU G 448 2.66 -32.13 14.31
N LYS G 449 3.75 -31.95 15.04
CA LYS G 449 3.64 -31.76 16.46
C LYS G 449 3.15 -30.35 16.68
N ARG G 450 3.69 -29.40 15.91
CA ARG G 450 3.26 -28.02 15.96
C ARG G 450 1.76 -27.92 15.70
N LYS G 451 1.29 -28.76 14.77
CA LYS G 451 -0.11 -28.80 14.37
C LYS G 451 -1.02 -29.75 15.17
N GLY G 452 -0.53 -30.44 16.23
CA GLY G 452 -1.43 -31.29 17.00
C GLY G 452 -1.04 -32.72 17.45
N LEU G 453 0.06 -33.30 16.98
CA LEU G 453 0.39 -34.66 17.47
C LEU G 453 1.46 -34.67 18.53
N ASN G 454 1.37 -35.54 19.52
CA ASN G 454 2.54 -35.68 20.42
C ASN G 454 3.69 -36.29 19.59
N TYR G 455 3.30 -37.03 18.55
CA TYR G 455 4.17 -37.66 17.57
C TYR G 455 4.90 -38.86 18.16
N GLU G 456 6.15 -39.03 17.77
CA GLU G 456 6.98 -40.22 17.88
C GLU G 456 6.62 -41.09 16.67
N VAL G 457 7.66 -41.39 15.90
CA VAL G 457 7.52 -41.95 14.57
C VAL G 457 8.13 -43.31 14.29
N ALA G 458 7.36 -44.08 13.53
CA ALA G 458 7.73 -45.41 13.08
C ALA G 458 8.10 -45.38 11.59
N PRO G 459 9.37 -45.34 11.21
CA PRO G 459 9.85 -45.20 9.85
C PRO G 459 9.57 -46.42 8.98
N ALA G 460 9.47 -46.19 7.67
CA ALA G 460 9.26 -47.23 6.65
C ALA G 460 9.98 -46.83 5.35
N VAL G 461 10.26 -47.81 4.47
CA VAL G 461 11.00 -47.50 3.23
C VAL G 461 10.37 -48.00 1.93
N ALA G 462 10.53 -47.21 0.86
CA ALA G 462 10.05 -47.63 -0.45
C ALA G 462 10.83 -47.03 -1.59
N THR G 463 10.49 -47.44 -2.81
CA THR G 463 11.23 -47.10 -4.02
C THR G 463 11.13 -45.70 -4.58
N GLU G 464 11.54 -44.73 -3.77
CA GLU G 464 11.65 -43.31 -4.10
C GLU G 464 10.60 -42.72 -5.02
N ALA G 465 10.62 -43.10 -6.29
CA ALA G 465 9.69 -42.57 -7.27
C ALA G 465 8.29 -42.92 -6.86
N ALA G 466 8.16 -44.13 -6.35
CA ALA G 466 6.86 -44.61 -5.91
C ALA G 466 6.39 -43.76 -4.73
N ILE G 467 7.32 -43.36 -3.87
CA ILE G 467 6.96 -42.61 -2.67
C ILE G 467 6.38 -41.29 -3.10
N THR G 468 7.03 -40.67 -4.09
CA THR G 468 6.54 -39.41 -4.62
C THR G 468 5.12 -39.58 -5.14
N LYS G 469 4.84 -40.67 -5.85
CA LYS G 469 3.50 -40.88 -6.39
C LYS G 469 2.51 -40.99 -5.24
N LEU G 470 2.92 -41.64 -4.15
CA LEU G 470 2.05 -41.78 -3.00
C LEU G 470 1.80 -40.37 -2.43
N ILE G 471 2.84 -39.53 -2.38
CA ILE G 471 2.68 -38.18 -1.87
C ILE G 471 1.69 -37.44 -2.73
N GLU G 472 1.84 -37.52 -4.05
CA GLU G 472 0.90 -36.82 -4.90
C GLU G 472 -0.52 -37.38 -4.78
N ARG G 473 -0.67 -38.71 -4.57
CA ARG G 473 -2.02 -39.26 -4.45
C ARG G 473 -2.75 -38.78 -3.19
N PHE G 474 -2.02 -38.55 -2.10
CA PHE G 474 -2.69 -38.16 -0.84
C PHE G 474 -2.50 -36.72 -0.35
N TYR G 475 -1.46 -36.02 -0.80
CA TYR G 475 -1.21 -34.67 -0.32
C TYR G 475 -1.42 -33.64 -1.42
N GLN H 163 -1.46 -63.80 -19.52
CA GLN H 163 -1.82 -62.47 -19.97
C GLN H 163 -0.60 -61.55 -20.03
N LYS H 164 -0.19 -61.01 -18.88
CA LYS H 164 0.96 -60.12 -18.86
C LYS H 164 1.74 -60.21 -17.55
N ASP H 165 3.06 -60.31 -17.69
CA ASP H 165 3.99 -60.31 -16.55
C ASP H 165 5.41 -60.05 -16.99
N LEU H 166 6.33 -60.05 -16.04
CA LEU H 166 7.72 -59.83 -16.39
C LEU H 166 8.52 -61.10 -16.76
N LYS H 167 7.86 -62.27 -16.87
CA LYS H 167 8.44 -63.59 -17.26
C LYS H 167 9.30 -64.34 -16.22
N LEU H 168 8.65 -65.30 -15.55
CA LEU H 168 9.34 -66.16 -14.59
C LEU H 168 10.25 -67.11 -15.35
N GLY H 169 11.05 -67.87 -14.62
CA GLY H 169 11.97 -68.81 -15.22
C GLY H 169 13.22 -68.07 -15.61
N GLU H 170 13.10 -67.22 -16.61
CA GLU H 170 14.28 -66.44 -16.99
C GLU H 170 14.61 -65.46 -15.89
N LEU H 171 13.62 -64.76 -15.33
CA LEU H 171 13.96 -63.89 -14.23
C LEU H 171 14.31 -64.69 -13.00
N LEU H 172 13.74 -65.87 -12.85
CA LEU H 172 14.08 -66.66 -11.70
C LEU H 172 15.56 -67.00 -11.73
N LEU H 173 16.05 -67.27 -12.91
CA LEU H 173 17.46 -67.57 -13.03
C LEU H 173 18.32 -66.33 -12.76
N GLN H 174 17.98 -65.21 -13.41
CA GLN H 174 18.77 -63.99 -13.31
C GLN H 174 18.81 -63.41 -11.89
N LYS H 175 17.74 -63.60 -11.15
CA LYS H 175 17.61 -63.08 -9.80
C LYS H 175 18.09 -64.06 -8.72
N GLY H 176 18.60 -65.24 -9.12
CA GLY H 176 19.11 -66.24 -8.18
C GLY H 176 18.09 -67.21 -7.58
N TRP H 177 16.88 -67.24 -8.13
CA TRP H 177 15.82 -68.09 -7.63
C TRP H 177 15.94 -69.54 -8.16
N ILE H 178 16.42 -69.71 -9.41
CA ILE H 178 16.62 -71.06 -9.99
C ILE H 178 17.95 -71.28 -10.64
N SER H 179 18.23 -72.56 -10.91
CA SER H 179 19.36 -72.96 -11.72
C SER H 179 18.91 -72.97 -13.17
N ARG H 180 19.87 -72.87 -14.09
CA ARG H 180 19.52 -72.95 -15.51
C ARG H 180 18.89 -74.29 -15.82
N GLU H 181 19.41 -75.33 -15.19
CA GLU H 181 18.91 -76.66 -15.45
C GLU H 181 17.45 -76.78 -15.06
N ALA H 182 17.04 -76.18 -13.91
CA ALA H 182 15.64 -76.23 -13.55
C ALA H 182 14.83 -75.48 -14.59
N LEU H 183 15.39 -74.36 -15.09
CA LEU H 183 14.69 -73.53 -16.06
C LEU H 183 14.35 -74.32 -17.29
N GLU H 184 15.36 -74.98 -17.85
CA GLU H 184 15.20 -75.67 -19.10
C GLU H 184 14.29 -76.89 -18.99
N GLU H 185 14.44 -77.67 -17.92
CA GLU H 185 13.60 -78.85 -17.80
C GLU H 185 12.16 -78.42 -17.66
N ALA H 186 11.93 -77.45 -16.78
CA ALA H 186 10.61 -77.00 -16.48
C ALA H 186 9.89 -76.38 -17.64
N LEU H 187 10.60 -75.63 -18.47
CA LEU H 187 9.94 -75.03 -19.60
C LEU H 187 9.52 -76.06 -20.60
N VAL H 188 10.38 -77.04 -20.88
CA VAL H 188 9.97 -78.04 -21.85
C VAL H 188 8.75 -78.78 -21.38
N GLU H 189 8.74 -79.17 -20.11
CA GLU H 189 7.57 -79.86 -19.63
C GLU H 189 6.36 -78.95 -19.75
N GLN H 190 6.45 -77.68 -19.34
CA GLN H 190 5.33 -76.76 -19.52
C GLN H 190 4.80 -76.78 -20.93
N GLU H 191 5.68 -76.64 -21.89
CA GLU H 191 5.22 -76.54 -23.25
C GLU H 191 4.64 -77.85 -23.81
N LYS H 192 5.22 -79.00 -23.45
CA LYS H 192 4.66 -80.23 -23.99
C LYS H 192 3.43 -80.74 -23.22
N THR H 193 3.25 -80.32 -21.96
CA THR H 193 2.13 -80.83 -21.17
C THR H 193 1.02 -79.83 -20.93
N GLY H 194 1.32 -78.54 -21.00
CA GLY H 194 0.33 -77.53 -20.69
C GLY H 194 0.34 -77.15 -19.20
N ASP H 195 1.22 -77.78 -18.42
CA ASP H 195 1.34 -77.49 -17.00
C ASP H 195 2.13 -76.20 -16.88
N LEU H 196 2.29 -75.68 -15.69
CA LEU H 196 2.97 -74.40 -15.52
C LEU H 196 4.47 -74.51 -15.23
N LEU H 197 5.26 -73.65 -15.87
CA LEU H 197 6.70 -73.56 -15.64
C LEU H 197 7.05 -73.50 -14.16
N GLY H 198 6.40 -72.61 -13.43
CA GLY H 198 6.69 -72.43 -12.01
C GLY H 198 6.50 -73.71 -11.19
N ARG H 199 5.57 -74.57 -11.60
CA ARG H 199 5.27 -75.76 -10.82
C ARG H 199 6.13 -76.93 -11.20
N ILE H 200 6.94 -76.70 -12.19
CA ILE H 200 7.81 -77.71 -12.66
C ILE H 200 9.18 -77.30 -12.12
N LEU H 201 9.47 -76.00 -12.14
CA LEU H 201 10.74 -75.52 -11.64
C LEU H 201 10.91 -75.90 -10.19
N VAL H 202 9.84 -75.73 -9.41
CA VAL H 202 9.97 -76.12 -8.04
C VAL H 202 10.13 -77.61 -8.00
N ARG H 203 10.99 -78.07 -7.10
CA ARG H 203 11.29 -79.49 -6.87
C ARG H 203 12.20 -80.08 -7.95
N LYS H 204 12.78 -79.20 -8.78
CA LYS H 204 13.81 -79.56 -9.75
C LYS H 204 14.96 -78.72 -9.31
N GLY H 205 14.53 -77.59 -8.81
CA GLY H 205 15.29 -76.50 -8.26
C GLY H 205 14.20 -75.60 -7.70
N LEU H 206 14.43 -74.30 -7.76
CA LEU H 206 13.51 -73.28 -7.30
C LEU H 206 12.80 -73.57 -6.00
N PRO H 207 13.32 -73.12 -4.87
CA PRO H 207 12.63 -73.24 -3.61
C PRO H 207 11.24 -72.68 -3.85
N GLU H 208 10.20 -73.25 -3.25
CA GLU H 208 8.88 -72.70 -3.55
C GLU H 208 8.84 -71.23 -3.20
N GLU H 209 9.45 -70.87 -2.07
CA GLU H 209 9.53 -69.49 -1.64
C GLU H 209 10.09 -68.57 -2.74
N ALA H 210 11.12 -69.05 -3.44
CA ALA H 210 11.81 -68.31 -4.49
C ALA H 210 10.85 -68.05 -5.64
N LEU H 211 9.99 -69.04 -5.92
CA LEU H 211 9.01 -68.88 -6.98
C LEU H 211 8.11 -67.71 -6.68
N TYR H 212 7.74 -67.57 -5.42
CA TYR H 212 6.80 -66.54 -5.00
C TYR H 212 7.43 -65.19 -4.90
N ARG H 213 8.69 -65.13 -4.46
CA ARG H 213 9.29 -63.81 -4.40
C ARG H 213 9.36 -63.28 -5.82
N ALA H 214 9.64 -64.20 -6.74
CA ALA H 214 9.71 -63.87 -8.13
C ALA H 214 8.41 -63.48 -8.71
N LEU H 215 7.42 -64.34 -8.58
CA LEU H 215 6.15 -64.04 -9.16
C LEU H 215 5.51 -62.84 -8.51
N ALA H 216 5.67 -62.66 -7.21
CA ALA H 216 5.04 -61.50 -6.59
C ALA H 216 5.58 -60.24 -7.25
N GLU H 217 6.90 -60.20 -7.51
CA GLU H 217 7.47 -59.05 -8.18
C GLU H 217 6.95 -58.94 -9.61
N GLN H 218 7.03 -60.05 -10.33
CA GLN H 218 6.70 -60.14 -11.75
C GLN H 218 5.23 -59.96 -12.09
N LYS H 219 4.37 -60.23 -11.11
CA LYS H 219 2.93 -60.18 -11.30
C LYS H 219 2.27 -58.98 -10.61
N GLY H 220 3.03 -58.21 -9.81
CA GLY H 220 2.40 -57.11 -9.08
C GLY H 220 1.55 -57.54 -7.85
N LEU H 221 1.94 -58.64 -7.20
CA LEU H 221 1.19 -59.14 -6.05
C LEU H 221 1.98 -58.87 -4.79
N GLU H 222 1.33 -58.80 -3.64
CA GLU H 222 2.15 -58.69 -2.45
C GLU H 222 2.67 -60.08 -2.09
N PHE H 223 3.87 -60.10 -1.55
CA PHE H 223 4.56 -61.33 -1.19
C PHE H 223 4.16 -61.90 0.16
N LEU H 224 3.86 -63.18 0.19
CA LEU H 224 3.53 -63.84 1.43
C LEU H 224 4.55 -64.90 1.83
N GLU H 225 4.73 -65.03 3.12
CA GLU H 225 5.58 -66.04 3.74
C GLU H 225 4.80 -67.35 3.81
N SER H 226 5.36 -68.36 4.45
CA SER H 226 4.65 -69.63 4.43
C SER H 226 3.32 -69.46 5.13
N THR H 227 2.52 -70.46 4.94
CA THR H 227 1.18 -70.54 5.44
C THR H 227 1.09 -70.69 6.94
N GLU H 228 2.21 -70.89 7.62
CA GLU H 228 2.15 -70.96 9.07
C GLU H 228 1.79 -69.58 9.63
N GLY H 229 2.20 -68.51 8.92
CA GLY H 229 1.92 -67.15 9.36
C GLY H 229 0.64 -66.62 8.73
N ILE H 230 0.26 -67.17 7.60
CA ILE H 230 -0.93 -66.64 6.94
C ILE H 230 -2.21 -67.19 7.55
N VAL H 231 -2.78 -66.43 8.46
CA VAL H 231 -3.95 -66.88 9.19
C VAL H 231 -5.23 -66.90 8.34
N PRO H 232 -5.92 -68.06 8.19
CA PRO H 232 -7.13 -68.24 7.41
C PRO H 232 -8.33 -67.57 8.07
N ASP H 233 -9.34 -67.20 7.26
CA ASP H 233 -10.59 -66.61 7.79
C ASP H 233 -11.86 -67.44 7.54
N PRO H 234 -12.43 -68.11 8.56
CA PRO H 234 -13.63 -68.94 8.51
C PRO H 234 -14.87 -68.25 7.92
N SER H 235 -14.95 -66.90 7.93
CA SER H 235 -16.13 -66.26 7.36
C SER H 235 -15.85 -65.95 5.89
N ALA H 236 -14.56 -65.78 5.56
CA ALA H 236 -14.16 -65.50 4.19
C ALA H 236 -14.36 -66.75 3.36
N ALA H 237 -14.38 -67.88 4.09
CA ALA H 237 -14.60 -69.24 3.58
C ALA H 237 -15.91 -69.35 2.80
N LEU H 238 -16.80 -68.38 2.93
CA LEU H 238 -18.04 -68.43 2.18
C LEU H 238 -17.80 -68.51 0.66
N LEU H 239 -16.63 -68.07 0.16
CA LEU H 239 -16.40 -68.17 -1.28
C LEU H 239 -15.52 -69.40 -1.69
N LEU H 240 -15.01 -70.20 -0.74
CA LEU H 240 -14.10 -71.32 -1.08
C LEU H 240 -14.01 -72.33 0.09
N LEU H 241 -14.11 -73.65 -0.16
CA LEU H 241 -14.02 -74.62 0.95
C LEU H 241 -12.58 -75.19 1.12
N ARG H 242 -12.30 -75.82 2.27
CA ARG H 242 -10.96 -76.42 2.55
C ARG H 242 -10.48 -77.38 1.44
N SER H 243 -11.38 -78.23 0.93
CA SER H 243 -11.00 -79.17 -0.13
C SER H 243 -10.59 -78.43 -1.41
N ASP H 244 -11.29 -77.33 -1.67
CA ASP H 244 -11.09 -76.53 -2.87
C ASP H 244 -9.78 -75.78 -2.69
N ALA H 245 -9.55 -75.31 -1.46
CA ALA H 245 -8.37 -74.55 -1.06
C ALA H 245 -7.11 -75.34 -1.31
N LEU H 246 -7.16 -76.65 -1.08
CA LEU H 246 -6.01 -77.50 -1.31
C LEU H 246 -5.67 -77.60 -2.80
N ARG H 247 -6.69 -77.81 -3.65
CA ARG H 247 -6.48 -77.87 -5.11
C ARG H 247 -6.09 -76.51 -5.70
N TYR H 248 -6.73 -75.48 -5.18
CA TYR H 248 -6.54 -74.10 -5.57
C TYR H 248 -5.17 -73.59 -5.18
N GLY H 249 -4.76 -73.92 -3.96
CA GLY H 249 -3.54 -73.41 -3.40
C GLY H 249 -3.83 -72.06 -2.80
N ALA H 250 -4.98 -71.93 -2.14
CA ALA H 250 -5.28 -70.64 -1.55
C ALA H 250 -6.31 -70.68 -0.47
N VAL H 251 -6.30 -69.68 0.38
CA VAL H 251 -7.39 -69.57 1.32
C VAL H 251 -7.94 -68.13 1.36
N PRO H 252 -9.25 -67.96 1.52
CA PRO H 252 -9.90 -66.70 1.76
C PRO H 252 -9.49 -66.03 3.06
N ILE H 253 -9.17 -64.73 2.97
CA ILE H 253 -8.90 -63.92 4.14
C ILE H 253 -9.69 -62.59 4.08
N GLY H 254 -10.52 -62.31 5.09
CA GLY H 254 -11.32 -61.11 5.09
C GLY H 254 -12.61 -61.37 4.32
N PHE H 255 -13.70 -60.73 4.71
CA PHE H 255 -14.96 -60.88 4.00
C PHE H 255 -15.76 -59.60 4.07
N GLN H 256 -15.42 -58.63 3.24
CA GLN H 256 -16.15 -57.37 3.32
C GLN H 256 -17.40 -57.49 2.49
N ASN H 257 -18.37 -58.21 3.05
CA ASN H 257 -19.63 -58.54 2.39
C ASN H 257 -19.37 -59.16 1.02
N GLY H 258 -18.36 -60.02 0.95
CA GLY H 258 -17.98 -60.68 -0.27
C GLY H 258 -16.57 -60.33 -0.75
N GLU H 259 -16.02 -59.15 -0.45
CA GLU H 259 -14.65 -58.94 -0.93
C GLU H 259 -13.67 -59.77 -0.11
N VAL H 260 -12.86 -60.57 -0.82
CA VAL H 260 -11.92 -61.52 -0.20
C VAL H 260 -10.46 -61.45 -0.65
N GLU H 261 -9.51 -61.48 0.29
CA GLU H 261 -8.12 -61.55 -0.11
C GLU H 261 -7.82 -62.99 -0.47
N VAL H 262 -7.00 -63.21 -1.47
CA VAL H 262 -6.69 -64.56 -1.85
C VAL H 262 -5.23 -64.84 -1.71
N VAL H 263 -4.88 -65.62 -0.72
CA VAL H 263 -3.49 -65.92 -0.49
C VAL H 263 -3.10 -67.19 -1.23
N LEU H 264 -2.60 -67.01 -2.46
CA LEU H 264 -2.32 -68.01 -3.51
C LEU H 264 -1.08 -68.85 -3.42
N SER H 265 -1.10 -70.00 -4.09
CA SER H 265 0.14 -70.71 -4.38
C SER H 265 0.65 -70.35 -5.79
N ASP H 266 -0.26 -70.00 -6.72
CA ASP H 266 0.18 -69.72 -8.10
C ASP H 266 -0.88 -68.97 -8.94
N PRO H 267 -0.66 -67.69 -9.29
CA PRO H 267 -1.58 -66.83 -10.01
C PRO H 267 -1.76 -67.23 -11.47
N ARG H 268 -0.87 -68.10 -11.98
CA ARG H 268 -0.93 -68.50 -13.39
C ARG H 268 -1.89 -69.65 -13.55
N HIS H 269 -2.24 -70.28 -12.45
CA HIS H 269 -3.11 -71.43 -12.54
C HIS H 269 -4.52 -70.92 -12.65
N LYS H 270 -4.93 -70.69 -13.90
CA LYS H 270 -6.24 -70.09 -14.19
C LYS H 270 -7.39 -70.89 -13.57
N GLU H 271 -7.24 -72.21 -13.54
CA GLU H 271 -8.25 -73.12 -13.00
C GLU H 271 -8.43 -72.91 -11.50
N ALA H 272 -7.37 -72.43 -10.85
CA ALA H 272 -7.34 -72.19 -9.42
C ALA H 272 -7.79 -70.79 -9.08
N VAL H 273 -7.24 -69.78 -9.75
CA VAL H 273 -7.59 -68.41 -9.39
C VAL H 273 -9.05 -68.10 -9.70
N ALA H 274 -9.63 -68.87 -10.64
CA ALA H 274 -11.04 -68.79 -10.96
C ALA H 274 -11.93 -69.09 -9.74
N GLN H 275 -11.46 -69.95 -8.84
CA GLN H 275 -12.21 -70.36 -7.67
C GLN H 275 -12.11 -69.19 -6.71
N LEU H 276 -13.07 -69.02 -5.79
CA LEU H 276 -13.07 -67.88 -4.84
C LEU H 276 -13.38 -66.55 -5.53
N LEU H 277 -12.68 -66.27 -6.62
CA LEU H 277 -12.85 -65.02 -7.34
C LEU H 277 -14.18 -64.99 -8.08
N ASN H 278 -15.21 -64.70 -7.31
CA ASN H 278 -16.58 -64.60 -7.76
C ASN H 278 -17.20 -63.39 -7.06
N ARG H 279 -16.31 -62.65 -6.44
CA ARG H 279 -16.55 -61.42 -5.72
C ARG H 279 -15.30 -60.59 -5.98
N PRO H 280 -15.28 -59.30 -5.69
CA PRO H 280 -14.05 -58.56 -5.76
C PRO H 280 -13.06 -59.30 -4.87
N ALA H 281 -11.81 -59.30 -5.27
CA ALA H 281 -10.81 -60.00 -4.49
C ALA H 281 -9.43 -59.48 -4.79
N ARG H 282 -8.51 -59.70 -3.88
CA ARG H 282 -7.11 -59.30 -4.11
C ARG H 282 -6.15 -60.43 -3.88
N PHE H 283 -5.40 -60.75 -4.91
CA PHE H 283 -4.47 -61.85 -4.84
C PHE H 283 -3.12 -61.45 -4.21
N TYR H 284 -2.64 -62.35 -3.37
CA TYR H 284 -1.35 -62.34 -2.68
C TYR H 284 -0.67 -63.68 -2.98
N LEU H 285 0.65 -63.80 -2.82
CA LEU H 285 1.26 -65.10 -3.15
C LEU H 285 2.22 -65.77 -2.13
N ALA H 286 1.83 -66.99 -1.68
CA ALA H 286 2.44 -67.87 -0.65
C ALA H 286 2.83 -69.28 -1.18
N LEU H 287 3.12 -70.21 -0.26
CA LEU H 287 3.61 -71.56 -0.59
C LEU H 287 2.57 -72.73 -0.53
N PRO H 288 2.44 -73.59 -1.59
CA PRO H 288 1.51 -74.71 -1.67
C PRO H 288 1.84 -75.94 -0.87
N GLN H 289 3.12 -76.26 -0.66
CA GLN H 289 3.31 -77.45 0.17
C GLN H 289 2.87 -77.03 1.55
N ALA H 290 3.20 -75.79 1.86
CA ALA H 290 2.84 -75.21 3.13
C ALA H 290 1.32 -75.14 3.24
N TRP H 291 0.60 -74.82 2.13
CA TRP H 291 -0.86 -74.78 2.22
C TRP H 291 -1.42 -76.14 2.54
N GLU H 292 -0.87 -77.20 1.94
CA GLU H 292 -1.40 -78.52 2.25
C GLU H 292 -1.31 -78.80 3.73
N GLU H 293 -0.14 -78.56 4.30
CA GLU H 293 0.00 -78.79 5.72
C GLU H 293 -0.82 -77.83 6.55
N LEU H 294 -0.94 -76.57 6.13
CA LEU H 294 -1.71 -75.65 6.93
C LEU H 294 -3.10 -76.15 7.05
N PHE H 295 -3.70 -76.51 5.93
CA PHE H 295 -5.09 -76.90 5.94
C PHE H 295 -5.26 -78.12 6.81
N ARG H 296 -4.32 -79.05 6.72
CA ARG H 296 -4.37 -80.25 7.55
C ARG H 296 -4.32 -79.92 9.04
N ARG H 297 -3.57 -78.88 9.37
CA ARG H 297 -3.36 -78.46 10.75
C ARG H 297 -4.36 -77.42 11.27
N ALA H 298 -4.89 -76.60 10.37
CA ALA H 298 -5.69 -75.44 10.73
C ALA H 298 -7.19 -75.55 10.61
N TYR H 299 -7.73 -76.31 9.66
CA TYR H 299 -9.16 -76.16 9.50
C TYR H 299 -9.87 -77.37 8.92
N GLN I 163 -14.61 -67.19 15.62
CA GLN I 163 -13.27 -67.76 15.58
C GLN I 163 -12.55 -67.56 16.91
N LYS I 164 -12.56 -66.33 17.42
CA LYS I 164 -11.87 -66.03 18.66
C LYS I 164 -12.37 -64.74 19.32
N ASP I 165 -12.06 -64.58 20.60
CA ASP I 165 -12.37 -63.38 21.38
C ASP I 165 -11.41 -63.27 22.57
N LEU I 166 -11.60 -62.31 23.47
CA LEU I 166 -10.62 -62.18 24.59
C LEU I 166 -10.83 -63.19 25.74
N LYS I 167 -11.87 -64.03 25.64
CA LYS I 167 -12.25 -65.07 26.60
C LYS I 167 -12.68 -64.62 28.00
N LEU I 168 -13.69 -65.30 28.48
CA LEU I 168 -14.25 -65.07 29.80
C LEU I 168 -13.42 -65.80 30.81
N GLY I 169 -13.24 -65.19 31.96
CA GLY I 169 -12.40 -65.77 32.99
C GLY I 169 -11.01 -65.23 32.79
N GLU I 170 -10.44 -65.51 31.63
CA GLU I 170 -9.12 -64.99 31.36
C GLU I 170 -9.11 -63.46 31.23
N LEU I 171 -10.12 -62.86 30.56
CA LEU I 171 -10.11 -61.41 30.47
C LEU I 171 -10.39 -60.82 31.84
N LEU I 172 -11.27 -61.47 32.58
CA LEU I 172 -11.67 -60.98 33.88
C LEU I 172 -10.43 -60.91 34.78
N LEU I 173 -9.57 -61.93 34.66
CA LEU I 173 -8.35 -62.01 35.45
C LEU I 173 -7.37 -60.92 35.03
N GLN I 174 -7.28 -60.64 33.74
CA GLN I 174 -6.41 -59.59 33.23
C GLN I 174 -6.83 -58.21 33.75
N LYS I 175 -8.14 -58.00 33.89
CA LYS I 175 -8.68 -56.74 34.41
C LYS I 175 -8.47 -56.71 35.94
N GLY I 176 -8.44 -57.91 36.54
CA GLY I 176 -8.25 -58.12 37.98
C GLY I 176 -9.56 -58.41 38.71
N TRP I 177 -10.63 -58.66 37.96
CA TRP I 177 -11.95 -58.89 38.52
C TRP I 177 -12.25 -60.22 39.21
N ILE I 178 -11.59 -61.26 38.78
CA ILE I 178 -11.95 -62.61 39.21
C ILE I 178 -10.92 -63.28 40.08
N SER I 179 -11.37 -63.94 41.15
CA SER I 179 -10.37 -64.70 41.88
C SER I 179 -9.96 -65.86 40.97
N ARG I 180 -8.74 -66.36 41.09
CA ARG I 180 -8.39 -67.47 40.23
C ARG I 180 -9.30 -68.66 40.51
N GLU I 181 -9.64 -68.85 41.77
CA GLU I 181 -10.48 -69.96 42.16
C GLU I 181 -11.84 -69.88 41.48
N ALA I 182 -12.40 -68.66 41.37
CA ALA I 182 -13.68 -68.52 40.71
C ALA I 182 -13.56 -68.99 39.30
N LEU I 183 -12.48 -68.60 38.67
CA LEU I 183 -12.24 -68.91 37.28
C LEU I 183 -12.22 -70.40 37.07
N GLU I 184 -11.39 -71.08 37.86
CA GLU I 184 -11.20 -72.49 37.65
C GLU I 184 -12.41 -73.32 38.01
N GLU I 185 -13.04 -73.07 39.15
CA GLU I 185 -14.15 -73.91 39.52
C GLU I 185 -15.35 -73.65 38.62
N ALA I 186 -15.54 -72.40 38.24
CA ALA I 186 -16.67 -72.09 37.40
C ALA I 186 -16.52 -72.75 36.04
N LEU I 187 -15.29 -72.81 35.54
CA LEU I 187 -15.09 -73.42 34.25
C LEU I 187 -15.41 -74.89 34.35
N VAL I 188 -15.00 -75.53 35.44
CA VAL I 188 -15.30 -76.94 35.59
C VAL I 188 -16.81 -77.17 35.58
N GLU I 189 -17.57 -76.33 36.29
CA GLU I 189 -19.00 -76.54 36.25
C GLU I 189 -19.52 -76.36 34.82
N GLN I 190 -18.98 -75.40 34.06
CA GLN I 190 -19.40 -75.27 32.67
C GLN I 190 -19.18 -76.57 31.95
N GLU I 191 -17.99 -77.12 32.10
CA GLU I 191 -17.65 -78.36 31.43
C GLU I 191 -18.59 -79.50 31.85
N LYS I 192 -19.01 -79.51 33.12
CA LYS I 192 -19.90 -80.54 33.63
C LYS I 192 -21.40 -80.27 33.50
N THR I 193 -21.82 -79.02 33.22
CA THR I 193 -23.25 -78.72 33.21
C THR I 193 -23.75 -78.12 31.92
N GLY I 194 -22.87 -77.48 31.16
CA GLY I 194 -23.23 -76.75 29.96
C GLY I 194 -23.52 -75.29 30.22
N ASP I 195 -23.69 -74.90 31.49
CA ASP I 195 -23.98 -73.51 31.75
C ASP I 195 -22.69 -72.79 31.51
N LEU I 196 -22.75 -71.50 31.37
CA LEU I 196 -21.55 -70.76 31.07
C LEU I 196 -20.73 -70.43 32.28
N LEU I 197 -19.43 -70.52 32.09
CA LEU I 197 -18.48 -70.02 33.03
C LEU I 197 -18.96 -68.72 33.69
N GLY I 198 -19.44 -67.72 32.93
CA GLY I 198 -19.86 -66.43 33.49
C GLY I 198 -20.92 -66.52 34.56
N ARG I 199 -22.07 -67.10 34.21
CA ARG I 199 -23.18 -67.25 35.14
C ARG I 199 -22.76 -68.07 36.34
N ILE I 200 -21.78 -68.93 36.13
CA ILE I 200 -21.27 -69.76 37.19
C ILE I 200 -20.28 -68.96 38.07
N LEU I 201 -19.39 -68.16 37.45
CA LEU I 201 -18.36 -67.35 38.13
C LEU I 201 -18.87 -66.35 39.07
N VAL I 202 -19.93 -65.70 38.68
CA VAL I 202 -20.43 -64.69 39.54
C VAL I 202 -20.72 -65.39 40.86
N ARG I 203 -20.32 -64.76 41.96
CA ARG I 203 -20.49 -65.29 43.32
C ARG I 203 -19.59 -66.50 43.67
N LYS I 204 -18.71 -66.93 42.76
CA LYS I 204 -17.65 -67.92 43.05
C LYS I 204 -16.37 -67.18 43.39
N GLY I 205 -16.48 -65.86 43.37
CA GLY I 205 -15.36 -64.96 43.56
C GLY I 205 -15.34 -63.91 42.46
N LEU I 206 -16.34 -63.92 41.57
CA LEU I 206 -16.41 -62.88 40.56
C LEU I 206 -17.60 -61.91 40.83
N PRO I 207 -17.42 -60.58 40.75
CA PRO I 207 -18.51 -59.61 40.72
C PRO I 207 -19.32 -59.74 39.44
N GLU I 208 -20.63 -59.52 39.48
CA GLU I 208 -21.39 -59.57 38.23
C GLU I 208 -20.93 -58.46 37.27
N GLU I 209 -20.41 -57.38 37.84
CA GLU I 209 -19.88 -56.21 37.15
C GLU I 209 -18.77 -56.62 36.23
N ALA I 210 -18.05 -57.62 36.68
CA ALA I 210 -16.94 -58.12 35.96
C ALA I 210 -17.35 -58.79 34.70
N LEU I 211 -18.43 -59.58 34.79
CA LEU I 211 -18.87 -60.29 33.60
C LEU I 211 -19.27 -59.27 32.59
N TYR I 212 -19.97 -58.26 33.07
CA TYR I 212 -20.38 -57.16 32.24
C TYR I 212 -19.23 -56.48 31.55
N ARG I 213 -18.30 -55.98 32.31
CA ARG I 213 -17.32 -55.19 31.64
C ARG I 213 -16.39 -56.05 30.81
N ALA I 214 -16.01 -57.24 31.30
CA ALA I 214 -15.12 -58.05 30.52
C ALA I 214 -15.80 -58.51 29.25
N LEU I 215 -17.07 -58.93 29.33
CA LEU I 215 -17.72 -59.40 28.14
C LEU I 215 -17.87 -58.30 27.13
N ALA I 216 -18.09 -57.08 27.59
CA ALA I 216 -18.18 -55.98 26.67
C ALA I 216 -16.88 -55.87 25.89
N GLU I 217 -15.74 -56.00 26.59
CA GLU I 217 -14.45 -55.89 25.91
C GLU I 217 -14.14 -57.12 25.07
N GLN I 218 -14.56 -58.29 25.52
CA GLN I 218 -14.25 -59.53 24.82
C GLN I 218 -14.85 -59.55 23.47
N LYS I 219 -16.07 -59.03 23.39
CA LYS I 219 -16.84 -59.03 22.18
C LYS I 219 -16.81 -57.71 21.40
N GLY I 220 -16.45 -56.59 22.04
CA GLY I 220 -16.48 -55.30 21.36
C GLY I 220 -17.89 -54.70 21.37
N LEU I 221 -18.57 -54.90 22.49
CA LEU I 221 -19.93 -54.44 22.70
C LEU I 221 -20.01 -53.19 23.56
N GLU I 222 -21.09 -52.45 23.40
CA GLU I 222 -21.20 -51.17 24.10
C GLU I 222 -21.69 -51.31 25.55
N PHE I 223 -21.11 -50.49 26.41
CA PHE I 223 -21.41 -50.46 27.83
C PHE I 223 -22.68 -49.66 28.14
N LEU I 224 -23.46 -50.14 29.11
CA LEU I 224 -24.68 -49.47 29.58
C LEU I 224 -24.65 -48.91 31.00
N GLU I 225 -25.70 -48.12 31.24
CA GLU I 225 -26.09 -47.51 32.50
C GLU I 225 -27.10 -48.45 33.18
N SER I 226 -27.57 -48.11 34.37
CA SER I 226 -28.53 -48.98 35.07
C SER I 226 -29.89 -48.95 34.39
N THR I 227 -30.78 -49.81 34.87
CA THR I 227 -32.14 -49.90 34.41
C THR I 227 -32.93 -48.60 34.55
N GLU I 228 -32.46 -47.70 35.43
CA GLU I 228 -33.15 -46.44 35.63
C GLU I 228 -32.90 -45.46 34.46
N GLY I 229 -31.82 -45.69 33.70
CA GLY I 229 -31.45 -44.85 32.57
C GLY I 229 -31.89 -45.52 31.26
N ILE I 230 -31.96 -46.85 31.29
CA ILE I 230 -32.36 -47.59 30.10
C ILE I 230 -33.85 -47.56 29.90
N VAL I 231 -34.28 -47.16 28.71
CA VAL I 231 -35.69 -47.18 28.43
C VAL I 231 -35.94 -48.33 27.47
N PRO I 232 -36.52 -49.44 27.93
CA PRO I 232 -36.72 -50.65 27.18
C PRO I 232 -37.82 -50.49 26.19
N ASP I 233 -37.98 -51.43 25.27
CA ASP I 233 -39.10 -51.34 24.35
C ASP I 233 -40.04 -52.54 24.44
N PRO I 234 -41.20 -52.44 25.12
CA PRO I 234 -42.19 -53.48 25.30
C PRO I 234 -42.65 -54.15 23.99
N SER I 235 -42.52 -53.48 22.84
CA SER I 235 -42.94 -54.09 21.60
C SER I 235 -41.79 -54.91 21.06
N ALA I 236 -40.59 -54.34 21.11
CA ALA I 236 -39.40 -55.06 20.67
C ALA I 236 -39.22 -56.26 21.57
N ALA I 237 -39.60 -56.09 22.83
CA ALA I 237 -39.50 -57.10 23.86
C ALA I 237 -40.23 -58.37 23.47
N LEU I 238 -41.16 -58.30 22.52
CA LEU I 238 -41.92 -59.46 22.13
C LEU I 238 -41.06 -60.43 21.28
N LEU I 239 -39.83 -60.01 20.98
CA LEU I 239 -38.84 -60.78 20.23
C LEU I 239 -38.13 -61.83 21.11
N LEU I 240 -38.39 -61.77 22.44
CA LEU I 240 -37.79 -62.66 23.44
C LEU I 240 -38.84 -62.83 24.59
N LEU I 241 -39.20 -64.05 24.97
CA LEU I 241 -40.25 -64.16 26.00
C LEU I 241 -39.76 -63.56 27.29
N ARG I 242 -40.59 -62.85 28.03
CA ARG I 242 -40.11 -62.30 29.30
C ARG I 242 -39.46 -63.36 30.23
N SER I 243 -39.89 -64.63 30.11
CA SER I 243 -39.29 -65.69 30.90
C SER I 243 -37.87 -65.98 30.37
N ASP I 244 -37.70 -65.76 29.07
CA ASP I 244 -36.42 -66.03 28.44
C ASP I 244 -35.54 -64.88 28.79
N ALA I 245 -36.11 -63.68 28.80
CA ALA I 245 -35.36 -62.45 29.06
C ALA I 245 -34.72 -62.53 30.42
N LEU I 246 -35.45 -63.08 31.37
CA LEU I 246 -34.93 -63.17 32.71
C LEU I 246 -33.77 -64.19 32.77
N ARG I 247 -33.90 -65.34 32.10
CA ARG I 247 -32.81 -66.34 32.12
C ARG I 247 -31.61 -65.90 31.28
N TYR I 248 -31.93 -65.32 30.14
CA TYR I 248 -31.06 -64.82 29.09
C TYR I 248 -30.22 -63.70 29.66
N GLY I 249 -30.90 -62.80 30.36
CA GLY I 249 -30.26 -61.65 30.96
C GLY I 249 -30.33 -60.42 30.07
N ALA I 250 -31.44 -60.26 29.32
CA ALA I 250 -31.63 -59.08 28.44
C ALA I 250 -33.05 -58.91 27.95
N VAL I 251 -33.38 -57.69 27.52
CA VAL I 251 -34.64 -57.45 26.83
C VAL I 251 -34.28 -56.67 25.56
N PRO I 252 -34.98 -56.91 24.46
CA PRO I 252 -34.93 -56.15 23.25
C PRO I 252 -35.31 -54.67 23.44
N ILE I 253 -34.52 -53.78 22.83
CA ILE I 253 -34.80 -52.36 22.93
C ILE I 253 -34.76 -51.67 21.55
N GLY I 254 -35.83 -51.00 21.23
CA GLY I 254 -35.95 -50.29 19.97
C GLY I 254 -36.14 -51.30 18.87
N PHE I 255 -36.49 -50.84 17.69
CA PHE I 255 -36.52 -51.78 16.59
C PHE I 255 -36.39 -51.02 15.28
N GLN I 256 -35.20 -51.04 14.72
CA GLN I 256 -34.89 -50.25 13.55
C GLN I 256 -35.23 -51.04 12.33
N ASN I 257 -36.52 -51.21 12.08
CA ASN I 257 -37.10 -52.03 11.00
C ASN I 257 -36.83 -53.54 11.18
N GLY I 258 -35.56 -53.88 11.34
CA GLY I 258 -35.09 -55.22 11.60
C GLY I 258 -34.05 -55.29 12.73
N GLU I 259 -33.33 -54.18 13.02
CA GLU I 259 -32.27 -54.25 14.06
C GLU I 259 -32.76 -53.92 15.46
N VAL I 260 -32.39 -54.76 16.42
CA VAL I 260 -32.82 -54.54 17.80
C VAL I 260 -31.65 -54.44 18.77
N GLU I 261 -31.71 -53.54 19.76
CA GLU I 261 -30.64 -53.50 20.74
C GLU I 261 -30.90 -54.59 21.77
N VAL I 262 -29.87 -55.28 22.22
CA VAL I 262 -30.09 -56.32 23.23
C VAL I 262 -29.19 -56.13 24.45
N VAL I 263 -29.79 -55.85 25.59
CA VAL I 263 -28.97 -55.52 26.74
C VAL I 263 -28.58 -56.70 27.63
N LEU I 264 -27.48 -57.37 27.30
CA LEU I 264 -27.01 -58.59 28.01
C LEU I 264 -26.02 -58.45 29.16
N SER I 265 -26.24 -59.24 30.20
CA SER I 265 -25.21 -59.32 31.24
C SER I 265 -24.13 -60.29 30.88
N ASP I 266 -24.45 -61.18 29.95
CA ASP I 266 -23.53 -62.24 29.62
C ASP I 266 -23.56 -62.80 28.20
N PRO I 267 -23.09 -62.02 27.18
CA PRO I 267 -23.10 -62.37 25.76
C PRO I 267 -22.01 -63.36 25.37
N ARG I 268 -22.02 -64.51 26.03
CA ARG I 268 -21.12 -65.61 25.78
C ARG I 268 -21.84 -66.90 26.14
N HIS I 269 -22.91 -66.77 26.92
CA HIS I 269 -23.62 -67.97 27.39
C HIS I 269 -24.37 -68.67 26.31
N LYS I 270 -23.65 -69.47 25.54
CA LYS I 270 -24.13 -70.08 24.30
C LYS I 270 -25.56 -70.65 24.37
N GLU I 271 -25.89 -71.35 25.45
CA GLU I 271 -27.20 -71.97 25.54
C GLU I 271 -28.33 -70.94 25.52
N ALA I 272 -28.05 -69.75 26.06
CA ALA I 272 -29.04 -68.71 26.14
C ALA I 272 -28.82 -67.61 25.13
N VAL I 273 -27.55 -67.17 24.94
CA VAL I 273 -27.27 -66.01 24.08
C VAL I 273 -27.57 -66.32 22.63
N ALA I 274 -27.67 -67.61 22.30
CA ALA I 274 -28.09 -68.03 20.99
C ALA I 274 -29.48 -67.45 20.66
N GLN I 275 -30.30 -67.16 21.69
CA GLN I 275 -31.63 -66.59 21.46
C GLN I 275 -31.35 -65.19 20.93
N LEU I 276 -32.17 -64.70 19.98
CA LEU I 276 -31.99 -63.38 19.32
C LEU I 276 -30.76 -63.36 18.37
N LEU I 277 -29.60 -63.86 18.82
CA LEU I 277 -28.32 -63.80 18.11
C LEU I 277 -28.17 -64.76 16.92
N ASN I 278 -29.07 -64.57 15.98
CA ASN I 278 -29.18 -65.22 14.70
C ASN I 278 -29.68 -64.14 13.77
N ARG I 279 -30.28 -63.13 14.39
CA ARG I 279 -30.90 -62.02 13.73
C ARG I 279 -30.00 -60.81 14.00
N PRO I 280 -30.10 -59.71 13.24
CA PRO I 280 -29.32 -58.50 13.46
C PRO I 280 -29.72 -57.81 14.76
N ALA I 281 -28.71 -57.46 15.52
CA ALA I 281 -28.92 -56.83 16.79
C ALA I 281 -27.67 -56.12 17.23
N ARG I 282 -27.85 -55.16 18.10
CA ARG I 282 -26.72 -54.43 18.68
C ARG I 282 -26.62 -54.79 20.14
N PHE I 283 -25.58 -55.51 20.51
CA PHE I 283 -25.52 -55.95 21.89
C PHE I 283 -24.84 -54.93 22.78
N TYR I 284 -25.48 -54.77 23.93
CA TYR I 284 -25.10 -53.89 25.02
C TYR I 284 -25.00 -54.64 26.33
N LEU I 285 -24.18 -54.14 27.25
CA LEU I 285 -24.07 -54.83 28.53
C LEU I 285 -24.30 -54.09 29.85
N ALA I 286 -24.92 -54.80 30.79
CA ALA I 286 -25.13 -54.38 32.19
C ALA I 286 -25.55 -55.57 33.04
N LEU I 287 -25.73 -55.33 34.33
CA LEU I 287 -25.96 -56.37 35.32
C LEU I 287 -27.37 -56.96 35.44
N PRO I 288 -27.50 -58.24 35.90
CA PRO I 288 -28.76 -58.95 36.05
C PRO I 288 -29.76 -58.28 36.98
N GLN I 289 -29.30 -57.48 37.93
CA GLN I 289 -30.27 -56.76 38.75
C GLN I 289 -30.98 -55.69 37.93
N ALA I 290 -30.25 -55.12 36.96
CA ALA I 290 -30.81 -54.09 36.12
C ALA I 290 -31.80 -54.77 35.25
N TRP I 291 -31.42 -55.96 34.83
CA TRP I 291 -32.22 -56.75 33.93
C TRP I 291 -33.55 -57.13 34.49
N GLU I 292 -33.59 -57.78 35.64
CA GLU I 292 -34.91 -58.13 36.12
C GLU I 292 -35.79 -56.91 36.24
N GLU I 293 -35.26 -55.80 36.78
CA GLU I 293 -36.09 -54.62 36.89
C GLU I 293 -36.43 -54.04 35.51
N LEU I 294 -35.51 -54.11 34.57
CA LEU I 294 -35.74 -53.57 33.26
C LEU I 294 -36.86 -54.33 32.60
N PHE I 295 -36.88 -55.64 32.82
CA PHE I 295 -37.90 -56.50 32.24
C PHE I 295 -39.21 -56.13 32.88
N ARG I 296 -39.20 -55.90 34.20
CA ARG I 296 -40.43 -55.48 34.87
C ARG I 296 -40.91 -54.12 34.33
N ARG I 297 -39.97 -53.31 33.82
CA ARG I 297 -40.24 -52.00 33.19
C ARG I 297 -40.49 -52.14 31.67
N ALA I 298 -40.49 -53.37 31.13
CA ALA I 298 -40.60 -53.62 29.69
C ALA I 298 -41.65 -54.64 29.29
N TYR I 299 -41.46 -55.86 29.77
CA TYR I 299 -42.22 -57.02 29.38
C TYR I 299 -41.89 -58.18 30.33
N GLN J 163 -49.29 -43.31 18.93
CA GLN J 163 -47.85 -43.11 18.99
C GLN J 163 -47.39 -43.06 20.44
N LYS J 164 -47.58 -41.92 21.09
CA LYS J 164 -47.11 -41.73 22.46
C LYS J 164 -47.89 -40.62 23.16
N ASP J 165 -47.79 -40.55 24.48
CA ASP J 165 -48.33 -39.41 25.21
C ASP J 165 -47.69 -39.29 26.57
N LEU J 166 -48.00 -38.20 27.27
CA LEU J 166 -47.44 -38.04 28.63
C LEU J 166 -48.47 -38.25 29.77
N LYS J 167 -49.56 -39.02 29.51
CA LYS J 167 -50.66 -39.40 30.43
C LYS J 167 -51.87 -38.44 30.57
N LEU J 168 -53.00 -38.85 29.98
CA LEU J 168 -54.25 -38.08 30.03
C LEU J 168 -54.73 -37.76 31.43
N GLY J 169 -55.14 -36.52 31.65
CA GLY J 169 -55.71 -36.17 32.96
C GLY J 169 -54.69 -35.75 33.96
N GLU J 170 -53.71 -36.60 34.17
CA GLU J 170 -52.64 -36.26 35.06
C GLU J 170 -51.96 -35.03 34.46
N LEU J 171 -51.82 -35.02 33.12
CA LEU J 171 -51.30 -33.85 32.43
C LEU J 171 -52.22 -32.65 32.56
N LEU J 172 -53.53 -32.89 32.56
CA LEU J 172 -54.45 -31.76 32.64
C LEU J 172 -54.23 -31.07 33.97
N LEU J 173 -54.01 -31.86 34.99
CA LEU J 173 -53.79 -31.27 36.27
C LEU J 173 -52.39 -30.62 36.32
N GLN J 174 -51.39 -31.40 35.93
CA GLN J 174 -49.96 -31.07 35.95
C GLN J 174 -49.61 -29.80 35.18
N LYS J 175 -50.19 -29.64 34.00
CA LYS J 175 -49.91 -28.53 33.12
C LYS J 175 -50.79 -27.29 33.32
N GLY J 176 -51.67 -27.27 34.34
CA GLY J 176 -52.48 -26.08 34.55
C GLY J 176 -53.70 -25.98 33.65
N TRP J 177 -54.31 -27.12 33.35
CA TRP J 177 -55.49 -27.15 32.52
C TRP J 177 -56.70 -27.30 33.44
N ILE J 178 -56.59 -28.22 34.42
CA ILE J 178 -57.66 -28.49 35.39
C ILE J 178 -57.23 -28.48 36.84
N SER J 179 -58.24 -28.43 37.72
CA SER J 179 -58.04 -28.64 39.14
C SER J 179 -58.09 -30.13 39.40
N ARG J 180 -57.60 -30.57 40.56
CA ARG J 180 -57.68 -31.99 40.89
C ARG J 180 -59.13 -32.43 40.97
N GLU J 181 -59.99 -31.58 41.52
CA GLU J 181 -61.39 -31.94 41.67
C GLU J 181 -62.03 -32.17 40.31
N ALA J 182 -61.70 -31.33 39.32
CA ALA J 182 -62.26 -31.53 37.98
C ALA J 182 -61.80 -32.88 37.45
N LEU J 183 -60.53 -33.20 37.71
CA LEU J 183 -59.98 -34.45 37.23
C LEU J 183 -60.76 -35.59 37.78
N GLU J 184 -60.93 -35.61 39.07
CA GLU J 184 -61.58 -36.72 39.72
C GLU J 184 -63.05 -36.85 39.36
N GLU J 185 -63.76 -35.74 39.25
CA GLU J 185 -65.19 -35.84 38.95
C GLU J 185 -65.39 -36.40 37.54
N ALA J 186 -64.64 -35.88 36.60
CA ALA J 186 -64.73 -36.32 35.23
C ALA J 186 -64.23 -37.76 35.12
N LEU J 187 -63.19 -38.07 35.89
CA LEU J 187 -62.60 -39.39 35.88
C LEU J 187 -63.63 -40.41 36.34
N VAL J 188 -64.49 -40.04 37.29
CA VAL J 188 -65.53 -40.97 37.70
C VAL J 188 -66.42 -41.33 36.52
N GLU J 189 -66.81 -40.34 35.72
CA GLU J 189 -67.64 -40.68 34.57
C GLU J 189 -66.83 -41.62 33.63
N GLN J 190 -65.52 -41.39 33.50
CA GLN J 190 -64.70 -42.30 32.68
C GLN J 190 -64.79 -43.74 33.21
N GLU J 191 -64.57 -43.92 34.51
CA GLU J 191 -64.57 -45.26 35.06
C GLU J 191 -65.93 -45.94 34.90
N LYS J 192 -66.99 -45.17 35.02
CA LYS J 192 -68.34 -45.70 34.89
C LYS J 192 -68.76 -46.02 33.46
N THR J 193 -68.15 -45.38 32.46
CA THR J 193 -68.66 -45.56 31.10
C THR J 193 -67.70 -46.19 30.09
N GLY J 194 -66.40 -46.05 30.31
CA GLY J 194 -65.43 -46.51 29.32
C GLY J 194 -65.05 -45.37 28.36
N ASP J 195 -65.76 -44.23 28.43
CA ASP J 195 -65.45 -43.09 27.61
C ASP J 195 -64.24 -42.53 28.28
N LEU J 196 -63.58 -41.56 27.69
CA LEU J 196 -62.37 -41.03 28.32
C LEU J 196 -62.52 -39.68 28.99
N LEU J 197 -61.68 -39.49 30.02
CA LEU J 197 -61.59 -38.30 30.83
C LEU J 197 -61.55 -36.94 30.14
N GLY J 198 -60.81 -36.79 29.05
CA GLY J 198 -60.64 -35.47 28.46
C GLY J 198 -61.98 -34.95 28.01
N ARG J 199 -62.63 -35.71 27.14
CA ARG J 199 -63.94 -35.32 26.61
C ARG J 199 -64.91 -35.04 27.74
N ILE J 200 -64.84 -35.83 28.80
CA ILE J 200 -65.70 -35.61 29.93
C ILE J 200 -65.37 -34.31 30.69
N LEU J 201 -64.08 -34.04 30.92
CA LEU J 201 -63.64 -32.84 31.61
C LEU J 201 -64.09 -31.57 30.99
N VAL J 202 -63.93 -31.40 29.68
CA VAL J 202 -64.45 -30.14 29.22
C VAL J 202 -65.89 -30.32 29.58
N ARG J 203 -66.50 -29.33 30.19
CA ARG J 203 -67.86 -29.46 30.75
C ARG J 203 -67.73 -29.81 32.22
N LYS J 204 -67.15 -30.97 32.56
CA LYS J 204 -67.02 -31.36 33.96
C LYS J 204 -65.82 -30.67 34.63
N GLY J 205 -65.93 -29.34 34.73
CA GLY J 205 -64.94 -28.46 35.36
C GLY J 205 -63.89 -27.80 34.44
N LEU J 206 -63.75 -28.22 33.19
CA LEU J 206 -62.74 -27.65 32.31
C LEU J 206 -63.28 -26.82 31.09
N PRO J 207 -62.70 -25.64 30.78
CA PRO J 207 -62.97 -24.89 29.54
C PRO J 207 -62.30 -25.58 28.33
N GLU J 208 -62.88 -25.43 27.14
CA GLU J 208 -62.28 -26.07 25.94
C GLU J 208 -60.91 -25.56 25.55
N GLU J 209 -60.56 -24.33 25.88
CA GLU J 209 -59.25 -23.90 25.40
C GLU J 209 -58.20 -24.68 26.15
N ALA J 210 -58.37 -24.72 27.45
CA ALA J 210 -57.45 -25.46 28.27
C ALA J 210 -57.51 -26.93 27.92
N LEU J 211 -58.71 -27.50 27.72
CA LEU J 211 -58.76 -28.91 27.39
C LEU J 211 -58.22 -29.29 26.07
N TYR J 212 -58.52 -28.54 25.04
CA TYR J 212 -58.10 -29.00 23.75
C TYR J 212 -56.73 -28.50 23.38
N ARG J 213 -56.27 -27.36 23.96
CA ARG J 213 -54.88 -27.06 23.69
C ARG J 213 -54.15 -28.16 24.40
N ALA J 214 -54.68 -28.58 25.55
CA ALA J 214 -54.12 -29.67 26.28
C ALA J 214 -54.11 -30.94 25.54
N LEU J 215 -55.26 -31.38 25.05
CA LEU J 215 -55.28 -32.68 24.41
C LEU J 215 -54.44 -32.68 23.17
N ALA J 216 -54.45 -31.56 22.45
CA ALA J 216 -53.63 -31.46 21.28
C ALA J 216 -52.19 -31.63 21.70
N GLU J 217 -51.83 -30.93 22.76
CA GLU J 217 -50.50 -31.01 23.30
C GLU J 217 -50.18 -32.41 23.83
N GLN J 218 -51.10 -33.01 24.58
CA GLN J 218 -50.87 -34.28 25.27
C GLN J 218 -50.55 -35.41 24.30
N LYS J 219 -51.20 -35.37 23.12
CA LYS J 219 -51.07 -36.41 22.09
C LYS J 219 -50.33 -35.98 20.81
N GLY J 220 -49.81 -34.76 20.78
CA GLY J 220 -49.11 -34.29 19.58
C GLY J 220 -49.99 -33.98 18.39
N LEU J 221 -51.21 -33.55 18.66
CA LEU J 221 -52.22 -33.22 17.67
C LEU J 221 -52.38 -31.70 17.65
N GLU J 222 -53.28 -31.12 16.83
CA GLU J 222 -53.34 -29.64 16.77
C GLU J 222 -54.68 -28.98 17.21
N PHE J 223 -54.56 -27.97 18.08
CA PHE J 223 -55.73 -27.20 18.57
C PHE J 223 -56.33 -26.24 17.55
N LEU J 224 -57.65 -26.24 17.43
CA LEU J 224 -58.31 -25.27 16.57
C LEU J 224 -59.18 -24.26 17.29
N GLU J 225 -59.32 -23.12 16.65
CA GLU J 225 -60.12 -21.99 17.08
C GLU J 225 -61.57 -22.28 16.71
N SER J 226 -62.47 -21.33 16.88
CA SER J 226 -63.88 -21.63 16.69
C SER J 226 -64.20 -22.09 15.27
N THR J 227 -65.39 -22.65 15.14
CA THR J 227 -65.90 -23.16 13.88
C THR J 227 -66.23 -22.08 12.85
N GLU J 228 -66.05 -20.80 13.18
CA GLU J 228 -66.28 -19.79 12.16
C GLU J 228 -64.95 -19.44 11.48
N GLY J 229 -63.86 -20.02 12.00
CA GLY J 229 -62.53 -19.88 11.42
C GLY J 229 -62.26 -21.16 10.62
N ILE J 230 -62.80 -22.26 11.13
CA ILE J 230 -62.66 -23.58 10.50
C ILE J 230 -63.69 -23.74 9.40
N VAL J 231 -63.24 -24.01 8.18
CA VAL J 231 -64.22 -24.16 7.13
C VAL J 231 -64.69 -25.62 7.04
N PRO J 232 -66.01 -25.92 7.15
CA PRO J 232 -66.59 -27.25 7.07
C PRO J 232 -66.49 -27.74 5.63
N ASP J 233 -66.40 -29.04 5.41
CA ASP J 233 -66.35 -29.52 4.03
C ASP J 233 -66.87 -30.96 3.81
N PRO J 234 -68.12 -31.09 3.28
CA PRO J 234 -68.87 -32.30 2.95
C PRO J 234 -68.08 -33.29 2.10
N SER J 235 -67.05 -32.81 1.38
CA SER J 235 -66.29 -33.72 0.54
C SER J 235 -65.81 -34.88 1.41
N ALA J 236 -65.46 -34.56 2.66
CA ALA J 236 -65.06 -35.55 3.62
C ALA J 236 -66.14 -35.79 4.63
N ALA J 237 -66.91 -34.77 5.00
CA ALA J 237 -67.88 -35.02 6.05
C ALA J 237 -68.98 -35.98 5.62
N LEU J 238 -69.19 -36.15 4.31
CA LEU J 238 -70.18 -37.13 3.84
C LEU J 238 -69.76 -38.56 4.20
N LEU J 239 -68.51 -38.72 4.66
CA LEU J 239 -67.95 -39.99 5.08
C LEU J 239 -68.46 -40.35 6.50
N LEU J 240 -69.04 -39.40 7.26
CA LEU J 240 -69.52 -39.69 8.63
C LEU J 240 -70.61 -38.68 9.05
N LEU J 241 -71.80 -39.16 9.40
CA LEU J 241 -72.95 -38.30 9.76
C LEU J 241 -72.72 -37.58 11.06
N ARG J 242 -73.26 -36.38 11.23
CA ARG J 242 -73.14 -35.68 12.49
C ARG J 242 -73.46 -36.58 13.67
N SER J 243 -74.54 -37.36 13.63
CA SER J 243 -74.85 -38.27 14.73
C SER J 243 -73.73 -39.30 14.99
N ASP J 244 -73.05 -39.72 13.94
CA ASP J 244 -72.04 -40.75 14.05
C ASP J 244 -70.78 -40.09 14.60
N ALA J 245 -70.51 -38.91 14.06
CA ALA J 245 -69.40 -38.06 14.38
C ALA J 245 -69.50 -37.62 15.81
N LEU J 246 -70.73 -37.37 16.26
CA LEU J 246 -71.07 -36.98 17.60
C LEU J 246 -70.59 -38.05 18.55
N ARG J 247 -70.96 -39.30 18.25
CA ARG J 247 -70.58 -40.41 19.11
C ARG J 247 -69.08 -40.74 19.02
N TYR J 248 -68.49 -40.62 17.83
CA TYR J 248 -67.05 -40.82 17.62
C TYR J 248 -66.25 -39.77 18.38
N GLY J 249 -66.70 -38.53 18.20
CA GLY J 249 -66.04 -37.36 18.71
C GLY J 249 -65.32 -36.60 17.60
N ALA J 250 -65.70 -36.84 16.33
CA ALA J 250 -65.11 -36.16 15.15
C ALA J 250 -65.82 -36.45 13.87
N VAL J 251 -65.65 -35.56 12.90
CA VAL J 251 -66.11 -35.80 11.55
C VAL J 251 -64.90 -35.49 10.67
N PRO J 252 -64.72 -36.18 9.55
CA PRO J 252 -63.70 -35.89 8.56
C PRO J 252 -64.07 -34.60 7.80
N ILE J 253 -63.09 -33.70 7.65
CA ILE J 253 -63.25 -32.41 6.97
C ILE J 253 -62.27 -32.20 5.81
N GLY J 254 -62.79 -31.91 4.61
CA GLY J 254 -61.92 -31.62 3.47
C GLY J 254 -61.49 -32.89 2.83
N PHE J 255 -61.44 -32.99 1.51
CA PHE J 255 -61.00 -34.27 1.00
C PHE J 255 -60.20 -34.16 -0.28
N GLN J 256 -58.90 -34.35 -0.15
CA GLN J 256 -58.01 -34.33 -1.29
C GLN J 256 -58.15 -35.73 -1.78
N ASN J 257 -57.66 -36.07 -2.95
CA ASN J 257 -57.83 -37.45 -3.39
C ASN J 257 -57.31 -38.48 -2.37
N GLY J 258 -56.36 -38.08 -1.53
CA GLY J 258 -55.84 -38.97 -0.52
C GLY J 258 -55.68 -38.30 0.85
N GLU J 259 -56.43 -37.21 1.14
CA GLU J 259 -56.19 -36.58 2.46
C GLU J 259 -57.38 -35.83 3.09
N VAL J 260 -57.57 -36.10 4.39
CA VAL J 260 -58.68 -35.55 5.23
C VAL J 260 -58.26 -34.99 6.62
N GLU J 261 -58.83 -33.87 7.06
CA GLU J 261 -58.57 -33.41 8.43
C GLU J 261 -59.63 -33.99 9.37
N VAL J 262 -59.30 -34.34 10.61
CA VAL J 262 -60.31 -34.91 11.52
C VAL J 262 -60.48 -34.15 12.82
N VAL J 263 -61.68 -33.66 13.06
CA VAL J 263 -61.86 -32.79 14.22
C VAL J 263 -62.26 -33.48 15.53
N LEU J 264 -61.26 -33.92 16.30
CA LEU J 264 -61.43 -34.68 17.56
C LEU J 264 -61.88 -33.98 18.83
N SER J 265 -62.52 -34.82 19.63
CA SER J 265 -62.77 -34.55 21.02
C SER J 265 -61.62 -35.21 21.81
N ASP J 266 -61.74 -36.46 22.25
CA ASP J 266 -60.67 -37.05 23.06
C ASP J 266 -59.82 -38.16 22.39
N PRO J 267 -58.56 -37.84 22.01
CA PRO J 267 -57.58 -38.66 21.30
C PRO J 267 -57.06 -39.86 22.09
N ARG J 268 -57.42 -40.00 23.37
CA ARG J 268 -56.95 -41.17 24.11
C ARG J 268 -57.90 -42.33 23.91
N HIS J 269 -59.14 -42.04 23.53
CA HIS J 269 -60.12 -43.11 23.44
C HIS J 269 -59.84 -43.95 22.21
N LYS J 270 -58.85 -44.85 22.33
CA LYS J 270 -58.31 -45.68 21.24
C LYS J 270 -59.37 -46.53 20.59
N GLU J 271 -60.33 -46.94 21.39
CA GLU J 271 -61.43 -47.76 20.91
C GLU J 271 -62.16 -47.03 19.79
N ALA J 272 -62.18 -45.68 19.86
CA ALA J 272 -62.81 -44.84 18.88
C ALA J 272 -61.79 -44.27 17.91
N VAL J 273 -60.77 -43.60 18.42
CA VAL J 273 -59.87 -42.82 17.58
C VAL J 273 -58.93 -43.64 16.72
N ALA J 274 -58.84 -44.94 16.96
CA ALA J 274 -58.07 -45.81 16.08
C ALA J 274 -58.78 -45.95 14.72
N GLN J 275 -60.05 -45.53 14.66
CA GLN J 275 -60.90 -45.58 13.47
C GLN J 275 -60.98 -44.19 12.81
N LEU J 276 -61.62 -44.10 11.63
CA LEU J 276 -61.86 -42.84 10.87
C LEU J 276 -60.58 -42.30 10.19
N LEU J 277 -59.49 -42.16 10.94
CA LEU J 277 -58.24 -41.60 10.40
C LEU J 277 -57.51 -42.71 9.61
N ASN J 278 -58.09 -43.06 8.46
CA ASN J 278 -57.67 -44.19 7.63
C ASN J 278 -56.98 -43.82 6.31
N ARG J 279 -56.35 -42.67 6.26
CA ARG J 279 -55.70 -42.16 5.07
C ARG J 279 -54.76 -41.08 5.55
N PRO J 280 -53.90 -40.48 4.73
CA PRO J 280 -53.14 -39.35 5.18
C PRO J 280 -54.16 -38.42 5.79
N ALA J 281 -53.95 -38.09 7.04
CA ALA J 281 -54.93 -37.30 7.74
C ALA J 281 -54.34 -36.80 9.04
N ARG J 282 -54.94 -35.77 9.58
CA ARG J 282 -54.46 -35.19 10.84
C ARG J 282 -55.57 -34.95 11.83
N PHE J 283 -55.32 -35.20 13.12
CA PHE J 283 -56.36 -34.88 14.08
C PHE J 283 -56.23 -33.46 14.61
N TYR J 284 -57.37 -32.82 14.77
CA TYR J 284 -57.51 -31.49 15.31
C TYR J 284 -58.45 -31.46 16.50
N LEU J 285 -58.23 -30.54 17.45
CA LEU J 285 -59.05 -30.57 18.68
C LEU J 285 -59.81 -29.29 19.14
N ALA J 286 -61.04 -29.53 19.70
CA ALA J 286 -61.93 -28.49 20.31
C ALA J 286 -63.13 -29.15 21.04
N LEU J 287 -63.96 -28.33 21.72
CA LEU J 287 -65.17 -28.80 22.44
C LEU J 287 -66.01 -29.66 21.51
N PRO J 288 -66.46 -30.88 21.91
CA PRO J 288 -67.26 -31.75 21.08
C PRO J 288 -68.56 -31.08 20.66
N GLN J 289 -69.04 -30.11 21.44
CA GLN J 289 -70.26 -29.39 21.08
C GLN J 289 -69.95 -28.47 19.92
N ALA J 290 -68.75 -27.88 19.92
CA ALA J 290 -68.35 -27.02 18.83
C ALA J 290 -68.26 -27.89 17.62
N TRP J 291 -67.73 -29.09 17.85
CA TRP J 291 -67.62 -30.03 16.78
C TRP J 291 -69.00 -30.38 16.28
N GLU J 292 -69.99 -30.57 17.16
CA GLU J 292 -71.34 -30.88 16.67
C GLU J 292 -71.82 -29.75 15.79
N GLU J 293 -71.50 -28.50 16.13
CA GLU J 293 -71.95 -27.41 15.27
C GLU J 293 -71.22 -27.47 13.92
N LEU J 294 -69.93 -27.86 13.94
CA LEU J 294 -69.19 -27.96 12.69
C LEU J 294 -69.78 -29.10 11.88
N PHE J 295 -70.11 -30.18 12.59
CA PHE J 295 -70.65 -31.38 11.97
C PHE J 295 -71.96 -31.02 11.33
N ARG J 296 -72.79 -30.20 12.00
CA ARG J 296 -74.07 -29.83 11.41
C ARG J 296 -73.86 -29.03 10.15
N ARG J 297 -72.86 -28.16 10.12
CA ARG J 297 -72.59 -27.44 8.88
C ARG J 297 -72.03 -28.35 7.79
N ALA J 298 -71.18 -29.31 8.18
CA ALA J 298 -70.49 -30.19 7.24
C ALA J 298 -71.33 -31.39 6.70
N TYR J 299 -72.20 -32.00 7.54
CA TYR J 299 -73.05 -33.18 7.22
C TYR J 299 -73.70 -33.78 8.49
N LEU K 330 -15.99 -35.02 39.26
CA LEU K 330 -17.35 -35.43 38.94
C LEU K 330 -18.05 -36.32 40.00
N PRO K 331 -18.34 -35.79 41.21
CA PRO K 331 -17.94 -34.52 41.80
C PRO K 331 -16.50 -34.54 42.33
N ARG K 332 -16.00 -35.73 42.68
CA ARG K 332 -14.62 -35.86 43.14
C ARG K 332 -14.15 -37.30 43.07
N ALA K 333 -13.05 -37.52 42.36
CA ALA K 333 -12.53 -38.86 42.20
C ALA K 333 -11.61 -39.30 43.31
N LYS K 334 -11.69 -40.57 43.63
CA LYS K 334 -10.67 -41.20 44.45
C LYS K 334 -9.66 -41.48 43.37
N PRO K 335 -8.35 -41.44 43.58
CA PRO K 335 -7.44 -41.72 42.51
C PRO K 335 -7.83 -43.07 42.02
N LEU K 336 -7.85 -43.23 40.72
CA LEU K 336 -8.34 -44.46 40.15
C LEU K 336 -7.66 -45.68 40.75
N GLY K 337 -6.38 -45.58 41.08
CA GLY K 337 -5.72 -46.73 41.65
C GLY K 337 -6.45 -47.25 42.89
N GLU K 338 -7.04 -46.33 43.65
CA GLU K 338 -7.75 -46.66 44.86
C GLU K 338 -9.08 -47.25 44.54
N ILE K 339 -9.77 -46.72 43.53
CA ILE K 339 -11.10 -47.27 43.30
C ILE K 339 -10.91 -48.72 42.88
N LEU K 340 -9.81 -49.01 42.20
CA LEU K 340 -9.54 -50.37 41.83
C LEU K 340 -9.36 -51.20 43.08
N VAL K 341 -8.72 -50.65 44.10
CA VAL K 341 -8.60 -51.44 45.30
C VAL K 341 -9.96 -51.73 45.88
N GLU K 342 -10.81 -50.71 45.93
CA GLU K 342 -12.13 -50.92 46.50
C GLU K 342 -12.94 -51.90 45.65
N LEU K 343 -12.70 -51.92 44.34
CA LEU K 343 -13.38 -52.82 43.42
C LEU K 343 -12.79 -54.23 43.42
N GLY K 344 -11.70 -54.44 44.17
CA GLY K 344 -11.02 -55.73 44.23
C GLY K 344 -10.07 -55.91 43.05
N LEU K 345 -9.87 -54.85 42.29
CA LEU K 345 -9.06 -54.82 41.08
C LEU K 345 -7.62 -54.44 41.35
N ALA K 346 -7.29 -54.22 42.61
CA ALA K 346 -5.95 -53.88 43.02
C ALA K 346 -5.82 -54.23 44.50
N ARG K 347 -4.63 -54.54 44.97
CA ARG K 347 -4.50 -54.71 46.41
C ARG K 347 -4.20 -53.36 47.01
N PRO K 348 -4.55 -53.09 48.27
CA PRO K 348 -4.11 -51.93 49.00
C PRO K 348 -2.59 -51.78 48.90
N GLU K 349 -1.89 -52.92 48.80
CA GLU K 349 -0.44 -52.96 48.68
C GLU K 349 0.03 -52.43 47.33
N ASP K 350 -0.80 -52.57 46.30
CA ASP K 350 -0.38 -52.17 44.98
C ASP K 350 -0.48 -50.70 44.88
N VAL K 351 -1.51 -50.15 45.50
CA VAL K 351 -1.60 -48.72 45.45
C VAL K 351 -0.59 -48.09 46.37
N GLU K 352 -0.23 -48.76 47.48
CA GLU K 352 0.78 -48.13 48.31
C GLU K 352 2.15 -48.19 47.69
N GLU K 353 2.55 -49.34 47.13
CA GLU K 353 3.88 -49.35 46.54
C GLU K 353 3.95 -48.38 45.39
N ALA K 354 2.89 -48.37 44.59
CA ALA K 354 2.85 -47.49 43.43
C ALA K 354 2.85 -46.03 43.84
N LEU K 355 2.16 -45.70 44.93
CA LEU K 355 2.09 -44.35 45.44
C LEU K 355 3.47 -43.91 45.90
N GLN K 356 4.18 -44.80 46.58
CA GLN K 356 5.50 -44.46 47.05
C GLN K 356 6.40 -44.16 45.84
N LYS K 357 6.16 -44.85 44.73
CA LYS K 357 6.94 -44.66 43.51
C LYS K 357 6.58 -43.35 42.78
N GLN K 358 5.29 -42.96 42.70
CA GLN K 358 4.94 -41.72 41.98
C GLN K 358 5.55 -40.50 42.63
N ARG K 359 5.90 -40.59 43.91
CA ARG K 359 6.53 -39.46 44.60
C ARG K 359 7.75 -38.95 43.84
N ARG K 360 8.39 -39.81 43.04
CA ARG K 360 9.54 -39.44 42.25
C ARG K 360 9.27 -39.76 40.79
N GLY K 361 8.36 -40.72 40.58
CA GLY K 361 7.97 -41.16 39.24
C GLY K 361 7.35 -40.00 38.43
N GLY K 362 6.62 -39.13 39.12
CA GLY K 362 6.01 -37.94 38.52
C GLY K 362 4.58 -38.12 37.99
N GLY K 363 4.10 -39.35 37.94
CA GLY K 363 2.74 -39.58 37.44
C GLY K 363 1.73 -39.57 38.59
N ARG K 364 0.48 -39.87 38.29
CA ARG K 364 -0.58 -39.95 39.30
C ARG K 364 -0.50 -41.34 39.87
N LEU K 365 -1.15 -41.62 41.01
CA LEU K 365 -1.22 -43.01 41.49
C LEU K 365 -1.60 -43.96 40.38
N GLU K 366 -2.52 -43.51 39.58
CA GLU K 366 -3.08 -44.27 38.51
C GLU K 366 -2.00 -44.66 37.48
N ASP K 367 -1.05 -43.74 37.27
CA ASP K 367 -0.07 -43.93 36.22
C ASP K 367 1.04 -44.80 36.75
N THR K 368 1.41 -44.59 38.01
CA THR K 368 2.48 -45.38 38.56
C THR K 368 2.05 -46.84 38.65
N LEU K 369 0.77 -47.09 38.90
CA LEU K 369 0.27 -48.46 38.91
C LEU K 369 0.36 -49.14 37.56
N VAL K 370 0.08 -48.42 36.48
CA VAL K 370 0.22 -49.11 35.21
C VAL K 370 1.70 -49.19 34.79
N GLN K 371 2.48 -48.16 35.13
CA GLN K 371 3.91 -48.14 34.82
C GLN K 371 4.66 -49.23 35.57
N SER K 372 4.21 -49.51 36.79
CA SER K 372 4.79 -50.52 37.67
C SER K 372 4.40 -51.94 37.28
N GLY K 373 3.51 -52.10 36.30
CA GLY K 373 3.07 -53.43 35.90
C GLY K 373 2.04 -54.01 36.87
N LYS K 374 1.30 -53.15 37.57
CA LYS K 374 0.32 -53.62 38.52
C LYS K 374 -1.07 -53.57 37.90
N LEU K 375 -1.31 -52.56 37.09
CA LEU K 375 -2.58 -52.38 36.42
C LEU K 375 -2.52 -52.22 34.91
N ARG K 376 -3.63 -52.50 34.24
CA ARG K 376 -3.77 -52.19 32.82
C ARG K 376 -4.39 -50.78 32.73
N PRO K 377 -3.97 -49.89 31.81
CA PRO K 377 -4.60 -48.59 31.56
C PRO K 377 -6.11 -48.72 31.35
N GLU K 378 -6.53 -49.85 30.78
CA GLU K 378 -7.92 -50.12 30.54
C GLU K 378 -8.67 -50.37 31.84
N ALA K 379 -8.00 -51.01 32.81
CA ALA K 379 -8.61 -51.31 34.09
C ALA K 379 -8.82 -50.00 34.78
N LEU K 380 -7.86 -49.08 34.59
CA LEU K 380 -8.01 -47.82 35.26
C LEU K 380 -9.25 -47.16 34.69
N ALA K 381 -9.33 -47.12 33.36
CA ALA K 381 -10.44 -46.47 32.67
C ALA K 381 -11.80 -47.11 32.95
N GLN K 382 -11.87 -48.43 33.01
CA GLN K 382 -13.17 -49.02 33.33
C GLN K 382 -13.53 -48.68 34.74
N ALA K 383 -12.53 -48.66 35.59
CA ALA K 383 -12.76 -48.30 36.95
C ALA K 383 -13.05 -46.81 37.05
N VAL K 384 -12.56 -45.97 36.10
CA VAL K 384 -12.88 -44.54 36.07
C VAL K 384 -14.37 -44.39 35.82
N ALA K 385 -14.88 -45.19 34.90
CA ALA K 385 -16.29 -45.19 34.60
C ALA K 385 -17.09 -45.47 35.87
N THR K 386 -16.59 -46.45 36.61
CA THR K 386 -17.17 -46.89 37.88
C THR K 386 -17.00 -45.82 38.97
N GLN K 387 -15.82 -45.22 39.02
CA GLN K 387 -15.38 -44.21 39.97
C GLN K 387 -16.28 -42.99 39.99
N LEU K 388 -16.58 -42.47 38.80
CA LEU K 388 -17.34 -41.23 38.68
C LEU K 388 -18.83 -41.30 38.30
N GLY K 389 -19.32 -42.33 37.61
CA GLY K 389 -20.76 -42.33 37.28
C GLY K 389 -21.13 -42.31 35.79
N TYR K 390 -20.43 -43.09 34.99
CA TYR K 390 -20.69 -43.19 33.55
C TYR K 390 -20.08 -44.47 33.02
N PRO K 391 -20.45 -44.96 31.83
CA PRO K 391 -19.83 -46.10 31.18
C PRO K 391 -18.47 -45.83 30.56
N TYR K 392 -17.69 -46.89 30.42
CA TYR K 392 -16.51 -46.87 29.59
C TYR K 392 -17.04 -47.07 28.22
N VAL K 393 -16.75 -46.20 27.28
CA VAL K 393 -17.35 -46.41 25.96
C VAL K 393 -16.32 -46.26 24.89
N ASP K 394 -16.43 -46.97 23.81
CA ASP K 394 -15.49 -46.71 22.76
C ASP K 394 -15.93 -45.42 22.04
N PRO K 395 -14.99 -44.58 21.57
CA PRO K 395 -15.21 -43.43 20.73
C PRO K 395 -16.02 -43.78 19.46
N GLU K 396 -15.94 -45.05 19.03
CA GLU K 396 -16.67 -45.49 17.84
C GLU K 396 -18.03 -46.12 18.20
N GLU K 397 -18.39 -46.16 19.50
CA GLU K 397 -19.65 -46.77 19.97
C GLU K 397 -20.65 -45.76 20.45
N ASP K 398 -20.30 -45.05 21.52
CA ASP K 398 -21.24 -44.09 22.08
C ASP K 398 -21.29 -42.99 21.02
N PRO K 399 -22.48 -42.71 20.47
CA PRO K 399 -22.68 -41.93 19.27
C PRO K 399 -21.91 -40.61 19.19
N PRO K 400 -20.93 -40.50 18.26
CA PRO K 400 -20.10 -39.35 17.97
C PRO K 400 -20.86 -38.34 17.10
N ASP K 401 -21.96 -37.84 17.65
CA ASP K 401 -22.89 -36.91 16.99
C ASP K 401 -22.24 -35.60 16.58
N PRO K 402 -22.28 -35.19 15.29
CA PRO K 402 -21.62 -34.00 14.75
C PRO K 402 -21.96 -32.68 15.46
N GLY K 403 -23.08 -32.63 16.17
CA GLY K 403 -23.41 -31.40 16.87
C GLY K 403 -22.35 -31.16 17.94
N ALA K 404 -21.85 -32.25 18.50
CA ALA K 404 -20.88 -32.21 19.54
C ALA K 404 -19.62 -31.48 19.02
N PRO K 405 -19.14 -31.75 17.78
CA PRO K 405 -18.10 -30.95 17.13
C PRO K 405 -18.43 -29.51 16.92
N LEU K 406 -19.71 -29.18 16.83
CA LEU K 406 -20.04 -27.77 16.66
C LEU K 406 -19.81 -27.12 17.99
N LEU K 407 -20.14 -27.86 19.05
CA LEU K 407 -19.92 -27.35 20.38
C LEU K 407 -18.44 -27.31 20.72
N LEU K 408 -17.71 -28.39 20.48
CA LEU K 408 -16.30 -28.46 20.86
C LEU K 408 -15.38 -28.97 19.71
N PRO K 409 -14.83 -28.06 18.85
CA PRO K 409 -13.95 -28.26 17.68
C PRO K 409 -12.61 -28.95 17.96
N GLU K 410 -11.94 -29.43 16.91
CA GLU K 410 -10.65 -30.14 16.99
C GLU K 410 -9.59 -29.51 17.89
N ASP K 411 -9.41 -28.19 17.82
CA ASP K 411 -8.38 -27.56 18.64
C ASP K 411 -8.66 -27.73 20.13
N LEU K 412 -9.94 -27.65 20.50
CA LEU K 412 -10.35 -27.75 21.88
C LEU K 412 -10.26 -29.23 22.27
N CYS K 413 -10.56 -30.12 21.31
CA CYS K 413 -10.50 -31.54 21.57
C CYS K 413 -9.08 -32.02 21.87
N ARG K 414 -8.13 -31.69 20.97
CA ARG K 414 -6.76 -32.16 21.10
C ARG K 414 -6.07 -31.62 22.35
N ARG K 415 -6.35 -30.37 22.71
CA ARG K 415 -5.72 -29.80 23.88
C ARG K 415 -6.17 -30.46 25.19
N TYR K 416 -7.32 -31.14 25.19
CA TYR K 416 -7.82 -31.72 26.43
C TYR K 416 -7.96 -33.26 26.39
N GLY K 417 -7.76 -33.88 25.23
CA GLY K 417 -7.87 -35.34 25.15
C GLY K 417 -9.32 -35.79 25.19
N VAL K 418 -10.19 -35.01 24.55
CA VAL K 418 -11.59 -35.35 24.61
C VAL K 418 -12.23 -35.54 23.24
N PHE K 419 -13.21 -36.42 23.17
CA PHE K 419 -13.99 -36.63 21.95
C PHE K 419 -15.47 -36.43 22.25
N PRO K 420 -16.03 -35.27 21.95
CA PRO K 420 -17.42 -34.98 22.14
C PRO K 420 -18.39 -35.96 21.51
N HIS K 421 -19.22 -36.56 22.34
CA HIS K 421 -20.29 -37.46 21.93
C HIS K 421 -21.54 -36.64 22.00
N ARG K 422 -22.67 -37.24 21.74
CA ARG K 422 -23.92 -36.49 21.65
C ARG K 422 -24.17 -35.38 22.65
N LEU K 423 -24.89 -34.40 22.10
CA LEU K 423 -25.42 -33.29 22.83
C LEU K 423 -26.83 -33.60 23.25
N GLU K 424 -27.21 -33.07 24.39
CA GLU K 424 -28.59 -33.16 24.85
C GLU K 424 -28.97 -31.73 25.18
N GLY K 425 -29.42 -30.99 24.17
CA GLY K 425 -29.57 -29.57 24.36
C GLY K 425 -28.18 -29.00 24.62
N ASN K 426 -28.00 -28.33 25.74
CA ASN K 426 -26.69 -27.76 26.04
C ASN K 426 -25.68 -28.81 26.50
N ARG K 427 -26.18 -29.89 27.09
CA ARG K 427 -25.37 -30.93 27.73
C ARG K 427 -24.46 -31.65 26.75
N LEU K 428 -23.22 -31.92 27.14
CA LEU K 428 -22.29 -32.63 26.23
C LEU K 428 -21.54 -33.80 26.82
N VAL K 429 -21.71 -34.95 26.18
CA VAL K 429 -21.01 -36.11 26.61
C VAL K 429 -19.59 -36.14 26.11
N LEU K 430 -18.68 -35.52 26.83
CA LEU K 430 -17.34 -35.64 26.33
C LEU K 430 -16.84 -37.02 26.61
N LEU K 431 -16.19 -37.63 25.65
CA LEU K 431 -15.52 -38.86 25.93
C LEU K 431 -14.12 -38.47 26.30
N MET K 432 -13.72 -38.69 27.53
CA MET K 432 -12.45 -38.12 27.91
C MET K 432 -11.47 -39.22 28.23
N LYS K 433 -10.18 -38.97 28.01
CA LYS K 433 -9.18 -39.95 28.43
C LYS K 433 -9.34 -40.32 29.91
N ASP K 434 -9.85 -39.37 30.68
CA ASP K 434 -10.13 -39.49 32.09
C ASP K 434 -10.92 -38.25 32.54
N PRO K 435 -12.26 -38.32 32.67
CA PRO K 435 -13.11 -37.21 33.09
C PRO K 435 -12.72 -36.64 34.46
N ARG K 436 -11.89 -37.37 35.22
CA ARG K 436 -11.37 -36.91 36.49
C ARG K 436 -10.65 -35.57 36.38
N ASN K 437 -10.04 -35.30 35.23
CA ASN K 437 -9.24 -34.08 35.14
C ASN K 437 -10.06 -32.83 35.02
N ILE K 438 -10.38 -32.28 36.19
CA ILE K 438 -11.20 -31.09 36.33
C ILE K 438 -10.56 -29.83 35.78
N LEU K 439 -9.27 -29.83 35.47
CA LEU K 439 -8.69 -28.61 34.96
C LEU K 439 -8.87 -28.62 33.47
N ALA K 440 -8.66 -29.78 32.87
CA ALA K 440 -8.86 -29.92 31.44
C ALA K 440 -10.32 -29.62 31.17
N LEU K 441 -11.16 -30.14 32.06
CA LEU K 441 -12.59 -29.97 31.97
C LEU K 441 -12.98 -28.52 32.16
N ASP K 442 -12.43 -27.84 33.18
CA ASP K 442 -12.81 -26.45 33.41
C ASP K 442 -12.39 -25.56 32.26
N ASP K 443 -11.24 -25.84 31.63
CA ASP K 443 -10.85 -25.02 30.49
C ASP K 443 -11.84 -25.22 29.34
N VAL K 444 -12.28 -26.47 29.14
CA VAL K 444 -13.26 -26.74 28.11
C VAL K 444 -14.56 -26.05 28.43
N ARG K 445 -15.00 -26.13 29.68
CA ARG K 445 -16.24 -25.52 30.11
C ARG K 445 -16.31 -24.04 29.79
N LEU K 446 -15.29 -23.30 30.19
CA LEU K 446 -15.28 -21.88 29.94
C LEU K 446 -15.21 -21.56 28.46
N ALA K 447 -14.38 -22.32 27.74
CA ALA K 447 -14.24 -22.12 26.32
C ALA K 447 -15.55 -22.36 25.62
N LEU K 448 -16.30 -23.37 26.05
CA LEU K 448 -17.55 -23.66 25.39
C LEU K 448 -18.64 -22.68 25.79
N LYS K 449 -18.69 -22.33 27.08
CA LYS K 449 -19.72 -21.44 27.58
C LYS K 449 -19.78 -20.15 26.79
N ARG K 450 -18.63 -19.60 26.43
CA ARG K 450 -18.62 -18.35 25.70
C ARG K 450 -18.44 -18.49 24.18
N LYS K 451 -18.51 -19.70 23.65
CA LYS K 451 -18.34 -19.89 22.20
C LYS K 451 -19.49 -20.64 21.53
N GLY K 452 -20.05 -21.63 22.23
CA GLY K 452 -21.08 -22.50 21.67
C GLY K 452 -22.35 -22.52 22.53
N LEU K 453 -22.52 -23.62 23.24
CA LEU K 453 -23.68 -23.88 24.10
C LEU K 453 -23.30 -23.71 25.56
N ASN K 454 -24.27 -23.80 26.46
CA ASN K 454 -23.97 -23.62 27.89
C ASN K 454 -23.19 -24.81 28.46
N TYR K 455 -23.13 -25.89 27.69
CA TYR K 455 -22.44 -27.11 28.05
C TYR K 455 -23.14 -27.77 29.24
N GLU K 456 -22.37 -28.38 30.13
CA GLU K 456 -22.75 -29.30 31.21
C GLU K 456 -22.23 -30.64 30.78
N VAL K 457 -21.01 -30.95 31.18
CA VAL K 457 -20.42 -32.19 30.75
C VAL K 457 -21.22 -33.35 31.28
N ALA K 458 -21.40 -34.36 30.47
CA ALA K 458 -22.06 -35.58 30.88
C ALA K 458 -21.24 -36.72 30.31
N PRO K 459 -19.98 -36.79 30.71
CA PRO K 459 -18.91 -37.52 30.08
C PRO K 459 -18.98 -39.01 30.17
N ALA K 460 -18.09 -39.60 29.40
CA ALA K 460 -17.83 -41.02 29.38
C ALA K 460 -16.32 -41.17 29.33
N VAL K 461 -15.79 -42.37 29.50
CA VAL K 461 -14.32 -42.50 29.48
C VAL K 461 -13.81 -43.51 28.48
N ALA K 462 -12.66 -43.20 27.89
CA ALA K 462 -12.03 -44.14 26.96
C ALA K 462 -10.55 -43.97 26.87
N THR K 463 -9.87 -45.00 26.42
CA THR K 463 -8.45 -44.88 26.18
C THR K 463 -8.16 -43.65 25.30
N GLU K 464 -7.22 -42.83 25.75
CA GLU K 464 -6.83 -41.61 25.06
C GLU K 464 -6.55 -41.81 23.58
N ALA K 465 -5.84 -42.88 23.27
CA ALA K 465 -5.45 -43.14 21.89
C ALA K 465 -6.67 -43.32 20.98
N ALA K 466 -7.73 -43.94 21.50
CA ALA K 466 -8.91 -44.20 20.73
C ALA K 466 -9.67 -42.90 20.53
N ILE K 467 -9.67 -42.09 21.59
CA ILE K 467 -10.33 -40.81 21.57
C ILE K 467 -9.68 -39.97 20.50
N THR K 468 -8.36 -40.00 20.48
CA THR K 468 -7.56 -39.27 19.53
C THR K 468 -7.84 -39.72 18.09
N LYS K 469 -7.98 -41.04 17.85
CA LYS K 469 -8.31 -41.48 16.48
C LYS K 469 -9.59 -40.83 16.03
N LEU K 470 -10.54 -40.77 16.94
CA LEU K 470 -11.83 -40.24 16.58
C LEU K 470 -11.79 -38.70 16.49
N ILE K 471 -10.99 -38.03 17.30
CA ILE K 471 -10.92 -36.57 17.23
C ILE K 471 -10.48 -36.17 15.83
N GLU K 472 -9.48 -36.87 15.34
CA GLU K 472 -8.95 -36.66 14.01
C GLU K 472 -10.07 -36.72 12.96
N ARG K 473 -10.90 -37.74 13.06
CA ARG K 473 -12.00 -37.98 12.12
C ARG K 473 -13.20 -37.01 12.17
N PHE K 474 -13.59 -36.57 13.36
CA PHE K 474 -14.83 -35.80 13.52
C PHE K 474 -14.85 -34.29 13.77
N TYR K 475 -13.73 -33.59 13.87
CA TYR K 475 -13.84 -32.19 14.24
C TYR K 475 -13.18 -31.18 13.32
N LEU L 330 -44.78 -2.70 23.19
CA LEU L 330 -45.74 -3.23 22.24
C LEU L 330 -45.46 -4.70 21.91
N PRO L 331 -46.24 -5.65 22.45
CA PRO L 331 -47.41 -5.59 23.32
C PRO L 331 -47.05 -5.10 24.71
N ARG L 332 -48.06 -4.75 25.51
CA ARG L 332 -47.82 -4.24 26.87
C ARG L 332 -47.10 -5.20 27.81
N ALA L 333 -47.12 -6.51 27.54
CA ALA L 333 -46.39 -7.44 28.41
C ALA L 333 -46.72 -7.23 29.87
N LYS L 334 -47.98 -7.49 30.24
CA LYS L 334 -48.38 -7.19 31.61
C LYS L 334 -47.35 -7.80 32.56
N PRO L 335 -46.93 -7.13 33.63
CA PRO L 335 -45.98 -7.68 34.56
C PRO L 335 -46.49 -9.05 34.86
N LEU L 336 -45.63 -10.03 34.81
CA LEU L 336 -46.13 -11.37 34.98
C LEU L 336 -46.80 -11.50 36.33
N GLY L 337 -46.12 -11.10 37.38
CA GLY L 337 -46.68 -11.20 38.70
C GLY L 337 -48.02 -10.48 38.87
N GLU L 338 -48.20 -9.35 38.19
CA GLU L 338 -49.45 -8.63 38.33
C GLU L 338 -50.62 -9.52 37.97
N ILE L 339 -50.50 -10.15 36.81
CA ILE L 339 -51.57 -11.00 36.38
C ILE L 339 -51.62 -12.30 37.16
N LEU L 340 -50.50 -12.75 37.70
CA LEU L 340 -50.58 -14.01 38.40
C LEU L 340 -51.43 -13.86 39.63
N VAL L 341 -51.39 -12.68 40.23
CA VAL L 341 -52.23 -12.47 41.38
C VAL L 341 -53.69 -12.47 41.00
N GLU L 342 -54.05 -11.70 39.97
CA GLU L 342 -55.44 -11.62 39.55
C GLU L 342 -56.00 -12.97 39.11
N LEU L 343 -55.14 -13.75 38.49
CA LEU L 343 -55.49 -15.05 37.96
C LEU L 343 -55.40 -16.18 38.99
N GLY L 344 -54.87 -15.89 40.20
CA GLY L 344 -54.70 -16.92 41.23
C GLY L 344 -53.59 -17.92 40.90
N LEU L 345 -52.57 -17.48 40.17
CA LEU L 345 -51.48 -18.32 39.72
C LEU L 345 -50.21 -18.20 40.58
N ALA L 346 -50.17 -17.11 41.33
CA ALA L 346 -49.11 -16.78 42.31
C ALA L 346 -49.75 -15.85 43.32
N ARG L 347 -49.18 -15.72 44.51
CA ARG L 347 -49.81 -14.86 45.48
C ARG L 347 -49.11 -13.50 45.57
N PRO L 348 -49.76 -12.43 46.07
CA PRO L 348 -49.15 -11.13 46.29
C PRO L 348 -47.81 -11.20 47.04
N GLU L 349 -47.67 -12.20 47.91
CA GLU L 349 -46.44 -12.38 48.67
C GLU L 349 -45.30 -12.75 47.74
N ASP L 350 -45.62 -13.49 46.70
CA ASP L 350 -44.62 -14.00 45.80
C ASP L 350 -44.21 -12.91 44.86
N VAL L 351 -45.20 -12.16 44.46
CA VAL L 351 -44.96 -11.10 43.53
C VAL L 351 -44.22 -9.96 44.19
N GLU L 352 -44.59 -9.59 45.41
CA GLU L 352 -43.88 -8.51 46.08
C GLU L 352 -42.43 -8.91 46.28
N GLU L 353 -42.16 -10.16 46.67
CA GLU L 353 -40.77 -10.53 46.81
C GLU L 353 -40.06 -10.44 45.45
N ALA L 354 -40.73 -10.88 44.37
CA ALA L 354 -40.13 -10.81 43.04
C ALA L 354 -39.85 -9.37 42.64
N LEU L 355 -40.76 -8.46 42.97
CA LEU L 355 -40.57 -7.06 42.62
C LEU L 355 -39.35 -6.47 43.33
N GLN L 356 -39.18 -6.84 44.59
CA GLN L 356 -38.02 -6.35 45.33
C GLN L 356 -36.74 -6.89 44.72
N LYS L 357 -36.78 -8.14 44.23
CA LYS L 357 -35.59 -8.72 43.64
C LYS L 357 -35.26 -8.14 42.28
N GLN L 358 -36.25 -8.04 41.39
CA GLN L 358 -35.99 -7.60 40.03
C GLN L 358 -35.55 -6.16 39.99
N ARG L 359 -35.98 -5.40 40.98
CA ARG L 359 -35.64 -4.02 41.16
C ARG L 359 -34.12 -3.80 41.18
N ARG L 360 -33.40 -4.77 41.73
CA ARG L 360 -31.96 -4.68 41.89
C ARG L 360 -31.21 -5.97 41.53
N GLY L 361 -31.93 -6.99 41.08
CA GLY L 361 -31.38 -8.30 40.77
C GLY L 361 -31.09 -8.55 39.30
N GLY L 362 -31.20 -7.53 38.46
CA GLY L 362 -30.94 -7.68 37.03
C GLY L 362 -32.11 -8.28 36.25
N GLY L 363 -32.59 -9.43 36.69
CA GLY L 363 -33.71 -10.10 36.04
C GLY L 363 -34.98 -9.27 36.19
N ARG L 364 -35.96 -9.54 35.35
CA ARG L 364 -37.25 -8.86 35.35
C ARG L 364 -38.16 -9.58 36.33
N LEU L 365 -39.32 -9.03 36.69
CA LEU L 365 -40.09 -9.82 37.67
C LEU L 365 -40.43 -11.20 37.13
N GLU L 366 -40.54 -11.38 35.80
CA GLU L 366 -40.84 -12.72 35.32
C GLU L 366 -39.64 -13.65 35.48
N ASP L 367 -38.44 -13.06 35.57
CA ASP L 367 -37.27 -13.88 35.68
C ASP L 367 -37.13 -14.21 37.12
N THR L 368 -37.39 -13.23 37.98
CA THR L 368 -37.23 -13.51 39.39
C THR L 368 -38.34 -14.42 39.87
N LEU L 369 -39.52 -14.35 39.23
CA LEU L 369 -40.60 -15.25 39.59
C LEU L 369 -40.28 -16.67 39.15
N VAL L 370 -39.78 -16.87 37.93
CA VAL L 370 -39.51 -18.25 37.58
C VAL L 370 -38.28 -18.76 38.33
N GLN L 371 -37.29 -17.89 38.54
CA GLN L 371 -36.04 -18.17 39.23
C GLN L 371 -36.28 -18.59 40.67
N SER L 372 -37.27 -17.94 41.29
CA SER L 372 -37.60 -18.19 42.68
C SER L 372 -38.57 -19.35 42.85
N GLY L 373 -39.07 -19.93 41.75
CA GLY L 373 -40.05 -21.01 41.85
C GLY L 373 -41.44 -20.50 42.24
N LYS L 374 -41.76 -19.26 41.88
CA LYS L 374 -43.02 -18.62 42.24
C LYS L 374 -44.12 -18.70 41.21
N LEU L 375 -43.89 -19.46 40.16
CA LEU L 375 -44.87 -19.62 39.10
C LEU L 375 -45.47 -21.02 39.08
N ARG L 376 -46.77 -21.19 39.32
CA ARG L 376 -47.27 -22.55 39.17
C ARG L 376 -47.21 -22.74 37.66
N PRO L 377 -47.17 -23.93 37.07
CA PRO L 377 -47.20 -24.08 35.62
C PRO L 377 -48.29 -23.22 34.96
N GLU L 378 -49.42 -23.10 35.64
CA GLU L 378 -50.55 -22.31 35.19
C GLU L 378 -50.13 -20.82 35.04
N ALA L 379 -49.18 -20.39 35.90
CA ALA L 379 -48.60 -19.04 36.00
C ALA L 379 -47.69 -18.74 34.85
N LEU L 380 -47.47 -19.73 34.01
CA LEU L 380 -46.74 -19.55 32.79
C LEU L 380 -47.76 -19.61 31.67
N ALA L 381 -48.53 -20.69 31.60
CA ALA L 381 -49.47 -20.85 30.47
C ALA L 381 -50.65 -19.88 30.47
N GLN L 382 -51.40 -19.78 31.58
CA GLN L 382 -52.58 -18.95 31.56
C GLN L 382 -52.14 -17.52 31.73
N ALA L 383 -51.06 -17.35 32.48
CA ALA L 383 -50.55 -16.02 32.71
C ALA L 383 -49.99 -15.41 31.44
N VAL L 384 -49.14 -16.11 30.71
CA VAL L 384 -48.60 -15.54 29.49
C VAL L 384 -49.71 -15.28 28.51
N ALA L 385 -50.65 -16.23 28.43
CA ALA L 385 -51.73 -16.02 27.52
C ALA L 385 -52.46 -14.72 27.87
N THR L 386 -52.70 -14.48 29.16
CA THR L 386 -53.37 -13.27 29.65
C THR L 386 -52.54 -12.00 29.40
N GLN L 387 -51.25 -12.12 29.65
CA GLN L 387 -50.25 -11.08 29.59
C GLN L 387 -50.12 -10.41 28.22
N LEU L 388 -50.13 -11.28 27.20
CA LEU L 388 -49.86 -10.92 25.82
C LEU L 388 -50.98 -11.26 24.81
N GLY L 389 -51.90 -12.16 25.16
CA GLY L 389 -52.90 -12.67 24.21
C GLY L 389 -52.33 -13.82 23.38
N TYR L 390 -51.47 -14.62 24.00
CA TYR L 390 -50.76 -15.71 23.31
C TYR L 390 -51.17 -17.17 23.68
N PRO L 391 -51.07 -18.11 22.72
CA PRO L 391 -51.18 -19.58 22.85
C PRO L 391 -50.08 -20.29 23.67
N TYR L 392 -50.27 -21.60 23.85
CA TYR L 392 -49.29 -22.47 24.51
C TYR L 392 -49.30 -23.92 23.98
N VAL L 393 -48.10 -24.52 23.96
CA VAL L 393 -47.77 -25.89 23.46
C VAL L 393 -46.67 -26.65 24.26
N ASP L 394 -46.36 -27.88 23.81
CA ASP L 394 -45.22 -28.69 24.30
C ASP L 394 -44.58 -29.51 23.19
N PRO L 395 -43.55 -28.99 22.52
CA PRO L 395 -42.84 -29.54 21.36
C PRO L 395 -42.35 -30.97 21.49
N GLU L 396 -42.25 -31.54 22.70
CA GLU L 396 -41.78 -32.92 22.66
C GLU L 396 -42.90 -33.76 22.07
N GLU L 397 -44.13 -33.26 22.23
CA GLU L 397 -45.33 -33.91 21.77
C GLU L 397 -45.90 -33.16 20.56
N ASP L 398 -46.00 -31.82 20.66
CA ASP L 398 -46.60 -31.03 19.56
C ASP L 398 -45.88 -31.28 18.26
N PRO L 399 -46.64 -31.55 17.20
CA PRO L 399 -46.10 -31.99 15.96
C PRO L 399 -45.23 -30.94 15.28
N PRO L 400 -44.17 -31.38 14.60
CA PRO L 400 -43.25 -30.58 13.83
C PRO L 400 -43.81 -30.20 12.45
N ASP L 401 -44.82 -29.33 12.43
CA ASP L 401 -45.44 -28.84 11.17
C ASP L 401 -44.56 -28.92 9.94
N PRO L 402 -44.81 -29.83 8.97
CA PRO L 402 -43.86 -30.18 7.88
C PRO L 402 -42.95 -29.08 7.28
N GLY L 403 -43.31 -27.80 7.38
CA GLY L 403 -42.47 -26.74 6.84
C GLY L 403 -41.65 -26.09 7.97
N ALA L 404 -42.28 -25.99 9.15
CA ALA L 404 -41.67 -25.35 10.31
C ALA L 404 -40.29 -25.94 10.73
N PRO L 405 -40.03 -27.28 10.68
CA PRO L 405 -38.77 -27.93 11.00
C PRO L 405 -37.60 -27.42 10.22
N LEU L 406 -37.86 -26.71 9.12
CA LEU L 406 -36.80 -26.15 8.33
C LEU L 406 -37.04 -24.67 8.10
N LEU L 407 -37.65 -24.00 9.08
CA LEU L 407 -37.99 -22.57 9.05
C LEU L 407 -37.21 -21.57 9.88
N LEU L 408 -36.92 -21.90 11.11
CA LEU L 408 -36.31 -20.95 12.01
C LEU L 408 -34.87 -21.44 12.27
N PRO L 409 -33.82 -20.78 11.75
CA PRO L 409 -32.45 -21.26 11.80
C PRO L 409 -32.05 -21.75 13.17
N GLU L 410 -31.21 -22.79 13.23
CA GLU L 410 -30.75 -23.31 14.52
C GLU L 410 -30.11 -22.20 15.37
N ASP L 411 -29.35 -21.31 14.72
CA ASP L 411 -28.73 -20.20 15.43
C ASP L 411 -29.77 -19.34 16.09
N LEU L 412 -30.79 -18.96 15.34
CA LEU L 412 -31.83 -18.07 15.82
C LEU L 412 -32.55 -18.77 16.97
N CYS L 413 -32.82 -20.05 16.76
CA CYS L 413 -33.52 -20.86 17.73
C CYS L 413 -32.86 -20.86 19.06
N ARG L 414 -31.58 -21.18 19.05
CA ARG L 414 -30.81 -21.28 20.26
C ARG L 414 -30.64 -19.91 20.91
N ARG L 415 -30.48 -18.87 20.09
CA ARG L 415 -30.33 -17.52 20.60
C ARG L 415 -31.54 -17.04 21.38
N TYR L 416 -32.74 -17.40 20.93
CA TYR L 416 -33.92 -16.91 21.61
C TYR L 416 -34.80 -17.94 22.31
N GLY L 417 -34.46 -19.23 22.25
CA GLY L 417 -35.28 -20.22 22.94
C GLY L 417 -36.57 -20.52 22.17
N VAL L 418 -36.45 -20.68 20.84
CA VAL L 418 -37.64 -20.91 20.03
C VAL L 418 -37.69 -22.12 19.08
N PHE L 419 -38.93 -22.49 18.73
CA PHE L 419 -39.24 -23.54 17.73
C PHE L 419 -40.48 -23.06 16.97
N PRO L 420 -40.47 -23.05 15.65
CA PRO L 420 -41.60 -22.67 14.83
C PRO L 420 -42.68 -23.75 14.80
N HIS L 421 -43.95 -23.38 14.89
CA HIS L 421 -45.03 -24.36 14.78
C HIS L 421 -45.87 -24.08 13.56
N ARG L 422 -47.16 -24.41 13.60
CA ARG L 422 -47.97 -24.37 12.38
C ARG L 422 -47.68 -23.15 11.52
N LEU L 423 -47.55 -23.39 10.22
CA LEU L 423 -47.35 -22.27 9.33
C LEU L 423 -48.69 -21.94 8.66
N GLU L 424 -49.01 -20.65 8.59
CA GLU L 424 -50.24 -20.15 7.96
C GLU L 424 -49.86 -19.06 6.96
N GLY L 425 -49.61 -19.45 5.72
CA GLY L 425 -49.04 -18.49 4.77
C GLY L 425 -47.67 -18.14 5.33
N ASN L 426 -47.39 -16.85 5.53
CA ASN L 426 -46.09 -16.49 6.09
C ASN L 426 -46.15 -16.38 7.61
N ARG L 427 -47.31 -16.64 8.19
CA ARG L 427 -47.46 -16.55 9.64
C ARG L 427 -46.92 -17.78 10.34
N LEU L 428 -46.14 -17.56 11.38
CA LEU L 428 -45.61 -18.65 12.17
C LEU L 428 -46.05 -18.72 13.63
N VAL L 429 -46.62 -19.83 14.09
CA VAL L 429 -46.81 -19.87 15.51
C VAL L 429 -45.44 -19.92 16.15
N LEU L 430 -45.11 -18.89 16.91
CA LEU L 430 -43.76 -18.79 17.40
C LEU L 430 -43.63 -19.18 18.83
N LEU L 431 -43.05 -20.32 19.04
CA LEU L 431 -42.96 -20.77 20.38
C LEU L 431 -41.70 -20.35 21.04
N MET L 432 -41.84 -19.67 22.16
CA MET L 432 -40.74 -19.18 22.98
C MET L 432 -40.81 -19.71 24.38
N LYS L 433 -39.64 -19.86 24.99
CA LYS L 433 -39.60 -20.23 26.39
C LYS L 433 -40.34 -19.23 27.32
N ASP L 434 -40.43 -17.96 26.90
CA ASP L 434 -41.13 -16.91 27.66
C ASP L 434 -41.43 -15.68 26.79
N PRO L 435 -42.59 -15.60 26.14
CA PRO L 435 -43.03 -14.53 25.25
C PRO L 435 -43.03 -13.13 25.87
N ARG L 436 -42.93 -13.00 27.21
CA ARG L 436 -42.92 -11.64 27.79
C ARG L 436 -41.74 -10.86 27.23
N ASN L 437 -40.63 -11.56 26.92
CA ASN L 437 -39.47 -10.84 26.41
C ASN L 437 -39.74 -10.46 24.97
N ILE L 438 -40.32 -9.28 24.81
CA ILE L 438 -40.74 -8.83 23.50
C ILE L 438 -39.55 -8.59 22.59
N LEU L 439 -38.44 -8.07 23.11
CA LEU L 439 -37.31 -7.90 22.22
C LEU L 439 -36.95 -9.23 21.58
N ALA L 440 -36.85 -10.29 22.38
CA ALA L 440 -36.54 -11.62 21.85
C ALA L 440 -37.60 -12.08 20.85
N LEU L 441 -38.86 -11.82 21.18
CA LEU L 441 -39.97 -12.22 20.32
C LEU L 441 -39.82 -11.57 18.96
N ASP L 442 -39.62 -10.25 18.96
CA ASP L 442 -39.50 -9.46 17.75
C ASP L 442 -38.27 -9.82 16.95
N ASP L 443 -37.13 -10.07 17.62
CA ASP L 443 -35.94 -10.43 16.86
C ASP L 443 -36.18 -11.73 16.10
N VAL L 444 -36.83 -12.71 16.75
CA VAL L 444 -37.10 -13.97 16.08
C VAL L 444 -38.10 -13.81 14.97
N ARG L 445 -39.17 -13.06 15.25
CA ARG L 445 -40.18 -12.83 14.25
C ARG L 445 -39.56 -12.32 12.99
N LEU L 446 -38.82 -11.24 13.10
CA LEU L 446 -38.24 -10.60 11.95
C LEU L 446 -37.18 -11.47 11.31
N ALA L 447 -36.47 -12.24 12.11
CA ALA L 447 -35.42 -13.11 11.65
C ALA L 447 -35.92 -14.46 11.16
N LEU L 448 -37.22 -14.73 11.13
CA LEU L 448 -37.65 -16.06 10.65
C LEU L 448 -37.22 -16.25 9.22
N LYS L 449 -37.20 -15.15 8.49
CA LYS L 449 -36.87 -15.09 7.08
C LYS L 449 -35.49 -15.68 6.78
N ARG L 450 -34.64 -15.77 7.80
CA ARG L 450 -33.31 -16.31 7.64
C ARG L 450 -33.33 -17.76 7.13
N LYS L 451 -34.42 -18.48 7.39
CA LYS L 451 -34.52 -19.85 6.93
C LYS L 451 -35.93 -20.13 6.40
N GLY L 452 -36.62 -19.13 5.85
CA GLY L 452 -37.95 -19.44 5.32
C GLY L 452 -38.99 -18.32 5.10
N LEU L 453 -39.91 -18.16 6.06
CA LEU L 453 -41.08 -17.26 5.93
C LEU L 453 -40.81 -15.79 6.16
N ASN L 454 -41.60 -14.94 5.50
CA ASN L 454 -41.43 -13.48 5.61
C ASN L 454 -42.01 -12.92 6.91
N TYR L 455 -41.34 -13.28 8.01
CA TYR L 455 -41.70 -12.95 9.38
C TYR L 455 -43.20 -13.07 9.62
N GLU L 456 -43.70 -12.39 10.67
CA GLU L 456 -45.09 -12.48 11.14
C GLU L 456 -45.31 -13.73 11.97
N VAL L 457 -45.57 -13.53 13.24
CA VAL L 457 -45.74 -14.64 14.14
C VAL L 457 -47.02 -14.59 14.91
N ALA L 458 -47.33 -15.73 15.48
CA ALA L 458 -48.42 -15.96 16.39
C ALA L 458 -47.78 -16.62 17.61
N PRO L 459 -47.15 -15.84 18.47
CA PRO L 459 -46.33 -16.30 19.56
C PRO L 459 -47.07 -17.22 20.52
N ALA L 460 -46.31 -18.11 21.14
CA ALA L 460 -46.83 -19.09 22.10
C ALA L 460 -45.79 -19.40 23.16
N VAL L 461 -46.21 -20.02 24.27
CA VAL L 461 -45.24 -20.41 25.31
C VAL L 461 -45.14 -21.92 25.59
N ALA L 462 -43.90 -22.39 25.82
CA ALA L 462 -43.58 -23.80 26.16
C ALA L 462 -42.23 -23.89 26.84
N THR L 463 -41.94 -24.99 27.51
CA THR L 463 -40.59 -25.14 28.06
C THR L 463 -39.48 -25.10 27.02
N GLU L 464 -38.38 -24.45 27.40
CA GLU L 464 -37.16 -24.32 26.61
C GLU L 464 -36.59 -25.67 26.21
N ALA L 465 -36.74 -26.68 27.08
CA ALA L 465 -36.12 -27.96 26.76
C ALA L 465 -36.75 -28.59 25.54
N ALA L 466 -38.08 -28.60 25.52
CA ALA L 466 -38.84 -29.16 24.43
C ALA L 466 -38.59 -28.38 23.16
N ILE L 467 -38.51 -27.07 23.32
CA ILE L 467 -38.30 -26.19 22.20
C ILE L 467 -36.95 -26.45 21.56
N THR L 468 -35.91 -26.50 22.40
CA THR L 468 -34.56 -26.73 21.94
C THR L 468 -34.42 -28.10 21.31
N LYS L 469 -34.98 -29.10 21.95
CA LYS L 469 -34.86 -30.46 21.46
C LYS L 469 -35.57 -30.65 20.12
N LEU L 470 -36.76 -30.07 19.94
CA LEU L 470 -37.41 -30.27 18.65
C LEU L 470 -36.53 -29.57 17.56
N ILE L 471 -35.86 -28.46 17.89
CA ILE L 471 -34.94 -27.82 16.93
C ILE L 471 -33.71 -28.63 16.64
N GLU L 472 -33.10 -29.15 17.69
CA GLU L 472 -31.89 -29.92 17.56
C GLU L 472 -32.16 -31.12 16.66
N ARG L 473 -33.38 -31.67 16.78
CA ARG L 473 -33.85 -32.78 15.97
C ARG L 473 -33.96 -32.44 14.46
N PHE L 474 -34.38 -31.22 14.10
CA PHE L 474 -34.59 -30.91 12.68
C PHE L 474 -33.66 -29.91 11.96
N TYR L 475 -32.94 -29.07 12.69
CA TYR L 475 -32.11 -28.07 12.03
C TYR L 475 -30.63 -28.41 12.07
N SER M 505 12.71 -1.00 -45.17
CA SER M 505 13.70 -1.10 -46.23
C SER M 505 14.76 0.01 -46.14
N ALA M 506 14.44 1.18 -46.70
CA ALA M 506 15.38 2.30 -46.74
C ALA M 506 15.88 2.67 -45.37
N ALA M 507 15.03 2.56 -44.36
CA ALA M 507 15.40 2.91 -43.00
C ALA M 507 16.55 2.08 -42.43
N GLN M 508 16.60 0.81 -42.79
CA GLN M 508 17.62 -0.05 -42.21
C GLN M 508 18.90 0.19 -42.98
N LYS M 509 18.74 0.40 -44.29
CA LYS M 509 19.87 0.64 -45.14
C LYS M 509 20.50 1.93 -44.71
N PHE M 510 19.64 2.91 -44.45
CA PHE M 510 20.04 4.22 -44.06
C PHE M 510 20.90 4.28 -42.83
N VAL M 511 20.47 3.65 -41.74
CA VAL M 511 21.27 3.78 -40.55
C VAL M 511 22.67 3.26 -40.75
N LYS M 512 22.75 2.06 -41.32
CA LYS M 512 24.05 1.47 -41.47
C LYS M 512 24.90 2.17 -42.53
N GLN M 513 24.28 2.72 -43.58
CA GLN M 513 25.03 3.45 -44.60
C GLN M 513 25.66 4.72 -44.05
N VAL M 514 24.92 5.44 -43.21
CA VAL M 514 25.46 6.69 -42.68
C VAL M 514 26.56 6.39 -41.73
N ILE M 515 26.32 5.40 -40.87
CA ILE M 515 27.31 5.08 -39.88
C ILE M 515 28.59 4.61 -40.56
N ARG M 516 28.46 3.73 -41.54
CA ARG M 516 29.61 3.25 -42.27
C ARG M 516 30.43 4.42 -42.82
N GLU M 517 29.77 5.35 -43.51
CA GLU M 517 30.52 6.47 -44.04
C GLU M 517 31.05 7.38 -42.97
N ALA M 518 30.35 7.55 -41.88
CA ALA M 518 30.87 8.41 -40.85
C ALA M 518 32.23 7.94 -40.41
N PHE M 519 32.40 6.63 -40.30
CA PHE M 519 33.71 6.16 -39.87
C PHE M 519 34.71 6.41 -40.99
N LEU M 520 34.31 6.15 -42.23
CA LEU M 520 35.19 6.30 -43.40
C LEU M 520 35.60 7.75 -43.65
N GLN M 521 34.72 8.67 -43.30
CA GLN M 521 34.93 10.11 -43.43
C GLN M 521 35.62 10.65 -42.19
N ASP M 522 35.79 9.78 -41.19
CA ASP M 522 36.26 10.12 -39.86
C ASP M 522 35.44 11.26 -39.33
N ALA M 523 34.14 11.15 -39.50
CA ALA M 523 33.27 12.15 -39.00
C ALA M 523 33.37 12.02 -37.52
N SER M 524 33.38 13.10 -36.78
CA SER M 524 33.37 12.89 -35.36
C SER M 524 31.96 12.54 -34.92
N ASP M 525 30.96 12.90 -35.75
CA ASP M 525 29.55 12.66 -35.38
C ASP M 525 28.59 12.34 -36.53
N ILE M 526 27.61 11.48 -36.24
CA ILE M 526 26.55 11.10 -37.17
C ILE M 526 25.16 11.60 -36.91
N HIS M 527 24.59 12.44 -37.77
CA HIS M 527 23.25 12.93 -37.49
C HIS M 527 22.13 12.48 -38.40
N ILE M 528 21.03 12.06 -37.76
CA ILE M 528 19.79 11.75 -38.44
C ILE M 528 18.80 12.79 -37.88
N GLU M 529 18.67 13.94 -38.55
CA GLU M 529 17.93 15.03 -37.92
C GLU M 529 16.71 15.52 -38.70
N PRO M 530 15.48 15.28 -38.20
CA PRO M 530 14.26 15.57 -38.92
C PRO M 530 13.96 17.03 -39.07
N ARG M 531 13.34 17.32 -40.23
CA ARG M 531 12.88 18.61 -40.71
C ARG M 531 11.38 18.47 -41.01
N GLN M 532 10.79 19.50 -41.61
CA GLN M 532 9.36 19.50 -41.91
C GLN M 532 8.83 18.41 -42.88
N ASN M 533 9.57 18.09 -43.94
CA ASN M 533 9.07 17.12 -44.95
C ASN M 533 9.92 15.85 -45.06
N ASP M 534 11.14 15.99 -44.61
CA ASP M 534 12.15 14.97 -44.73
C ASP M 534 13.10 15.04 -43.56
N VAL M 535 14.17 14.28 -43.63
CA VAL M 535 15.16 14.27 -42.56
C VAL M 535 16.51 14.59 -43.12
N GLN M 536 17.19 15.57 -42.56
CA GLN M 536 18.48 15.92 -43.11
C GLN M 536 19.57 15.15 -42.38
N VAL M 537 20.37 14.42 -43.14
CA VAL M 537 21.41 13.61 -42.55
C VAL M 537 22.73 14.31 -42.77
N ARG M 538 23.45 14.51 -41.67
CA ARG M 538 24.70 15.28 -41.67
C ARG M 538 25.85 14.60 -40.91
N LEU M 539 27.07 14.74 -41.43
CA LEU M 539 28.24 14.16 -40.76
C LEU M 539 29.17 15.23 -40.27
N ARG M 540 29.66 15.09 -39.03
CA ARG M 540 30.57 16.10 -38.50
C ARG M 540 31.93 15.72 -38.88
N ILE M 541 32.44 16.41 -39.86
CA ILE M 541 33.72 16.10 -40.47
C ILE M 541 34.65 17.27 -40.24
N ASP M 542 35.82 16.95 -39.71
CA ASP M 542 36.85 17.92 -39.35
C ASP M 542 36.29 18.98 -38.39
N GLY M 543 35.42 18.52 -37.49
CA GLY M 543 34.82 19.37 -36.49
C GLY M 543 33.50 20.07 -36.88
N ALA M 544 33.01 19.93 -38.13
CA ALA M 544 31.76 20.63 -38.48
C ALA M 544 30.78 19.76 -39.27
N LEU M 545 29.48 19.93 -38.99
CA LEU M 545 28.48 19.17 -39.72
C LEU M 545 28.24 19.66 -41.13
N ARG M 546 28.15 18.70 -42.04
CA ARG M 546 27.85 18.97 -43.42
C ARG M 546 26.89 17.88 -43.90
N PRO M 547 26.06 18.12 -44.92
CA PRO M 547 25.09 17.17 -45.39
C PRO M 547 25.71 15.96 -46.02
N TYR M 548 25.04 14.86 -45.78
CA TYR M 548 25.34 13.53 -46.26
C TYR M 548 24.23 13.03 -47.18
N SER M 549 22.99 13.03 -46.66
CA SER M 549 21.83 12.50 -47.37
C SER M 549 20.52 12.95 -46.75
N THR M 550 19.41 12.39 -47.24
CA THR M 550 18.10 12.65 -46.63
C THR M 550 17.27 11.39 -46.45
N LEU M 551 16.36 11.42 -45.49
CA LEU M 551 15.39 10.33 -45.31
C LEU M 551 14.03 10.94 -45.55
N PRO M 552 13.06 10.19 -46.04
CA PRO M 552 11.68 10.61 -46.02
C PRO M 552 11.30 10.81 -44.56
N LYS M 553 10.43 11.75 -44.27
CA LYS M 553 10.03 11.92 -42.87
C LYS M 553 9.51 10.63 -42.26
N GLY M 554 8.78 9.80 -43.01
CA GLY M 554 8.28 8.53 -42.45
C GLY M 554 9.44 7.58 -42.08
N ALA M 555 10.44 7.55 -42.96
CA ALA M 555 11.61 6.71 -42.78
C ALA M 555 12.29 7.10 -41.49
N LEU M 556 12.21 8.37 -41.13
CA LEU M 556 12.80 8.83 -39.91
C LEU M 556 12.51 7.97 -38.73
N ASN M 557 11.23 7.75 -38.43
CA ASN M 557 10.94 7.03 -37.21
C ASN M 557 11.36 5.58 -37.32
N ALA M 558 11.30 5.03 -38.53
CA ALA M 558 11.77 3.68 -38.68
C ALA M 558 13.27 3.65 -38.34
N VAL M 559 13.97 4.68 -38.83
CA VAL M 559 15.39 4.89 -38.60
C VAL M 559 15.76 5.11 -37.16
N ILE M 560 14.97 5.89 -36.45
CA ILE M 560 15.31 6.14 -35.09
C ILE M 560 15.15 4.87 -34.28
N SER M 561 14.09 4.11 -34.57
CA SER M 561 13.86 2.87 -33.85
C SER M 561 15.07 1.94 -34.10
N VAL M 562 15.56 1.92 -35.36
CA VAL M 562 16.73 1.12 -35.68
C VAL M 562 17.95 1.55 -34.90
N VAL M 563 18.22 2.86 -34.81
CA VAL M 563 19.38 3.21 -34.03
C VAL M 563 19.18 2.93 -32.55
N LYS M 564 17.95 3.00 -32.03
CA LYS M 564 17.81 2.67 -30.62
C LYS M 564 18.28 1.26 -30.42
N ILE M 565 17.98 0.39 -31.39
CA ILE M 565 18.45 -0.98 -31.30
C ILE M 565 19.97 -1.01 -31.35
N MET M 566 20.57 -0.25 -32.28
CA MET M 566 22.02 -0.25 -32.48
C MET M 566 22.78 0.13 -31.20
N GLY M 567 22.23 1.08 -30.42
CA GLY M 567 22.91 1.53 -29.20
C GLY M 567 22.51 0.82 -27.91
N GLY M 568 21.61 -0.15 -28.00
CA GLY M 568 21.15 -0.83 -26.79
C GLY M 568 20.14 0.01 -25.97
N LEU M 569 19.40 0.91 -26.61
CA LEU M 569 18.44 1.78 -25.93
C LEU M 569 17.15 0.99 -25.74
N ASN M 570 16.29 1.42 -24.83
CA ASN M 570 15.04 0.71 -24.69
C ASN M 570 14.13 1.17 -25.80
N ILE M 571 13.92 0.34 -26.80
CA ILE M 571 13.14 0.72 -27.97
C ILE M 571 11.71 1.16 -27.62
N ALA M 572 11.19 0.68 -26.49
CA ALA M 572 9.83 1.03 -26.08
C ALA M 572 9.76 2.41 -25.42
N GLU M 573 10.87 2.90 -24.90
CA GLU M 573 10.82 4.19 -24.22
C GLU M 573 10.99 5.33 -25.20
N LYS M 574 9.86 5.65 -25.80
CA LYS M 574 9.72 6.66 -26.81
C LYS M 574 9.18 7.98 -26.26
N ARG M 575 9.15 8.14 -24.94
CA ARG M 575 8.63 9.39 -24.41
C ARG M 575 9.83 10.21 -23.98
N LEU M 576 10.71 9.54 -23.26
CA LEU M 576 11.91 10.14 -22.75
C LEU M 576 13.10 10.03 -23.68
N PRO M 577 14.00 11.01 -23.67
CA PRO M 577 15.23 10.97 -24.40
C PRO M 577 16.13 9.94 -23.75
N GLN M 578 16.82 9.19 -24.59
CA GLN M 578 17.70 8.11 -24.15
C GLN M 578 19.02 8.10 -24.85
N ASP M 579 19.99 7.42 -24.24
CA ASP M 579 21.23 7.23 -24.95
C ASP M 579 21.90 5.91 -24.58
N GLY M 580 22.88 5.52 -25.39
CA GLY M 580 23.60 4.26 -25.20
C GLY M 580 24.83 4.15 -26.09
N ARG M 581 25.27 2.93 -26.37
CA ARG M 581 26.54 2.78 -27.08
C ARG M 581 26.50 1.70 -28.15
N VAL M 582 26.91 2.08 -29.36
CA VAL M 582 26.83 1.18 -30.50
C VAL M 582 28.21 0.66 -30.83
N ARG M 583 28.45 -0.62 -30.74
CA ARG M 583 29.80 -1.07 -31.11
C ARG M 583 29.80 -1.26 -32.61
N TYR M 584 29.77 -0.15 -33.34
CA TYR M 584 29.56 -0.23 -34.78
C TYR M 584 30.78 -0.70 -35.52
N ARG M 585 30.60 -1.79 -36.23
CA ARG M 585 31.66 -2.42 -36.96
C ARG M 585 31.21 -2.81 -38.35
N GLU M 586 32.13 -2.70 -39.30
CA GLU M 586 31.89 -3.10 -40.69
C GLU M 586 33.21 -3.37 -41.40
N GLY M 587 33.53 -4.63 -41.64
CA GLY M 587 34.85 -4.90 -42.21
C GLY M 587 35.89 -4.35 -41.24
N ALA M 588 36.79 -3.49 -41.72
CA ALA M 588 37.85 -2.90 -40.90
C ALA M 588 37.35 -1.72 -40.06
N ILE M 589 36.11 -1.31 -40.28
CA ILE M 589 35.52 -0.19 -39.56
C ILE M 589 35.21 -0.61 -38.13
N ASP M 590 35.70 0.16 -37.15
CA ASP M 590 35.47 -0.17 -35.73
C ASP M 590 35.53 1.04 -34.81
N VAL M 591 34.40 1.72 -34.64
CA VAL M 591 34.40 2.88 -33.75
C VAL M 591 33.13 2.83 -32.89
N ASP M 592 33.26 2.86 -31.57
CA ASP M 592 32.04 2.82 -30.80
C ASP M 592 31.28 4.10 -31.02
N LEU M 593 29.97 4.07 -30.97
CA LEU M 593 29.23 5.31 -31.08
C LEU M 593 28.47 5.65 -29.83
N ARG M 594 28.34 6.94 -29.51
CA ARG M 594 27.43 7.31 -28.44
C ARG M 594 26.12 7.71 -29.07
N LEU M 595 25.13 6.88 -28.89
CA LEU M 595 23.84 7.10 -29.51
C LEU M 595 22.87 7.78 -28.63
N SER M 596 22.28 8.84 -29.13
CA SER M 596 21.27 9.52 -28.36
C SER M 596 20.07 9.81 -29.19
N THR M 597 18.91 9.43 -28.66
CA THR M 597 17.67 9.63 -29.37
C THR M 597 16.77 10.60 -28.60
N LEU M 598 16.00 11.38 -29.36
CA LEU M 598 15.19 12.46 -28.80
C LEU M 598 13.88 12.73 -29.55
N PRO M 599 12.75 12.99 -28.87
CA PRO M 599 11.55 13.42 -29.55
C PRO M 599 11.69 14.83 -30.13
N THR M 600 11.03 15.04 -31.27
CA THR M 600 10.96 16.32 -31.99
C THR M 600 9.53 16.51 -32.48
N VAL M 601 9.08 17.74 -32.62
CA VAL M 601 7.78 17.98 -33.27
C VAL M 601 7.76 17.46 -34.74
N TYR M 602 8.93 17.08 -35.27
CA TYR M 602 9.13 16.53 -36.60
C TYR M 602 9.38 15.01 -36.58
N GLY M 603 9.11 14.35 -35.44
CA GLY M 603 9.33 12.91 -35.30
C GLY M 603 10.57 12.65 -34.45
N GLU M 604 10.99 11.43 -34.29
CA GLU M 604 12.12 11.23 -33.40
C GLU M 604 13.44 11.58 -34.10
N LYS M 605 14.44 11.97 -33.33
CA LYS M 605 15.79 12.29 -33.81
C LYS M 605 16.85 11.36 -33.27
N ALA M 606 17.92 11.10 -34.04
CA ALA M 606 19.02 10.33 -33.49
C ALA M 606 20.36 10.76 -33.99
N VAL M 607 21.30 10.77 -33.07
CA VAL M 607 22.66 11.09 -33.39
C VAL M 607 23.62 10.11 -32.78
N MET M 608 24.61 9.70 -33.55
CA MET M 608 25.62 8.78 -33.08
C MET M 608 27.03 9.38 -33.13
N ARG M 609 27.50 9.84 -31.97
CA ARG M 609 28.81 10.46 -31.84
C ARG M 609 29.90 9.42 -31.92
N LEU M 610 30.96 9.65 -32.67
CA LEU M 610 32.00 8.63 -32.68
C LEU M 610 32.86 8.73 -31.44
N LEU M 611 33.08 7.59 -30.83
CA LEU M 611 33.93 7.43 -29.67
C LEU M 611 35.20 6.94 -30.28
N LYS M 612 36.29 6.79 -29.56
CA LYS M 612 37.54 6.43 -30.25
C LYS M 612 38.30 5.25 -29.68
N LYS M 613 39.31 4.80 -30.42
CA LYS M 613 40.15 3.69 -30.00
C LYS M 613 41.59 4.15 -29.74
N ALA M 614 42.41 3.31 -29.10
CA ALA M 614 43.82 3.62 -28.88
C ALA M 614 44.55 3.96 -30.18
N SER M 615 44.10 3.37 -31.29
CA SER M 615 44.69 3.56 -32.61
C SER M 615 44.35 4.92 -33.25
N ASP M 616 43.40 5.64 -32.67
CA ASP M 616 43.00 6.96 -33.17
C ASP M 616 43.83 8.02 -32.46
N ILE M 617 44.22 7.69 -31.25
CA ILE M 617 45.01 8.61 -30.47
C ILE M 617 46.39 8.71 -31.10
N PRO M 618 46.89 9.90 -31.39
CA PRO M 618 48.17 10.16 -32.02
C PRO M 618 49.29 9.75 -31.08
N GLU M 619 50.45 9.48 -31.62
CA GLU M 619 51.56 9.24 -30.73
C GLU M 619 51.95 10.56 -30.15
N ILE M 620 52.75 10.59 -29.10
CA ILE M 620 53.12 11.89 -28.56
C ILE M 620 53.82 12.72 -29.65
N GLU M 621 54.50 12.01 -30.55
CA GLU M 621 55.24 12.56 -31.67
C GLU M 621 54.31 13.19 -32.72
N ASP M 622 53.06 12.75 -32.77
CA ASP M 622 52.11 13.18 -33.78
C ASP M 622 51.24 14.33 -33.29
N LEU M 623 51.50 14.82 -32.09
CA LEU M 623 50.66 15.86 -31.53
C LEU M 623 50.73 17.23 -32.22
N GLY M 624 51.87 17.59 -32.82
CA GLY M 624 51.96 18.90 -33.50
C GLY M 624 52.66 20.07 -32.80
N PHE M 625 53.49 19.81 -31.80
CA PHE M 625 54.22 20.88 -31.08
C PHE M 625 55.38 21.43 -31.88
N ALA M 626 55.74 22.72 -31.76
CA ALA M 626 57.02 23.10 -32.39
C ALA M 626 58.12 22.20 -31.75
N PRO M 627 59.11 21.68 -32.50
CA PRO M 627 60.20 20.83 -32.03
C PRO M 627 60.92 21.31 -30.76
N GLY M 628 61.08 22.62 -30.62
CA GLY M 628 61.77 23.16 -29.44
C GLY M 628 61.00 22.82 -28.18
N VAL M 629 59.75 23.27 -28.16
CA VAL M 629 58.90 23.04 -27.03
C VAL M 629 58.50 21.60 -26.92
N PHE M 630 58.52 20.87 -28.04
CA PHE M 630 58.18 19.46 -28.01
C PHE M 630 59.19 18.67 -27.22
N GLU M 631 60.47 18.96 -27.41
CA GLU M 631 61.41 18.20 -26.61
C GLU M 631 61.23 18.56 -25.13
N ARG M 632 60.94 19.83 -24.83
CA ARG M 632 60.75 20.21 -23.45
C ARG M 632 59.47 19.56 -22.92
N PHE M 633 58.46 19.47 -23.77
CA PHE M 633 57.19 18.85 -23.45
C PHE M 633 57.40 17.45 -23.00
N LYS M 634 58.14 16.68 -23.80
CA LYS M 634 58.40 15.31 -23.47
C LYS M 634 59.16 15.19 -22.16
N GLU M 635 60.09 16.12 -21.92
CA GLU M 635 60.82 16.11 -20.66
C GLU M 635 59.88 16.35 -19.47
N VAL M 636 58.90 17.24 -19.63
CA VAL M 636 57.94 17.52 -18.56
C VAL M 636 56.98 16.35 -18.36
N ILE M 637 56.41 15.83 -19.42
CA ILE M 637 55.45 14.75 -19.28
C ILE M 637 56.10 13.44 -18.82
N SER M 638 57.42 13.32 -18.99
CA SER M 638 58.17 12.15 -18.54
C SER M 638 58.55 12.21 -17.06
N LYS M 639 58.20 13.30 -16.36
CA LYS M 639 58.60 13.45 -14.98
C LYS M 639 58.00 12.35 -14.10
N PRO M 640 58.72 11.90 -13.06
CA PRO M 640 58.27 10.87 -12.12
C PRO M 640 57.06 11.32 -11.32
N TYR M 641 56.87 12.62 -11.20
CA TYR M 641 55.74 13.18 -10.50
C TYR M 641 55.58 14.63 -10.90
N GLY M 642 54.42 15.19 -10.61
CA GLY M 642 54.24 16.62 -10.82
C GLY M 642 53.04 16.96 -11.69
N ILE M 643 52.57 18.21 -11.62
CA ILE M 643 51.40 18.63 -12.42
C ILE M 643 51.72 19.09 -13.83
N PHE M 644 51.02 18.48 -14.77
CA PHE M 644 51.09 18.83 -16.17
C PHE M 644 49.66 19.07 -16.68
N LEU M 645 49.38 20.27 -17.14
CA LEU M 645 48.02 20.54 -17.61
C LEU M 645 47.94 20.65 -19.12
N ILE M 646 46.83 20.18 -19.72
CA ILE M 646 46.57 20.42 -21.15
C ILE M 646 45.25 21.16 -21.28
N THR M 647 45.26 22.37 -21.79
CA THR M 647 44.06 23.16 -21.74
C THR M 647 43.60 23.79 -23.07
N GLY M 648 42.29 24.10 -23.22
CA GLY M 648 41.77 24.81 -24.42
C GLY M 648 40.40 24.31 -25.08
N PRO M 649 40.08 24.79 -26.32
CA PRO M 649 38.91 24.58 -27.23
C PRO M 649 38.61 23.16 -27.74
N THR M 650 37.44 23.00 -28.39
CA THR M 650 37.02 21.69 -28.90
C THR M 650 37.98 21.14 -29.87
N GLY M 651 38.19 19.84 -29.76
CA GLY M 651 39.02 19.12 -30.68
C GLY M 651 40.50 19.44 -30.49
N SER M 652 40.82 20.35 -29.56
CA SER M 652 42.17 20.83 -29.35
C SER M 652 43.20 19.79 -29.23
N GLY M 653 42.76 18.66 -28.77
CA GLY M 653 43.61 17.56 -28.52
C GLY M 653 43.88 17.53 -27.05
N LYS M 654 43.15 18.31 -26.26
CA LYS M 654 43.39 18.18 -24.83
C LYS M 654 43.27 16.72 -24.47
N SER M 655 42.22 16.08 -24.99
CA SER M 655 42.02 14.66 -24.77
C SER M 655 43.10 13.82 -25.48
N PHE M 656 43.34 14.09 -26.76
CA PHE M 656 44.33 13.28 -27.47
C PHE M 656 45.74 13.42 -26.93
N THR M 657 46.17 14.64 -26.61
CA THR M 657 47.47 14.90 -26.00
C THR M 657 47.53 14.25 -24.67
N THR M 658 46.48 14.41 -23.89
CA THR M 658 46.47 13.78 -22.61
C THR M 658 46.66 12.30 -22.79
N PHE M 659 45.91 11.68 -23.69
CA PHE M 659 46.07 10.26 -23.89
C PHE M 659 47.32 9.85 -24.62
N SER M 660 47.87 10.70 -25.47
CA SER M 660 49.09 10.39 -26.17
C SER M 660 50.19 10.27 -25.14
N ILE M 661 50.15 11.20 -24.17
CA ILE M 661 51.09 11.19 -23.08
C ILE M 661 50.87 9.99 -22.20
N LEU M 662 49.61 9.77 -21.79
CA LEU M 662 49.28 8.69 -20.88
C LEU M 662 49.64 7.34 -21.49
N LYS M 663 49.34 7.13 -22.77
CA LYS M 663 49.70 5.88 -23.42
C LYS M 663 51.20 5.69 -23.40
N ARG M 664 51.95 6.76 -23.70
CA ARG M 664 53.40 6.74 -23.70
C ARG M 664 53.98 6.33 -22.36
N ILE M 665 53.40 6.88 -21.31
CA ILE M 665 53.91 6.63 -19.98
C ILE M 665 53.18 5.48 -19.31
N ALA M 666 52.14 4.92 -19.96
CA ALA M 666 51.42 3.75 -19.46
C ALA M 666 52.20 2.48 -19.78
N THR M 667 53.38 2.43 -19.21
CA THR M 667 54.34 1.38 -19.36
C THR M 667 53.98 0.27 -18.39
N PRO M 668 54.56 -0.92 -18.49
CA PRO M 668 54.34 -2.03 -17.59
C PRO M 668 54.46 -1.63 -16.13
N ASP M 669 55.30 -0.65 -15.82
CA ASP M 669 55.44 -0.23 -14.45
C ASP M 669 54.55 0.94 -14.02
N LYS M 670 53.54 1.34 -14.81
CA LYS M 670 52.73 2.46 -14.34
C LYS M 670 51.19 2.38 -14.46
N ASN M 671 50.53 2.65 -13.34
CA ASN M 671 49.08 2.71 -13.24
C ASN M 671 48.55 3.98 -13.78
N THR M 672 48.46 4.04 -15.06
CA THR M 672 47.91 5.20 -15.66
C THR M 672 46.42 5.10 -15.35
N GLN M 673 45.83 6.11 -14.70
CA GLN M 673 44.45 6.04 -14.21
C GLN M 673 43.64 7.28 -14.57
N THR M 674 42.51 7.10 -15.27
CA THR M 674 41.82 8.29 -15.79
C THR M 674 40.37 8.44 -15.39
N ILE M 675 39.84 9.67 -15.57
CA ILE M 675 38.41 9.96 -15.47
C ILE M 675 37.79 10.42 -16.78
N GLU M 676 36.82 9.63 -17.27
CA GLU M 676 36.08 9.86 -18.51
C GLU M 676 34.55 9.69 -18.29
N ASP M 677 33.70 10.25 -19.18
CA ASP M 677 32.24 10.17 -18.97
C ASP M 677 31.37 10.22 -20.25
N PRO M 678 31.12 9.08 -20.93
CA PRO M 678 31.57 7.72 -20.72
C PRO M 678 32.99 7.59 -21.16
N VAL M 679 33.58 6.42 -21.04
CA VAL M 679 34.93 6.33 -21.54
C VAL M 679 34.98 6.67 -23.00
N GLU M 680 35.84 7.65 -23.33
CA GLU M 680 35.97 8.18 -24.66
C GLU M 680 36.75 7.24 -25.53
N TYR M 681 37.75 6.58 -24.93
CA TYR M 681 38.61 5.71 -25.73
C TYR M 681 38.76 4.28 -25.24
N GLU M 682 38.98 3.37 -26.17
CA GLU M 682 39.37 2.00 -25.80
C GLU M 682 40.91 1.85 -25.77
N ILE M 683 41.55 2.02 -24.58
CA ILE M 683 43.02 2.03 -24.53
C ILE M 683 43.67 1.04 -23.51
N PRO M 684 44.59 0.14 -23.90
CA PRO M 684 45.31 -0.78 -23.01
C PRO M 684 46.40 -0.04 -22.20
N GLY M 685 46.74 -0.54 -21.01
CA GLY M 685 47.83 0.01 -20.17
C GLY M 685 47.35 1.08 -19.19
N ILE M 686 46.12 1.51 -19.42
CA ILE M 686 45.47 2.57 -18.69
C ILE M 686 44.09 2.23 -18.17
N ASN M 687 43.86 2.58 -16.92
CA ASN M 687 42.63 2.28 -16.25
C ASN M 687 41.61 3.35 -16.47
N GLN M 688 40.88 3.16 -17.54
CA GLN M 688 39.95 4.16 -17.97
C GLN M 688 38.63 4.15 -17.24
N THR M 689 38.63 4.76 -16.05
CA THR M 689 37.46 4.76 -15.18
C THR M 689 36.34 5.65 -15.67
N GLN M 690 35.15 5.09 -15.65
CA GLN M 690 34.00 5.84 -16.08
C GLN M 690 33.26 6.46 -14.89
N VAL M 691 32.88 7.72 -15.07
CA VAL M 691 32.08 8.47 -14.10
C VAL M 691 30.71 7.82 -13.99
N ASN M 692 30.28 7.64 -12.76
CA ASN M 692 29.03 6.94 -12.46
C ASN M 692 28.34 7.44 -11.18
N PRO M 693 27.55 8.51 -11.25
CA PRO M 693 26.82 9.13 -10.16
C PRO M 693 25.95 8.14 -9.37
N GLN M 694 25.50 7.05 -9.99
CA GLN M 694 24.68 6.05 -9.30
C GLN M 694 25.53 5.36 -8.23
N ALA M 695 26.81 5.18 -8.56
CA ALA M 695 27.78 4.57 -7.67
C ALA M 695 28.38 5.61 -6.76
N GLY M 696 28.17 6.87 -7.15
CA GLY M 696 28.69 8.03 -6.49
C GLY M 696 29.98 8.48 -7.14
N LEU M 697 30.31 7.91 -8.28
CA LEU M 697 31.54 8.26 -8.97
C LEU M 697 31.44 9.53 -9.78
N THR M 698 31.43 10.64 -9.06
CA THR M 698 31.44 11.98 -9.62
C THR M 698 32.87 12.22 -10.04
N PHE M 699 33.19 13.34 -10.66
CA PHE M 699 34.58 13.50 -11.04
C PHE M 699 35.46 13.57 -9.79
N ALA M 700 35.01 14.31 -8.77
CA ALA M 700 35.77 14.36 -7.53
C ALA M 700 35.88 13.00 -6.88
N ARG M 701 34.78 12.24 -6.84
CA ARG M 701 34.87 10.91 -6.25
C ARG M 701 35.79 10.02 -7.05
N ALA M 702 35.71 10.11 -8.37
CA ALA M 702 36.54 9.31 -9.22
C ALA M 702 38.01 9.65 -8.94
N LEU M 703 38.34 10.91 -8.64
CA LEU M 703 39.73 11.15 -8.28
C LEU M 703 40.03 10.72 -6.85
N ARG M 704 39.04 10.73 -5.97
CA ARG M 704 39.35 10.19 -4.67
C ARG M 704 39.68 8.72 -4.89
N ALA M 705 38.93 8.07 -5.79
CA ALA M 705 39.17 6.69 -6.15
C ALA M 705 40.55 6.59 -6.77
N PHE M 706 40.94 7.56 -7.59
CA PHE M 706 42.28 7.56 -8.17
C PHE M 706 43.33 7.37 -7.08
N LEU M 707 43.29 8.16 -6.02
CA LEU M 707 44.31 7.94 -4.99
C LEU M 707 44.13 6.59 -4.28
N ARG M 708 42.89 6.16 -4.08
CA ARG M 708 42.58 4.90 -3.40
C ARG M 708 43.04 3.70 -4.24
N GLN M 709 43.14 3.92 -5.56
CA GLN M 709 43.59 2.97 -6.55
C GLN M 709 45.11 2.91 -6.60
N ASP M 710 45.79 3.72 -5.79
CA ASP M 710 47.23 3.77 -5.73
C ASP M 710 47.94 3.92 -7.05
N PRO M 711 47.58 4.95 -7.79
CA PRO M 711 47.96 5.24 -9.16
C PRO M 711 49.34 5.75 -9.42
N ASP M 712 49.73 5.75 -10.68
CA ASP M 712 50.91 6.47 -11.11
C ASP M 712 50.57 7.73 -11.82
N ILE M 713 49.61 7.70 -12.75
CA ILE M 713 49.31 8.94 -13.48
C ILE M 713 47.85 9.33 -13.44
N ILE M 714 47.53 10.54 -13.00
CA ILE M 714 46.11 10.91 -12.97
C ILE M 714 45.73 11.45 -14.30
N MET M 715 44.51 11.18 -14.73
CA MET M 715 44.02 11.92 -15.87
C MET M 715 42.70 12.56 -15.54
N VAL M 716 42.66 13.85 -15.41
CA VAL M 716 41.37 14.40 -15.08
C VAL M 716 40.76 14.87 -16.41
N GLY M 717 39.66 14.23 -16.87
CA GLY M 717 39.06 14.58 -18.17
C GLY M 717 38.74 16.04 -18.27
N GLU M 718 38.31 16.63 -17.17
CA GLU M 718 38.11 18.06 -17.09
C GLU M 718 38.08 18.41 -15.64
N ILE M 719 38.94 19.33 -15.22
CA ILE M 719 38.97 19.66 -13.82
C ILE M 719 37.83 20.63 -13.55
N ARG M 720 36.61 20.12 -13.40
CA ARG M 720 35.47 20.98 -13.09
C ARG M 720 35.28 21.11 -11.59
N ASP M 721 35.15 19.96 -10.92
CA ASP M 721 34.94 19.95 -9.49
C ASP M 721 36.18 20.58 -8.82
N SER M 722 35.98 21.44 -7.81
CA SER M 722 37.11 22.05 -7.08
C SER M 722 38.00 20.97 -6.50
N GLU M 723 37.35 19.93 -6.01
CA GLU M 723 38.00 18.80 -5.42
C GLU M 723 38.95 18.13 -6.41
N THR M 724 38.65 18.15 -7.71
CA THR M 724 39.56 17.48 -8.61
C THR M 724 40.79 18.32 -8.84
N ALA M 725 40.66 19.64 -8.74
CA ALA M 725 41.84 20.49 -8.89
C ALA M 725 42.80 20.18 -7.75
N LYS M 726 42.21 20.04 -6.56
CA LYS M 726 43.01 19.75 -5.38
C LYS M 726 43.55 18.33 -5.37
N ILE M 727 42.74 17.34 -5.75
CA ILE M 727 43.20 15.95 -5.75
C ILE M 727 44.29 15.77 -6.77
N ALA M 728 44.12 16.34 -7.96
CA ALA M 728 45.17 16.23 -8.93
C ALA M 728 46.44 16.84 -8.37
N THR M 729 46.33 17.98 -7.69
CA THR M 729 47.51 18.56 -7.10
C THR M 729 48.12 17.64 -6.03
N GLU M 730 47.27 17.10 -5.16
CA GLU M 730 47.73 16.19 -4.13
C GLU M 730 48.45 15.02 -4.76
N ALA M 731 47.88 14.50 -5.84
CA ALA M 731 48.45 13.37 -6.49
C ALA M 731 49.87 13.67 -6.90
N ALA M 732 50.08 14.87 -7.42
CA ALA M 732 51.41 15.26 -7.85
C ALA M 732 52.37 15.25 -6.70
N LEU M 733 51.92 15.79 -5.58
CA LEU M 733 52.74 15.90 -4.40
C LEU M 733 53.05 14.54 -3.82
N THR M 734 52.10 13.61 -3.92
CA THR M 734 52.24 12.25 -3.39
C THR M 734 53.17 11.39 -4.23
N GLY M 735 53.73 11.94 -5.29
CA GLY M 735 54.63 11.19 -6.12
C GLY M 735 53.98 10.63 -7.36
N HIS M 736 52.78 11.10 -7.69
CA HIS M 736 52.15 10.62 -8.91
C HIS M 736 52.39 11.66 -10.00
N LEU M 737 52.31 11.24 -11.24
CA LEU M 737 52.37 12.18 -12.32
C LEU M 737 50.97 12.64 -12.53
N VAL M 738 50.80 13.91 -12.65
CA VAL M 738 49.50 14.42 -12.83
C VAL M 738 49.23 15.06 -14.14
N ILE M 739 48.26 14.52 -14.86
CA ILE M 739 47.89 15.08 -16.11
C ILE M 739 46.43 15.52 -16.00
N ALA M 740 46.16 16.76 -16.30
CA ALA M 740 44.77 17.16 -16.11
C ALA M 740 44.37 18.19 -17.15
N THR M 741 43.06 18.23 -17.43
CA THR M 741 42.50 19.09 -18.47
C THR M 741 41.64 20.29 -18.03
N LEU M 742 41.92 21.45 -18.63
CA LEU M 742 41.17 22.71 -18.41
C LEU M 742 40.78 23.37 -19.74
N HIS M 743 40.09 24.50 -19.67
CA HIS M 743 39.80 25.27 -20.87
C HIS M 743 40.28 26.68 -20.60
N THR M 744 41.43 27.03 -21.19
CA THR M 744 42.03 28.34 -20.98
C THR M 744 42.46 28.93 -22.30
N ASN M 745 42.81 30.22 -22.31
CA ASN M 745 43.33 30.81 -23.55
C ASN M 745 44.86 30.77 -23.56
N ASP M 746 45.44 30.43 -22.41
CA ASP M 746 46.89 30.31 -22.30
C ASP M 746 47.33 29.48 -21.07
N ALA M 747 48.61 29.19 -20.99
CA ALA M 747 49.15 28.35 -19.93
C ALA M 747 49.21 29.07 -18.59
N ALA M 748 49.57 30.34 -18.61
CA ALA M 748 49.67 31.06 -17.36
C ALA M 748 48.28 31.14 -16.71
N GLN M 749 47.24 31.29 -17.56
CA GLN M 749 45.86 31.29 -17.11
C GLN M 749 45.51 29.97 -16.50
N ALA M 750 45.98 28.88 -17.08
CA ALA M 750 45.75 27.55 -16.52
C ALA M 750 46.38 27.41 -15.13
N ILE M 751 47.56 27.98 -14.93
CA ILE M 751 48.08 27.89 -13.57
C ILE M 751 47.19 28.69 -12.67
N THR M 752 46.85 29.89 -13.13
CA THR M 752 46.01 30.81 -12.42
C THR M 752 44.71 30.10 -12.08
N ARG M 753 44.21 29.30 -13.02
CA ARG M 753 42.97 28.57 -12.87
C ARG M 753 43.09 27.58 -11.72
N LEU M 754 44.27 26.98 -11.51
CA LEU M 754 44.40 26.06 -10.40
C LEU M 754 44.14 26.84 -9.10
N ASP M 755 44.59 28.11 -9.06
CA ASP M 755 44.36 28.92 -7.86
C ASP M 755 42.92 29.45 -7.85
N GLU M 756 42.35 29.77 -9.01
CA GLU M 756 40.98 30.28 -9.10
C GLU M 756 39.99 29.24 -8.59
N MET M 757 40.33 27.97 -8.80
CA MET M 757 39.51 26.85 -8.35
C MET M 757 39.74 26.46 -6.88
N GLY M 758 40.60 27.20 -6.17
CA GLY M 758 40.85 26.93 -4.76
C GLY M 758 42.07 26.07 -4.40
N VAL M 759 42.97 25.78 -5.34
CA VAL M 759 44.14 24.98 -4.97
C VAL M 759 45.17 25.89 -4.34
N GLU M 760 45.70 25.54 -3.18
CA GLU M 760 46.66 26.40 -2.53
C GLU M 760 47.96 26.55 -3.37
N PRO M 761 48.51 27.77 -3.49
CA PRO M 761 49.69 28.11 -4.26
C PRO M 761 50.95 27.41 -3.78
N PHE M 762 50.99 26.97 -2.52
CA PHE M 762 52.18 26.27 -2.04
C PHE M 762 52.26 24.85 -2.58
N ASN M 763 51.13 24.34 -3.05
CA ASN M 763 51.10 23.01 -3.59
C ASN M 763 51.32 23.11 -5.05
N ILE M 764 50.72 24.12 -5.64
CA ILE M 764 50.84 24.28 -7.07
C ILE M 764 52.31 24.50 -7.33
N SER M 765 52.94 25.34 -6.54
CA SER M 765 54.35 25.59 -6.71
C SER M 765 55.19 24.34 -6.56
N ALA M 766 55.04 23.60 -5.46
CA ALA M 766 55.86 22.39 -5.28
C ALA M 766 55.61 21.31 -6.34
N ALA M 767 54.35 21.17 -6.74
CA ALA M 767 53.92 20.15 -7.66
C ALA M 767 54.10 20.46 -9.15
N LEU M 768 53.89 21.70 -9.56
CA LEU M 768 53.85 22.03 -10.98
C LEU M 768 55.16 21.89 -11.77
N ILE M 769 55.08 21.15 -12.88
CA ILE M 769 56.20 20.88 -13.78
C ILE M 769 55.98 21.50 -15.17
N GLY M 770 54.73 21.78 -15.52
CA GLY M 770 54.52 22.44 -16.78
C GLY M 770 53.07 22.58 -17.17
N VAL M 771 52.77 23.63 -17.89
CA VAL M 771 51.41 23.84 -18.33
C VAL M 771 51.29 24.05 -19.82
N LEU M 772 50.41 23.27 -20.43
CA LEU M 772 50.17 23.32 -21.84
C LEU M 772 48.78 23.81 -22.25
N SER M 773 48.74 24.76 -23.16
CA SER M 773 47.45 25.15 -23.72
C SER M 773 47.43 24.63 -25.09
N GLN M 774 46.25 24.36 -25.60
CA GLN M 774 46.17 23.73 -26.88
C GLN M 774 44.87 24.02 -27.64
N ARG M 775 44.95 24.16 -28.96
CA ARG M 775 43.73 24.39 -29.77
C ARG M 775 43.80 23.94 -31.22
N LEU M 776 42.62 23.84 -31.89
CA LEU M 776 42.57 23.48 -33.31
C LEU M 776 42.34 24.55 -34.33
N VAL M 777 43.16 24.45 -35.37
CA VAL M 777 43.20 25.29 -36.55
C VAL M 777 43.23 24.43 -37.82
N ARG M 778 42.52 24.79 -38.92
CA ARG M 778 42.52 23.85 -40.05
C ARG M 778 43.87 23.57 -40.69
N ARG M 779 44.09 22.28 -40.99
CA ARG M 779 45.29 21.76 -41.65
C ARG M 779 45.13 21.63 -43.15
N VAL M 780 46.08 22.14 -43.90
CA VAL M 780 45.97 22.10 -45.34
C VAL M 780 46.08 20.71 -45.89
N CYS M 781 45.12 20.36 -46.75
CA CYS M 781 45.09 19.05 -47.34
C CYS M 781 46.18 18.83 -48.37
N GLU M 782 46.99 17.82 -48.14
CA GLU M 782 48.14 17.53 -48.97
C GLU M 782 47.82 17.35 -50.47
N HIS M 783 46.66 16.76 -50.78
CA HIS M 783 46.31 16.47 -52.17
C HIS M 783 46.08 17.74 -53.00
N CYS M 784 46.00 18.88 -52.34
CA CYS M 784 45.77 20.11 -53.03
C CYS M 784 46.59 21.25 -52.44
N LYS M 785 47.67 20.93 -51.76
CA LYS M 785 48.46 21.97 -51.11
C LYS M 785 49.18 22.93 -52.06
N VAL M 786 49.02 24.24 -51.80
CA VAL M 786 49.64 25.31 -52.57
C VAL M 786 50.26 26.40 -51.68
N GLU M 787 51.41 26.92 -52.12
CA GLU M 787 52.14 27.97 -51.41
C GLU M 787 51.57 29.37 -51.67
N VAL M 788 51.26 30.08 -50.59
CA VAL M 788 50.72 31.44 -50.62
C VAL M 788 51.54 32.30 -49.65
N LYS M 789 51.33 33.62 -49.61
CA LYS M 789 52.07 34.43 -48.63
C LYS M 789 51.22 34.92 -47.44
N PRO M 790 51.84 35.12 -46.26
CA PRO M 790 51.31 35.70 -45.01
C PRO M 790 51.14 37.20 -44.92
N ASP M 791 50.29 37.61 -43.98
CA ASP M 791 50.09 39.01 -43.60
C ASP M 791 51.25 39.50 -42.70
N PRO M 792 52.06 40.48 -43.15
CA PRO M 792 53.24 40.98 -42.47
C PRO M 792 52.93 41.67 -41.14
N GLU M 793 51.70 42.12 -40.90
CA GLU M 793 51.47 42.77 -39.61
C GLU M 793 51.47 41.73 -38.51
N THR M 794 50.82 40.60 -38.77
CA THR M 794 50.80 39.53 -37.81
C THR M 794 52.22 39.05 -37.61
N LEU M 795 52.96 38.94 -38.71
CA LEU M 795 54.31 38.45 -38.61
C LEU M 795 55.21 39.40 -37.83
N ARG M 796 55.00 40.71 -37.99
CA ARG M 796 55.73 41.69 -37.20
C ARG M 796 55.42 41.52 -35.72
N ARG M 797 54.17 41.20 -35.39
CA ARG M 797 53.79 41.01 -33.99
C ARG M 797 54.49 39.77 -33.39
N LEU M 798 54.83 38.80 -34.25
CA LEU M 798 55.59 37.61 -33.84
C LEU M 798 57.07 37.94 -33.61
N GLY M 799 57.52 39.12 -34.05
CA GLY M 799 58.92 39.51 -33.98
C GLY M 799 59.74 39.03 -35.19
N LEU M 800 59.06 38.60 -36.25
CA LEU M 800 59.73 38.07 -37.46
C LEU M 800 60.65 39.10 -38.17
N SER M 801 60.30 40.39 -38.08
CA SER M 801 61.01 41.48 -38.75
C SER M 801 60.97 41.39 -40.24
N GLU M 802 61.28 42.49 -40.90
CA GLU M 802 61.21 42.53 -42.34
C GLU M 802 62.26 41.57 -42.87
N ALA M 803 63.32 41.43 -42.09
CA ALA M 803 64.44 40.57 -42.44
C ALA M 803 64.02 39.12 -42.68
N GLU M 804 63.07 38.58 -41.89
CA GLU M 804 62.66 37.20 -42.12
C GLU M 804 61.30 37.17 -42.83
N ILE M 805 60.51 38.23 -42.69
CA ILE M 805 59.20 38.31 -43.32
C ILE M 805 59.32 38.20 -44.82
N GLN M 806 60.35 38.83 -45.40
CA GLN M 806 60.55 38.78 -46.84
C GLN M 806 60.60 37.34 -47.41
N GLY M 807 60.88 36.32 -46.58
CA GLY M 807 60.94 34.93 -47.05
C GLY M 807 59.81 34.07 -46.45
N ALA M 808 58.88 34.70 -45.74
CA ALA M 808 57.80 33.98 -45.06
C ALA M 808 56.80 33.40 -46.05
N ARG M 809 56.27 32.22 -45.74
CA ARG M 809 55.24 31.58 -46.58
C ARG M 809 54.14 30.92 -45.75
N LEU M 810 52.96 30.82 -46.34
CA LEU M 810 51.83 30.08 -45.78
C LEU M 810 51.32 29.07 -46.76
N TYR M 811 50.50 28.15 -46.30
CA TYR M 811 49.89 27.22 -47.23
C TYR M 811 48.37 27.19 -47.10
N LYS M 812 47.72 26.98 -48.24
CA LYS M 812 46.28 26.80 -48.35
C LYS M 812 46.00 25.64 -49.28
N GLY M 813 44.78 25.13 -49.29
CA GLY M 813 44.46 24.09 -50.25
C GLY M 813 43.74 24.64 -51.49
N MET M 814 43.94 23.97 -52.62
CA MET M 814 43.30 24.29 -53.91
C MET M 814 41.97 23.56 -54.07
N GLY M 815 41.70 22.65 -53.15
CA GLY M 815 40.51 21.82 -53.18
C GLY M 815 40.82 20.46 -53.82
N CYS M 816 40.26 19.42 -53.25
CA CYS M 816 40.41 18.03 -53.70
C CYS M 816 39.41 17.16 -53.00
N GLU M 817 39.30 15.92 -53.46
CA GLU M 817 38.39 14.97 -52.86
C GLU M 817 38.72 14.64 -51.40
N ARG M 818 39.99 14.72 -51.05
CA ARG M 818 40.45 14.39 -49.73
C ARG M 818 39.93 15.36 -48.69
N CYS M 819 39.72 16.59 -49.11
CA CYS M 819 39.30 17.64 -48.21
C CYS M 819 37.83 17.98 -48.34
N GLY M 820 37.08 17.20 -49.13
CA GLY M 820 35.66 17.49 -49.30
C GLY M 820 35.46 18.78 -50.10
N GLY M 821 36.49 19.19 -50.83
CA GLY M 821 36.46 20.43 -51.59
C GLY M 821 36.74 21.69 -50.76
N THR M 822 37.09 21.57 -49.46
CA THR M 822 37.30 22.74 -48.62
C THR M 822 38.72 23.31 -48.65
N GLY M 823 39.65 22.51 -49.13
CA GLY M 823 41.08 22.80 -49.20
C GLY M 823 41.85 22.29 -47.96
N TYR M 824 41.11 21.94 -46.92
CA TYR M 824 41.72 21.50 -45.68
C TYR M 824 41.23 20.13 -45.28
N LYS M 825 42.10 19.35 -44.67
CA LYS M 825 41.69 18.04 -44.20
C LYS M 825 42.21 17.75 -42.82
N GLY M 826 41.27 17.78 -41.92
CA GLY M 826 41.54 17.64 -40.52
C GLY M 826 42.02 18.97 -40.01
N ARG M 827 42.27 19.02 -38.73
CA ARG M 827 42.73 20.21 -38.06
C ARG M 827 43.95 19.82 -37.28
N TYR M 828 44.79 20.77 -36.93
CA TYR M 828 45.98 20.38 -36.19
C TYR M 828 46.02 21.12 -34.89
N ALA M 829 46.75 20.57 -33.94
CA ALA M 829 46.85 21.21 -32.65
C ALA M 829 47.98 22.21 -32.59
N ILE M 830 47.71 23.27 -31.87
CA ILE M 830 48.62 24.37 -31.57
C ILE M 830 48.95 24.32 -30.11
N HIS M 831 50.23 24.50 -29.73
CA HIS M 831 50.57 24.35 -28.32
C HIS M 831 51.34 25.49 -27.63
N GLU M 832 50.95 25.82 -26.39
CA GLU M 832 51.67 26.81 -25.55
C GLU M 832 52.36 26.12 -24.42
N LEU M 833 53.69 26.28 -24.27
CA LEU M 833 54.32 25.49 -23.20
C LEU M 833 55.05 26.19 -22.07
N LEU M 834 54.36 26.25 -20.96
CA LEU M 834 54.85 26.84 -19.75
C LEU M 834 55.64 25.85 -18.99
N VAL M 835 56.89 25.69 -19.36
CA VAL M 835 57.71 24.74 -18.64
C VAL M 835 58.02 25.43 -17.32
N VAL M 836 57.77 24.75 -16.21
CA VAL M 836 57.94 25.39 -14.92
C VAL M 836 59.28 25.16 -14.25
N ASP M 837 59.86 26.26 -13.74
CA ASP M 837 61.14 26.26 -13.07
C ASP M 837 61.06 27.06 -11.77
N ASP M 838 62.20 27.40 -11.18
CA ASP M 838 62.24 28.12 -9.92
C ASP M 838 61.57 29.48 -9.94
N GLU M 839 61.69 30.25 -11.03
CA GLU M 839 61.15 31.59 -11.00
C GLU M 839 59.66 31.53 -11.10
N ILE M 840 59.19 30.59 -11.90
CA ILE M 840 57.77 30.42 -12.05
C ILE M 840 57.22 29.91 -10.73
N ARG M 841 57.89 28.94 -10.10
CA ARG M 841 57.43 28.45 -8.82
C ARG M 841 57.47 29.51 -7.73
N HIS M 842 58.45 30.42 -7.76
CA HIS M 842 58.46 31.48 -6.77
C HIS M 842 57.23 32.37 -7.02
N ALA M 843 56.95 32.64 -8.29
CA ALA M 843 55.78 33.44 -8.63
C ALA M 843 54.50 32.76 -8.19
N ILE M 844 54.43 31.44 -8.38
CA ILE M 844 53.23 30.74 -8.00
C ILE M 844 52.99 30.75 -6.51
N VAL M 845 54.02 30.42 -5.71
CA VAL M 845 53.80 30.40 -4.26
C VAL M 845 53.42 31.76 -3.71
N ALA M 846 53.90 32.82 -4.38
CA ALA M 846 53.60 34.17 -4.01
C ALA M 846 52.15 34.54 -4.37
N GLY M 847 51.49 33.74 -5.22
CA GLY M 847 50.13 34.01 -5.67
C GLY M 847 50.06 34.92 -6.91
N LYS M 848 51.09 34.89 -7.77
CA LYS M 848 51.13 35.73 -8.97
C LYS M 848 50.11 35.35 -10.03
N SER M 849 49.62 36.38 -10.72
CA SER M 849 48.62 36.29 -11.77
C SER M 849 49.12 35.69 -13.06
N ALA M 850 48.19 35.39 -13.95
CA ALA M 850 48.53 34.86 -15.26
C ALA M 850 49.46 35.82 -16.01
N THR M 851 49.23 37.13 -15.91
CA THR M 851 50.12 38.06 -16.59
C THR M 851 51.50 38.02 -15.98
N GLU M 852 51.57 38.04 -14.65
CA GLU M 852 52.87 38.05 -14.01
C GLU M 852 53.68 36.78 -14.31
N ILE M 853 53.00 35.63 -14.31
CA ILE M 853 53.67 34.38 -14.63
C ILE M 853 54.04 34.35 -16.10
N LYS M 854 53.13 34.78 -16.98
CA LYS M 854 53.37 34.82 -18.42
C LYS M 854 54.63 35.59 -18.77
N GLU M 855 54.85 36.73 -18.13
CA GLU M 855 56.05 37.49 -18.44
C GLU M 855 57.30 36.67 -18.07
N ILE M 856 57.27 35.97 -16.92
CA ILE M 856 58.44 35.16 -16.57
C ILE M 856 58.61 34.04 -17.58
N ALA M 857 57.50 33.40 -17.85
CA ALA M 857 57.46 32.26 -18.71
C ALA M 857 57.96 32.53 -20.10
N ARG M 858 57.60 33.67 -20.68
CA ARG M 858 58.06 33.95 -22.03
C ARG M 858 59.55 34.23 -22.02
N ARG M 859 60.03 34.87 -20.95
CA ARG M 859 61.46 35.17 -20.82
C ARG M 859 62.24 33.85 -20.67
N LYS M 860 61.56 32.83 -20.12
CA LYS M 860 62.08 31.50 -19.92
C LYS M 860 61.83 30.53 -21.11
N GLY M 861 61.31 31.01 -22.23
CA GLY M 861 61.10 30.14 -23.39
C GLY M 861 59.66 29.65 -23.68
N MET M 862 58.66 30.23 -23.03
CA MET M 862 57.29 29.81 -23.27
C MET M 862 56.67 30.26 -24.58
N LYS M 863 57.00 29.54 -25.64
CA LYS M 863 56.40 29.82 -26.94
C LYS M 863 54.90 29.85 -26.69
N THR M 864 54.24 30.93 -27.11
CA THR M 864 52.83 31.07 -26.80
C THR M 864 51.93 30.23 -27.68
N LEU M 865 50.66 30.09 -27.28
CA LEU M 865 49.71 29.31 -28.06
C LEU M 865 49.56 29.95 -29.42
N ARG M 866 49.30 31.26 -29.42
CA ARG M 866 49.10 31.99 -30.66
C ARG M 866 50.34 31.87 -31.53
N GLU M 867 51.53 32.05 -30.93
CA GLU M 867 52.80 31.96 -31.64
C GLU M 867 53.03 30.60 -32.27
N ASP M 868 52.80 29.51 -31.52
CA ASP M 868 53.00 28.16 -32.05
C ASP M 868 52.04 27.97 -33.21
N GLY M 869 50.88 28.60 -33.13
CA GLY M 869 49.87 28.53 -34.17
C GLY M 869 50.31 29.19 -35.43
N LEU M 870 50.69 30.44 -35.28
CA LEU M 870 51.11 31.26 -36.40
C LEU M 870 52.37 30.64 -36.98
N TYR M 871 53.20 30.08 -36.11
CA TYR M 871 54.38 29.34 -36.51
C TYR M 871 53.97 28.19 -37.40
N LYS M 872 53.00 27.39 -36.97
CA LYS M 872 52.58 26.27 -37.78
C LYS M 872 51.94 26.76 -39.07
N ALA M 873 51.36 27.96 -39.05
CA ALA M 873 50.90 28.49 -40.31
C ALA M 873 52.11 28.70 -41.21
N LEU M 874 53.16 29.28 -40.65
CA LEU M 874 54.40 29.58 -41.37
C LEU M 874 55.19 28.34 -41.76
N GLN M 875 55.01 27.26 -41.02
CA GLN M 875 55.73 26.03 -41.33
C GLN M 875 54.99 25.17 -42.35
N GLY M 876 53.85 25.66 -42.85
CA GLY M 876 53.10 24.95 -43.88
C GLY M 876 51.98 24.03 -43.44
N ILE M 877 51.51 24.18 -42.22
CA ILE M 877 50.42 23.37 -41.78
C ILE M 877 49.13 24.08 -42.10
N THR M 878 49.11 25.37 -41.83
CA THR M 878 47.92 26.16 -42.03
C THR M 878 48.21 27.56 -42.59
N THR M 879 47.24 28.45 -42.39
CA THR M 879 47.28 29.81 -42.85
C THR M 879 47.16 30.77 -41.66
N LEU M 880 47.81 31.92 -41.79
CA LEU M 880 47.88 32.91 -40.72
C LEU M 880 46.58 33.72 -40.81
N GLU M 881 45.49 33.04 -40.45
CA GLU M 881 44.10 33.48 -40.56
C GLU M 881 43.26 32.52 -39.76
N GLU M 882 43.40 31.23 -40.11
CA GLU M 882 42.75 30.15 -39.41
C GLU M 882 43.25 30.12 -38.00
N VAL M 883 44.52 30.45 -37.85
CA VAL M 883 45.06 30.43 -36.52
C VAL M 883 44.35 31.47 -35.66
N LEU M 884 44.23 32.65 -36.20
CA LEU M 884 43.65 33.78 -35.51
C LEU M 884 42.15 33.57 -35.24
N ALA M 885 41.50 32.94 -36.21
CA ALA M 885 40.06 32.71 -36.23
C ALA M 885 39.59 31.61 -35.28
N ARG M 886 40.49 30.95 -34.56
CA ARG M 886 40.04 29.90 -33.67
C ARG M 886 40.38 30.13 -32.21
N THR M 887 40.52 31.40 -31.83
CA THR M 887 40.75 31.76 -30.43
C THR M 887 39.84 32.91 -30.00
N ILE M 888 40.12 33.48 -28.83
CA ILE M 888 39.34 34.57 -28.25
C ILE M 888 40.24 35.76 -28.02
N SER N 505 -16.60 -6.43 45.56
CA SER N 505 -16.48 -5.26 44.69
C SER N 505 -16.39 -3.97 45.48
N ALA N 506 -15.74 -4.01 46.65
CA ALA N 506 -15.64 -2.81 47.49
C ALA N 506 -14.96 -1.67 46.74
N ALA N 507 -14.02 -2.00 45.87
CA ALA N 507 -13.30 -1.02 45.07
C ALA N 507 -14.23 -0.21 44.18
N GLN N 508 -15.31 -0.83 43.69
CA GLN N 508 -16.20 -0.15 42.78
C GLN N 508 -17.14 0.73 43.57
N LYS N 509 -17.51 0.24 44.75
CA LYS N 509 -18.39 0.98 45.64
C LYS N 509 -17.62 2.20 46.03
N PHE N 510 -16.36 1.95 46.31
CA PHE N 510 -15.39 2.93 46.66
C PHE N 510 -15.23 4.03 45.64
N VAL N 511 -15.09 3.71 44.35
CA VAL N 511 -14.88 4.79 43.43
C VAL N 511 -16.01 5.75 43.48
N LYS N 512 -17.22 5.25 43.43
CA LYS N 512 -18.30 6.21 43.42
C LYS N 512 -18.37 6.98 44.75
N GLN N 513 -18.04 6.33 45.87
CA GLN N 513 -18.05 7.01 47.16
C GLN N 513 -16.97 8.10 47.28
N VAL N 514 -15.74 7.84 46.78
CA VAL N 514 -14.67 8.85 46.87
C VAL N 514 -14.97 10.00 45.97
N ILE N 515 -15.61 9.75 44.84
CA ILE N 515 -16.02 10.82 43.97
C ILE N 515 -17.05 11.68 44.68
N ARG N 516 -18.06 11.02 45.25
CA ARG N 516 -19.09 11.75 45.96
C ARG N 516 -18.52 12.61 47.06
N GLU N 517 -17.70 12.01 47.94
CA GLU N 517 -17.15 12.77 49.04
C GLU N 517 -16.18 13.83 48.58
N ALA N 518 -15.44 13.56 47.53
CA ALA N 518 -14.53 14.55 47.04
C ALA N 518 -15.28 15.78 46.65
N PHE N 519 -16.40 15.62 46.00
CA PHE N 519 -17.08 16.82 45.64
C PHE N 519 -17.70 17.51 46.84
N LEU N 520 -18.28 16.72 47.75
CA LEU N 520 -18.97 17.28 48.90
C LEU N 520 -18.05 17.99 49.87
N GLN N 521 -16.83 17.49 50.00
CA GLN N 521 -15.85 18.06 50.89
C GLN N 521 -15.05 19.17 50.19
N ASP N 522 -15.43 19.45 48.94
CA ASP N 522 -14.81 20.41 48.05
C ASP N 522 -13.37 20.07 47.78
N ALA N 523 -13.13 18.80 47.53
CA ALA N 523 -11.82 18.41 47.16
C ALA N 523 -11.63 18.81 45.75
N SER N 524 -10.47 19.31 45.37
CA SER N 524 -10.24 19.56 43.98
C SER N 524 -9.91 18.24 43.29
N ASP N 525 -9.43 17.28 44.09
CA ASP N 525 -9.02 16.00 43.49
C ASP N 525 -9.27 14.74 44.35
N ILE N 526 -9.56 13.65 43.62
CA ILE N 526 -9.69 12.26 44.12
C ILE N 526 -8.41 11.50 43.85
N HIS N 527 -7.80 10.93 44.89
CA HIS N 527 -6.54 10.18 44.75
C HIS N 527 -6.51 8.73 45.12
N ILE N 528 -6.40 7.84 44.13
CA ILE N 528 -6.30 6.40 44.36
C ILE N 528 -4.88 5.93 44.09
N GLU N 529 -4.02 5.90 45.11
CA GLU N 529 -2.61 5.66 44.86
C GLU N 529 -2.15 4.20 44.86
N PRO N 530 -1.52 3.72 43.78
CA PRO N 530 -1.04 2.38 43.54
C PRO N 530 0.18 2.07 44.35
N ARG N 531 -0.01 1.74 45.61
CA ARG N 531 1.12 1.47 46.47
C ARG N 531 1.48 0.00 46.48
N GLN N 532 2.60 -0.30 47.12
CA GLN N 532 3.16 -1.64 47.20
C GLN N 532 2.26 -2.75 47.79
N ASN N 533 1.47 -2.43 48.83
CA ASN N 533 0.61 -3.45 49.46
C ASN N 533 -0.88 -3.08 49.45
N ASP N 534 -1.13 -1.80 49.30
CA ASP N 534 -2.45 -1.22 49.42
C ASP N 534 -2.67 -0.06 48.48
N VAL N 535 -3.79 0.63 48.63
CA VAL N 535 -4.04 1.81 47.85
C VAL N 535 -4.26 2.95 48.79
N GLN N 536 -3.46 3.98 48.70
CA GLN N 536 -3.64 5.08 49.63
C GLN N 536 -4.69 5.99 49.03
N VAL N 537 -5.75 6.29 49.78
CA VAL N 537 -6.77 7.13 49.19
C VAL N 537 -6.88 8.46 49.92
N ARG N 538 -6.75 9.54 49.14
CA ARG N 538 -6.77 10.88 49.70
C ARG N 538 -7.68 11.84 48.95
N LEU N 539 -8.12 12.89 49.65
CA LEU N 539 -8.86 13.95 48.99
C LEU N 539 -8.12 15.25 49.06
N ARG N 540 -8.00 15.95 47.93
CA ARG N 540 -7.31 17.23 47.98
C ARG N 540 -8.28 18.35 48.19
N ILE N 541 -8.33 18.84 49.42
CA ILE N 541 -9.30 19.82 49.93
C ILE N 541 -8.60 21.08 50.40
N ASP N 542 -9.06 22.24 49.94
CA ASP N 542 -8.40 23.52 50.25
C ASP N 542 -6.94 23.48 49.74
N GLY N 543 -6.72 22.66 48.70
CA GLY N 543 -5.46 22.43 48.04
C GLY N 543 -4.56 21.41 48.75
N ALA N 544 -4.99 20.95 49.93
CA ALA N 544 -4.21 20.04 50.76
C ALA N 544 -4.84 18.68 50.87
N LEU N 545 -4.06 17.65 51.08
CA LEU N 545 -4.73 16.38 51.21
C LEU N 545 -5.30 16.18 52.58
N ARG N 546 -6.41 15.48 52.60
CA ARG N 546 -6.97 15.03 53.83
C ARG N 546 -7.14 13.52 53.66
N PRO N 547 -6.93 12.73 54.72
CA PRO N 547 -7.11 11.30 54.70
C PRO N 547 -8.51 10.92 54.28
N TYR N 548 -8.62 9.86 53.48
CA TYR N 548 -9.93 9.39 53.08
C TYR N 548 -10.07 7.90 53.37
N SER N 549 -9.20 7.07 52.76
CA SER N 549 -9.30 5.63 52.96
C SER N 549 -8.05 4.85 52.55
N THR N 550 -8.16 3.54 52.66
CA THR N 550 -7.13 2.59 52.22
C THR N 550 -7.82 1.44 51.50
N LEU N 551 -7.34 1.06 50.34
CA LEU N 551 -7.95 -0.08 49.65
C LEU N 551 -6.89 -1.16 49.62
N PRO N 552 -7.20 -2.42 49.43
CA PRO N 552 -6.20 -3.46 49.22
C PRO N 552 -5.62 -3.20 47.85
N LYS N 553 -4.37 -3.58 47.62
CA LYS N 553 -3.75 -3.33 46.32
C LYS N 553 -4.59 -3.71 45.10
N GLY N 554 -5.27 -4.85 45.14
CA GLY N 554 -6.08 -5.30 44.00
C GLY N 554 -7.15 -4.28 43.60
N ALA N 555 -7.63 -3.54 44.60
CA ALA N 555 -8.66 -2.54 44.42
C ALA N 555 -8.19 -1.48 43.47
N LEU N 556 -6.89 -1.26 43.41
CA LEU N 556 -6.35 -0.23 42.56
C LEU N 556 -6.80 -0.39 41.14
N ASN N 557 -6.56 -1.57 40.58
CA ASN N 557 -6.93 -1.75 39.20
C ASN N 557 -8.43 -1.85 39.03
N ALA N 558 -9.13 -2.30 40.08
CA ALA N 558 -10.58 -2.30 39.98
C ALA N 558 -11.05 -0.86 39.80
N VAL N 559 -10.43 0.07 40.54
CA VAL N 559 -10.73 1.48 40.42
C VAL N 559 -10.42 2.01 39.04
N ILE N 560 -9.27 1.61 38.52
CA ILE N 560 -8.85 2.00 37.19
C ILE N 560 -9.82 1.59 36.12
N SER N 561 -10.32 0.37 36.20
CA SER N 561 -11.27 -0.06 35.21
C SER N 561 -12.47 0.84 35.28
N VAL N 562 -12.93 1.15 36.49
CA VAL N 562 -14.10 2.00 36.61
C VAL N 562 -13.86 3.39 36.06
N VAL N 563 -12.75 4.03 36.42
CA VAL N 563 -12.57 5.39 35.91
C VAL N 563 -12.29 5.44 34.40
N LYS N 564 -11.70 4.38 33.80
CA LYS N 564 -11.53 4.42 32.34
C LYS N 564 -12.87 4.24 31.68
N ILE N 565 -13.68 3.34 32.21
CA ILE N 565 -14.97 3.11 31.63
C ILE N 565 -15.82 4.36 31.75
N MET N 566 -15.88 4.92 32.97
CA MET N 566 -16.67 6.10 33.24
C MET N 566 -16.24 7.30 32.40
N GLY N 567 -14.94 7.47 32.19
CA GLY N 567 -14.45 8.63 31.48
C GLY N 567 -14.62 8.55 29.97
N GLY N 568 -15.09 7.41 29.45
CA GLY N 568 -15.22 7.23 28.02
C GLY N 568 -13.86 6.96 27.39
N LEU N 569 -12.96 6.36 28.16
CA LEU N 569 -11.61 6.11 27.71
C LEU N 569 -11.44 4.79 27.02
N ASN N 570 -10.34 4.67 26.29
CA ASN N 570 -10.13 3.40 25.65
C ASN N 570 -9.70 2.43 26.72
N ILE N 571 -10.61 1.60 27.14
CA ILE N 571 -10.33 0.66 28.21
C ILE N 571 -9.24 -0.37 27.81
N ALA N 572 -8.92 -0.47 26.50
CA ALA N 572 -7.85 -1.33 26.03
C ALA N 572 -6.47 -0.64 26.13
N GLU N 573 -6.46 0.70 26.21
CA GLU N 573 -5.19 1.38 26.22
C GLU N 573 -4.67 1.58 27.63
N LYS N 574 -3.78 0.65 27.96
CA LYS N 574 -3.14 0.55 29.25
C LYS N 574 -1.63 0.75 29.17
N ARG N 575 -1.11 1.08 27.98
CA ARG N 575 0.33 1.26 27.87
C ARG N 575 0.56 2.72 28.14
N LEU N 576 -0.40 3.48 27.65
CA LEU N 576 -0.40 4.90 27.76
C LEU N 576 -1.41 5.39 28.78
N PRO N 577 -1.14 6.50 29.46
CA PRO N 577 -2.06 7.16 30.34
C PRO N 577 -3.14 7.86 29.54
N GLN N 578 -4.29 8.02 30.16
CA GLN N 578 -5.42 8.66 29.52
C GLN N 578 -6.16 9.63 30.45
N ASP N 579 -6.96 10.53 29.86
CA ASP N 579 -7.77 11.51 30.61
C ASP N 579 -9.14 11.71 29.94
N GLY N 580 -10.23 11.29 30.61
CA GLY N 580 -11.59 11.34 30.08
C GLY N 580 -12.46 12.31 30.85
N ARG N 581 -13.78 12.23 30.66
CA ARG N 581 -14.64 13.17 31.39
C ARG N 581 -16.05 12.71 31.65
N VAL N 582 -16.48 12.95 32.89
CA VAL N 582 -17.82 12.63 33.33
C VAL N 582 -18.54 13.77 34.01
N ARG N 583 -19.75 14.01 33.56
CA ARG N 583 -20.58 15.06 34.12
C ARG N 583 -21.25 14.56 35.39
N TYR N 584 -20.47 14.46 36.46
CA TYR N 584 -21.02 13.95 37.72
C TYR N 584 -21.99 14.97 38.30
N ARG N 585 -23.23 14.55 38.51
CA ARG N 585 -24.28 15.43 39.01
C ARG N 585 -25.07 14.70 40.09
N GLU N 586 -24.81 15.02 41.34
CA GLU N 586 -25.39 14.27 42.46
C GLU N 586 -25.84 15.19 43.60
N GLY N 587 -27.06 15.71 43.52
CA GLY N 587 -27.51 16.63 44.55
C GLY N 587 -26.64 17.87 44.57
N ALA N 588 -25.97 18.11 45.71
CA ALA N 588 -25.10 19.27 45.88
C ALA N 588 -23.90 19.23 44.92
N ILE N 589 -23.60 18.04 44.42
CA ILE N 589 -22.50 17.86 43.51
C ILE N 589 -22.82 18.32 42.11
N ASP N 590 -22.07 19.29 41.61
CA ASP N 590 -22.35 19.83 40.29
C ASP N 590 -21.07 20.24 39.58
N VAL N 591 -20.06 19.38 39.67
CA VAL N 591 -18.75 19.68 39.08
C VAL N 591 -18.30 18.52 38.17
N ASP N 592 -17.79 18.82 36.98
CA ASP N 592 -17.40 17.71 36.10
C ASP N 592 -16.08 17.12 36.59
N LEU N 593 -15.80 15.85 36.31
CA LEU N 593 -14.43 15.37 36.60
C LEU N 593 -13.64 15.03 35.36
N ARG N 594 -12.33 15.25 35.44
CA ARG N 594 -11.35 14.74 34.47
C ARG N 594 -10.89 13.40 35.01
N LEU N 595 -11.17 12.34 34.28
CA LEU N 595 -10.92 10.99 34.79
C LEU N 595 -9.63 10.45 34.21
N SER N 596 -8.60 10.35 35.02
CA SER N 596 -7.33 9.97 34.47
C SER N 596 -6.72 8.73 35.07
N THR N 597 -6.08 7.96 34.19
CA THR N 597 -5.38 6.77 34.63
C THR N 597 -3.92 6.84 34.24
N LEU N 598 -3.07 6.29 35.11
CA LEU N 598 -1.63 6.23 34.90
C LEU N 598 -0.92 4.96 35.31
N PRO N 599 -0.30 4.22 34.38
CA PRO N 599 0.45 3.03 34.73
C PRO N 599 1.61 3.29 35.67
N THR N 600 1.75 2.41 36.66
CA THR N 600 2.87 2.43 37.57
C THR N 600 3.35 1.00 37.73
N VAL N 601 4.47 0.84 38.42
CA VAL N 601 5.05 -0.43 38.77
C VAL N 601 4.09 -1.28 39.63
N TYR N 602 3.10 -0.64 40.27
CA TYR N 602 2.15 -1.33 41.14
C TYR N 602 0.75 -1.39 40.53
N GLY N 603 0.61 -1.07 39.24
CA GLY N 603 -0.71 -1.06 38.58
C GLY N 603 -1.07 0.37 38.20
N GLU N 604 -2.24 0.61 37.67
CA GLU N 604 -2.50 1.99 37.24
C GLU N 604 -3.06 2.82 38.37
N LYS N 605 -2.68 4.10 38.43
CA LYS N 605 -3.17 5.09 39.40
C LYS N 605 -4.46 5.71 38.91
N ALA N 606 -5.44 5.92 39.80
CA ALA N 606 -6.69 6.57 39.37
C ALA N 606 -6.90 7.91 40.03
N VAL N 607 -7.06 8.95 39.22
CA VAL N 607 -7.29 10.30 39.73
C VAL N 607 -8.42 10.97 39.05
N MET N 608 -9.22 11.64 39.84
CA MET N 608 -10.34 12.31 39.25
C MET N 608 -10.32 13.80 39.67
N ARG N 609 -10.17 14.71 38.71
CA ARG N 609 -10.00 16.16 38.99
C ARG N 609 -11.22 17.04 38.67
N LEU N 610 -11.59 17.93 39.60
CA LEU N 610 -12.78 18.78 39.43
C LEU N 610 -12.67 19.92 38.43
N LEU N 611 -13.71 20.06 37.63
CA LEU N 611 -13.93 21.13 36.66
C LEU N 611 -15.10 22.00 37.08
N LYS N 612 -14.79 23.13 37.68
CA LYS N 612 -15.75 24.02 38.32
C LYS N 612 -16.50 24.86 37.33
N LYS N 613 -17.61 25.45 37.78
CA LYS N 613 -18.44 26.29 36.92
C LYS N 613 -18.42 27.76 37.30
N ALA N 614 -19.12 28.58 36.52
CA ALA N 614 -19.24 30.02 36.78
C ALA N 614 -19.76 30.33 38.18
N SER N 615 -20.63 29.46 38.67
CA SER N 615 -21.23 29.58 39.99
C SER N 615 -20.23 29.40 41.15
N ASP N 616 -19.02 28.91 40.83
CA ASP N 616 -17.99 28.66 41.83
C ASP N 616 -17.01 29.83 41.97
N ILE N 617 -17.23 30.88 41.17
CA ILE N 617 -16.40 32.07 41.25
C ILE N 617 -16.92 33.17 42.21
N PRO N 618 -16.10 33.65 43.16
CA PRO N 618 -16.41 34.69 44.11
C PRO N 618 -16.53 36.05 43.43
N GLU N 619 -17.32 36.94 44.01
CA GLU N 619 -17.45 38.31 43.49
C GLU N 619 -16.37 39.18 44.09
N ILE N 620 -16.23 40.42 43.63
CA ILE N 620 -15.22 41.31 44.20
C ILE N 620 -15.23 41.31 45.74
N GLU N 621 -16.41 41.28 46.34
CA GLU N 621 -16.55 41.31 47.79
C GLU N 621 -16.14 40.00 48.46
N ASP N 622 -16.13 38.91 47.70
CA ASP N 622 -15.83 37.60 48.24
C ASP N 622 -14.35 37.27 48.09
N LEU N 623 -13.58 38.17 47.48
CA LEU N 623 -12.16 37.93 47.29
C LEU N 623 -11.40 38.25 48.58
N GLY N 624 -11.99 39.06 49.45
CA GLY N 624 -11.35 39.45 50.71
C GLY N 624 -10.48 40.71 50.68
N PHE N 625 -10.80 41.69 49.83
CA PHE N 625 -10.00 42.90 49.78
C PHE N 625 -10.23 43.79 50.99
N ALA N 626 -9.18 44.41 51.50
CA ALA N 626 -9.32 45.40 52.55
C ALA N 626 -9.99 46.59 51.88
N PRO N 627 -10.82 47.42 52.53
CA PRO N 627 -11.52 48.56 51.94
C PRO N 627 -10.65 49.43 51.03
N GLY N 628 -9.37 49.60 51.37
CA GLY N 628 -8.47 50.41 50.55
C GLY N 628 -8.26 49.75 49.20
N VAL N 629 -7.60 48.60 49.23
CA VAL N 629 -7.33 47.83 48.02
C VAL N 629 -8.63 47.42 47.31
N PHE N 630 -9.72 47.26 48.05
CA PHE N 630 -11.02 46.93 47.46
C PHE N 630 -11.44 48.02 46.51
N GLU N 631 -11.40 49.27 47.01
CA GLU N 631 -11.84 50.40 46.22
C GLU N 631 -10.91 50.59 45.05
N ARG N 632 -9.60 50.41 45.25
CA ARG N 632 -8.67 50.61 44.16
C ARG N 632 -8.86 49.52 43.11
N PHE N 633 -9.12 48.29 43.55
CA PHE N 633 -9.35 47.19 42.65
C PHE N 633 -10.55 47.48 41.82
N LYS N 634 -11.66 47.75 42.51
CA LYS N 634 -12.95 48.02 41.92
C LYS N 634 -12.82 49.11 40.89
N GLU N 635 -12.19 50.22 41.31
CA GLU N 635 -11.99 51.39 40.50
C GLU N 635 -11.27 51.07 39.22
N VAL N 636 -10.19 50.32 39.31
CA VAL N 636 -9.45 50.06 38.10
C VAL N 636 -10.16 49.08 37.18
N ILE N 637 -10.68 47.99 37.72
CA ILE N 637 -11.34 47.02 36.85
C ILE N 637 -12.64 47.55 36.25
N SER N 638 -13.19 48.62 36.80
CA SER N 638 -14.41 49.20 36.27
C SER N 638 -14.16 50.21 35.13
N LYS N 639 -12.89 50.48 34.82
CA LYS N 639 -12.56 51.43 33.77
C LYS N 639 -13.04 50.93 32.41
N PRO N 640 -13.42 51.82 31.46
CA PRO N 640 -13.92 51.46 30.14
C PRO N 640 -12.94 50.67 29.28
N TYR N 641 -11.67 50.78 29.57
CA TYR N 641 -10.66 50.05 28.82
C TYR N 641 -9.36 50.01 29.60
N GLY N 642 -8.46 49.13 29.20
CA GLY N 642 -7.13 49.11 29.81
C GLY N 642 -6.76 47.73 30.38
N ILE N 643 -5.46 47.50 30.63
CA ILE N 643 -5.03 46.20 31.15
C ILE N 643 -5.06 46.19 32.66
N PHE N 644 -5.71 45.18 33.21
CA PHE N 644 -5.71 44.96 34.63
C PHE N 644 -5.02 43.61 34.87
N LEU N 645 -3.85 43.64 35.47
CA LEU N 645 -3.13 42.40 35.66
C LEU N 645 -3.43 41.83 37.03
N ILE N 646 -3.47 40.50 37.14
CA ILE N 646 -3.60 39.82 38.43
C ILE N 646 -2.36 38.99 38.60
N THR N 647 -1.67 39.08 39.72
CA THR N 647 -0.44 38.33 39.78
C THR N 647 -0.09 37.73 41.12
N GLY N 648 0.60 36.60 41.09
CA GLY N 648 0.97 36.00 42.37
C GLY N 648 1.69 34.63 42.29
N PRO N 649 2.23 34.16 43.44
CA PRO N 649 2.98 32.93 43.72
C PRO N 649 2.13 31.67 43.78
N THR N 650 2.74 30.59 44.21
CA THR N 650 2.01 29.36 44.40
C THR N 650 0.78 29.58 45.22
N GLY N 651 -0.31 28.95 44.84
CA GLY N 651 -1.53 29.05 45.61
C GLY N 651 -2.09 30.46 45.54
N SER N 652 -1.68 31.25 44.56
CA SER N 652 -2.17 32.61 44.55
C SER N 652 -3.70 32.78 44.45
N GLY N 653 -4.42 31.85 43.80
CA GLY N 653 -5.89 31.98 43.70
C GLY N 653 -6.30 33.01 42.68
N LYS N 654 -5.42 33.24 41.75
CA LYS N 654 -5.63 34.23 40.73
C LYS N 654 -6.82 33.89 39.88
N SER N 655 -7.11 32.59 39.69
CA SER N 655 -8.25 32.20 38.88
C SER N 655 -9.52 32.76 39.49
N PHE N 656 -9.65 32.69 40.83
CA PHE N 656 -10.84 33.25 41.43
C PHE N 656 -11.03 34.70 41.05
N THR N 657 -9.99 35.50 41.27
CA THR N 657 -10.06 36.92 40.97
C THR N 657 -10.18 37.25 39.51
N THR N 658 -9.40 36.57 38.71
CA THR N 658 -9.33 36.80 37.30
C THR N 658 -10.75 36.62 36.75
N PHE N 659 -11.37 35.51 37.13
CA PHE N 659 -12.74 35.20 36.76
C PHE N 659 -13.76 36.13 37.44
N SER N 660 -13.49 36.49 38.70
CA SER N 660 -14.36 37.38 39.48
C SER N 660 -14.48 38.72 38.81
N ILE N 661 -13.36 39.24 38.31
CA ILE N 661 -13.40 40.50 37.65
C ILE N 661 -14.29 40.39 36.47
N LEU N 662 -14.11 39.34 35.68
CA LEU N 662 -14.99 39.30 34.55
C LEU N 662 -16.41 39.17 34.99
N LYS N 663 -16.69 38.42 36.05
CA LYS N 663 -18.06 38.32 36.51
C LYS N 663 -18.63 39.73 36.73
N ARG N 664 -17.82 40.61 37.35
CA ARG N 664 -18.20 42.02 37.54
C ARG N 664 -18.44 42.80 36.25
N ILE N 665 -17.54 42.63 35.28
CA ILE N 665 -17.59 43.43 34.06
C ILE N 665 -18.23 42.70 32.86
N ALA N 666 -18.52 41.42 33.00
CA ALA N 666 -19.15 40.64 31.93
C ALA N 666 -20.64 40.86 31.95
N THR N 667 -21.02 42.08 31.61
CA THR N 667 -22.39 42.49 31.67
C THR N 667 -23.10 41.83 30.50
N PRO N 668 -24.44 41.79 30.48
CA PRO N 668 -25.24 41.31 29.37
C PRO N 668 -24.84 41.94 28.05
N ASP N 669 -24.32 43.16 28.10
CA ASP N 669 -23.90 43.91 26.93
C ASP N 669 -22.43 43.77 26.54
N LYS N 670 -21.65 42.96 27.24
CA LYS N 670 -20.25 42.89 26.83
C LYS N 670 -19.74 41.53 26.40
N ASN N 671 -19.01 41.54 25.28
CA ASN N 671 -18.42 40.37 24.67
C ASN N 671 -17.28 40.00 25.51
N THR N 672 -17.58 39.32 26.56
CA THR N 672 -16.51 38.99 27.40
C THR N 672 -15.92 37.76 26.82
N GLN N 673 -14.61 37.77 26.62
CA GLN N 673 -13.99 36.57 26.11
C GLN N 673 -12.83 36.19 27.01
N THR N 674 -12.71 34.89 27.28
CA THR N 674 -11.65 34.35 28.15
C THR N 674 -10.94 33.16 27.61
N ILE N 675 -9.65 33.12 27.83
CA ILE N 675 -8.90 31.94 27.47
C ILE N 675 -8.58 31.15 28.72
N GLU N 676 -8.96 29.87 28.74
CA GLU N 676 -8.79 29.00 29.90
C GLU N 676 -8.57 27.53 29.47
N ASP N 677 -8.09 26.72 30.38
CA ASP N 677 -7.81 25.32 30.14
C ASP N 677 -9.16 24.56 29.99
N PRO N 678 -9.19 23.21 29.89
CA PRO N 678 -10.36 22.36 29.67
C PRO N 678 -11.56 22.50 30.67
N VAL N 679 -11.49 23.51 31.56
CA VAL N 679 -12.48 24.03 32.52
C VAL N 679 -12.13 23.97 33.99
N GLU N 680 -11.09 24.69 34.41
CA GLU N 680 -10.88 24.81 35.86
C GLU N 680 -12.10 25.49 36.47
N TYR N 681 -12.45 26.68 35.89
CA TYR N 681 -13.60 27.54 36.22
C TYR N 681 -14.22 28.16 34.98
N GLU N 682 -15.37 28.81 35.16
CA GLU N 682 -16.07 29.54 34.09
C GLU N 682 -16.45 30.97 34.57
N ILE N 683 -16.96 31.82 33.66
CA ILE N 683 -17.46 33.18 33.97
C ILE N 683 -18.89 33.40 33.37
N PRO N 684 -19.85 34.12 34.00
CA PRO N 684 -21.14 34.50 33.41
C PRO N 684 -21.00 35.49 32.23
N GLY N 685 -21.91 35.44 31.24
CA GLY N 685 -21.87 36.48 30.20
C GLY N 685 -20.62 36.36 29.35
N ILE N 686 -20.15 35.13 29.13
CA ILE N 686 -18.87 35.00 28.46
C ILE N 686 -18.70 33.90 27.44
N ASN N 687 -17.87 34.23 26.49
CA ASN N 687 -17.36 33.39 25.45
C ASN N 687 -15.98 32.85 25.88
N GLN N 688 -15.99 31.85 26.73
CA GLN N 688 -14.74 31.36 27.30
C GLN N 688 -14.09 30.25 26.50
N THR N 689 -13.07 30.63 25.75
CA THR N 689 -12.33 29.82 24.79
C THR N 689 -11.36 28.87 25.47
N GLN N 690 -11.33 27.62 25.03
CA GLN N 690 -10.36 26.72 25.63
C GLN N 690 -8.98 26.88 24.99
N VAL N 691 -7.92 26.72 25.78
CA VAL N 691 -6.57 26.85 25.24
C VAL N 691 -6.29 25.79 24.19
N ASN N 692 -6.68 24.55 24.48
CA ASN N 692 -6.52 23.45 23.53
C ASN N 692 -5.41 23.70 22.53
N PRO N 693 -4.13 23.72 22.92
CA PRO N 693 -3.07 24.12 22.04
C PRO N 693 -3.00 23.22 20.80
N GLN N 694 -3.50 21.98 20.87
CA GLN N 694 -3.50 21.07 19.71
C GLN N 694 -4.52 21.50 18.65
N ALA N 695 -5.44 22.37 19.06
CA ALA N 695 -6.48 22.93 18.22
C ALA N 695 -6.02 24.27 17.69
N GLY N 696 -4.84 24.69 18.15
CA GLY N 696 -4.26 25.96 17.80
C GLY N 696 -4.75 27.11 18.67
N LEU N 697 -5.52 26.86 19.72
CA LEU N 697 -6.07 27.98 20.50
C LEU N 697 -5.15 28.40 21.63
N THR N 698 -3.91 28.68 21.31
CA THR N 698 -2.94 28.97 22.34
C THR N 698 -3.34 30.27 22.95
N PHE N 699 -2.75 30.68 24.04
CA PHE N 699 -3.25 31.95 24.54
C PHE N 699 -3.07 33.05 23.51
N ALA N 700 -1.96 33.08 22.81
CA ALA N 700 -1.81 34.12 21.81
C ALA N 700 -2.83 33.96 20.71
N ARG N 701 -3.12 32.73 20.27
CA ARG N 701 -4.05 32.62 19.16
C ARG N 701 -5.46 32.94 19.57
N ALA N 702 -5.86 32.45 20.72
CA ALA N 702 -7.18 32.71 21.22
C ALA N 702 -7.31 34.21 21.52
N LEU N 703 -6.28 34.89 22.03
CA LEU N 703 -6.42 36.32 22.27
C LEU N 703 -6.53 37.06 20.96
N ARG N 704 -5.79 36.61 19.95
CA ARG N 704 -5.90 37.21 18.64
C ARG N 704 -7.29 36.95 18.14
N ALA N 705 -7.82 35.76 18.42
CA ALA N 705 -9.18 35.47 18.00
C ALA N 705 -10.08 36.45 18.67
N PHE N 706 -9.85 36.75 19.93
CA PHE N 706 -10.75 37.68 20.59
C PHE N 706 -10.75 38.99 19.85
N LEU N 707 -9.59 39.47 19.41
CA LEU N 707 -9.64 40.72 18.68
C LEU N 707 -10.41 40.56 17.35
N ARG N 708 -10.24 39.41 16.68
CA ARG N 708 -10.89 39.11 15.39
C ARG N 708 -12.41 38.98 15.55
N GLN N 709 -12.78 38.55 16.75
CA GLN N 709 -14.12 38.34 17.28
C GLN N 709 -14.76 39.66 17.72
N ASP N 710 -14.03 40.78 17.67
CA ASP N 710 -14.56 42.07 18.12
C ASP N 710 -15.09 42.03 19.58
N PRO N 711 -14.19 41.79 20.54
CA PRO N 711 -14.42 41.63 21.95
C PRO N 711 -14.73 42.95 22.59
N ASP N 712 -15.26 42.92 23.81
CA ASP N 712 -15.37 44.12 24.62
C ASP N 712 -14.38 43.98 25.72
N ILE N 713 -14.30 42.75 26.20
CA ILE N 713 -13.45 42.41 27.30
C ILE N 713 -12.61 41.21 26.93
N ILE N 714 -11.32 41.30 27.12
CA ILE N 714 -10.40 40.21 26.87
C ILE N 714 -9.69 39.71 28.07
N MET N 715 -9.80 38.42 28.34
CA MET N 715 -9.08 37.89 29.45
C MET N 715 -8.14 36.76 29.12
N VAL N 716 -6.94 36.92 29.65
CA VAL N 716 -5.89 35.96 29.44
C VAL N 716 -5.78 35.16 30.75
N GLY N 717 -6.31 33.93 30.80
CA GLY N 717 -6.28 33.15 32.05
C GLY N 717 -4.85 33.00 32.60
N GLU N 718 -3.88 33.00 31.70
CA GLU N 718 -2.47 32.92 32.04
C GLU N 718 -1.64 33.57 30.94
N ILE N 719 -0.86 34.59 31.27
CA ILE N 719 0.00 35.16 30.25
C ILE N 719 1.23 34.28 30.19
N ARG N 720 1.58 33.82 28.99
CA ARG N 720 2.74 32.95 28.81
C ARG N 720 3.83 33.65 28.02
N ASP N 721 3.78 33.53 26.71
CA ASP N 721 4.77 34.13 25.84
C ASP N 721 4.50 35.61 25.53
N SER N 722 5.43 36.22 24.76
CA SER N 722 5.34 37.64 24.40
C SER N 722 4.17 37.97 23.50
N GLU N 723 3.70 36.99 22.74
CA GLU N 723 2.59 37.23 21.85
C GLU N 723 1.34 37.43 22.67
N THR N 724 1.20 36.61 23.70
CA THR N 724 0.05 36.65 24.56
C THR N 724 0.03 37.98 25.32
N ALA N 725 1.19 38.33 25.87
CA ALA N 725 1.33 39.55 26.62
C ALA N 725 1.06 40.79 25.74
N LYS N 726 1.57 40.77 24.50
CA LYS N 726 1.32 41.88 23.59
C LYS N 726 -0.14 42.01 23.23
N ILE N 727 -0.87 40.90 23.06
CA ILE N 727 -2.28 41.04 22.72
C ILE N 727 -3.03 41.66 23.88
N ALA N 728 -2.68 41.30 25.11
CA ALA N 728 -3.35 41.95 26.24
C ALA N 728 -3.16 43.48 26.12
N THR N 729 -1.96 43.91 25.73
CA THR N 729 -1.64 45.33 25.56
C THR N 729 -2.41 45.96 24.40
N GLU N 730 -2.39 45.30 23.25
CA GLU N 730 -3.09 45.81 22.08
C GLU N 730 -4.56 45.96 22.41
N ALA N 731 -5.13 44.92 22.97
CA ALA N 731 -6.52 44.92 23.28
C ALA N 731 -6.89 46.06 24.20
N ALA N 732 -6.07 46.29 25.21
CA ALA N 732 -6.35 47.36 26.14
C ALA N 732 -6.41 48.69 25.44
N LEU N 733 -5.46 48.89 24.55
CA LEU N 733 -5.34 50.10 23.79
C LEU N 733 -6.50 50.29 22.82
N THR N 734 -7.03 49.18 22.27
CA THR N 734 -8.16 49.20 21.32
C THR N 734 -9.47 49.52 21.98
N GLY N 735 -9.46 49.77 23.28
CA GLY N 735 -10.68 50.11 23.94
C GLY N 735 -11.28 48.92 24.61
N HIS N 736 -10.54 47.82 24.70
CA HIS N 736 -11.11 46.69 25.38
C HIS N 736 -10.65 46.76 26.80
N LEU N 737 -11.41 46.16 27.65
CA LEU N 737 -11.01 46.04 29.02
C LEU N 737 -10.33 44.71 29.09
N VAL N 738 -9.09 44.69 29.50
CA VAL N 738 -8.32 43.48 29.43
C VAL N 738 -7.89 43.01 30.78
N ILE N 739 -8.19 41.77 31.06
CA ILE N 739 -7.87 41.17 32.32
C ILE N 739 -6.78 40.14 32.06
N ALA N 740 -5.70 40.12 32.83
CA ALA N 740 -4.72 39.09 32.48
C ALA N 740 -3.92 38.63 33.69
N THR N 741 -3.47 37.36 33.67
CA THR N 741 -2.76 36.83 34.84
C THR N 741 -1.25 36.47 34.71
N LEU N 742 -0.48 36.91 35.74
CA LEU N 742 0.97 36.68 35.91
C LEU N 742 1.37 35.95 37.20
N HIS N 743 2.66 35.62 37.32
CA HIS N 743 3.15 34.85 38.47
C HIS N 743 4.32 35.51 39.21
N THR N 744 4.06 36.67 39.80
CA THR N 744 5.08 37.45 40.53
C THR N 744 4.78 37.39 42.00
N ASN N 745 5.57 38.09 42.81
CA ASN N 745 5.29 38.18 44.23
C ASN N 745 4.79 39.59 44.63
N ASP N 746 4.50 40.44 43.62
CA ASP N 746 3.99 41.80 43.87
C ASP N 746 3.42 42.45 42.60
N ALA N 747 2.82 43.64 42.72
CA ALA N 747 2.21 44.29 41.57
C ALA N 747 3.21 44.98 40.62
N ALA N 748 4.22 45.65 41.18
CA ALA N 748 5.20 46.37 40.38
C ALA N 748 5.93 45.41 39.45
N GLN N 749 6.19 44.20 39.96
CA GLN N 749 6.83 43.18 39.18
C GLN N 749 5.96 42.79 37.99
N ALA N 750 4.63 42.89 38.08
CA ALA N 750 3.80 42.49 36.95
C ALA N 750 4.08 43.38 35.76
N ILE N 751 4.28 44.67 36.03
CA ILE N 751 4.64 45.54 34.91
C ILE N 751 5.97 45.15 34.41
N THR N 752 6.88 44.94 35.35
CA THR N 752 8.22 44.58 35.03
C THR N 752 8.15 43.33 34.15
N ARG N 753 7.28 42.38 34.50
CA ARG N 753 7.08 41.17 33.73
C ARG N 753 6.56 41.48 32.35
N LEU N 754 5.70 42.49 32.19
CA LEU N 754 5.27 42.75 30.83
C LEU N 754 6.51 43.08 30.00
N ASP N 755 7.44 43.84 30.57
CA ASP N 755 8.67 44.14 29.84
C ASP N 755 9.59 42.91 29.72
N GLU N 756 9.71 42.11 30.79
CA GLU N 756 10.58 40.91 30.81
C GLU N 756 10.09 39.88 29.80
N MET N 757 8.78 39.84 29.58
CA MET N 757 8.14 38.93 28.64
C MET N 757 8.14 39.44 27.20
N GLY N 758 8.74 40.61 26.92
CA GLY N 758 8.80 41.13 25.55
C GLY N 758 7.76 42.19 25.13
N VAL N 759 7.01 42.77 26.07
CA VAL N 759 6.05 43.79 25.68
C VAL N 759 6.73 45.15 25.71
N GLU N 760 6.55 45.93 24.67
CA GLU N 760 7.17 47.24 24.59
C GLU N 760 6.62 48.23 25.67
N PRO N 761 7.50 48.85 26.49
CA PRO N 761 7.17 49.73 27.62
C PRO N 761 6.46 51.00 27.20
N PHE N 762 6.64 51.36 25.95
CA PHE N 762 6.06 52.56 25.43
C PHE N 762 4.64 52.36 24.96
N ASN N 763 4.15 51.12 25.09
CA ASN N 763 2.77 50.84 24.78
C ASN N 763 2.09 50.54 26.10
N ILE N 764 2.84 49.90 27.00
CA ILE N 764 2.31 49.50 28.31
C ILE N 764 1.88 50.74 29.07
N SER N 765 2.68 51.81 28.95
CA SER N 765 2.40 53.08 29.63
C SER N 765 1.04 53.69 29.27
N ALA N 766 0.44 53.27 28.15
CA ALA N 766 -0.86 53.74 27.71
C ALA N 766 -1.91 52.66 27.99
N ALA N 767 -1.52 51.41 27.77
CA ALA N 767 -2.38 50.24 27.89
C ALA N 767 -2.77 49.87 29.31
N LEU N 768 -1.82 49.95 30.24
CA LEU N 768 -2.02 49.50 31.61
C LEU N 768 -2.75 50.48 32.50
N ILE N 769 -3.75 49.98 33.21
CA ILE N 769 -4.50 50.78 34.18
C ILE N 769 -4.24 50.34 35.61
N GLY N 770 -3.79 49.11 35.80
CA GLY N 770 -3.45 48.69 37.14
C GLY N 770 -3.14 47.22 37.29
N VAL N 771 -2.57 46.89 38.43
CA VAL N 771 -2.21 45.53 38.74
C VAL N 771 -2.61 45.10 40.14
N LEU N 772 -3.27 43.97 40.24
CA LEU N 772 -3.60 43.34 41.50
C LEU N 772 -2.73 42.18 41.84
N SER N 773 -1.83 42.32 42.77
CA SER N 773 -1.12 41.13 43.11
C SER N 773 -1.93 40.50 44.18
N GLN N 774 -1.97 39.20 44.18
CA GLN N 774 -2.68 38.56 45.24
C GLN N 774 -2.16 37.20 45.53
N ARG N 775 -2.52 36.70 46.68
CA ARG N 775 -2.23 35.32 46.97
C ARG N 775 -3.09 34.69 48.01
N LEU N 776 -3.25 33.35 47.98
CA LEU N 776 -4.00 32.73 49.05
C LEU N 776 -3.10 32.22 50.14
N VAL N 777 -3.52 32.53 51.34
CA VAL N 777 -2.89 32.16 52.57
C VAL N 777 -3.93 31.45 53.40
N ARG N 778 -3.58 30.36 54.10
CA ARG N 778 -4.66 29.63 54.76
C ARG N 778 -5.44 30.46 55.78
N ARG N 779 -6.76 30.30 55.77
CA ARG N 779 -7.66 30.98 56.68
C ARG N 779 -7.93 30.17 57.91
N VAL N 780 -7.71 30.75 59.07
CA VAL N 780 -7.89 29.98 60.29
C VAL N 780 -9.33 29.62 60.57
N CYS N 781 -9.53 28.35 60.83
CA CYS N 781 -10.84 27.78 61.14
C CYS N 781 -11.45 28.32 62.41
N GLU N 782 -12.72 28.70 62.32
CA GLU N 782 -13.48 29.26 63.42
C GLU N 782 -13.58 28.38 64.67
N HIS N 783 -13.44 27.07 64.50
CA HIS N 783 -13.49 26.14 65.61
C HIS N 783 -12.10 25.62 65.94
N CYS N 784 -11.10 26.31 65.40
CA CYS N 784 -9.71 26.03 65.65
C CYS N 784 -8.94 27.26 66.03
N LYS N 785 -9.54 28.41 65.82
CA LYS N 785 -8.87 29.69 65.96
C LYS N 785 -8.24 29.94 67.33
N VAL N 786 -6.90 30.13 67.30
CA VAL N 786 -6.08 30.37 68.51
C VAL N 786 -5.46 31.74 68.48
N GLU N 787 -5.64 32.53 69.55
CA GLU N 787 -5.07 33.87 69.59
C GLU N 787 -3.66 33.91 70.18
N VAL N 788 -2.71 34.40 69.39
CA VAL N 788 -1.32 34.53 69.80
C VAL N 788 -0.85 35.92 69.43
N LYS N 789 0.30 36.38 69.91
CA LYS N 789 0.76 37.67 69.37
C LYS N 789 1.99 37.44 68.47
N PRO N 790 2.16 38.22 67.38
CA PRO N 790 3.29 38.24 66.45
C PRO N 790 4.59 38.85 66.98
N ASP N 791 5.70 38.42 66.37
CA ASP N 791 7.06 38.91 66.62
C ASP N 791 7.26 40.40 66.27
N PRO N 792 7.68 41.28 67.22
CA PRO N 792 7.85 42.72 67.03
C PRO N 792 8.89 43.10 65.98
N GLU N 793 9.89 42.24 65.73
CA GLU N 793 10.87 42.61 64.71
C GLU N 793 10.26 42.41 63.34
N THR N 794 9.58 41.27 63.17
CA THR N 794 8.97 40.96 61.90
C THR N 794 7.90 42.00 61.59
N LEU N 795 7.07 42.30 62.58
CA LEU N 795 5.99 43.24 62.41
C LEU N 795 6.47 44.63 62.06
N ARG N 796 7.54 45.06 62.72
CA ARG N 796 8.11 46.37 62.49
C ARG N 796 8.63 46.43 61.05
N ARG N 797 9.30 45.37 60.59
CA ARG N 797 9.83 45.35 59.23
C ARG N 797 8.69 45.36 58.21
N LEU N 798 7.56 44.78 58.60
CA LEU N 798 6.35 44.74 57.80
C LEU N 798 5.52 46.03 57.89
N GLY N 799 6.05 47.06 58.57
CA GLY N 799 5.40 48.37 58.65
C GLY N 799 4.47 48.64 59.84
N LEU N 800 4.44 47.76 60.85
CA LEU N 800 3.55 48.00 61.99
C LEU N 800 4.25 48.87 63.07
N SER N 801 3.58 49.93 63.58
CA SER N 801 4.16 50.80 64.61
C SER N 801 4.31 50.12 65.94
N GLU N 802 5.33 50.48 66.71
CA GLU N 802 5.49 49.95 68.07
C GLU N 802 4.19 50.09 68.89
N ALA N 803 3.47 51.20 68.66
CA ALA N 803 2.25 51.51 69.40
C ALA N 803 1.09 50.60 68.97
N GLU N 804 1.26 49.93 67.84
CA GLU N 804 0.29 49.01 67.28
C GLU N 804 0.76 47.58 67.56
N ILE N 805 2.08 47.38 67.58
CA ILE N 805 2.67 46.08 67.83
C ILE N 805 2.26 45.58 69.19
N GLN N 806 2.26 46.47 70.18
CA GLN N 806 1.87 46.08 71.53
C GLN N 806 0.48 45.39 71.62
N GLY N 807 -0.42 45.65 70.66
CA GLY N 807 -1.77 45.07 70.68
C GLY N 807 -2.00 44.13 69.49
N ALA N 808 -0.94 43.82 68.75
CA ALA N 808 -1.03 42.98 67.56
C ALA N 808 -1.40 41.55 67.92
N ARG N 809 -2.22 40.91 67.09
CA ARG N 809 -2.62 39.52 67.32
C ARG N 809 -2.60 38.69 66.04
N LEU N 810 -2.09 37.48 66.10
CA LEU N 810 -2.15 36.54 64.97
C LEU N 810 -3.06 35.43 65.34
N TYR N 811 -3.58 34.73 64.36
CA TYR N 811 -4.35 33.56 64.71
C TYR N 811 -3.86 32.31 64.04
N LYS N 812 -3.91 31.21 64.78
CA LYS N 812 -3.47 29.91 64.25
C LYS N 812 -4.57 28.87 64.22
N GLY N 813 -4.36 27.87 63.37
CA GLY N 813 -5.27 26.74 63.22
C GLY N 813 -4.92 25.50 64.08
N MET N 814 -5.64 25.31 65.19
CA MET N 814 -5.50 24.16 66.10
C MET N 814 -5.73 22.77 65.45
N GLY N 815 -6.85 22.63 64.76
CA GLY N 815 -7.30 21.39 64.12
C GLY N 815 -8.54 20.80 64.82
N CYS N 816 -9.66 20.77 64.09
CA CYS N 816 -10.93 20.23 64.58
C CYS N 816 -11.72 19.69 63.39
N GLU N 817 -12.89 19.09 63.64
CA GLU N 817 -13.67 18.44 62.59
C GLU N 817 -14.15 19.42 61.53
N ARG N 818 -14.36 20.65 61.95
CA ARG N 818 -14.84 21.72 61.09
C ARG N 818 -13.94 21.90 59.88
N CYS N 819 -12.65 21.65 60.06
CA CYS N 819 -11.65 21.83 59.03
C CYS N 819 -10.90 20.56 58.66
N GLY N 820 -11.48 19.41 58.94
CA GLY N 820 -10.86 18.15 58.55
C GLY N 820 -9.59 17.84 59.32
N GLY N 821 -9.41 18.47 60.48
CA GLY N 821 -8.21 18.30 61.27
C GLY N 821 -7.02 19.13 60.78
N THR N 822 -7.20 20.00 59.79
CA THR N 822 -6.05 20.74 59.25
C THR N 822 -5.77 22.04 60.00
N GLY N 823 -6.76 22.54 60.70
CA GLY N 823 -6.69 23.81 61.45
C GLY N 823 -7.18 25.00 60.66
N TYR N 824 -7.33 24.84 59.35
CA TYR N 824 -7.72 25.95 58.51
C TYR N 824 -8.97 25.61 57.73
N LYS N 825 -9.75 26.62 57.43
CA LYS N 825 -11.00 26.43 56.74
C LYS N 825 -11.08 27.34 55.54
N GLY N 826 -10.66 26.81 54.40
CA GLY N 826 -10.57 27.59 53.19
C GLY N 826 -9.33 28.46 53.26
N ARG N 827 -9.18 29.31 52.28
CA ARG N 827 -8.04 30.21 52.22
C ARG N 827 -8.59 31.58 51.96
N TYR N 828 -7.79 32.60 52.17
CA TYR N 828 -8.29 33.94 51.88
C TYR N 828 -7.25 34.63 51.05
N ALA N 829 -7.65 35.64 50.29
CA ALA N 829 -6.64 36.31 49.51
C ALA N 829 -6.12 37.56 50.16
N ILE N 830 -4.84 37.76 49.92
CA ILE N 830 -4.06 38.91 50.31
C ILE N 830 -3.92 39.72 49.06
N HIS N 831 -4.07 41.04 49.13
CA HIS N 831 -4.03 41.84 47.91
C HIS N 831 -3.16 43.09 47.91
N GLU N 832 -2.70 43.44 46.70
CA GLU N 832 -1.95 44.67 46.44
C GLU N 832 -2.32 45.36 45.14
N LEU N 833 -2.72 46.64 45.18
CA LEU N 833 -2.94 47.31 43.89
C LEU N 833 -2.04 48.43 43.48
N LEU N 834 -1.60 48.28 42.26
CA LEU N 834 -0.86 49.27 41.56
C LEU N 834 -1.85 49.95 40.67
N VAL N 835 -2.04 51.24 40.84
CA VAL N 835 -2.99 51.94 40.00
C VAL N 835 -2.18 52.88 39.17
N VAL N 836 -2.27 52.77 37.86
CA VAL N 836 -1.39 53.59 37.05
C VAL N 836 -1.84 55.03 36.98
N ASP N 837 -0.89 55.93 37.20
CA ASP N 837 -1.12 57.38 37.12
C ASP N 837 0.01 57.97 36.31
N ASP N 838 0.19 59.29 36.34
CA ASP N 838 1.22 59.91 35.53
C ASP N 838 2.65 59.48 35.89
N GLU N 839 2.96 59.26 37.17
CA GLU N 839 4.33 58.94 37.51
C GLU N 839 4.64 57.52 37.10
N ILE N 840 3.64 56.66 37.25
CA ILE N 840 3.81 55.27 36.88
C ILE N 840 3.90 55.22 35.36
N ARG N 841 3.05 55.97 34.65
CA ARG N 841 3.10 56.04 33.19
C ARG N 841 4.52 56.33 32.73
N HIS N 842 5.15 57.33 33.36
CA HIS N 842 6.51 57.68 33.00
C HIS N 842 7.47 56.56 33.39
N ALA N 843 7.27 55.96 34.57
CA ALA N 843 8.12 54.87 35.01
C ALA N 843 8.05 53.70 34.04
N ILE N 844 6.87 53.46 33.49
CA ILE N 844 6.71 52.37 32.57
C ILE N 844 7.46 52.64 31.27
N VAL N 845 7.24 53.80 30.64
CA VAL N 845 7.95 54.08 29.38
C VAL N 845 9.45 54.14 29.54
N ALA N 846 9.89 54.55 30.72
CA ALA N 846 11.29 54.65 31.04
C ALA N 846 11.94 53.29 31.28
N GLY N 847 11.14 52.23 31.39
CA GLY N 847 11.66 50.89 31.63
C GLY N 847 12.06 50.67 33.09
N LYS N 848 11.36 51.30 34.02
CA LYS N 848 11.69 51.17 35.43
C LYS N 848 11.46 49.77 35.97
N SER N 849 12.35 49.36 36.86
CA SER N 849 12.30 48.07 37.51
C SER N 849 11.17 47.96 38.48
N ALA N 850 10.91 46.73 38.94
CA ALA N 850 9.87 46.51 39.92
C ALA N 850 10.14 47.33 41.17
N THR N 851 11.41 47.45 41.58
CA THR N 851 11.71 48.26 42.76
C THR N 851 11.40 49.71 42.51
N GLU N 852 11.83 50.22 41.36
CA GLU N 852 11.61 51.63 41.09
C GLU N 852 10.11 51.99 40.98
N ILE N 853 9.33 51.11 40.34
CA ILE N 853 7.90 51.33 40.21
C ILE N 853 7.24 51.21 41.56
N LYS N 854 7.64 50.18 42.32
CA LYS N 854 7.13 49.93 43.66
C LYS N 854 7.28 51.13 44.56
N GLU N 855 8.44 51.77 44.52
CA GLU N 855 8.62 52.94 45.36
C GLU N 855 7.62 54.03 44.99
N ILE N 856 7.37 54.23 43.68
CA ILE N 856 6.39 55.25 43.32
C ILE N 856 5.03 54.84 43.82
N ALA N 857 4.68 53.61 43.53
CA ALA N 857 3.39 53.08 43.84
C ALA N 857 3.07 53.10 45.33
N ARG N 858 4.05 52.78 46.18
CA ARG N 858 3.80 52.78 47.62
C ARG N 858 3.59 54.21 48.08
N ARG N 859 4.34 55.16 47.51
CA ARG N 859 4.21 56.57 47.86
C ARG N 859 2.83 57.08 47.45
N LYS N 860 2.26 56.45 46.42
CA LYS N 860 0.93 56.74 45.89
C LYS N 860 -0.20 55.93 46.56
N GLY N 861 0.10 55.14 47.61
CA GLY N 861 -0.93 54.37 48.31
C GLY N 861 -0.99 52.85 48.05
N MET N 862 0.02 52.29 47.38
CA MET N 862 0.01 50.85 47.12
C MET N 862 0.37 49.96 48.29
N LYS N 863 -0.58 49.77 49.21
CA LYS N 863 -0.36 48.85 50.33
C LYS N 863 0.11 47.56 49.69
N THR N 864 1.23 47.03 50.14
CA THR N 864 1.76 45.85 49.50
C THR N 864 1.09 44.57 49.90
N LEU N 865 1.35 43.55 49.12
CA LEU N 865 0.82 42.22 49.32
C LEU N 865 1.22 41.72 50.71
N ARG N 866 2.49 41.86 51.07
CA ARG N 866 2.92 41.38 52.38
C ARG N 866 2.36 42.25 53.50
N GLU N 867 2.22 43.58 53.28
CA GLU N 867 1.60 44.41 54.32
C GLU N 867 0.15 44.00 54.52
N ASP N 868 -0.56 43.71 53.42
CA ASP N 868 -1.94 43.28 53.49
C ASP N 868 -2.03 41.90 54.13
N GLY N 869 -1.01 41.08 53.90
CA GLY N 869 -0.91 39.75 54.47
C GLY N 869 -0.86 39.85 55.95
N LEU N 870 0.09 40.64 56.45
CA LEU N 870 0.19 40.87 57.86
C LEU N 870 -1.09 41.40 58.39
N TYR N 871 -1.63 42.43 57.74
CA TYR N 871 -2.86 43.04 58.17
C TYR N 871 -3.93 41.98 58.33
N LYS N 872 -4.13 41.15 57.33
CA LYS N 872 -5.10 40.09 57.43
C LYS N 872 -4.78 39.08 58.52
N ALA N 873 -3.50 38.85 58.77
CA ALA N 873 -3.21 38.02 59.89
C ALA N 873 -3.70 38.76 61.17
N LEU N 874 -3.46 40.08 61.21
CA LEU N 874 -3.81 40.94 62.34
C LEU N 874 -5.31 41.17 62.46
N GLN N 875 -6.04 41.01 61.36
CA GLN N 875 -7.48 41.18 61.38
C GLN N 875 -8.20 39.94 61.87
N GLY N 876 -7.46 38.87 62.17
CA GLY N 876 -8.10 37.67 62.63
C GLY N 876 -8.37 36.64 61.56
N ILE N 877 -7.71 36.77 60.41
CA ILE N 877 -7.92 35.82 59.36
C ILE N 877 -6.90 34.70 59.42
N THR N 878 -5.64 35.08 59.60
CA THR N 878 -4.61 34.05 59.59
C THR N 878 -3.41 34.32 60.51
N THR N 879 -2.38 33.49 60.33
CA THR N 879 -1.12 33.57 61.00
C THR N 879 -0.11 34.15 60.07
N LEU N 880 0.76 34.95 60.62
CA LEU N 880 1.84 35.53 59.89
C LEU N 880 2.70 34.44 59.23
N GLU N 881 2.76 33.25 59.82
CA GLU N 881 3.57 32.20 59.21
C GLU N 881 3.04 31.81 57.84
N GLU N 882 1.73 31.73 57.67
CA GLU N 882 1.18 31.37 56.38
C GLU N 882 1.45 32.48 55.39
N VAL N 883 1.37 33.71 55.89
CA VAL N 883 1.59 34.89 55.10
C VAL N 883 3.03 34.94 54.62
N LEU N 884 3.96 34.64 55.49
CA LEU N 884 5.35 34.71 55.07
C LEU N 884 5.83 33.42 54.39
N ALA N 885 5.21 32.28 54.67
CA ALA N 885 5.60 31.05 54.01
C ALA N 885 5.25 31.10 52.52
N ARG N 886 4.06 31.61 52.18
CA ARG N 886 3.63 31.63 50.77
C ARG N 886 4.10 32.85 49.98
N THR N 887 5.41 32.93 49.76
CA THR N 887 6.03 34.07 49.07
C THR N 887 7.56 33.94 48.88
N SER O 505 -31.52 21.94 14.16
CA SER O 505 -32.15 22.80 13.17
C SER O 505 -31.89 24.26 13.51
N ALA O 506 -32.79 24.86 14.29
CA ALA O 506 -32.69 26.23 14.76
C ALA O 506 -32.04 26.29 16.14
N ALA O 507 -31.14 27.25 16.38
CA ALA O 507 -29.88 27.52 15.63
C ALA O 507 -29.88 28.26 14.30
N GLN O 508 -30.12 27.61 13.16
CA GLN O 508 -30.07 28.29 11.88
C GLN O 508 -30.96 29.53 11.86
N LYS O 509 -32.04 29.52 12.66
CA LYS O 509 -32.94 30.65 12.78
C LYS O 509 -32.18 31.88 13.19
N PHE O 510 -31.29 31.68 14.14
CA PHE O 510 -30.53 32.74 14.73
C PHE O 510 -29.37 33.04 13.83
N VAL O 511 -28.79 32.04 13.21
CA VAL O 511 -27.66 32.40 12.37
C VAL O 511 -28.16 33.40 11.34
N LYS O 512 -29.29 33.14 10.67
CA LYS O 512 -29.73 34.17 9.74
C LYS O 512 -30.33 35.42 10.39
N GLN O 513 -31.18 35.29 11.43
CA GLN O 513 -31.77 36.52 11.98
C GLN O 513 -30.74 37.43 12.60
N VAL O 514 -29.74 36.85 13.25
CA VAL O 514 -28.70 37.57 13.94
C VAL O 514 -27.78 38.21 12.94
N ILE O 515 -27.41 37.48 11.89
CA ILE O 515 -26.60 38.11 10.87
C ILE O 515 -27.36 39.28 10.32
N ARG O 516 -28.64 39.09 10.00
CA ARG O 516 -29.37 40.20 9.46
C ARG O 516 -29.51 41.36 10.43
N GLU O 517 -29.75 41.05 11.70
CA GLU O 517 -29.92 42.10 12.68
C GLU O 517 -28.59 42.85 12.84
N ALA O 518 -27.46 42.13 12.71
CA ALA O 518 -26.16 42.77 12.83
C ALA O 518 -26.04 43.86 11.79
N PHE O 519 -26.49 43.59 10.59
CA PHE O 519 -26.40 44.62 9.56
C PHE O 519 -27.41 45.74 9.83
N LEU O 520 -28.62 45.39 10.25
CA LEU O 520 -29.68 46.39 10.49
C LEU O 520 -29.33 47.37 11.62
N GLN O 521 -28.58 46.88 12.61
CA GLN O 521 -28.13 47.65 13.76
C GLN O 521 -26.74 48.25 13.58
N ASP O 522 -26.19 48.15 12.37
CA ASP O 522 -24.83 48.62 12.08
C ASP O 522 -23.78 48.02 13.02
N ALA O 523 -23.91 46.72 13.31
CA ALA O 523 -22.96 46.04 14.16
C ALA O 523 -21.69 45.70 13.39
N SER O 524 -20.56 45.63 14.09
CA SER O 524 -19.31 45.20 13.43
C SER O 524 -19.18 43.69 13.35
N ASP O 525 -19.96 42.99 14.18
CA ASP O 525 -19.89 41.55 14.22
C ASP O 525 -21.18 40.88 14.66
N ILE O 526 -21.15 39.56 14.50
CA ILE O 526 -22.19 38.60 14.78
C ILE O 526 -21.82 37.49 15.77
N HIS O 527 -22.55 37.31 16.88
CA HIS O 527 -22.18 36.22 17.81
C HIS O 527 -23.30 35.34 18.37
N ILE O 528 -23.19 34.04 18.13
CA ILE O 528 -24.10 33.12 18.80
C ILE O 528 -23.26 32.53 19.96
N GLU O 529 -23.46 33.04 21.17
CA GLU O 529 -22.57 32.77 22.29
C GLU O 529 -22.91 31.56 23.12
N PRO O 530 -22.08 30.54 23.15
CA PRO O 530 -22.36 29.32 23.85
C PRO O 530 -22.37 29.61 25.33
N ARG O 531 -23.36 29.11 26.07
CA ARG O 531 -23.43 29.29 27.51
C ARG O 531 -23.62 27.93 28.21
N GLN O 532 -23.86 27.95 29.52
CA GLN O 532 -23.97 26.72 30.31
C GLN O 532 -25.10 25.75 29.95
N ASN O 533 -26.29 26.27 29.65
CA ASN O 533 -27.43 25.41 29.39
C ASN O 533 -28.04 25.88 28.11
N ASP O 534 -27.64 27.08 27.78
CA ASP O 534 -28.18 27.84 26.68
C ASP O 534 -27.12 28.53 25.88
N VAL O 535 -27.55 29.36 24.95
CA VAL O 535 -26.68 30.12 24.09
C VAL O 535 -27.24 31.54 24.04
N GLN O 536 -26.42 32.56 24.21
CA GLN O 536 -26.99 33.90 24.11
C GLN O 536 -26.55 34.56 22.84
N VAL O 537 -27.48 35.17 22.16
CA VAL O 537 -27.09 35.86 20.96
C VAL O 537 -26.77 37.28 21.28
N ARG O 538 -25.58 37.74 20.88
CA ARG O 538 -25.24 39.12 21.13
C ARG O 538 -24.60 39.76 19.85
N LEU O 539 -24.75 41.09 19.68
CA LEU O 539 -24.24 41.83 18.50
C LEU O 539 -23.46 43.11 18.80
N ARG O 540 -22.37 43.37 18.05
CA ARG O 540 -21.56 44.54 18.41
C ARG O 540 -22.09 45.84 17.92
N ILE O 541 -23.02 46.33 18.69
CA ILE O 541 -23.84 47.49 18.46
C ILE O 541 -23.45 48.53 19.48
N ASP O 542 -23.28 49.78 19.06
CA ASP O 542 -22.88 50.86 19.96
C ASP O 542 -21.51 50.57 20.61
N GLY O 543 -20.68 49.81 19.91
CA GLY O 543 -19.34 49.49 20.41
C GLY O 543 -19.28 48.30 21.37
N ALA O 544 -20.39 47.55 21.56
CA ALA O 544 -20.36 46.42 22.49
C ALA O 544 -21.37 45.32 22.14
N LEU O 545 -21.16 44.10 22.65
CA LEU O 545 -22.15 43.07 22.31
C LEU O 545 -23.45 43.09 23.07
N ARG O 546 -24.41 43.82 22.54
CA ARG O 546 -25.73 43.97 23.13
C ARG O 546 -26.48 42.64 22.90
N PRO O 547 -27.33 42.15 23.81
CA PRO O 547 -28.10 40.94 23.62
C PRO O 547 -29.24 41.08 22.62
N TYR O 548 -29.53 39.96 21.94
CA TYR O 548 -30.64 39.78 21.01
C TYR O 548 -31.63 38.71 21.45
N SER O 549 -31.13 37.50 21.67
CA SER O 549 -32.01 36.36 21.97
C SER O 549 -31.31 35.17 22.61
N THR O 550 -32.04 34.06 22.73
CA THR O 550 -31.54 32.86 23.37
C THR O 550 -31.83 31.58 22.57
N LEU O 551 -30.84 30.69 22.53
CA LEU O 551 -30.97 29.38 21.89
C LEU O 551 -30.59 28.38 22.98
N PRO O 552 -31.00 27.11 22.92
CA PRO O 552 -30.55 26.05 23.82
C PRO O 552 -29.12 25.64 23.50
N LYS O 553 -28.38 25.10 24.46
CA LYS O 553 -27.01 24.64 24.14
C LYS O 553 -27.00 23.70 22.93
N GLY O 554 -28.00 22.83 22.78
CA GLY O 554 -28.04 21.95 21.62
C GLY O 554 -28.01 22.76 20.30
N ALA O 555 -28.61 23.95 20.33
CA ALA O 555 -28.68 24.82 19.17
C ALA O 555 -27.32 25.41 18.91
N LEU O 556 -26.46 25.44 19.93
CA LEU O 556 -25.12 25.97 19.75
C LEU O 556 -24.35 25.12 18.77
N ASN O 557 -24.38 23.82 19.02
CA ASN O 557 -23.63 22.95 18.14
C ASN O 557 -24.32 22.96 16.77
N ALA O 558 -25.64 23.11 16.78
CA ALA O 558 -26.31 23.23 15.52
C ALA O 558 -25.88 24.54 14.81
N VAL O 559 -25.72 25.67 15.52
CA VAL O 559 -25.32 26.87 14.78
C VAL O 559 -23.93 26.78 14.33
N ILE O 560 -23.07 26.06 15.05
CA ILE O 560 -21.74 26.05 14.55
C ILE O 560 -21.75 25.24 13.28
N SER O 561 -22.60 24.22 13.23
CA SER O 561 -22.70 23.41 12.06
C SER O 561 -23.26 24.25 10.94
N VAL O 562 -24.25 25.08 11.23
CA VAL O 562 -24.83 25.91 10.20
C VAL O 562 -23.82 26.85 9.62
N VAL O 563 -23.07 27.54 10.46
CA VAL O 563 -22.13 28.45 9.88
C VAL O 563 -21.01 27.69 9.20
N LYS O 564 -20.70 26.50 9.68
CA LYS O 564 -19.74 25.72 8.97
C LYS O 564 -20.27 25.38 7.60
N ILE O 565 -21.57 25.15 7.48
CA ILE O 565 -22.07 24.85 6.15
C ILE O 565 -21.86 26.08 5.31
N MET O 566 -22.23 27.23 5.86
CA MET O 566 -22.16 28.48 5.14
C MET O 566 -20.74 28.77 4.66
N GLY O 567 -19.76 28.43 5.50
CA GLY O 567 -18.37 28.69 5.20
C GLY O 567 -17.64 27.58 4.46
N GLY O 568 -18.34 26.49 4.12
CA GLY O 568 -17.69 25.37 3.44
C GLY O 568 -16.78 24.58 4.39
N LEU O 569 -17.12 24.57 5.67
CA LEU O 569 -16.34 23.92 6.71
C LEU O 569 -16.90 22.53 7.00
N ASN O 570 -16.13 21.72 7.74
CA ASN O 570 -16.50 20.33 8.04
C ASN O 570 -17.57 20.24 9.11
N ILE O 571 -18.75 19.79 8.69
CA ILE O 571 -19.94 19.76 9.52
C ILE O 571 -19.89 18.64 10.55
N ALA O 572 -19.40 17.48 10.11
CA ALA O 572 -19.27 16.33 10.99
C ALA O 572 -18.29 16.69 12.12
N GLU O 573 -17.26 17.45 11.77
CA GLU O 573 -16.27 17.83 12.74
C GLU O 573 -16.74 18.97 13.61
N LYS O 574 -17.47 18.56 14.65
CA LYS O 574 -18.10 19.43 15.61
C LYS O 574 -17.25 19.75 16.82
N ARG O 575 -15.95 19.42 16.79
CA ARG O 575 -15.12 19.74 17.94
C ARG O 575 -13.90 20.58 17.54
N LEU O 576 -13.35 20.36 16.36
CA LEU O 576 -12.19 21.15 15.98
C LEU O 576 -12.65 22.49 15.39
N PRO O 577 -11.91 23.58 15.68
CA PRO O 577 -12.15 24.94 15.22
C PRO O 577 -11.95 25.04 13.75
N GLN O 578 -12.73 25.88 13.11
CA GLN O 578 -12.58 26.05 11.67
C GLN O 578 -12.86 27.48 11.21
N ASP O 579 -12.00 28.00 10.34
CA ASP O 579 -12.24 29.32 9.79
C ASP O 579 -12.65 29.23 8.33
N GLY O 580 -13.42 30.21 7.87
CA GLY O 580 -13.85 30.27 6.48
C GLY O 580 -14.52 31.60 6.18
N ARG O 581 -15.29 31.66 5.10
CA ARG O 581 -15.94 32.93 4.76
C ARG O 581 -17.24 32.62 4.10
N VAL O 582 -18.20 33.51 4.26
CA VAL O 582 -19.46 33.24 3.65
C VAL O 582 -19.86 34.35 2.72
N ARG O 583 -20.15 33.94 1.51
CA ARG O 583 -20.50 34.82 0.42
C ARG O 583 -21.97 35.22 0.50
N TYR O 584 -22.33 35.99 1.53
CA TYR O 584 -23.72 36.41 1.70
C TYR O 584 -24.09 37.56 0.80
N ARG O 585 -25.24 37.44 0.17
CA ARG O 585 -25.77 38.50 -0.69
C ARG O 585 -27.29 38.56 -0.51
N GLU O 586 -27.74 39.13 0.61
CA GLU O 586 -29.16 39.14 0.93
C GLU O 586 -29.65 40.56 1.21
N GLY O 587 -29.80 41.37 0.17
CA GLY O 587 -30.23 42.75 0.38
C GLY O 587 -29.21 43.49 1.21
N ALA O 588 -29.60 43.87 2.41
CA ALA O 588 -28.73 44.59 3.33
C ALA O 588 -27.47 43.78 3.60
N ILE O 589 -27.57 42.45 3.50
CA ILE O 589 -26.44 41.64 3.83
C ILE O 589 -25.54 41.56 2.63
N ASP O 590 -24.66 42.53 2.52
CA ASP O 590 -23.77 42.65 1.37
C ASP O 590 -22.39 43.07 1.77
N VAL O 591 -21.94 42.48 2.85
CA VAL O 591 -20.60 42.65 3.34
C VAL O 591 -20.14 41.23 3.57
N ASP O 592 -19.02 40.80 2.96
CA ASP O 592 -18.67 39.40 3.14
C ASP O 592 -18.46 39.12 4.60
N LEU O 593 -18.84 37.92 5.04
CA LEU O 593 -18.61 37.60 6.42
C LEU O 593 -17.47 36.63 6.63
N ARG O 594 -16.58 37.00 7.54
CA ARG O 594 -15.46 36.15 7.85
C ARG O 594 -15.91 35.26 8.99
N LEU O 595 -15.87 33.95 8.77
CA LEU O 595 -16.36 32.99 9.73
C LEU O 595 -15.29 32.39 10.61
N SER O 596 -15.51 32.49 11.92
CA SER O 596 -14.60 31.96 12.91
C SER O 596 -15.37 31.07 13.90
N THR O 597 -15.29 29.75 13.70
CA THR O 597 -16.01 28.81 14.57
C THR O 597 -15.10 28.53 15.75
N LEU O 598 -15.44 29.09 16.92
CA LEU O 598 -14.53 29.08 18.07
C LEU O 598 -14.97 28.25 19.30
N PRO O 599 -14.30 27.12 19.59
CA PRO O 599 -14.56 26.24 20.73
C PRO O 599 -14.41 26.91 22.08
N THR O 600 -15.44 26.78 22.90
CA THR O 600 -15.44 27.31 24.25
C THR O 600 -15.74 26.18 25.21
N VAL O 601 -15.72 26.51 26.48
CA VAL O 601 -16.07 25.57 27.53
C VAL O 601 -17.55 25.15 27.45
N TYR O 602 -18.31 25.85 26.61
CA TYR O 602 -19.71 25.60 26.41
C TYR O 602 -20.05 25.08 24.99
N GLY O 603 -19.04 24.68 24.21
CA GLY O 603 -19.25 24.22 22.82
C GLY O 603 -18.82 25.30 21.82
N GLU O 604 -18.95 25.06 20.52
CA GLU O 604 -18.42 26.06 19.57
C GLU O 604 -19.32 27.25 19.32
N LYS O 605 -18.71 28.43 19.41
CA LYS O 605 -19.30 29.73 19.19
C LYS O 605 -19.40 30.07 17.68
N ALA O 606 -20.59 30.50 17.24
CA ALA O 606 -20.76 30.81 15.81
C ALA O 606 -20.55 32.31 15.57
N VAL O 607 -19.41 32.66 14.95
CA VAL O 607 -19.04 34.08 14.84
C VAL O 607 -18.69 34.60 13.48
N MET O 608 -19.22 35.76 13.17
CA MET O 608 -18.85 36.39 11.92
C MET O 608 -18.43 37.85 12.07
N ARG O 609 -17.46 38.26 11.25
CA ARG O 609 -17.02 39.67 11.17
C ARG O 609 -17.25 40.25 9.78
N LEU O 610 -17.68 41.50 9.71
CA LEU O 610 -17.91 42.15 8.43
C LEU O 610 -16.64 42.65 7.69
N LEU O 611 -16.41 42.14 6.46
CA LEU O 611 -15.27 42.52 5.61
C LEU O 611 -15.60 43.74 4.80
N LYS O 612 -14.77 44.77 4.88
CA LYS O 612 -15.08 46.02 4.21
C LYS O 612 -15.55 45.85 2.78
N LYS O 613 -16.67 46.51 2.51
CA LYS O 613 -17.39 46.60 1.25
C LYS O 613 -17.34 48.01 0.67
N ALA O 614 -17.11 48.12 -0.64
CA ALA O 614 -17.06 49.37 -1.42
C ALA O 614 -17.33 50.62 -0.60
N SER O 615 -18.60 50.92 -0.32
CA SER O 615 -18.93 52.14 0.43
C SER O 615 -18.28 53.38 -0.18
N ASP O 616 -18.38 53.49 -1.51
CA ASP O 616 -17.82 54.59 -2.30
C ASP O 616 -16.30 54.55 -2.37
N ILE O 617 -15.76 53.97 -3.44
CA ILE O 617 -14.31 53.91 -3.55
C ILE O 617 -13.66 55.28 -3.80
N PRO O 618 -12.69 55.70 -2.96
CA PRO O 618 -11.96 56.95 -2.98
C PRO O 618 -10.87 57.05 -4.02
N GLU O 619 -10.44 58.27 -4.30
CA GLU O 619 -9.23 58.46 -5.06
C GLU O 619 -8.15 58.11 -4.07
N ILE O 620 -7.00 57.67 -4.51
CA ILE O 620 -6.00 57.38 -3.50
C ILE O 620 -5.62 58.63 -2.71
N GLU O 621 -5.83 59.80 -3.29
CA GLU O 621 -5.54 61.07 -2.65
C GLU O 621 -6.52 61.32 -1.48
N ASP O 622 -7.68 60.68 -1.53
CA ASP O 622 -8.74 60.85 -0.56
C ASP O 622 -8.54 59.97 0.67
N LEU O 623 -7.58 59.05 0.60
CA LEU O 623 -7.36 58.11 1.70
C LEU O 623 -6.62 58.67 2.92
N GLY O 624 -6.01 59.84 2.82
CA GLY O 624 -5.33 60.41 3.98
C GLY O 624 -3.93 59.85 4.25
N PHE O 625 -3.30 59.28 3.24
CA PHE O 625 -1.97 58.71 3.39
C PHE O 625 -1.00 59.81 3.79
N ALA O 626 -0.02 59.51 4.65
CA ALA O 626 0.98 60.55 4.96
C ALA O 626 1.60 60.94 3.64
N PRO O 627 1.98 62.19 3.37
CA PRO O 627 2.61 62.62 2.12
C PRO O 627 3.73 61.67 1.68
N GLY O 628 4.51 61.16 2.63
CA GLY O 628 5.59 60.22 2.31
C GLY O 628 5.00 58.93 1.76
N VAL O 629 4.08 58.37 2.54
CA VAL O 629 3.39 57.14 2.21
C VAL O 629 2.67 57.32 0.88
N PHE O 630 2.04 58.48 0.74
CA PHE O 630 1.22 58.84 -0.39
C PHE O 630 1.95 58.97 -1.69
N GLU O 631 3.03 59.73 -1.73
CA GLU O 631 3.69 59.90 -3.00
C GLU O 631 4.26 58.57 -3.40
N ARG O 632 4.73 57.79 -2.41
CA ARG O 632 5.24 56.47 -2.69
C ARG O 632 4.11 55.53 -3.07
N PHE O 633 2.92 55.72 -2.48
CA PHE O 633 1.79 54.87 -2.81
C PHE O 633 1.52 55.08 -4.27
N LYS O 634 1.35 56.33 -4.68
CA LYS O 634 1.10 56.64 -6.06
C LYS O 634 2.20 56.05 -6.96
N GLU O 635 3.47 56.23 -6.56
CA GLU O 635 4.58 55.68 -7.32
C GLU O 635 4.52 54.17 -7.51
N VAL O 636 4.31 53.44 -6.43
CA VAL O 636 4.37 51.99 -6.48
C VAL O 636 3.17 51.35 -7.17
N ILE O 637 1.96 51.83 -6.86
CA ILE O 637 0.79 51.19 -7.42
C ILE O 637 0.68 51.48 -8.92
N SER O 638 1.32 52.56 -9.39
CA SER O 638 1.26 52.93 -10.78
C SER O 638 2.26 52.16 -11.65
N LYS O 639 3.08 51.28 -11.05
CA LYS O 639 4.09 50.55 -11.81
C LYS O 639 3.42 49.65 -12.84
N PRO O 640 4.07 49.36 -13.98
CA PRO O 640 3.57 48.44 -14.99
C PRO O 640 3.59 47.01 -14.48
N TYR O 641 4.42 46.74 -13.48
CA TYR O 641 4.43 45.39 -12.96
C TYR O 641 5.00 45.18 -11.58
N GLY O 642 4.65 44.03 -11.01
CA GLY O 642 5.11 43.62 -9.70
C GLY O 642 3.91 43.40 -8.79
N ILE O 643 4.05 42.64 -7.72
CA ILE O 643 2.92 42.40 -6.84
C ILE O 643 2.76 43.55 -5.85
N PHE O 644 1.56 44.09 -5.71
CA PHE O 644 1.28 45.11 -4.74
C PHE O 644 0.21 44.56 -3.81
N LEU O 645 0.57 44.29 -2.60
CA LEU O 645 -0.41 43.68 -1.75
C LEU O 645 -1.05 44.71 -0.87
N ILE O 646 -2.30 44.53 -0.55
CA ILE O 646 -2.89 45.34 0.47
C ILE O 646 -3.39 44.39 1.49
N THR O 647 -2.79 44.45 2.66
CA THR O 647 -3.12 43.42 3.59
C THR O 647 -3.40 43.98 4.95
N GLY O 648 -3.92 43.13 5.80
CA GLY O 648 -4.26 43.51 7.15
C GLY O 648 -5.58 42.85 7.54
N PRO O 649 -6.14 43.21 8.69
CA PRO O 649 -7.34 42.66 9.28
C PRO O 649 -8.57 42.79 8.38
N THR O 650 -9.49 41.84 8.51
CA THR O 650 -10.72 41.98 7.75
C THR O 650 -11.42 43.17 8.34
N GLY O 651 -12.03 43.98 7.48
CA GLY O 651 -12.76 45.16 7.92
C GLY O 651 -11.87 46.41 7.96
N SER O 652 -10.55 46.27 7.82
CA SER O 652 -9.65 47.43 7.87
C SER O 652 -9.66 48.30 6.61
N GLY O 653 -10.21 47.79 5.51
CA GLY O 653 -10.18 48.53 4.26
C GLY O 653 -9.22 47.97 3.20
N LYS O 654 -8.90 46.68 3.27
CA LYS O 654 -7.99 46.14 2.26
C LYS O 654 -8.49 46.22 0.85
N SER O 655 -9.64 45.60 0.61
CA SER O 655 -10.17 45.62 -0.74
C SER O 655 -10.55 47.05 -1.09
N PHE O 656 -11.03 47.80 -0.13
CA PHE O 656 -11.41 49.19 -0.35
C PHE O 656 -10.25 50.00 -0.90
N THR O 657 -9.09 49.93 -0.26
CA THR O 657 -7.96 50.68 -0.75
C THR O 657 -7.37 50.01 -2.02
N THR O 658 -7.63 48.72 -2.23
CA THR O 658 -7.23 48.03 -3.46
C THR O 658 -7.98 48.63 -4.60
N PHE O 659 -9.26 48.78 -4.39
CA PHE O 659 -10.08 49.31 -5.40
C PHE O 659 -9.84 50.79 -5.60
N SER O 660 -9.39 51.49 -4.55
CA SER O 660 -8.99 52.89 -4.66
C SER O 660 -7.82 52.98 -5.63
N ILE O 661 -6.86 52.05 -5.51
CA ILE O 661 -5.75 52.01 -6.43
C ILE O 661 -6.23 51.82 -7.82
N LEU O 662 -7.10 50.88 -8.00
CA LEU O 662 -7.59 50.56 -9.31
C LEU O 662 -8.39 51.71 -9.87
N LYS O 663 -9.14 52.41 -9.05
CA LYS O 663 -9.84 53.57 -9.55
C LYS O 663 -8.80 54.50 -10.18
N ARG O 664 -7.69 54.71 -9.46
CA ARG O 664 -6.59 55.55 -9.90
C ARG O 664 -5.79 55.02 -11.12
N ILE O 665 -5.46 53.73 -11.16
CA ILE O 665 -4.56 53.23 -12.22
C ILE O 665 -5.20 52.36 -13.31
N ALA O 666 -6.45 51.94 -13.17
CA ALA O 666 -7.10 51.11 -14.20
C ALA O 666 -7.66 52.00 -15.32
N THR O 667 -6.73 52.59 -16.06
CA THR O 667 -6.96 53.56 -17.13
C THR O 667 -7.07 52.90 -18.52
N PRO O 668 -7.56 53.63 -19.54
CA PRO O 668 -7.64 53.23 -20.95
C PRO O 668 -6.32 52.80 -21.60
N ASP O 669 -5.17 53.15 -21.02
CA ASP O 669 -3.88 52.77 -21.57
C ASP O 669 -3.45 51.37 -21.13
N LYS O 670 -4.14 50.84 -20.10
CA LYS O 670 -3.81 49.57 -19.46
C LYS O 670 -4.91 48.49 -19.50
N ASN O 671 -4.45 47.24 -19.55
CA ASN O 671 -5.31 46.05 -19.46
C ASN O 671 -5.43 45.57 -18.01
N THR O 672 -6.60 45.77 -17.41
CA THR O 672 -6.83 45.49 -15.99
C THR O 672 -7.88 44.37 -15.74
N GLN O 673 -7.53 43.40 -14.88
CA GLN O 673 -8.43 42.29 -14.53
C GLN O 673 -8.27 41.74 -13.10
N THR O 674 -9.39 41.33 -12.49
CA THR O 674 -9.45 40.84 -11.11
C THR O 674 -10.19 39.56 -10.85
N ILE O 675 -9.64 38.66 -10.04
CA ILE O 675 -10.45 37.56 -9.56
C ILE O 675 -10.66 37.69 -8.06
N GLU O 676 -11.89 37.50 -7.62
CA GLU O 676 -12.30 37.58 -6.21
C GLU O 676 -13.03 36.31 -5.83
N ASP O 677 -13.03 35.93 -4.53
CA ASP O 677 -13.77 34.73 -4.14
C ASP O 677 -15.22 34.92 -4.66
N PRO O 678 -16.13 35.67 -4.00
CA PRO O 678 -17.31 36.18 -4.63
C PRO O 678 -16.80 37.43 -5.30
N VAL O 679 -17.43 37.97 -6.32
CA VAL O 679 -17.02 39.33 -6.62
C VAL O 679 -17.45 40.17 -5.40
N GLU O 680 -16.51 40.91 -4.81
CA GLU O 680 -16.77 41.70 -3.62
C GLU O 680 -17.16 43.11 -4.03
N TYR O 681 -16.30 43.71 -4.86
CA TYR O 681 -16.47 45.09 -5.35
C TYR O 681 -16.67 45.05 -6.84
N GLU O 682 -17.43 45.98 -7.43
CA GLU O 682 -17.58 46.07 -8.89
C GLU O 682 -16.97 47.42 -9.35
N ILE O 683 -15.71 47.37 -9.82
CA ILE O 683 -14.85 48.57 -9.97
C ILE O 683 -14.23 48.83 -11.38
N PRO O 684 -14.20 50.10 -11.88
CA PRO O 684 -13.60 50.54 -13.14
C PRO O 684 -12.06 50.53 -13.06
N GLY O 685 -11.40 50.47 -14.24
CA GLY O 685 -11.80 49.67 -15.40
C GLY O 685 -11.36 48.21 -15.33
N ILE O 686 -11.88 47.45 -14.38
CA ILE O 686 -11.40 46.08 -14.17
C ILE O 686 -12.28 45.00 -14.77
N ASN O 687 -11.69 44.12 -15.54
CA ASN O 687 -12.42 42.96 -16.03
C ASN O 687 -12.49 41.97 -14.86
N GLN O 688 -13.66 41.69 -14.31
CA GLN O 688 -13.70 40.87 -13.10
C GLN O 688 -14.04 39.40 -13.34
N THR O 689 -13.53 38.53 -12.49
CA THR O 689 -13.67 37.08 -12.49
C THR O 689 -14.07 36.60 -11.08
N GLN O 690 -14.91 35.59 -11.01
CA GLN O 690 -15.30 35.04 -9.71
C GLN O 690 -14.71 33.63 -9.53
N VAL O 691 -14.23 33.28 -8.33
CA VAL O 691 -13.63 31.96 -8.07
C VAL O 691 -14.69 30.88 -8.08
N ASN O 692 -14.38 29.77 -8.75
CA ASN O 692 -15.31 28.67 -8.82
C ASN O 692 -14.55 27.36 -8.66
N PRO O 693 -14.20 26.97 -7.43
CA PRO O 693 -13.35 25.84 -7.10
C PRO O 693 -14.04 24.54 -7.52
N GLN O 694 -15.36 24.59 -7.73
CA GLN O 694 -16.11 23.44 -8.18
C GLN O 694 -15.73 23.10 -9.62
N ALA O 695 -15.38 24.12 -10.40
CA ALA O 695 -14.93 23.94 -11.78
C ALA O 695 -13.45 23.71 -11.78
N GLY O 696 -12.80 24.28 -10.77
CA GLY O 696 -11.36 24.26 -10.64
C GLY O 696 -10.81 25.65 -10.88
N LEU O 697 -11.69 26.65 -10.94
CA LEU O 697 -11.21 27.99 -11.14
C LEU O 697 -10.79 28.60 -9.84
N THR O 698 -9.63 28.20 -9.38
CA THR O 698 -9.08 28.67 -8.13
C THR O 698 -8.54 30.05 -8.39
N PHE O 699 -8.11 30.74 -7.35
CA PHE O 699 -7.55 32.06 -7.61
C PHE O 699 -6.35 31.89 -8.54
N ALA O 700 -5.54 30.86 -8.28
CA ALA O 700 -4.40 30.49 -9.12
C ALA O 700 -4.76 30.19 -10.53
N ARG O 701 -5.85 29.47 -10.72
CA ARG O 701 -6.21 29.12 -12.08
C ARG O 701 -6.56 30.41 -12.82
N ALA O 702 -7.29 31.31 -12.16
CA ALA O 702 -7.59 32.60 -12.79
C ALA O 702 -6.33 33.39 -12.97
N LEU O 703 -5.39 33.31 -12.05
CA LEU O 703 -4.14 33.99 -12.24
C LEU O 703 -3.42 33.45 -13.44
N ARG O 704 -3.50 32.14 -13.67
CA ARG O 704 -2.87 31.57 -14.83
C ARG O 704 -3.55 32.17 -16.06
N ALA O 705 -4.88 32.30 -15.99
CA ALA O 705 -5.63 32.91 -17.07
C ALA O 705 -5.12 34.30 -17.31
N PHE O 706 -4.92 35.01 -16.20
CA PHE O 706 -4.49 36.36 -16.21
C PHE O 706 -3.13 36.52 -16.87
N LEU O 707 -2.21 35.58 -16.62
CA LEU O 707 -0.86 35.66 -17.22
C LEU O 707 -0.98 35.68 -18.71
N ARG O 708 -1.88 34.86 -19.20
CA ARG O 708 -2.04 34.69 -20.63
C ARG O 708 -2.87 35.77 -21.29
N GLN O 709 -3.35 36.75 -20.51
CA GLN O 709 -4.11 37.82 -21.12
C GLN O 709 -3.22 39.03 -21.35
N ASP O 710 -1.91 38.92 -21.07
CA ASP O 710 -1.02 40.08 -21.20
C ASP O 710 -1.48 41.36 -20.51
N PRO O 711 -1.88 41.33 -19.24
CA PRO O 711 -2.36 42.45 -18.49
C PRO O 711 -1.30 43.41 -18.07
N ASP O 712 -1.74 44.60 -17.81
CA ASP O 712 -0.90 45.54 -17.12
C ASP O 712 -1.19 45.37 -15.66
N ILE O 713 -2.46 45.08 -15.34
CA ILE O 713 -2.88 44.95 -13.95
C ILE O 713 -3.74 43.69 -13.68
N ILE O 714 -3.32 42.88 -12.71
CA ILE O 714 -3.93 41.62 -12.26
C ILE O 714 -4.30 41.57 -10.79
N MET O 715 -5.54 41.26 -10.45
CA MET O 715 -5.89 41.19 -9.02
C MET O 715 -6.32 39.84 -8.47
N VAL O 716 -6.04 39.67 -7.17
CA VAL O 716 -6.49 38.49 -6.42
C VAL O 716 -7.23 38.92 -5.12
N GLY O 717 -8.50 38.55 -4.98
CA GLY O 717 -9.30 38.90 -3.80
C GLY O 717 -8.89 38.17 -2.51
N GLU O 718 -8.07 37.13 -2.62
CA GLU O 718 -7.56 36.40 -1.46
C GLU O 718 -6.47 35.38 -1.79
N ILE O 719 -5.18 35.72 -1.62
CA ILE O 719 -4.18 34.67 -1.89
C ILE O 719 -4.12 33.75 -0.68
N ARG O 720 -5.03 32.79 -0.71
CA ARG O 720 -5.26 31.83 0.36
C ARG O 720 -4.44 30.56 0.27
N ASP O 721 -3.79 30.33 -0.86
CA ASP O 721 -3.06 29.08 -0.99
C ASP O 721 -1.80 29.17 -1.84
N SER O 722 -1.10 28.04 -1.91
CA SER O 722 0.18 27.90 -2.60
C SER O 722 0.09 28.10 -4.08
N GLU O 723 -0.95 27.54 -4.71
CA GLU O 723 -1.03 27.63 -6.15
C GLU O 723 -1.15 29.09 -6.51
N THR O 724 -1.98 29.80 -5.74
CA THR O 724 -2.29 31.17 -6.02
C THR O 724 -1.12 32.06 -5.77
N ALA O 725 -0.43 31.85 -4.66
CA ALA O 725 0.71 32.67 -4.34
C ALA O 725 1.79 32.53 -5.40
N LYS O 726 1.98 31.30 -5.87
CA LYS O 726 3.01 31.05 -6.87
C LYS O 726 2.64 31.67 -8.20
N ILE O 727 1.38 31.60 -8.59
CA ILE O 727 1.03 32.21 -9.86
C ILE O 727 1.03 33.74 -9.75
N ALA O 728 0.58 34.29 -8.61
CA ALA O 728 0.58 35.74 -8.42
C ALA O 728 2.00 36.22 -8.62
N THR O 729 2.93 35.43 -8.09
CA THR O 729 4.33 35.67 -8.23
C THR O 729 4.73 35.55 -9.70
N GLU O 730 4.33 34.47 -10.38
CA GLU O 730 4.67 34.31 -11.80
C GLU O 730 4.21 35.50 -12.61
N ALA O 731 3.01 35.98 -12.36
CA ALA O 731 2.48 37.09 -13.13
C ALA O 731 3.23 38.36 -12.91
N ALA O 732 3.50 38.64 -11.67
CA ALA O 732 4.22 39.82 -11.35
C ALA O 732 5.64 39.77 -11.89
N LEU O 733 6.21 38.56 -11.85
CA LEU O 733 7.55 38.25 -12.27
C LEU O 733 7.65 38.35 -13.81
N THR O 734 6.60 37.87 -14.50
CA THR O 734 6.49 37.89 -15.96
C THR O 734 6.49 39.31 -16.50
N GLY O 735 5.71 40.16 -15.85
CA GLY O 735 5.63 41.53 -16.29
C GLY O 735 4.24 42.11 -16.19
N HIS O 736 3.49 41.73 -15.14
CA HIS O 736 2.16 42.28 -14.95
C HIS O 736 2.06 42.88 -13.55
N LEU O 737 1.28 43.92 -13.35
CA LEU O 737 1.10 44.43 -11.99
C LEU O 737 0.16 43.48 -11.34
N VAL O 738 0.47 43.01 -10.15
CA VAL O 738 -0.44 42.10 -9.48
C VAL O 738 -0.88 42.73 -8.18
N ILE O 739 -2.16 42.88 -7.93
CA ILE O 739 -2.59 43.55 -6.72
C ILE O 739 -3.47 42.61 -5.90
N ALA O 740 -3.27 42.49 -4.59
CA ALA O 740 -4.15 41.53 -3.91
C ALA O 740 -4.55 41.91 -2.50
N THR O 741 -5.67 41.33 -2.08
CA THR O 741 -6.24 41.50 -0.74
C THR O 741 -5.90 40.33 0.19
N LEU O 742 -5.00 40.53 1.17
CA LEU O 742 -4.64 39.36 2.00
C LEU O 742 -5.04 39.55 3.45
N HIS O 743 -5.59 38.51 4.05
CA HIS O 743 -6.05 38.61 5.42
C HIS O 743 -4.89 38.33 6.39
N THR O 744 -4.08 39.36 6.60
CA THR O 744 -2.84 39.36 7.38
C THR O 744 -2.93 40.37 8.52
N ASN O 745 -1.82 40.60 9.20
CA ASN O 745 -1.76 41.59 10.26
C ASN O 745 -0.98 42.85 9.82
N ASP O 746 0.36 42.78 9.80
CA ASP O 746 1.24 43.89 9.37
C ASP O 746 1.32 43.98 7.85
N ALA O 747 1.65 45.15 7.28
CA ALA O 747 1.85 45.15 5.84
C ALA O 747 2.97 44.17 5.52
N ALA O 748 3.96 44.13 6.38
CA ALA O 748 5.08 43.22 6.22
C ALA O 748 4.65 41.75 6.20
N GLN O 749 3.56 41.39 6.88
CA GLN O 749 3.15 39.99 6.89
C GLN O 749 2.85 39.51 5.48
N ALA O 750 2.42 40.43 4.62
CA ALA O 750 2.09 40.11 3.25
C ALA O 750 3.27 39.44 2.54
N ILE O 751 4.47 39.90 2.90
CA ILE O 751 5.71 39.41 2.36
C ILE O 751 5.98 38.00 2.81
N THR O 752 5.84 37.79 4.11
CA THR O 752 6.11 36.48 4.62
C THR O 752 5.01 35.52 4.21
N ARG O 753 3.78 36.02 4.00
CA ARG O 753 2.69 35.13 3.61
C ARG O 753 2.98 34.46 2.29
N LEU O 754 3.48 35.19 1.30
CA LEU O 754 3.75 34.47 0.06
C LEU O 754 4.79 33.37 0.33
N ASP O 755 5.74 33.62 1.25
CA ASP O 755 6.69 32.57 1.62
C ASP O 755 5.94 31.46 2.38
N GLU O 756 4.94 31.82 3.22
CA GLU O 756 4.13 30.87 4.00
C GLU O 756 3.38 29.94 3.05
N MET O 757 3.03 30.48 1.88
CA MET O 757 2.28 29.79 0.85
C MET O 757 3.18 28.87 0.02
N GLY O 758 4.47 28.80 0.34
CA GLY O 758 5.35 27.88 -0.36
C GLY O 758 5.94 28.45 -1.63
N VAL O 759 5.93 29.76 -1.79
CA VAL O 759 6.49 30.32 -3.00
C VAL O 759 7.94 30.61 -2.69
N GLU O 760 8.83 30.24 -3.58
CA GLU O 760 10.23 30.43 -3.31
C GLU O 760 10.48 31.91 -3.06
N PRO O 761 11.27 32.27 -2.04
CA PRO O 761 11.55 33.63 -1.62
C PRO O 761 12.21 34.47 -2.68
N PHE O 762 12.92 33.84 -3.60
CA PHE O 762 13.56 34.63 -4.63
C PHE O 762 12.63 34.96 -5.78
N ASN O 763 11.53 34.23 -5.87
CA ASN O 763 10.58 34.53 -6.91
C ASN O 763 9.67 35.57 -6.36
N ILE O 764 9.37 35.45 -5.06
CA ILE O 764 8.48 36.39 -4.43
C ILE O 764 9.09 37.75 -4.49
N SER O 765 10.37 37.85 -4.10
CA SER O 765 11.03 39.14 -4.12
C SER O 765 11.13 39.73 -5.47
N ALA O 766 11.57 38.97 -6.46
CA ALA O 766 11.68 39.54 -7.78
C ALA O 766 10.32 40.07 -8.23
N ALA O 767 9.27 39.34 -7.85
CA ALA O 767 7.89 39.61 -8.15
C ALA O 767 7.16 40.63 -7.25
N LEU O 768 7.72 41.09 -6.13
CA LEU O 768 6.92 41.92 -5.18
C LEU O 768 7.43 43.39 -5.03
N ILE O 769 6.52 44.37 -5.27
CA ILE O 769 6.85 45.83 -5.25
C ILE O 769 6.25 46.68 -4.14
N GLY O 770 5.38 46.11 -3.32
CA GLY O 770 4.95 46.91 -2.17
C GLY O 770 3.74 46.41 -1.46
N VAL O 771 3.61 46.83 -0.21
CA VAL O 771 2.45 46.38 0.55
C VAL O 771 1.78 47.50 1.34
N LEU O 772 0.48 47.67 1.17
CA LEU O 772 -0.23 48.66 1.95
C LEU O 772 -0.98 47.97 3.08
N SER O 773 -1.00 48.56 4.25
CA SER O 773 -1.89 48.06 5.28
C SER O 773 -2.49 49.31 5.89
N GLN O 774 -3.68 49.20 6.41
CA GLN O 774 -4.36 50.36 6.94
C GLN O 774 -5.09 50.04 8.20
N ARG O 775 -5.31 51.06 9.01
CA ARG O 775 -6.03 50.85 10.25
C ARG O 775 -7.02 51.91 10.54
N LEU O 776 -8.05 51.51 11.25
CA LEU O 776 -9.05 52.42 11.71
C LEU O 776 -8.84 52.66 13.21
N VAL O 777 -8.44 53.88 13.54
CA VAL O 777 -8.09 54.24 14.91
C VAL O 777 -9.19 55.15 15.40
N ARG O 778 -9.52 55.13 16.68
CA ARG O 778 -10.61 56.01 17.03
C ARG O 778 -10.17 57.46 16.88
N ARG O 779 -11.09 58.23 16.31
CA ARG O 779 -10.95 59.63 16.01
C ARG O 779 -11.06 60.49 17.24
N VAL O 780 -10.11 61.38 17.47
CA VAL O 780 -10.25 62.22 18.65
C VAL O 780 -11.57 62.90 18.58
N CYS O 781 -12.34 62.83 19.64
CA CYS O 781 -13.62 63.42 19.54
C CYS O 781 -13.49 64.87 19.18
N GLU O 782 -14.06 65.22 18.05
CA GLU O 782 -13.99 66.56 17.48
C GLU O 782 -14.74 67.58 18.34
N HIS O 783 -15.75 67.11 19.03
CA HIS O 783 -16.64 67.91 19.87
C HIS O 783 -15.99 68.38 21.16
N CYS O 784 -15.40 67.45 21.90
CA CYS O 784 -14.86 67.74 23.22
C CYS O 784 -13.35 67.55 23.24
N LYS O 785 -12.75 67.84 22.10
CA LYS O 785 -11.31 67.71 21.91
C LYS O 785 -10.47 68.52 22.88
N VAL O 786 -9.65 67.85 23.70
CA VAL O 786 -8.77 68.55 24.63
C VAL O 786 -7.34 68.06 24.45
N GLU O 787 -6.37 68.94 24.72
CA GLU O 787 -4.98 68.55 24.53
C GLU O 787 -4.51 67.56 25.60
N VAL O 788 -3.74 66.58 25.13
CA VAL O 788 -3.12 65.51 25.87
C VAL O 788 -1.60 65.58 25.73
N LYS O 789 -0.88 65.38 26.83
CA LYS O 789 0.57 65.48 26.78
C LYS O 789 1.31 64.14 26.92
N PRO O 790 1.71 63.49 25.82
CA PRO O 790 2.38 62.21 25.79
C PRO O 790 3.78 62.36 26.28
N ASP O 791 4.37 61.29 26.77
CA ASP O 791 5.77 61.33 27.10
C ASP O 791 6.55 61.27 25.78
N PRO O 792 7.37 62.27 25.42
CA PRO O 792 8.18 62.29 24.22
C PRO O 792 8.95 61.00 24.01
N GLU O 793 9.31 60.30 25.10
CA GLU O 793 10.06 59.07 24.97
C GLU O 793 9.20 58.02 24.32
N THR O 794 7.91 58.04 24.66
CA THR O 794 7.02 57.08 24.08
C THR O 794 7.01 57.30 22.61
N LEU O 795 6.89 58.56 22.25
CA LEU O 795 6.76 58.90 20.85
C LEU O 795 8.02 58.56 20.05
N ARG O 796 9.19 58.72 20.67
CA ARG O 796 10.47 58.36 20.04
C ARG O 796 10.57 56.88 19.83
N ARG O 797 10.17 56.13 20.83
CA ARG O 797 10.22 54.68 20.80
C ARG O 797 9.31 54.12 19.72
N LEU O 798 8.25 54.88 19.44
CA LEU O 798 7.29 54.53 18.43
C LEU O 798 7.75 54.88 17.01
N GLY O 799 8.96 55.47 16.89
CA GLY O 799 9.57 55.81 15.61
C GLY O 799 9.46 57.25 15.13
N LEU O 800 8.80 58.14 15.85
CA LEU O 800 8.72 59.50 15.30
C LEU O 800 10.02 60.26 15.25
N SER O 801 10.13 61.08 14.21
CA SER O 801 11.34 61.81 13.90
C SER O 801 11.58 63.04 14.73
N GLU O 802 11.86 62.87 16.01
CA GLU O 802 12.12 63.93 17.00
C GLU O 802 11.29 65.22 16.86
N ALA O 803 11.42 65.98 15.77
CA ALA O 803 10.61 67.20 15.61
C ALA O 803 9.13 66.83 15.64
N GLU O 804 8.84 65.64 15.13
CA GLU O 804 7.49 65.08 15.08
C GLU O 804 6.95 64.81 16.48
N ILE O 805 7.85 64.73 17.43
CA ILE O 805 7.61 64.48 18.83
C ILE O 805 7.58 65.81 19.57
N GLN O 806 8.46 66.72 19.20
CA GLN O 806 8.46 68.00 19.87
C GLN O 806 7.09 68.65 19.67
N GLY O 807 6.51 68.43 18.48
CA GLY O 807 5.18 68.89 18.14
C GLY O 807 4.10 67.89 18.57
N ALA O 808 4.35 67.14 19.65
CA ALA O 808 3.44 66.09 20.09
C ALA O 808 2.16 66.57 20.71
N ARG O 809 1.28 67.13 19.90
CA ARG O 809 0.06 67.69 20.41
C ARG O 809 -1.05 66.65 20.38
N LEU O 810 -0.97 65.67 21.26
CA LEU O 810 -2.05 64.70 21.27
C LEU O 810 -3.32 65.37 21.69
N TYR O 811 -4.42 64.91 21.16
CA TYR O 811 -5.70 65.33 21.68
C TYR O 811 -6.51 64.12 21.99
N LYS O 812 -7.42 64.22 22.91
CA LYS O 812 -8.34 63.14 23.24
C LYS O 812 -9.61 63.81 23.62
N GLY O 813 -10.75 63.25 23.32
CA GLY O 813 -11.90 63.94 23.82
C GLY O 813 -11.91 63.79 25.33
N MET O 814 -12.34 64.83 26.04
CA MET O 814 -12.44 64.72 27.49
C MET O 814 -13.64 63.86 27.92
N GLY O 815 -14.56 63.64 26.99
CA GLY O 815 -15.77 62.88 27.18
C GLY O 815 -17.01 63.70 26.86
N CYS O 816 -17.89 63.13 26.05
CA CYS O 816 -19.14 63.84 25.67
C CYS O 816 -20.12 62.93 24.95
N GLU O 817 -21.28 63.47 24.65
CA GLU O 817 -22.30 62.76 23.88
C GLU O 817 -21.88 62.28 22.47
N ARG O 818 -20.73 62.74 21.97
CA ARG O 818 -20.25 62.33 20.66
C ARG O 818 -19.10 61.33 20.74
N CYS O 819 -18.80 60.81 21.94
CA CYS O 819 -17.72 59.85 22.09
C CYS O 819 -17.79 59.05 23.36
N GLY O 820 -18.71 59.45 24.20
CA GLY O 820 -18.91 58.79 25.45
C GLY O 820 -17.62 58.84 26.24
N GLY O 821 -17.39 57.78 27.01
CA GLY O 821 -16.25 57.66 27.90
C GLY O 821 -14.97 57.22 27.20
N THR O 822 -14.97 57.16 25.88
CA THR O 822 -13.76 56.74 25.21
C THR O 822 -12.94 57.96 24.87
N GLY O 823 -13.59 59.11 24.71
CA GLY O 823 -12.88 60.29 24.22
C GLY O 823 -12.75 60.33 22.69
N TYR O 824 -13.35 59.36 21.98
CA TYR O 824 -13.24 59.34 20.53
C TYR O 824 -14.58 59.22 19.78
N LYS O 825 -14.65 59.91 18.65
CA LYS O 825 -15.80 59.98 17.76
C LYS O 825 -15.72 59.08 16.54
N GLY O 826 -16.04 57.81 16.68
CA GLY O 826 -15.91 56.93 15.52
C GLY O 826 -14.45 56.73 15.17
N ARG O 827 -14.17 56.36 13.92
CA ARG O 827 -12.80 56.04 13.54
C ARG O 827 -12.26 56.80 12.34
N TYR O 828 -10.94 56.88 12.32
CA TYR O 828 -10.12 57.54 11.33
C TYR O 828 -9.14 56.58 10.64
N ALA O 829 -8.99 56.62 9.32
CA ALA O 829 -8.04 55.69 8.67
C ALA O 829 -6.60 56.22 8.61
N ILE O 830 -5.65 55.37 8.99
CA ILE O 830 -4.21 55.68 8.93
C ILE O 830 -3.56 54.65 8.00
N HIS O 831 -2.37 54.95 7.45
CA HIS O 831 -1.79 54.03 6.44
C HIS O 831 -0.29 53.73 6.51
N GLU O 832 0.05 52.49 6.15
CA GLU O 832 1.43 51.97 6.05
C GLU O 832 1.75 51.34 4.72
N LEU O 833 2.72 51.88 4.03
CA LEU O 833 3.14 51.38 2.72
C LEU O 833 4.55 50.87 2.60
N LEU O 834 4.73 49.61 2.35
CA LEU O 834 6.08 49.18 2.22
C LEU O 834 6.49 49.49 0.83
N VAL O 835 7.23 50.57 0.71
CA VAL O 835 7.68 51.08 -0.57
C VAL O 835 8.78 50.14 -0.94
N VAL O 836 8.95 49.81 -2.21
CA VAL O 836 10.03 48.89 -2.52
C VAL O 836 11.13 49.39 -3.41
N ASP O 837 12.31 49.11 -2.90
CA ASP O 837 13.61 49.33 -3.46
C ASP O 837 14.43 48.10 -3.08
N ASP O 838 15.74 48.14 -3.23
CA ASP O 838 16.52 46.96 -2.92
C ASP O 838 16.50 46.54 -1.44
N GLU O 839 16.31 47.48 -0.51
CA GLU O 839 16.39 47.09 0.90
C GLU O 839 15.18 46.24 1.24
N ILE O 840 14.03 46.61 0.68
CA ILE O 840 12.84 45.79 0.90
C ILE O 840 12.94 44.50 0.07
N ARG O 841 13.44 44.56 -1.18
CA ARG O 841 13.56 43.32 -1.96
C ARG O 841 14.41 42.29 -1.22
N HIS O 842 15.46 42.74 -0.52
CA HIS O 842 16.26 41.81 0.26
C HIS O 842 15.43 41.29 1.43
N ALA O 843 14.66 42.20 2.08
CA ALA O 843 13.81 41.83 3.20
C ALA O 843 12.80 40.77 2.80
N ILE O 844 12.31 40.86 1.56
CA ILE O 844 11.34 39.93 1.02
C ILE O 844 11.92 38.55 0.84
N VAL O 845 13.12 38.45 0.28
CA VAL O 845 13.72 37.14 0.09
C VAL O 845 13.98 36.54 1.47
N ALA O 846 14.55 37.38 2.33
CA ALA O 846 14.91 37.03 3.67
C ALA O 846 13.73 36.70 4.59
N GLY O 847 12.62 37.41 4.43
CA GLY O 847 11.50 37.21 5.35
C GLY O 847 11.79 37.96 6.66
N LYS O 848 12.40 39.14 6.53
CA LYS O 848 12.77 39.96 7.71
C LYS O 848 11.55 40.30 8.52
N SER O 849 11.75 40.69 9.78
CA SER O 849 10.63 40.94 10.66
C SER O 849 9.81 42.12 10.25
N ALA O 850 8.59 42.20 10.76
CA ALA O 850 7.76 43.32 10.42
C ALA O 850 8.38 44.62 10.83
N THR O 851 9.02 44.67 11.99
CA THR O 851 9.63 45.92 12.40
C THR O 851 10.72 46.29 11.44
N GLU O 852 11.56 45.32 11.04
CA GLU O 852 12.62 45.69 10.11
C GLU O 852 12.08 46.17 8.78
N ILE O 853 11.11 45.45 8.23
CA ILE O 853 10.54 45.80 6.94
C ILE O 853 9.86 47.16 6.98
N LYS O 854 9.09 47.35 8.03
CA LYS O 854 8.38 48.57 8.28
C LYS O 854 9.37 49.74 8.43
N GLU O 855 10.41 49.57 9.24
CA GLU O 855 11.40 50.62 9.45
C GLU O 855 12.19 50.92 8.17
N ILE O 856 12.48 49.88 7.37
CA ILE O 856 13.17 50.07 6.11
C ILE O 856 12.34 50.92 5.18
N ALA O 857 11.07 50.59 5.07
CA ALA O 857 10.18 51.36 4.23
C ALA O 857 9.97 52.79 4.76
N ARG O 858 10.02 52.94 6.10
CA ARG O 858 9.80 54.22 6.79
C ARG O 858 10.81 55.26 6.45
N ARG O 859 12.07 54.91 6.58
CA ARG O 859 13.06 55.85 6.14
C ARG O 859 12.72 55.89 4.67
N LYS O 860 12.99 56.97 3.96
CA LYS O 860 12.64 57.09 2.53
C LYS O 860 11.14 57.45 2.32
N GLY O 861 10.37 57.65 3.42
CA GLY O 861 9.01 58.19 3.36
C GLY O 861 7.82 57.40 3.96
N MET O 862 7.92 56.11 4.20
CA MET O 862 6.72 55.44 4.71
C MET O 862 6.40 55.56 6.17
N LYS O 863 5.85 56.65 6.62
CA LYS O 863 5.52 56.64 8.04
C LYS O 863 4.70 55.38 8.27
N THR O 864 5.08 54.62 9.28
CA THR O 864 4.49 53.30 9.51
C THR O 864 3.11 53.48 10.01
N LEU O 865 2.37 52.41 10.23
CA LEU O 865 1.06 52.69 10.79
C LEU O 865 1.24 53.40 12.11
N ARG O 866 2.32 53.07 12.83
CA ARG O 866 2.55 53.58 14.14
C ARG O 866 2.96 55.04 14.00
N GLU O 867 3.86 55.34 13.08
CA GLU O 867 4.31 56.72 12.93
C GLU O 867 3.31 57.59 12.21
N ASP O 868 2.54 57.02 11.30
CA ASP O 868 1.53 57.76 10.57
C ASP O 868 0.40 58.02 11.52
N GLY O 869 -0.08 56.96 12.16
CA GLY O 869 -1.18 57.16 13.07
C GLY O 869 -0.76 58.06 14.20
N LEU O 870 0.47 57.89 14.68
CA LEU O 870 0.93 58.69 15.79
C LEU O 870 1.18 60.11 15.35
N TYR O 871 1.84 60.32 14.23
CA TYR O 871 2.03 61.69 13.80
C TYR O 871 0.67 62.34 13.73
N LYS O 872 -0.28 61.65 13.10
CA LYS O 872 -1.63 62.13 13.03
C LYS O 872 -2.21 62.32 14.43
N ALA O 873 -1.88 61.44 15.36
CA ALA O 873 -2.36 61.57 16.72
C ALA O 873 -1.90 62.87 17.31
N LEU O 874 -0.68 63.24 16.95
CA LEU O 874 -0.03 64.40 17.49
C LEU O 874 -0.48 65.69 16.79
N GLN O 875 -1.43 65.55 15.86
CA GLN O 875 -2.09 66.63 15.17
C GLN O 875 -3.53 66.74 15.66
N GLY O 876 -3.89 65.87 16.61
CA GLY O 876 -5.24 65.82 17.16
C GLY O 876 -6.24 64.96 16.41
N ILE O 877 -5.75 64.01 15.60
CA ILE O 877 -6.60 63.10 14.84
C ILE O 877 -7.01 61.86 15.62
N THR O 878 -6.06 61.28 16.30
CA THR O 878 -6.20 60.08 17.09
C THR O 878 -5.26 60.19 18.30
N THR O 879 -5.04 59.12 19.03
CA THR O 879 -4.10 59.19 20.19
C THR O 879 -3.14 58.06 20.27
N LEU O 880 -2.21 58.15 21.21
CA LEU O 880 -1.37 57.00 21.50
C LEU O 880 -2.18 55.78 21.89
N GLU O 881 -3.36 55.95 22.49
CA GLU O 881 -4.07 54.76 22.87
C GLU O 881 -4.52 54.10 21.61
N GLU O 882 -5.14 54.91 20.75
CA GLU O 882 -5.75 54.44 19.52
C GLU O 882 -4.77 54.01 18.44
N VAL O 883 -3.63 54.64 18.41
CA VAL O 883 -2.65 54.27 17.44
C VAL O 883 -1.98 53.01 17.89
N LEU O 884 -1.58 52.95 19.14
CA LEU O 884 -0.86 51.77 19.54
C LEU O 884 -1.80 50.59 19.47
N ALA O 885 -3.06 50.87 19.72
CA ALA O 885 -4.12 49.89 19.63
C ALA O 885 -4.14 49.15 18.32
N ARG O 886 -3.71 49.80 17.26
CA ARG O 886 -3.79 49.20 15.96
C ARG O 886 -2.42 48.96 15.33
N THR O 887 -1.36 49.48 15.97
CA THR O 887 -0.05 49.46 15.31
C THR O 887 1.11 48.75 16.03
N ILE O 888 0.92 48.31 17.27
CA ILE O 888 1.97 47.61 18.05
C ILE O 888 2.44 46.29 17.42
N SER P 505 34.92 -18.91 -10.80
CA SER P 505 35.49 -17.58 -10.94
C SER P 505 36.96 -17.58 -10.56
N ALA P 506 37.85 -17.92 -11.50
CA ALA P 506 39.27 -18.01 -11.12
C ALA P 506 40.34 -17.30 -12.00
N ALA P 507 40.18 -15.99 -12.33
CA ALA P 507 39.91 -14.85 -11.43
C ALA P 507 40.57 -14.96 -10.08
N GLN P 508 39.86 -15.58 -9.14
CA GLN P 508 40.27 -15.80 -7.78
C GLN P 508 41.66 -16.43 -7.67
N LYS P 509 42.09 -17.28 -8.63
CA LYS P 509 43.42 -17.87 -8.55
C LYS P 509 44.46 -16.80 -8.46
N PHE P 510 44.25 -15.77 -9.26
CA PHE P 510 45.19 -14.71 -9.36
C PHE P 510 44.97 -13.81 -8.20
N VAL P 511 43.72 -13.61 -7.82
CA VAL P 511 43.50 -12.72 -6.69
C VAL P 511 44.33 -13.25 -5.52
N LYS P 512 44.28 -14.55 -5.26
CA LYS P 512 45.05 -15.11 -4.16
C LYS P 512 46.57 -15.12 -4.39
N GLN P 513 47.05 -15.49 -5.58
CA GLN P 513 48.51 -15.52 -5.75
C GLN P 513 49.10 -14.12 -5.62
N VAL P 514 48.36 -13.15 -6.14
CA VAL P 514 48.72 -11.75 -6.12
C VAL P 514 48.73 -11.16 -4.74
N ILE P 515 47.71 -11.46 -3.95
CA ILE P 515 47.66 -10.98 -2.58
C ILE P 515 48.82 -11.52 -1.80
N ARG P 516 49.10 -12.79 -1.97
CA ARG P 516 50.21 -13.36 -1.23
C ARG P 516 51.51 -12.67 -1.61
N GLU P 517 51.73 -12.42 -2.91
CA GLU P 517 52.97 -11.77 -3.33
C GLU P 517 53.01 -10.31 -2.86
N ALA P 518 51.87 -9.64 -2.89
CA ALA P 518 51.80 -8.24 -2.51
C ALA P 518 52.27 -8.07 -1.08
N PHE P 519 51.85 -8.98 -0.21
CA PHE P 519 52.24 -8.87 1.17
C PHE P 519 53.73 -9.19 1.31
N LEU P 520 54.22 -10.20 0.60
CA LEU P 520 55.63 -10.60 0.69
C LEU P 520 56.58 -9.49 0.22
N GLN P 521 56.18 -8.73 -0.80
CA GLN P 521 56.98 -7.63 -1.31
C GLN P 521 56.70 -6.32 -0.58
N ASP P 522 55.77 -6.36 0.39
CA ASP P 522 55.30 -5.18 1.11
C ASP P 522 54.81 -4.13 0.12
N ALA P 523 54.05 -4.57 -0.89
CA ALA P 523 53.50 -3.67 -1.87
C ALA P 523 52.51 -2.81 -1.15
N SER P 524 52.37 -1.55 -1.51
CA SER P 524 51.33 -0.82 -0.82
C SER P 524 50.01 -1.23 -1.40
N ASP P 525 50.06 -1.65 -2.66
CA ASP P 525 48.84 -2.01 -3.37
C ASP P 525 48.92 -3.07 -4.43
N ILE P 526 47.76 -3.69 -4.60
CA ILE P 526 47.46 -4.64 -5.64
C ILE P 526 46.59 -4.04 -6.71
N HIS P 527 47.02 -4.16 -7.96
CA HIS P 527 46.31 -3.60 -9.07
C HIS P 527 45.77 -4.58 -10.09
N ILE P 528 44.55 -5.10 -9.94
CA ILE P 528 44.12 -6.05 -10.96
C ILE P 528 43.48 -5.33 -12.12
N GLU P 529 44.32 -4.98 -13.10
CA GLU P 529 43.89 -4.06 -14.14
C GLU P 529 43.12 -4.64 -15.27
N PRO P 530 41.90 -4.21 -15.47
CA PRO P 530 41.10 -4.71 -16.53
C PRO P 530 41.79 -4.20 -17.77
N ARG P 531 42.04 -5.04 -18.76
CA ARG P 531 42.67 -4.58 -19.99
C ARG P 531 41.81 -4.93 -21.18
N GLN P 532 42.28 -4.56 -22.36
CA GLN P 532 41.57 -4.77 -23.61
C GLN P 532 41.24 -6.23 -23.95
N ASN P 533 42.16 -7.16 -23.72
CA ASN P 533 41.91 -8.56 -24.05
C ASN P 533 42.10 -9.44 -22.82
N ASP P 534 42.76 -8.86 -21.86
CA ASP P 534 43.24 -9.52 -20.66
C ASP P 534 43.12 -8.64 -19.43
N VAL P 535 43.76 -9.06 -18.35
CA VAL P 535 43.79 -8.32 -17.12
C VAL P 535 45.23 -8.27 -16.72
N GLN P 536 45.77 -7.13 -16.37
CA GLN P 536 47.17 -7.09 -15.98
C GLN P 536 47.30 -6.83 -14.51
N VAL P 537 47.77 -7.80 -13.76
CA VAL P 537 47.86 -7.53 -12.36
C VAL P 537 49.23 -6.99 -12.03
N ARG P 538 49.25 -5.83 -11.39
CA ARG P 538 50.48 -5.18 -11.01
C ARG P 538 50.56 -4.90 -9.49
N LEU P 539 51.77 -4.85 -8.95
CA LEU P 539 51.95 -4.50 -7.53
C LEU P 539 52.65 -3.17 -7.40
N ARG P 540 52.27 -2.33 -6.42
CA ARG P 540 53.03 -1.10 -6.22
C ARG P 540 54.00 -1.14 -5.08
N ILE P 541 55.28 -0.95 -5.45
CA ILE P 541 56.41 -0.89 -4.54
C ILE P 541 57.26 0.40 -4.75
N ASP P 542 57.47 1.17 -3.68
CA ASP P 542 58.33 2.38 -3.73
C ASP P 542 58.10 3.36 -4.89
N GLY P 543 56.85 3.65 -5.22
CA GLY P 543 56.55 4.61 -6.28
C GLY P 543 56.42 4.06 -7.71
N ALA P 544 56.53 2.75 -7.91
CA ALA P 544 56.39 2.20 -9.26
C ALA P 544 55.72 0.84 -9.24
N LEU P 545 55.20 0.39 -10.38
CA LEU P 545 54.57 -0.91 -10.41
C LEU P 545 55.41 -1.99 -11.01
N ARG P 546 55.09 -3.22 -10.66
CA ARG P 546 55.68 -4.34 -11.36
C ARG P 546 54.57 -5.35 -11.67
N PRO P 547 54.56 -5.97 -12.86
CA PRO P 547 53.58 -6.97 -13.23
C PRO P 547 53.82 -8.24 -12.46
N TYR P 548 52.74 -8.94 -12.13
CA TYR P 548 52.80 -10.25 -11.50
C TYR P 548 52.24 -11.31 -12.44
N SER P 549 51.02 -11.07 -12.92
CA SER P 549 50.35 -12.07 -13.75
C SER P 549 49.24 -11.48 -14.57
N THR P 550 48.74 -12.26 -15.52
CA THR P 550 47.61 -11.79 -16.29
C THR P 550 46.45 -12.77 -16.25
N LEU P 551 45.28 -12.22 -16.48
CA LEU P 551 44.08 -13.02 -16.54
C LEU P 551 43.35 -12.70 -17.84
N PRO P 552 42.53 -13.57 -18.37
CA PRO P 552 41.65 -13.27 -19.49
C PRO P 552 40.68 -12.15 -19.12
N LYS P 553 40.27 -11.30 -20.05
CA LYS P 553 39.29 -10.28 -19.66
C LYS P 553 38.05 -10.94 -19.03
N GLY P 554 37.64 -12.11 -19.52
CA GLY P 554 36.49 -12.78 -18.92
C GLY P 554 36.74 -13.07 -17.43
N ALA P 555 38.00 -13.37 -17.10
CA ALA P 555 38.39 -13.66 -15.74
C ALA P 555 38.25 -12.41 -14.93
N LEU P 556 38.48 -11.26 -15.56
CA LEU P 556 38.32 -10.00 -14.86
C LEU P 556 36.94 -9.91 -14.28
N ASN P 557 35.93 -10.16 -15.12
CA ASN P 557 34.56 -10.03 -14.63
C ASN P 557 34.36 -11.00 -13.50
N ALA P 558 34.96 -12.17 -13.63
CA ALA P 558 34.93 -13.14 -12.57
C ALA P 558 35.71 -12.59 -11.33
N VAL P 559 36.78 -11.80 -11.52
CA VAL P 559 37.53 -11.21 -10.40
C VAL P 559 36.67 -10.26 -9.67
N ILE P 560 36.08 -9.37 -10.41
CA ILE P 560 35.27 -8.33 -9.89
C ILE P 560 34.14 -8.94 -9.10
N SER P 561 33.52 -9.93 -9.69
CA SER P 561 32.43 -10.57 -9.04
C SER P 561 32.88 -11.26 -7.74
N VAL P 562 33.99 -12.00 -7.76
CA VAL P 562 34.36 -12.68 -6.54
C VAL P 562 34.87 -11.72 -5.48
N VAL P 563 35.56 -10.65 -5.88
CA VAL P 563 36.08 -9.73 -4.88
C VAL P 563 34.92 -9.00 -4.26
N LYS P 564 33.82 -8.85 -5.00
CA LYS P 564 32.69 -8.27 -4.35
C LYS P 564 32.23 -9.19 -3.23
N ILE P 565 32.20 -10.50 -3.46
CA ILE P 565 31.78 -11.35 -2.35
C ILE P 565 32.70 -11.20 -1.17
N MET P 566 33.99 -11.20 -1.48
CA MET P 566 35.05 -11.13 -0.49
C MET P 566 34.88 -9.92 0.41
N GLY P 567 34.51 -8.78 -0.17
CA GLY P 567 34.34 -7.55 0.60
C GLY P 567 32.98 -7.42 1.25
N GLY P 568 32.12 -8.43 1.12
CA GLY P 568 30.78 -8.34 1.67
C GLY P 568 29.92 -7.46 0.76
N LEU P 569 30.32 -7.40 -0.49
CA LEU P 569 29.68 -6.60 -1.49
C LEU P 569 28.79 -7.53 -2.29
N ASN P 570 27.83 -6.98 -3.00
CA ASN P 570 26.89 -7.82 -3.73
C ASN P 570 27.39 -8.29 -5.09
N ILE P 571 27.73 -9.56 -5.17
CA ILE P 571 28.21 -10.15 -6.43
C ILE P 571 27.24 -10.03 -7.59
N ALA P 572 25.95 -9.94 -7.31
CA ALA P 572 24.94 -9.85 -8.34
C ALA P 572 24.80 -8.43 -8.88
N GLU P 573 25.50 -7.49 -8.25
CA GLU P 573 25.44 -6.10 -8.61
C GLU P 573 26.67 -5.61 -9.34
N LYS P 574 26.51 -5.49 -10.66
CA LYS P 574 27.56 -4.99 -11.53
C LYS P 574 26.96 -3.96 -12.46
N ARG P 575 25.86 -3.32 -12.02
CA ARG P 575 25.28 -2.23 -12.79
C ARG P 575 26.09 -1.04 -12.36
N LEU P 576 26.59 -1.18 -11.14
CA LEU P 576 27.46 -0.22 -10.53
C LEU P 576 28.57 -0.94 -9.75
N PRO P 577 29.72 -0.28 -9.53
CA PRO P 577 30.87 -0.74 -8.77
C PRO P 577 30.63 -0.74 -7.29
N GLN P 578 31.42 -1.52 -6.57
CA GLN P 578 31.30 -1.58 -5.13
C GLN P 578 32.66 -1.53 -4.43
N ASP P 579 32.64 -1.15 -3.17
CA ASP P 579 33.89 -1.12 -2.43
C ASP P 579 33.69 -1.49 -0.96
N GLY P 580 34.76 -1.99 -0.34
CA GLY P 580 34.75 -2.37 1.07
C GLY P 580 36.01 -3.11 1.51
N ARG P 581 36.17 -3.35 2.80
CA ARG P 581 37.35 -4.06 3.30
C ARG P 581 37.18 -5.56 3.26
N VAL P 582 38.21 -6.25 2.79
CA VAL P 582 38.20 -7.69 2.73
C VAL P 582 39.13 -8.25 3.78
N ARG P 583 38.58 -9.10 4.63
CA ARG P 583 39.35 -9.67 5.71
C ARG P 583 40.20 -10.86 5.24
N TYR P 584 41.17 -10.59 4.35
CA TYR P 584 42.02 -11.65 3.79
C TYR P 584 43.11 -12.04 4.75
N ARG P 585 42.76 -12.51 5.93
CA ARG P 585 43.79 -12.81 6.89
C ARG P 585 44.32 -14.23 6.73
N GLU P 586 45.08 -14.42 5.66
CA GLU P 586 45.52 -15.75 5.24
C GLU P 586 46.84 -16.16 5.88
N GLY P 587 46.80 -16.37 7.18
CA GLY P 587 47.99 -16.79 7.91
C GLY P 587 49.09 -15.76 7.77
N ALA P 588 50.24 -16.16 7.23
CA ALA P 588 51.39 -15.26 7.03
C ALA P 588 51.01 -14.05 6.21
N ILE P 589 50.03 -14.23 5.35
CA ILE P 589 49.54 -13.20 4.48
C ILE P 589 48.29 -12.58 5.11
N ASP P 590 48.45 -11.65 6.05
CA ASP P 590 47.30 -11.14 6.80
C ASP P 590 47.11 -9.63 6.98
N VAL P 591 47.43 -8.90 5.95
CA VAL P 591 47.21 -7.47 5.88
C VAL P 591 45.80 -7.29 5.32
N ASP P 592 44.98 -6.42 5.91
CA ASP P 592 43.61 -6.28 5.42
C ASP P 592 43.59 -5.54 4.11
N LEU P 593 42.70 -5.89 3.19
CA LEU P 593 42.67 -5.17 1.91
C LEU P 593 41.49 -4.25 1.66
N ARG P 594 41.82 -3.08 1.15
CA ARG P 594 40.84 -2.09 0.74
C ARG P 594 40.39 -2.36 -0.67
N LEU P 595 39.23 -2.97 -0.85
CA LEU P 595 38.78 -3.32 -2.18
C LEU P 595 37.98 -2.24 -2.84
N SER P 596 38.45 -1.85 -4.00
CA SER P 596 37.79 -0.85 -4.81
C SER P 596 37.63 -1.32 -6.23
N THR P 597 36.43 -1.81 -6.59
CA THR P 597 36.23 -2.34 -7.94
C THR P 597 35.83 -1.15 -8.80
N LEU P 598 36.82 -0.41 -9.31
CA LEU P 598 36.51 0.85 -9.99
C LEU P 598 36.25 0.60 -11.51
N PRO P 599 35.03 0.83 -12.04
CA PRO P 599 34.61 0.46 -13.40
C PRO P 599 35.34 1.19 -14.48
N THR P 600 35.88 0.45 -15.44
CA THR P 600 36.51 1.05 -16.58
C THR P 600 35.85 0.52 -17.82
N VAL P 601 36.30 0.99 -18.96
CA VAL P 601 35.84 0.49 -20.25
C VAL P 601 36.04 -1.03 -20.42
N TYR P 602 36.94 -1.63 -19.64
CA TYR P 602 37.22 -3.05 -19.73
C TYR P 602 36.68 -3.83 -18.54
N GLY P 603 35.85 -3.20 -17.73
CA GLY P 603 35.35 -3.82 -16.50
C GLY P 603 36.00 -3.15 -15.31
N GLU P 604 35.60 -3.51 -14.12
CA GLU P 604 36.08 -2.86 -12.91
C GLU P 604 37.50 -3.29 -12.50
N LYS P 605 38.32 -2.31 -12.13
CA LYS P 605 39.67 -2.59 -11.65
C LYS P 605 39.68 -2.94 -10.18
N ALA P 606 40.12 -4.14 -9.86
CA ALA P 606 40.04 -4.57 -8.47
C ALA P 606 41.29 -4.16 -7.69
N VAL P 607 41.31 -2.90 -7.23
CA VAL P 607 42.46 -2.49 -6.42
C VAL P 607 42.27 -2.92 -5.01
N MET P 608 43.33 -3.45 -4.45
CA MET P 608 43.29 -3.89 -3.09
C MET P 608 44.46 -3.26 -2.31
N ARG P 609 44.18 -2.17 -1.57
CA ARG P 609 45.26 -1.47 -0.83
C ARG P 609 45.53 -2.17 0.49
N LEU P 610 46.80 -2.28 0.87
CA LEU P 610 47.17 -2.96 2.12
C LEU P 610 47.06 -2.13 3.41
N LEU P 611 46.17 -2.58 4.32
CA LEU P 611 45.85 -1.97 5.62
C LEU P 611 46.57 -2.73 6.73
N LYS P 612 47.37 -2.02 7.51
CA LYS P 612 48.23 -2.69 8.47
C LYS P 612 47.64 -3.31 9.73
N LYS P 613 48.33 -4.40 10.07
CA LYS P 613 48.27 -5.24 11.27
C LYS P 613 48.61 -4.46 12.50
N ALA P 614 48.25 -5.00 13.66
CA ALA P 614 48.59 -4.41 14.94
C ALA P 614 49.97 -3.75 14.93
N SER P 615 50.96 -4.44 14.33
CA SER P 615 52.36 -3.99 14.20
C SER P 615 52.96 -3.57 15.53
N ASP P 616 52.56 -4.28 16.59
CA ASP P 616 52.92 -4.03 17.98
C ASP P 616 52.24 -2.73 18.40
N ILE P 617 51.76 -2.68 19.63
CA ILE P 617 51.12 -1.45 20.05
C ILE P 617 52.17 -0.58 20.74
N PRO P 618 52.49 0.62 20.23
CA PRO P 618 53.52 1.55 20.67
C PRO P 618 53.17 2.32 21.93
N GLU P 619 54.19 2.88 22.58
CA GLU P 619 53.94 3.85 23.62
C GLU P 619 53.65 5.12 22.89
N ILE P 620 53.10 6.10 23.55
CA ILE P 620 52.78 7.27 22.79
C ILE P 620 54.06 7.98 22.32
N GLU P 621 55.12 7.82 23.09
CA GLU P 621 56.42 8.38 22.74
C GLU P 621 57.06 7.70 21.54
N ASP P 622 56.55 6.54 21.15
CA ASP P 622 57.10 5.79 20.04
C ASP P 622 56.47 6.23 18.74
N LEU P 623 55.48 7.11 18.83
CA LEU P 623 54.76 7.56 17.65
C LEU P 623 55.40 8.75 16.92
N GLY P 624 56.44 9.36 17.49
CA GLY P 624 57.05 10.49 16.79
C GLY P 624 56.28 11.81 16.91
N PHE P 625 55.53 11.98 17.98
CA PHE P 625 54.78 13.21 18.15
C PHE P 625 55.67 14.40 18.44
N ALA P 626 55.34 15.56 17.88
CA ALA P 626 56.03 16.78 18.25
C ALA P 626 55.65 17.05 19.69
N PRO P 627 56.47 17.68 20.53
CA PRO P 627 56.14 18.03 21.92
C PRO P 627 54.77 18.66 22.08
N GLY P 628 54.32 19.46 21.10
CA GLY P 628 53.01 20.09 21.18
C GLY P 628 51.90 19.05 21.19
N VAL P 629 51.84 18.26 20.12
CA VAL P 629 50.82 17.23 20.01
C VAL P 629 51.09 16.10 20.98
N PHE P 630 52.34 15.88 21.36
CA PHE P 630 52.73 14.85 22.32
C PHE P 630 52.16 15.11 23.68
N GLU P 631 52.40 16.32 24.21
CA GLU P 631 51.92 16.63 25.54
C GLU P 631 50.42 16.67 25.52
N ARG P 632 49.84 17.17 24.43
CA ARG P 632 48.39 17.17 24.35
C ARG P 632 47.87 15.74 24.22
N PHE P 633 48.61 14.85 23.56
CA PHE P 633 48.16 13.48 23.41
C PHE P 633 48.08 12.92 24.80
N LYS P 634 49.17 13.08 25.56
CA LYS P 634 49.22 12.63 26.93
C LYS P 634 48.04 13.19 27.73
N GLU P 635 47.78 14.50 27.60
CA GLU P 635 46.66 15.14 28.30
C GLU P 635 45.32 14.51 27.96
N VAL P 636 45.05 14.33 26.68
CA VAL P 636 43.77 13.84 26.24
C VAL P 636 43.56 12.38 26.65
N ILE P 637 44.57 11.54 26.47
CA ILE P 637 44.40 10.14 26.80
C ILE P 637 44.28 9.91 28.29
N SER P 638 44.86 10.78 29.10
CA SER P 638 44.80 10.61 30.53
C SER P 638 43.41 10.85 31.13
N LYS P 639 42.47 11.37 30.33
CA LYS P 639 41.14 11.69 30.82
C LYS P 639 40.31 10.44 31.12
N PRO P 640 39.34 10.53 32.04
CA PRO P 640 38.33 9.51 32.27
C PRO P 640 37.11 9.65 31.36
N TYR P 641 36.94 10.81 30.71
CA TYR P 641 35.72 11.01 29.93
C TYR P 641 36.00 11.63 28.57
N GLY P 642 35.21 11.27 27.53
CA GLY P 642 35.32 11.92 26.21
C GLY P 642 35.93 11.05 25.11
N ILE P 643 35.60 11.33 23.82
CA ILE P 643 36.13 10.51 22.74
C ILE P 643 37.46 11.05 22.22
N PHE P 644 38.44 10.16 22.14
CA PHE P 644 39.72 10.47 21.52
C PHE P 644 39.72 9.78 20.13
N LEU P 645 39.30 10.54 19.10
CA LEU P 645 39.12 10.02 17.74
C LEU P 645 40.46 10.06 16.99
N ILE P 646 40.75 9.08 16.12
CA ILE P 646 41.96 9.17 15.29
C ILE P 646 41.66 8.96 13.80
N THR P 647 42.27 9.80 12.93
CA THR P 647 42.05 9.76 11.48
C THR P 647 43.29 9.50 10.59
N GLY P 648 42.99 9.29 9.30
CA GLY P 648 43.92 8.95 8.23
C GLY P 648 43.49 7.57 7.69
N PRO P 649 43.83 7.17 6.47
CA PRO P 649 43.48 5.85 5.94
C PRO P 649 44.10 4.76 6.80
N THR P 650 43.40 3.65 7.03
CA THR P 650 44.04 2.57 7.77
C THR P 650 45.27 2.18 6.98
N GLY P 651 46.38 2.04 7.71
CA GLY P 651 47.70 1.82 7.14
C GLY P 651 48.57 3.03 7.46
N SER P 652 47.91 4.15 7.83
CA SER P 652 48.56 5.39 8.26
C SER P 652 48.79 5.35 9.78
N GLY P 653 48.37 4.24 10.37
CA GLY P 653 48.51 4.00 11.80
C GLY P 653 47.39 4.54 12.69
N LYS P 654 46.17 4.76 12.18
CA LYS P 654 45.16 5.29 13.10
C LYS P 654 44.98 4.39 14.26
N SER P 655 44.64 3.14 13.98
CA SER P 655 44.36 2.18 15.02
C SER P 655 45.64 1.86 15.80
N PHE P 656 46.80 2.01 15.18
CA PHE P 656 48.07 1.79 15.85
C PHE P 656 48.13 2.75 17.03
N THR P 657 47.89 4.01 16.73
CA THR P 657 47.83 5.03 17.75
C THR P 657 46.61 4.90 18.66
N THR P 658 45.46 4.58 18.09
CA THR P 658 44.22 4.48 18.86
C THR P 658 44.45 3.49 19.99
N PHE P 659 45.05 2.37 19.67
CA PHE P 659 45.36 1.36 20.64
C PHE P 659 46.57 1.76 21.51
N SER P 660 47.46 2.63 21.01
CA SER P 660 48.55 3.17 21.83
C SER P 660 47.94 3.91 23.01
N ILE P 661 46.83 4.61 22.75
CA ILE P 661 46.16 5.35 23.80
C ILE P 661 45.80 4.39 24.90
N LEU P 662 45.12 3.31 24.54
CA LEU P 662 44.76 2.33 25.54
C LEU P 662 45.93 1.68 26.23
N LYS P 663 46.97 1.38 25.48
CA LYS P 663 48.13 0.74 26.06
C LYS P 663 48.62 1.58 27.23
N ARG P 664 48.68 2.88 27.01
CA ARG P 664 49.10 3.82 28.02
C ARG P 664 48.12 4.08 29.17
N ILE P 665 46.80 4.11 28.90
CA ILE P 665 45.88 4.53 29.96
C ILE P 665 44.90 3.49 30.53
N ALA P 666 44.80 2.30 29.96
CA ALA P 666 43.85 1.32 30.49
C ALA P 666 44.41 0.62 31.72
N THR P 667 44.52 1.38 32.79
CA THR P 667 45.11 0.94 34.05
C THR P 667 44.13 0.07 34.84
N PRO P 668 44.61 -0.64 35.89
CA PRO P 668 43.81 -1.42 36.83
C PRO P 668 42.69 -0.64 37.53
N ASP P 669 42.78 0.69 37.55
CA ASP P 669 41.78 1.53 38.19
C ASP P 669 40.61 1.85 37.24
N LYS P 670 40.79 1.54 35.94
CA LYS P 670 39.79 1.85 34.93
C LYS P 670 39.17 0.63 34.22
N ASN P 671 37.85 0.71 34.02
CA ASN P 671 37.07 -0.27 33.28
C ASN P 671 37.18 -0.03 31.80
N THR P 672 37.89 -0.91 31.09
CA THR P 672 38.15 -0.76 29.67
C THR P 672 37.53 -1.88 28.82
N GLN P 673 36.86 -1.52 27.73
CA GLN P 673 36.37 -2.53 26.78
C GLN P 673 36.34 -1.98 25.39
N THR P 674 36.76 -2.80 24.44
CA THR P 674 36.79 -2.33 23.08
C THR P 674 35.99 -3.21 22.16
N ILE P 675 35.53 -2.65 21.03
CA ILE P 675 34.97 -3.48 19.98
C ILE P 675 35.56 -3.12 18.62
N GLU P 676 35.89 -4.14 17.81
CA GLU P 676 36.49 -3.96 16.48
C GLU P 676 35.85 -4.81 15.35
N ASP P 677 36.25 -4.54 14.10
CA ASP P 677 35.75 -5.30 12.95
C ASP P 677 36.75 -5.47 11.81
N PRO P 678 37.58 -6.50 11.83
CA PRO P 678 37.85 -7.52 12.82
C PRO P 678 38.76 -6.90 13.86
N VAL P 679 39.09 -7.61 14.93
CA VAL P 679 40.10 -7.01 15.80
C VAL P 679 41.38 -6.86 14.99
N GLU P 680 41.86 -5.62 14.93
CA GLU P 680 43.04 -5.25 14.17
C GLU P 680 44.24 -5.02 15.08
N TYR P 681 43.98 -4.37 16.22
CA TYR P 681 45.05 -3.98 17.14
C TYR P 681 44.88 -4.57 18.54
N GLU P 682 45.49 -5.72 18.76
CA GLU P 682 45.38 -6.40 20.05
C GLU P 682 46.29 -5.74 21.09
N ILE P 683 45.80 -5.58 22.32
CA ILE P 683 46.62 -5.09 23.42
C ILE P 683 46.50 -6.06 24.60
N PRO P 684 47.60 -6.65 25.08
CA PRO P 684 47.51 -7.62 26.14
C PRO P 684 47.00 -6.90 27.38
N GLY P 685 46.16 -7.59 28.13
CA GLY P 685 45.58 -7.02 29.34
C GLY P 685 44.26 -6.28 29.09
N ILE P 686 43.89 -6.09 27.82
CA ILE P 686 42.64 -5.37 27.51
C ILE P 686 41.59 -6.25 26.87
N ASN P 687 40.38 -6.07 27.37
CA ASN P 687 39.20 -6.77 26.95
C ASN P 687 38.72 -6.33 25.57
N GLN P 688 38.77 -7.25 24.60
CA GLN P 688 38.38 -6.89 23.24
C GLN P 688 37.24 -7.75 22.76
N THR P 689 36.32 -7.12 22.02
CA THR P 689 35.11 -7.66 21.41
C THR P 689 35.13 -7.47 19.91
N GLN P 690 34.63 -8.42 19.16
CA GLN P 690 34.55 -8.24 17.71
C GLN P 690 33.08 -8.18 17.29
N VAL P 691 32.75 -7.29 16.36
CA VAL P 691 31.37 -7.16 15.85
C VAL P 691 30.93 -8.43 15.18
N ASN P 692 29.63 -8.61 15.12
CA ASN P 692 29.04 -9.76 14.48
C ASN P 692 27.67 -9.43 13.89
N PRO P 693 27.63 -8.75 12.72
CA PRO P 693 26.44 -8.29 12.00
C PRO P 693 25.45 -9.41 11.74
N GLN P 694 25.96 -10.64 11.69
CA GLN P 694 25.15 -11.81 11.46
C GLN P 694 24.26 -12.09 12.67
N ALA P 695 24.76 -11.73 13.86
CA ALA P 695 24.01 -11.86 15.11
C ALA P 695 23.19 -10.61 15.30
N GLY P 696 23.69 -9.53 14.71
CA GLY P 696 23.12 -8.20 14.82
C GLY P 696 24.00 -7.31 15.66
N LEU P 697 25.19 -7.78 16.01
CA LEU P 697 26.09 -6.99 16.81
C LEU P 697 26.85 -5.97 15.99
N THR P 698 26.20 -4.85 15.74
CA THR P 698 26.79 -3.76 14.98
C THR P 698 27.75 -3.07 15.91
N PHE P 699 28.54 -2.11 15.43
CA PHE P 699 29.39 -1.49 16.43
C PHE P 699 28.53 -0.80 17.46
N ALA P 700 27.46 -0.16 17.00
CA ALA P 700 26.57 0.56 17.89
C ALA P 700 26.00 -0.30 18.95
N ARG P 701 25.59 -1.50 18.57
CA ARG P 701 25.00 -2.39 19.54
C ARG P 701 26.00 -2.69 20.63
N ALA P 702 27.24 -2.96 20.26
CA ALA P 702 28.25 -3.22 21.27
C ALA P 702 28.50 -2.01 22.11
N LEU P 703 28.56 -0.86 21.46
CA LEU P 703 28.87 0.35 22.18
C LEU P 703 27.75 0.69 23.12
N ARG P 704 26.54 0.29 22.76
CA ARG P 704 25.39 0.54 23.59
C ARG P 704 25.61 -0.24 24.89
N ALA P 705 26.07 -1.49 24.77
CA ALA P 705 26.40 -2.21 26.00
C ALA P 705 27.50 -1.51 26.75
N PHE P 706 28.47 -0.95 26.02
CA PHE P 706 29.57 -0.29 26.68
C PHE P 706 29.01 0.85 27.52
N LEU P 707 28.01 1.58 27.02
CA LEU P 707 27.41 2.63 27.85
C LEU P 707 26.88 2.04 29.14
N ARG P 708 26.25 0.88 29.00
CA ARG P 708 25.62 0.20 30.11
C ARG P 708 26.65 -0.28 31.15
N GLN P 709 27.93 -0.45 30.75
CA GLN P 709 28.98 -0.97 31.64
C GLN P 709 29.48 0.10 32.62
N ASP P 710 29.00 1.35 32.45
CA ASP P 710 29.53 2.52 33.18
C ASP P 710 31.06 2.46 33.17
N PRO P 711 31.70 2.27 32.01
CA PRO P 711 33.11 2.07 31.85
C PRO P 711 33.88 3.33 32.04
N ASP P 712 35.17 3.19 32.17
CA ASP P 712 36.00 4.35 32.16
C ASP P 712 36.46 4.55 30.74
N ILE P 713 36.72 3.45 30.03
CA ILE P 713 37.21 3.53 28.65
C ILE P 713 36.43 2.65 27.65
N ILE P 714 35.90 3.27 26.61
CA ILE P 714 35.15 2.59 25.56
C ILE P 714 35.80 2.71 24.20
N MET P 715 36.28 1.63 23.64
CA MET P 715 36.93 1.76 22.35
C MET P 715 36.07 1.38 21.17
N VAL P 716 36.11 2.19 20.11
CA VAL P 716 35.36 1.82 18.92
C VAL P 716 36.38 1.62 17.79
N GLY P 717 36.47 0.40 17.28
CA GLY P 717 37.40 0.03 16.23
C GLY P 717 37.18 0.78 14.93
N GLU P 718 35.95 1.14 14.64
CA GLU P 718 35.68 1.92 13.44
C GLU P 718 34.31 2.60 13.52
N ILE P 719 34.28 3.90 13.76
CA ILE P 719 32.98 4.56 13.86
C ILE P 719 32.46 4.88 12.46
N ARG P 720 31.78 3.89 11.89
CA ARG P 720 31.31 3.96 10.50
C ARG P 720 29.81 3.89 10.32
N ASP P 721 29.12 3.19 11.22
CA ASP P 721 27.71 2.94 11.01
C ASP P 721 27.04 4.22 11.48
N SER P 722 25.87 4.57 10.92
CA SER P 722 25.17 5.76 11.45
C SER P 722 24.81 5.53 12.91
N GLU P 723 24.34 4.32 13.21
CA GLU P 723 23.95 3.95 14.56
C GLU P 723 25.13 4.12 15.49
N THR P 724 26.30 3.75 14.98
CA THR P 724 27.55 3.78 15.70
C THR P 724 28.03 5.18 15.88
N ALA P 725 27.87 6.01 14.89
CA ALA P 725 28.27 7.38 15.08
C ALA P 725 27.48 7.95 16.24
N LYS P 726 26.19 7.62 16.28
CA LYS P 726 25.35 8.11 17.36
C LYS P 726 25.74 7.49 18.68
N ILE P 727 25.88 6.17 18.72
CA ILE P 727 26.21 5.52 19.98
C ILE P 727 27.64 5.82 20.45
N ALA P 728 28.61 5.87 19.54
CA ALA P 728 29.99 6.21 19.91
C ALA P 728 29.99 7.58 20.53
N THR P 729 29.17 8.46 20.01
CA THR P 729 29.04 9.76 20.61
C THR P 729 28.44 9.61 22.01
N GLU P 730 27.37 8.81 22.12
CA GLU P 730 26.72 8.60 23.41
C GLU P 730 27.70 7.93 24.38
N ALA P 731 28.59 7.12 23.84
CA ALA P 731 29.57 6.38 24.61
C ALA P 731 30.34 7.34 25.47
N ALA P 732 30.61 8.55 24.97
CA ALA P 732 31.33 9.51 25.76
C ALA P 732 30.40 10.45 26.46
N LEU P 733 29.32 10.82 25.76
CA LEU P 733 28.30 11.76 26.21
C LEU P 733 27.80 11.44 27.59
N THR P 734 27.60 10.15 27.83
CA THR P 734 27.06 9.62 29.06
C THR P 734 28.09 9.53 30.21
N GLY P 735 29.31 10.02 29.98
CA GLY P 735 30.34 10.05 31.01
C GLY P 735 31.37 8.95 30.94
N HIS P 736 31.94 8.70 29.75
CA HIS P 736 32.98 7.65 29.70
C HIS P 736 34.08 8.06 28.75
N LEU P 737 35.32 7.63 28.98
CA LEU P 737 36.36 7.91 28.00
C LEU P 737 36.02 7.01 26.87
N VAL P 738 36.09 7.51 25.69
CA VAL P 738 35.85 6.71 24.53
C VAL P 738 37.08 6.89 23.67
N ILE P 739 37.55 5.84 23.09
CA ILE P 739 38.72 5.97 22.26
C ILE P 739 38.29 5.46 20.93
N ALA P 740 38.62 6.12 19.86
CA ALA P 740 38.11 5.52 18.66
C ALA P 740 38.87 5.84 17.42
N THR P 741 38.74 4.92 16.52
CA THR P 741 39.23 5.10 15.19
C THR P 741 38.07 5.69 14.39
N LEU P 742 38.31 6.82 13.74
CA LEU P 742 37.30 7.52 12.96
C LEU P 742 37.82 7.50 11.55
N HIS P 743 37.31 6.59 10.76
CA HIS P 743 37.99 6.29 9.51
C HIS P 743 37.67 7.26 8.38
N THR P 744 38.32 8.41 8.49
CA THR P 744 38.26 9.49 7.52
C THR P 744 39.66 9.99 7.34
N ASN P 745 39.81 11.06 6.59
CA ASN P 745 41.15 11.55 6.25
C ASN P 745 41.64 12.76 7.05
N ASP P 746 40.86 13.26 7.99
CA ASP P 746 41.28 14.45 8.73
C ASP P 746 40.65 14.56 10.10
N ALA P 747 41.49 14.84 11.09
CA ALA P 747 41.14 14.95 12.50
C ALA P 747 40.11 15.98 12.79
N ALA P 748 40.15 17.04 12.05
CA ALA P 748 39.23 18.10 12.26
C ALA P 748 37.94 17.75 11.53
N GLN P 749 38.10 17.16 10.35
CA GLN P 749 36.94 16.77 9.58
C GLN P 749 36.18 15.70 10.36
N ALA P 750 36.90 14.89 11.15
CA ALA P 750 36.35 13.84 12.00
C ALA P 750 35.27 14.34 12.93
N ILE P 751 35.36 15.60 13.29
CA ILE P 751 34.41 16.21 14.18
C ILE P 751 33.09 16.35 13.44
N THR P 752 33.22 17.03 12.32
CA THR P 752 32.12 17.34 11.43
C THR P 752 31.50 16.05 10.92
N ARG P 753 32.34 15.04 10.68
CA ARG P 753 31.95 13.73 10.19
C ARG P 753 30.94 13.05 11.14
N LEU P 754 31.04 13.23 12.47
CA LEU P 754 30.02 12.60 13.30
C LEU P 754 28.69 13.27 12.97
N ASP P 755 28.71 14.58 12.73
CA ASP P 755 27.46 15.25 12.35
C ASP P 755 26.99 14.74 10.99
N GLU P 756 27.94 14.52 10.07
CA GLU P 756 27.61 14.06 8.73
C GLU P 756 26.93 12.69 8.81
N MET P 757 27.35 11.87 9.78
CA MET P 757 26.82 10.52 9.97
C MET P 757 25.48 10.48 10.75
N GLY P 758 24.91 11.66 11.05
CA GLY P 758 23.61 11.72 11.71
C GLY P 758 23.65 11.85 13.22
N VAL P 759 24.80 12.23 13.76
CA VAL P 759 24.88 12.38 15.19
C VAL P 759 24.47 13.77 15.61
N GLU P 760 23.58 13.86 16.58
CA GLU P 760 23.12 15.16 17.05
C GLU P 760 24.35 16.04 17.37
N PRO P 761 24.52 17.22 16.74
CA PRO P 761 25.63 18.15 16.91
C PRO P 761 26.01 18.41 18.36
N PHE P 762 25.01 18.41 19.21
CA PHE P 762 25.19 18.71 20.60
C PHE P 762 25.80 17.57 21.35
N ASN P 763 25.41 16.36 20.97
CA ASN P 763 25.94 15.22 21.64
C ASN P 763 27.37 15.07 21.24
N ILE P 764 27.67 15.48 20.00
CA ILE P 764 29.01 15.33 19.51
C ILE P 764 29.93 16.19 20.34
N SER P 765 29.58 17.45 20.54
CA SER P 765 30.53 18.28 21.29
C SER P 765 30.68 17.84 22.71
N ALA P 766 29.60 17.38 23.32
CA ALA P 766 29.63 16.91 24.69
C ALA P 766 30.55 15.69 24.80
N ALA P 767 30.54 14.89 23.75
CA ALA P 767 31.28 13.67 23.64
C ALA P 767 32.78 13.78 23.30
N LEU P 768 33.32 14.93 22.86
CA LEU P 768 34.74 14.90 22.39
C LEU P 768 35.80 15.60 23.29
N ILE P 769 37.02 14.98 23.33
CA ILE P 769 38.25 15.48 24.01
C ILE P 769 39.54 15.65 23.18
N GLY P 770 39.60 15.07 21.99
CA GLY P 770 40.79 15.26 21.17
C GLY P 770 40.77 14.42 19.92
N VAL P 771 41.19 15.00 18.80
CA VAL P 771 41.20 14.18 17.59
C VAL P 771 42.55 14.25 16.89
N LEU P 772 43.15 13.10 16.64
CA LEU P 772 44.46 13.05 16.00
C LEU P 772 44.43 12.59 14.58
N SER P 773 45.07 13.31 13.67
CA SER P 773 45.16 12.73 12.34
C SER P 773 46.61 12.40 12.26
N GLN P 774 46.92 11.37 11.54
CA GLN P 774 48.32 11.11 11.36
C GLN P 774 48.61 10.56 10.00
N ARG P 775 49.84 10.80 9.58
CA ARG P 775 50.33 10.29 8.31
C ARG P 775 51.77 9.98 8.44
N LEU P 776 52.28 9.26 7.48
CA LEU P 776 53.70 9.14 7.48
C LEU P 776 54.17 9.71 6.15
N VAL P 777 55.28 10.43 6.19
CA VAL P 777 55.91 11.08 5.05
C VAL P 777 57.10 10.27 4.63
N ARG P 778 57.42 10.25 3.35
CA ARG P 778 58.57 9.44 3.01
C ARG P 778 59.84 10.12 3.51
N ARG P 779 60.76 9.33 4.02
CA ARG P 779 61.98 9.86 4.61
C ARG P 779 63.08 10.22 3.65
N VAL P 780 63.89 11.18 4.05
CA VAL P 780 65.13 11.43 3.32
C VAL P 780 66.21 10.63 4.04
N CYS P 781 66.94 9.78 3.32
CA CYS P 781 67.87 8.81 3.89
C CYS P 781 69.22 9.31 4.42
N GLU P 782 69.24 10.48 5.05
CA GLU P 782 70.47 11.12 5.61
C GLU P 782 71.47 11.60 4.54
N HIS P 783 71.95 10.66 3.76
CA HIS P 783 72.89 10.87 2.67
C HIS P 783 72.48 12.02 1.79
N CYS P 784 71.23 12.03 1.38
CA CYS P 784 70.78 13.05 0.48
C CYS P 784 69.97 14.14 1.13
N LYS P 785 70.23 14.44 2.40
CA LYS P 785 69.55 15.55 3.06
C LYS P 785 70.09 16.87 2.60
N VAL P 786 69.66 17.24 1.42
CA VAL P 786 70.05 18.50 0.86
C VAL P 786 69.17 19.60 1.37
N GLU P 787 69.82 20.59 1.94
CA GLU P 787 69.11 21.68 2.56
C GLU P 787 68.62 22.68 1.53
N VAL P 788 67.46 22.39 1.01
CA VAL P 788 66.86 23.24 0.01
C VAL P 788 66.16 24.33 0.73
N LYS P 789 66.93 25.34 1.10
CA LYS P 789 66.42 26.38 1.95
C LYS P 789 65.11 26.84 1.36
N PRO P 790 64.10 27.01 2.20
CA PRO P 790 62.76 27.26 1.79
C PRO P 790 62.52 28.60 1.23
N ASP P 791 61.49 28.66 0.41
CA ASP P 791 60.93 29.94 0.05
C ASP P 791 59.98 30.24 1.20
N PRO P 792 60.21 31.27 2.04
CA PRO P 792 59.39 31.64 3.17
C PRO P 792 57.92 31.75 2.79
N GLU P 793 57.63 32.03 1.52
CA GLU P 793 56.24 32.17 1.12
C GLU P 793 55.58 30.82 1.16
N THR P 794 56.33 29.76 0.88
CA THR P 794 55.74 28.42 0.90
C THR P 794 55.37 28.13 2.30
N LEU P 795 56.32 28.36 3.17
CA LEU P 795 56.12 28.01 4.54
C LEU P 795 55.05 28.86 5.19
N ARG P 796 55.00 30.14 4.83
CA ARG P 796 54.00 31.03 5.37
C ARG P 796 52.61 30.64 4.86
N ARG P 797 52.50 30.34 3.56
CA ARG P 797 51.22 29.94 2.97
C ARG P 797 50.73 28.63 3.62
N LEU P 798 51.68 27.80 4.08
CA LEU P 798 51.41 26.55 4.81
C LEU P 798 50.95 26.79 6.23
N GLY P 799 50.91 28.05 6.66
CA GLY P 799 50.43 28.35 7.98
C GLY P 799 51.49 28.07 9.01
N LEU P 800 52.74 27.92 8.58
CA LEU P 800 53.81 27.66 9.50
C LEU P 800 54.09 28.95 10.26
N SER P 801 54.17 28.90 11.58
CA SER P 801 54.38 30.12 12.33
C SER P 801 55.53 30.87 11.75
N GLU P 802 55.41 32.19 11.70
CA GLU P 802 56.49 32.99 11.18
C GLU P 802 57.79 32.62 11.88
N ALA P 803 57.74 32.32 13.18
CA ALA P 803 58.98 32.00 13.88
C ALA P 803 59.63 30.76 13.26
N GLU P 804 58.78 29.82 12.88
CA GLU P 804 59.22 28.58 12.33
C GLU P 804 59.61 28.73 10.89
N ILE P 805 58.98 29.65 10.13
CA ILE P 805 59.35 29.72 8.72
C ILE P 805 60.73 30.35 8.67
N GLN P 806 61.06 31.17 9.67
CA GLN P 806 62.38 31.76 9.70
C GLN P 806 63.43 30.71 10.13
N GLY P 807 63.07 29.82 11.06
CA GLY P 807 63.98 28.76 11.52
C GLY P 807 64.03 27.59 10.54
N ALA P 808 63.05 27.54 9.66
CA ALA P 808 62.85 26.52 8.66
C ALA P 808 63.98 26.29 7.71
N ARG P 809 64.30 25.02 7.46
CA ARG P 809 65.31 24.71 6.48
C ARG P 809 64.75 23.62 5.57
N LEU P 810 64.02 23.95 4.50
CA LEU P 810 63.46 22.86 3.68
C LEU P 810 64.48 21.96 3.04
N TYR P 811 64.08 20.73 2.90
CA TYR P 811 64.85 19.69 2.28
C TYR P 811 64.16 19.04 1.10
N LYS P 812 65.00 18.45 0.27
CA LYS P 812 64.59 17.59 -0.83
C LYS P 812 65.58 16.47 -0.92
N GLY P 813 65.10 15.24 -0.84
CA GLY P 813 66.01 14.14 -1.00
C GLY P 813 66.42 14.14 -2.45
N MET P 814 67.71 14.06 -2.69
CA MET P 814 68.20 14.09 -4.07
C MET P 814 67.87 12.90 -4.95
N GLY P 815 67.72 11.73 -4.39
CA GLY P 815 67.46 10.57 -5.23
C GLY P 815 68.69 10.14 -6.06
N CYS P 816 69.88 10.10 -5.43
CA CYS P 816 70.21 9.35 -4.20
C CYS P 816 69.97 7.87 -4.34
N GLU P 817 71.04 7.16 -4.61
CA GLU P 817 71.07 5.71 -4.73
C GLU P 817 70.65 4.95 -3.46
N ARG P 818 70.57 5.65 -2.33
CA ARG P 818 70.18 5.07 -1.06
C ARG P 818 68.71 5.30 -0.76
N CYS P 819 67.97 5.88 -1.70
CA CYS P 819 66.56 6.14 -1.49
C CYS P 819 65.56 5.20 -2.20
N GLY P 820 65.24 5.52 -3.46
CA GLY P 820 66.22 5.83 -4.49
C GLY P 820 65.58 5.37 -5.80
N GLY P 821 65.93 6.02 -6.93
CA GLY P 821 66.07 7.49 -6.96
C GLY P 821 64.78 8.32 -6.80
N THR P 822 63.88 7.89 -5.94
CA THR P 822 62.67 8.61 -5.60
C THR P 822 62.95 9.85 -4.79
N GLY P 823 64.08 9.82 -4.08
CA GLY P 823 64.47 10.86 -3.14
C GLY P 823 64.09 10.45 -1.73
N TYR P 824 63.41 9.29 -1.60
CA TYR P 824 63.00 8.87 -0.29
C TYR P 824 63.26 7.41 0.06
N LYS P 825 63.42 7.17 1.35
CA LYS P 825 63.67 5.85 1.92
C LYS P 825 62.76 5.47 3.08
N GLY P 826 61.64 4.82 2.79
CA GLY P 826 60.70 4.47 3.86
C GLY P 826 59.87 5.66 4.29
N ARG P 827 59.13 5.50 5.40
CA ARG P 827 58.14 6.46 5.91
C ARG P 827 58.47 6.97 7.32
N TYR P 828 57.93 8.13 7.70
CA TYR P 828 58.13 8.69 9.06
C TYR P 828 56.86 9.39 9.56
N ALA P 829 56.39 9.06 10.76
CA ALA P 829 55.13 9.65 11.24
C ALA P 829 55.18 11.13 11.56
N ILE P 830 54.09 11.80 11.19
CA ILE P 830 53.82 13.19 11.50
C ILE P 830 52.43 13.22 12.19
N HIS P 831 52.20 14.17 13.11
CA HIS P 831 50.95 14.20 13.89
C HIS P 831 50.23 15.55 14.11
N GLU P 832 48.88 15.50 14.24
CA GLU P 832 48.07 16.70 14.56
C GLU P 832 46.91 16.44 15.52
N LEU P 833 47.14 16.54 16.82
CA LEU P 833 46.06 16.31 17.79
C LEU P 833 45.24 17.52 18.19
N LEU P 834 44.00 17.55 17.76
CA LEU P 834 43.13 18.66 18.06
C LEU P 834 42.64 18.57 19.46
N VAL P 835 43.45 18.95 20.42
CA VAL P 835 42.97 18.86 21.77
C VAL P 835 41.68 19.63 21.82
N VAL P 836 40.67 19.07 22.46
CA VAL P 836 39.39 19.74 22.51
C VAL P 836 39.16 20.45 23.82
N ASP P 837 38.69 21.67 23.70
CA ASP P 837 38.29 22.50 24.82
C ASP P 837 36.98 23.17 24.39
N ASP P 838 36.52 24.19 25.10
CA ASP P 838 35.25 24.78 24.74
C ASP P 838 35.22 25.60 23.44
N GLU P 839 36.38 26.05 22.93
CA GLU P 839 36.35 26.80 21.68
C GLU P 839 36.11 25.78 20.59
N ILE P 840 36.75 24.63 20.77
CA ILE P 840 36.56 23.54 19.83
C ILE P 840 35.13 23.01 19.94
N ARG P 841 34.58 22.85 21.16
CA ARG P 841 33.20 22.36 21.30
C ARG P 841 32.19 23.28 20.64
N HIS P 842 32.43 24.58 20.69
CA HIS P 842 31.57 25.48 19.97
C HIS P 842 31.62 25.09 18.49
N ALA P 843 32.86 24.98 17.96
CA ALA P 843 33.13 24.60 16.58
C ALA P 843 32.57 23.21 16.23
N ILE P 844 32.57 22.29 17.19
CA ILE P 844 32.08 20.94 16.96
C ILE P 844 30.59 20.94 16.69
N VAL P 845 29.82 21.67 17.51
CA VAL P 845 28.39 21.74 17.30
C VAL P 845 28.16 22.41 15.95
N ALA P 846 28.92 23.48 15.70
CA ALA P 846 28.83 24.22 14.47
C ALA P 846 29.14 23.34 13.25
N GLY P 847 30.05 22.38 13.39
CA GLY P 847 30.41 21.55 12.25
C GLY P 847 31.36 22.31 11.34
N LYS P 848 32.28 23.07 11.95
CA LYS P 848 33.23 23.87 11.20
C LYS P 848 34.11 23.06 10.26
N SER P 849 34.72 23.79 9.31
CA SER P 849 35.61 23.19 8.35
C SER P 849 36.79 22.61 9.05
N ALA P 850 37.42 21.64 8.42
CA ALA P 850 38.58 21.04 9.03
C ALA P 850 39.67 22.06 9.31
N THR P 851 39.91 22.96 8.38
CA THR P 851 40.98 23.92 8.60
C THR P 851 40.72 24.82 9.80
N GLU P 852 39.50 25.35 9.91
CA GLU P 852 39.26 26.30 10.99
C GLU P 852 39.26 25.64 12.36
N ILE P 853 38.55 24.52 12.52
CA ILE P 853 38.51 23.91 13.84
C ILE P 853 39.90 23.40 14.22
N LYS P 854 40.68 23.01 13.22
CA LYS P 854 42.01 22.56 13.43
C LYS P 854 42.88 23.72 13.85
N GLU P 855 42.74 24.87 13.18
CA GLU P 855 43.53 26.04 13.53
C GLU P 855 43.23 26.47 14.96
N ILE P 856 41.98 26.32 15.40
CA ILE P 856 41.68 26.68 16.77
C ILE P 856 42.54 25.81 17.68
N ALA P 857 42.58 24.51 17.41
CA ALA P 857 43.41 23.61 18.22
C ALA P 857 44.90 23.90 18.05
N ARG P 858 45.28 24.38 16.87
CA ARG P 858 46.67 24.64 16.55
C ARG P 858 47.27 25.63 17.53
N ARG P 859 46.51 26.65 17.87
CA ARG P 859 47.01 27.65 18.79
C ARG P 859 46.98 27.19 20.25
N LYS P 860 46.52 25.97 20.50
CA LYS P 860 46.49 25.34 21.81
C LYS P 860 47.76 24.50 21.98
N GLY P 861 48.58 24.42 20.94
CA GLY P 861 49.79 23.61 20.96
C GLY P 861 49.70 22.46 19.95
N MET P 862 48.57 22.34 19.25
CA MET P 862 48.46 21.27 18.29
C MET P 862 49.19 21.54 17.02
N LYS P 863 50.47 21.29 17.00
CA LYS P 863 51.19 21.53 15.77
C LYS P 863 50.33 20.84 14.72
N THR P 864 49.80 21.60 13.76
CA THR P 864 48.91 20.98 12.80
C THR P 864 49.73 19.99 12.02
N LEU P 865 49.11 19.07 11.28
CA LEU P 865 49.93 18.07 10.59
C LEU P 865 50.84 18.78 9.64
N ARG P 866 50.38 19.91 9.12
CA ARG P 866 51.13 20.72 8.21
C ARG P 866 52.28 21.37 8.94
N GLU P 867 52.08 21.83 10.17
CA GLU P 867 53.18 22.45 10.90
C GLU P 867 54.19 21.42 11.31
N ASP P 868 53.70 20.29 11.82
CA ASP P 868 54.52 19.21 12.31
C ASP P 868 55.26 18.51 11.20
N GLY P 869 54.53 18.09 10.17
CA GLY P 869 55.16 17.42 9.08
C GLY P 869 56.14 18.33 8.42
N LEU P 870 55.78 19.61 8.31
CA LEU P 870 56.67 20.56 7.67
C LEU P 870 57.87 20.72 8.53
N TYR P 871 57.69 20.84 9.84
CA TYR P 871 58.81 20.96 10.74
C TYR P 871 59.75 19.80 10.46
N LYS P 872 59.21 18.60 10.33
CA LYS P 872 60.03 17.43 10.03
C LYS P 872 60.70 17.57 8.64
N ALA P 873 60.02 18.14 7.65
CA ALA P 873 60.67 18.39 6.37
C ALA P 873 61.81 19.35 6.55
N LEU P 874 61.60 20.30 7.44
CA LEU P 874 62.49 21.39 7.73
C LEU P 874 63.69 20.99 8.57
N GLN P 875 63.75 19.71 8.96
CA GLN P 875 64.83 19.09 9.70
C GLN P 875 65.55 18.05 8.83
N GLY P 876 65.04 17.81 7.64
CA GLY P 876 65.58 16.80 6.74
C GLY P 876 65.00 15.42 6.95
N ILE P 877 64.00 15.29 7.81
CA ILE P 877 63.40 13.98 8.01
C ILE P 877 62.71 13.57 6.76
N THR P 878 61.99 14.51 6.21
CA THR P 878 61.23 14.35 5.00
C THR P 878 61.47 15.56 4.11
N THR P 879 60.62 15.74 3.13
CA THR P 879 60.78 16.86 2.21
C THR P 879 59.55 17.70 2.13
N LEU P 880 59.70 18.87 1.52
CA LEU P 880 58.55 19.72 1.32
C LEU P 880 57.42 18.99 0.65
N GLU P 881 57.75 18.33 -0.45
CA GLU P 881 56.75 17.68 -1.26
C GLU P 881 56.02 16.62 -0.47
N GLU P 882 56.74 15.86 0.36
CA GLU P 882 56.04 14.83 1.13
C GLU P 882 55.14 15.43 2.16
N VAL P 883 55.57 16.51 2.74
CA VAL P 883 54.71 17.12 3.70
C VAL P 883 53.49 17.65 3.05
N LEU P 884 53.67 18.33 1.94
CA LEU P 884 52.50 18.88 1.32
C LEU P 884 51.59 17.76 0.94
N ALA P 885 52.17 16.69 0.41
CA ALA P 885 51.44 15.52 -0.01
C ALA P 885 50.60 14.92 1.10
N ARG P 886 51.13 14.97 2.32
CA ARG P 886 50.46 14.40 3.46
C ARG P 886 49.69 15.40 4.30
N THR P 887 49.86 16.71 4.06
CA THR P 887 49.25 17.66 4.97
C THR P 887 48.42 18.81 4.39
N ILE P 888 48.59 19.14 3.09
CA ILE P 888 47.97 20.31 2.44
C ILE P 888 47.15 21.21 3.34
N SER Q 505 27.13 -22.90 44.02
CA SER Q 505 28.39 -22.90 43.30
C SER Q 505 29.34 -21.83 43.79
N ALA Q 506 30.62 -22.00 43.48
CA ALA Q 506 31.61 -21.00 43.86
C ALA Q 506 31.26 -19.68 43.21
N ALA Q 507 30.77 -19.74 41.97
CA ALA Q 507 30.37 -18.54 41.24
C ALA Q 507 29.25 -17.83 41.96
N GLN Q 508 28.31 -18.59 42.50
CA GLN Q 508 27.20 -17.95 43.20
C GLN Q 508 27.76 -17.23 44.42
N LYS Q 509 28.75 -17.86 45.06
CA LYS Q 509 29.38 -17.27 46.23
C LYS Q 509 30.24 -16.08 45.83
N PHE Q 510 30.93 -16.16 44.68
CA PHE Q 510 31.80 -15.08 44.25
C PHE Q 510 30.95 -13.83 44.03
N VAL Q 511 29.78 -14.03 43.44
CA VAL Q 511 28.89 -12.91 43.15
C VAL Q 511 28.28 -12.39 44.45
N LYS Q 512 27.81 -13.29 45.31
CA LYS Q 512 27.25 -12.89 46.60
C LYS Q 512 28.24 -11.96 47.33
N GLN Q 513 29.49 -12.39 47.39
CA GLN Q 513 30.53 -11.67 48.11
C GLN Q 513 30.81 -10.29 47.50
N VAL Q 514 30.86 -10.16 46.17
CA VAL Q 514 31.07 -8.81 45.63
C VAL Q 514 29.90 -7.93 45.85
N ILE Q 515 28.70 -8.48 45.89
CA ILE Q 515 27.55 -7.67 46.15
C ILE Q 515 27.51 -7.19 47.59
N ARG Q 516 27.75 -8.11 48.53
CA ARG Q 516 27.76 -7.72 49.91
C ARG Q 516 28.81 -6.62 50.12
N GLU Q 517 30.03 -6.85 49.60
CA GLU Q 517 31.11 -5.88 49.76
C GLU Q 517 30.90 -4.62 48.96
N ALA Q 518 30.29 -4.73 47.79
CA ALA Q 518 30.00 -3.58 46.98
C ALA Q 518 29.12 -2.66 47.80
N PHE Q 519 28.19 -3.21 48.54
CA PHE Q 519 27.38 -2.32 49.34
C PHE Q 519 28.20 -1.70 50.46
N LEU Q 520 28.88 -2.55 51.23
CA LEU Q 520 29.59 -2.13 52.44
C LEU Q 520 30.71 -1.12 52.21
N GLN Q 521 31.43 -1.27 51.11
CA GLN Q 521 32.52 -0.36 50.81
C GLN Q 521 32.05 0.84 49.99
N ASP Q 522 30.75 0.90 49.66
CA ASP Q 522 30.13 1.93 48.82
C ASP Q 522 30.54 1.91 47.35
N ALA Q 523 30.38 0.75 46.75
CA ALA Q 523 30.54 0.61 45.33
C ALA Q 523 29.28 1.06 44.68
N SER Q 524 29.42 1.57 43.49
CA SER Q 524 28.26 1.82 42.70
C SER Q 524 28.10 0.65 41.75
N ASP Q 525 29.23 0.00 41.46
CA ASP Q 525 29.24 -1.09 40.46
C ASP Q 525 30.23 -2.23 40.74
N ILE Q 526 29.87 -3.42 40.29
CA ILE Q 526 30.70 -4.62 40.35
C ILE Q 526 31.19 -4.99 38.95
N HIS Q 527 32.49 -5.08 38.74
CA HIS Q 527 33.03 -5.35 37.41
C HIS Q 527 33.58 -6.76 37.25
N ILE Q 528 33.01 -7.52 36.30
CA ILE Q 528 33.39 -8.91 36.07
C ILE Q 528 33.99 -9.05 34.67
N GLU Q 529 35.28 -9.38 34.56
CA GLU Q 529 35.83 -9.35 33.22
C GLU Q 529 36.65 -10.57 32.78
N PRO Q 530 36.48 -11.03 31.52
CA PRO Q 530 37.28 -12.04 30.89
C PRO Q 530 38.62 -11.50 30.57
N ARG Q 531 39.63 -12.31 30.79
CA ARG Q 531 40.96 -11.95 30.38
C ARG Q 531 41.48 -13.11 29.55
N GLN Q 532 42.70 -12.99 29.04
CA GLN Q 532 43.24 -14.05 28.20
C GLN Q 532 43.44 -15.42 28.89
N ASN Q 533 43.90 -15.43 30.15
CA ASN Q 533 44.15 -16.69 30.87
C ASN Q 533 43.42 -16.78 32.22
N ASP Q 534 42.85 -15.67 32.63
CA ASP Q 534 42.21 -15.56 33.93
C ASP Q 534 40.98 -14.68 33.87
N VAL Q 535 40.45 -14.39 35.05
CA VAL Q 535 39.26 -13.57 35.22
C VAL Q 535 39.52 -12.51 36.28
N GLN Q 536 39.22 -11.25 35.98
CA GLN Q 536 39.45 -10.25 37.02
C GLN Q 536 38.15 -9.68 37.52
N VAL Q 537 38.06 -9.58 38.84
CA VAL Q 537 36.91 -8.97 39.44
C VAL Q 537 37.35 -7.71 40.17
N ARG Q 538 36.71 -6.59 39.85
CA ARG Q 538 37.02 -5.29 40.44
C ARG Q 538 35.76 -4.61 40.93
N LEU Q 539 35.85 -3.77 41.94
CA LEU Q 539 34.65 -3.03 42.35
C LEU Q 539 34.81 -1.53 42.14
N ARG Q 540 33.79 -0.85 41.59
CA ARG Q 540 33.89 0.60 41.46
C ARG Q 540 33.45 1.19 42.73
N ILE Q 541 34.44 1.43 43.55
CA ILE Q 541 34.28 1.91 44.89
C ILE Q 541 34.93 3.22 45.05
N ASP Q 542 34.22 4.14 45.62
CA ASP Q 542 34.77 5.45 45.79
C ASP Q 542 35.22 6.03 44.46
N GLY Q 543 34.41 5.79 43.43
CA GLY Q 543 34.63 6.32 42.09
C GLY Q 543 35.68 5.63 41.23
N ALA Q 544 36.36 4.60 41.73
CA ALA Q 544 37.41 3.98 40.92
C ALA Q 544 37.45 2.49 41.16
N LEU Q 545 38.05 1.77 40.25
CA LEU Q 545 38.04 0.35 40.47
C LEU Q 545 39.10 -0.09 41.44
N ARG Q 546 38.76 -1.08 42.23
CA ARG Q 546 39.78 -1.72 43.02
C ARG Q 546 39.68 -3.19 42.76
N PRO Q 547 40.79 -3.91 42.75
CA PRO Q 547 40.80 -5.34 42.63
C PRO Q 547 40.03 -5.93 43.76
N TYR Q 548 39.27 -6.95 43.44
CA TYR Q 548 38.51 -7.67 44.41
C TYR Q 548 39.07 -9.08 44.46
N SER Q 549 39.15 -9.72 43.29
CA SER Q 549 39.66 -11.08 43.21
C SER Q 549 40.12 -11.48 41.81
N THR Q 550 40.89 -12.55 41.74
CA THR Q 550 41.29 -13.12 40.46
C THR Q 550 40.84 -14.56 40.43
N LEU Q 551 40.16 -14.94 39.37
CA LEU Q 551 39.65 -16.28 39.23
C LEU Q 551 40.35 -16.83 37.97
N PRO Q 552 40.47 -18.14 37.78
CA PRO Q 552 41.03 -18.77 36.59
C PRO Q 552 40.11 -18.71 35.38
N LYS Q 553 40.67 -18.81 34.17
CA LYS Q 553 39.88 -18.84 32.96
C LYS Q 553 38.72 -19.81 33.08
N GLY Q 554 37.52 -19.33 32.72
CA GLY Q 554 36.28 -20.11 32.75
C GLY Q 554 35.42 -19.79 33.97
N ALA Q 555 36.07 -19.37 35.06
CA ALA Q 555 35.35 -18.99 36.29
C ALA Q 555 34.43 -17.86 35.93
N LEU Q 556 34.91 -17.06 34.99
CA LEU Q 556 34.21 -15.94 34.47
C LEU Q 556 32.83 -16.25 34.05
N ASN Q 557 32.68 -17.22 33.16
CA ASN Q 557 31.38 -17.45 32.59
C ASN Q 557 30.45 -18.00 33.65
N ALA Q 558 30.99 -18.72 34.63
CA ALA Q 558 30.14 -19.18 35.71
C ALA Q 558 29.61 -17.96 36.47
N VAL Q 559 30.50 -16.99 36.69
CA VAL Q 559 30.16 -15.74 37.35
C VAL Q 559 29.22 -14.89 36.53
N ILE Q 560 29.48 -14.78 35.21
CA ILE Q 560 28.65 -14.01 34.32
C ILE Q 560 27.25 -14.58 34.32
N SER Q 561 27.15 -15.91 34.30
CA SER Q 561 25.84 -16.52 34.30
C SER Q 561 25.12 -16.12 35.58
N VAL Q 562 25.82 -16.16 36.72
CA VAL Q 562 25.20 -15.78 37.96
C VAL Q 562 24.79 -14.31 37.99
N VAL Q 563 25.64 -13.41 37.51
CA VAL Q 563 25.21 -12.03 37.52
C VAL Q 563 24.09 -11.81 36.51
N LYS Q 564 24.04 -12.57 35.41
CA LYS Q 564 22.92 -12.44 34.47
C LYS Q 564 21.65 -12.91 35.09
N ILE Q 565 21.72 -13.92 35.92
CA ILE Q 565 20.52 -14.35 36.60
C ILE Q 565 20.06 -13.17 37.45
N MET Q 566 21.00 -12.57 38.18
CA MET Q 566 20.72 -11.39 39.00
C MET Q 566 20.50 -10.15 38.13
N GLY Q 567 20.81 -10.23 36.88
CA GLY Q 567 20.57 -9.14 36.00
C GLY Q 567 19.26 -9.30 35.27
N GLY Q 568 18.61 -10.45 35.37
CA GLY Q 568 17.40 -10.63 34.58
C GLY Q 568 17.72 -10.79 33.09
N LEU Q 569 18.96 -11.17 32.77
CA LEU Q 569 19.43 -11.31 31.39
C LEU Q 569 19.28 -12.71 30.84
N ASN Q 570 19.44 -12.83 29.54
CA ASN Q 570 19.33 -14.13 28.91
C ASN Q 570 20.67 -14.83 28.88
N ILE Q 571 20.82 -15.93 29.63
CA ILE Q 571 22.12 -16.58 29.64
C ILE Q 571 22.13 -17.54 28.48
N ALA Q 572 22.32 -16.94 27.33
CA ALA Q 572 22.21 -17.56 26.03
C ALA Q 572 22.56 -16.56 24.95
N GLU Q 573 22.08 -15.31 25.13
CA GLU Q 573 22.27 -14.26 24.11
C GLU Q 573 23.67 -13.66 24.17
N LYS Q 574 24.65 -14.50 23.91
CA LYS Q 574 26.07 -14.23 24.04
C LYS Q 574 26.72 -13.59 22.85
N ARG Q 575 25.92 -13.02 21.93
CA ARG Q 575 26.46 -12.25 20.83
C ARG Q 575 25.97 -10.79 20.88
N LEU Q 576 24.86 -10.55 21.58
CA LEU Q 576 24.24 -9.23 21.55
C LEU Q 576 24.42 -8.50 22.88
N PRO Q 577 24.29 -7.16 22.92
CA PRO Q 577 24.29 -6.37 24.12
C PRO Q 577 23.05 -6.66 24.92
N GLN Q 578 23.19 -6.71 26.23
CA GLN Q 578 22.02 -6.95 27.07
C GLN Q 578 21.99 -6.15 28.35
N ASP Q 579 20.79 -5.97 28.88
CA ASP Q 579 20.65 -5.40 30.20
C ASP Q 579 19.39 -5.88 30.93
N GLY Q 580 19.29 -5.53 32.22
CA GLY Q 580 18.11 -5.85 33.03
C GLY Q 580 18.39 -5.71 34.54
N ARG Q 581 17.42 -6.10 35.39
CA ARG Q 581 17.64 -5.97 36.84
C ARG Q 581 16.90 -7.02 37.69
N VAL Q 582 17.26 -7.08 39.00
CA VAL Q 582 16.64 -8.02 39.95
C VAL Q 582 16.65 -7.45 41.36
N ARG Q 583 15.69 -7.81 42.17
CA ARG Q 583 15.75 -7.42 43.58
C ARG Q 583 16.86 -8.25 44.26
N TYR Q 584 17.74 -7.64 45.08
CA TYR Q 584 18.76 -8.45 45.78
C TYR Q 584 18.97 -8.09 47.25
N ARG Q 585 18.78 -9.07 48.13
CA ARG Q 585 18.93 -8.83 49.56
C ARG Q 585 19.78 -9.89 50.26
N GLU Q 586 20.67 -9.41 51.12
CA GLU Q 586 21.55 -10.23 51.96
C GLU Q 586 21.84 -9.58 53.32
N GLY Q 587 22.16 -8.28 53.30
CA GLY Q 587 22.56 -7.57 54.52
C GLY Q 587 24.08 -7.44 54.68
N ALA Q 588 24.63 -6.27 54.25
CA ALA Q 588 24.01 -4.98 54.48
C ALA Q 588 23.26 -4.57 53.23
N ILE Q 589 23.60 -5.27 52.15
CA ILE Q 589 23.03 -5.08 50.84
C ILE Q 589 21.55 -5.45 50.78
N ASP Q 590 20.78 -4.57 50.18
CA ASP Q 590 19.37 -4.67 49.85
C ASP Q 590 19.18 -3.67 48.74
N VAL Q 591 19.54 -4.12 47.55
CA VAL Q 591 19.70 -3.26 46.39
C VAL Q 591 19.10 -3.88 45.12
N ASP Q 592 18.39 -3.13 44.28
CA ASP Q 592 18.02 -3.83 43.06
C ASP Q 592 19.31 -3.89 42.28
N LEU Q 593 19.64 -4.98 41.66
CA LEU Q 593 20.89 -4.95 40.94
C LEU Q 593 20.59 -4.84 39.47
N ARG Q 594 21.43 -4.12 38.73
CA ARG Q 594 21.25 -3.97 37.29
C ARG Q 594 22.43 -4.48 36.53
N LEU Q 595 22.20 -5.41 35.62
CA LEU Q 595 23.34 -5.95 34.92
C LEU Q 595 23.42 -5.42 33.53
N SER Q 596 24.64 -5.13 33.15
CA SER Q 596 24.99 -4.70 31.83
C SER Q 596 26.01 -5.63 31.20
N THR Q 597 25.72 -6.26 30.05
CA THR Q 597 26.75 -7.16 29.52
C THR Q 597 27.00 -7.08 28.02
N LEU Q 598 28.15 -7.64 27.64
CA LEU Q 598 28.46 -7.87 26.24
C LEU Q 598 29.53 -8.97 26.18
N PRO Q 599 29.51 -9.87 25.20
CA PRO Q 599 30.51 -10.86 24.94
C PRO Q 599 31.81 -10.26 24.47
N THR Q 600 32.91 -10.95 24.74
CA THR Q 600 34.17 -10.48 24.24
C THR Q 600 34.92 -11.65 23.63
N VAL Q 601 36.02 -11.35 22.97
CA VAL Q 601 36.95 -12.31 22.40
C VAL Q 601 37.46 -13.31 23.45
N TYR Q 602 37.46 -12.91 24.72
CA TYR Q 602 38.00 -13.70 25.79
C TYR Q 602 36.98 -14.32 26.77
N GLY Q 603 35.68 -14.20 26.47
CA GLY Q 603 34.61 -14.68 27.36
C GLY Q 603 33.61 -13.55 27.56
N GLU Q 604 32.55 -13.75 28.34
CA GLU Q 604 31.62 -12.62 28.44
C GLU Q 604 31.97 -11.60 29.53
N LYS Q 605 31.75 -10.32 29.25
CA LYS Q 605 31.99 -9.28 30.24
C LYS Q 605 30.72 -8.68 30.81
N ALA Q 606 30.72 -8.42 32.12
CA ALA Q 606 29.56 -7.83 32.72
C ALA Q 606 29.87 -6.88 33.86
N VAL Q 607 28.99 -5.90 34.04
CA VAL Q 607 29.05 -5.02 35.19
C VAL Q 607 27.71 -5.00 35.91
N MET Q 608 27.73 -5.23 37.24
CA MET Q 608 26.51 -5.22 38.02
C MET Q 608 26.39 -3.96 38.87
N ARG Q 609 25.40 -3.15 38.58
CA ARG Q 609 25.18 -1.89 39.27
C ARG Q 609 24.30 -2.03 40.48
N LEU Q 610 24.65 -1.32 41.54
CA LEU Q 610 23.84 -1.34 42.73
C LEU Q 610 22.79 -0.24 42.69
N LEU Q 611 21.55 -0.62 42.39
CA LEU Q 611 20.48 0.34 42.27
C LEU Q 611 19.98 0.51 43.66
N LYS Q 612 20.66 1.38 44.38
CA LYS Q 612 20.40 1.52 45.81
C LYS Q 612 18.90 1.64 45.99
N LYS Q 613 18.39 1.06 47.06
CA LYS Q 613 16.96 1.03 47.34
C LYS Q 613 16.55 2.20 48.18
N ALA Q 614 15.26 2.40 48.33
CA ALA Q 614 14.79 3.49 49.15
C ALA Q 614 15.37 3.44 50.56
N SER Q 615 15.54 2.24 51.11
CA SER Q 615 16.08 2.08 52.47
C SER Q 615 17.56 2.49 52.60
N ASP Q 616 18.25 2.65 51.47
CA ASP Q 616 19.65 3.04 51.45
C ASP Q 616 19.78 4.55 51.35
N ILE Q 617 18.69 5.21 51.05
CA ILE Q 617 18.74 6.62 50.82
C ILE Q 617 18.87 7.36 52.14
N PRO Q 618 19.88 8.21 52.31
CA PRO Q 618 20.16 8.96 53.49
C PRO Q 618 19.09 9.99 53.74
N GLU Q 619 18.89 10.37 54.99
CA GLU Q 619 17.98 11.45 55.29
C GLU Q 619 18.62 12.64 54.66
N ILE Q 620 17.90 13.73 54.49
CA ILE Q 620 18.58 14.88 53.92
C ILE Q 620 19.75 15.31 54.83
N GLU Q 621 19.61 15.02 56.12
CA GLU Q 621 20.60 15.25 57.14
C GLU Q 621 21.87 14.46 56.88
N ASP Q 622 21.71 13.31 56.24
CA ASP Q 622 22.77 12.36 56.01
C ASP Q 622 23.34 12.47 54.58
N LEU Q 623 22.99 13.52 53.84
CA LEU Q 623 23.52 13.68 52.47
C LEU Q 623 24.95 14.22 52.40
N GLY Q 624 25.58 14.41 53.56
CA GLY Q 624 26.98 14.87 53.64
C GLY Q 624 27.12 16.38 53.70
N PHE Q 625 26.01 17.06 53.90
CA PHE Q 625 26.02 18.50 53.93
C PHE Q 625 26.79 19.04 55.13
N ALA Q 626 27.52 20.13 54.94
CA ALA Q 626 28.10 20.77 56.11
C ALA Q 626 26.90 21.25 56.87
N PRO Q 627 26.87 21.31 58.19
CA PRO Q 627 25.73 21.81 58.96
C PRO Q 627 25.14 23.10 58.38
N GLY Q 628 25.99 24.01 57.89
CA GLY Q 628 25.47 25.24 57.30
C GLY Q 628 24.69 24.97 56.01
N VAL Q 629 25.20 24.03 55.21
CA VAL Q 629 24.58 23.70 53.94
C VAL Q 629 23.32 22.99 54.24
N PHE Q 630 23.38 22.13 55.24
CA PHE Q 630 22.24 21.33 55.63
C PHE Q 630 21.08 22.19 56.04
N GLU Q 631 21.32 23.19 56.88
CA GLU Q 631 20.20 24.01 57.30
C GLU Q 631 19.61 24.73 56.10
N ARG Q 632 20.45 25.18 55.17
CA ARG Q 632 19.93 25.85 53.99
C ARG Q 632 19.19 24.85 53.09
N PHE Q 633 19.74 23.65 52.96
CA PHE Q 633 19.17 22.62 52.10
C PHE Q 633 17.81 22.29 52.60
N LYS Q 634 17.73 22.01 53.89
CA LYS Q 634 16.48 21.71 54.53
C LYS Q 634 15.50 22.82 54.28
N GLU Q 635 15.91 24.08 54.49
CA GLU Q 635 15.02 25.22 54.26
C GLU Q 635 14.55 25.27 52.81
N VAL Q 636 15.44 24.95 51.86
CA VAL Q 636 15.03 24.92 50.46
C VAL Q 636 13.95 23.88 50.21
N ILE Q 637 14.21 22.65 50.59
CA ILE Q 637 13.28 21.58 50.31
C ILE Q 637 12.04 21.60 51.18
N SER Q 638 12.09 22.38 52.26
CA SER Q 638 10.98 22.52 53.18
C SER Q 638 9.97 23.57 52.74
N LYS Q 639 10.20 24.24 51.61
CA LYS Q 639 9.21 25.24 51.26
C LYS Q 639 7.87 24.57 50.94
N PRO Q 640 6.72 25.24 51.17
CA PRO Q 640 5.37 24.80 50.87
C PRO Q 640 5.16 24.36 49.42
N TYR Q 641 6.05 24.78 48.53
CA TYR Q 641 5.95 24.45 47.14
C TYR Q 641 7.32 24.60 46.50
N GLY Q 642 7.49 24.08 45.30
CA GLY Q 642 8.68 24.47 44.57
C GLY Q 642 9.57 23.37 44.06
N ILE Q 643 10.51 23.79 43.22
CA ILE Q 643 11.44 22.88 42.57
C ILE Q 643 12.74 22.80 43.37
N PHE Q 644 13.17 21.56 43.60
CA PHE Q 644 14.37 21.23 44.32
C PHE Q 644 15.27 20.44 43.36
N LEU Q 645 16.16 21.14 42.66
CA LEU Q 645 16.97 20.50 41.62
C LEU Q 645 18.25 19.94 42.19
N ILE Q 646 18.69 18.82 41.63
CA ILE Q 646 19.94 18.16 41.97
C ILE Q 646 20.81 18.07 40.73
N THR Q 647 22.10 18.43 40.78
CA THR Q 647 22.84 18.35 39.52
C THR Q 647 24.31 17.87 39.52
N GLY Q 648 24.70 17.24 38.39
CA GLY Q 648 26.08 16.80 38.14
C GLY Q 648 26.24 15.58 37.17
N PRO Q 649 27.49 15.19 36.86
CA PRO Q 649 27.98 14.09 36.02
C PRO Q 649 27.98 12.74 36.73
N THR Q 650 28.37 11.67 36.00
CA THR Q 650 28.63 10.38 36.65
C THR Q 650 29.74 10.67 37.68
N GLY Q 651 29.69 10.04 38.85
CA GLY Q 651 30.68 10.32 39.89
C GLY Q 651 30.08 11.13 41.05
N SER Q 652 28.77 10.96 41.24
CA SER Q 652 28.05 11.64 42.30
C SER Q 652 26.96 10.78 42.98
N GLY Q 653 26.15 11.43 43.81
CA GLY Q 653 25.10 10.80 44.63
C GLY Q 653 23.81 11.57 44.44
N LYS Q 654 23.59 11.94 43.19
CA LYS Q 654 22.44 12.71 42.77
C LYS Q 654 21.14 11.98 43.04
N SER Q 655 21.16 10.65 42.86
CA SER Q 655 19.97 9.87 43.10
C SER Q 655 19.66 9.91 44.59
N PHE Q 656 20.68 9.84 45.43
CA PHE Q 656 20.40 9.91 46.84
C PHE Q 656 19.80 11.23 47.21
N THR Q 657 20.31 12.33 46.69
CA THR Q 657 19.68 13.59 47.06
C THR Q 657 18.25 13.66 46.56
N THR Q 658 18.07 13.27 45.29
CA THR Q 658 16.79 13.33 44.63
C THR Q 658 15.75 12.55 45.43
N PHE Q 659 16.07 11.32 45.75
CA PHE Q 659 15.12 10.49 46.43
C PHE Q 659 15.13 10.71 47.96
N SER Q 660 16.18 11.31 48.53
CA SER Q 660 16.25 11.66 49.96
C SER Q 660 15.20 12.69 50.27
N ILE Q 661 15.12 13.70 49.40
CA ILE Q 661 14.16 14.74 49.62
C ILE Q 661 12.79 14.09 49.60
N LEU Q 662 12.56 13.24 48.59
CA LEU Q 662 11.29 12.57 48.48
C LEU Q 662 10.94 11.71 49.69
N LYS Q 663 11.89 10.93 50.22
CA LYS Q 663 11.53 10.13 51.38
C LYS Q 663 11.05 10.99 52.52
N ARG Q 664 11.68 12.14 52.70
CA ARG Q 664 11.29 13.04 53.77
C ARG Q 664 9.87 13.56 53.62
N ILE Q 665 9.46 13.83 52.38
CA ILE Q 665 8.15 14.45 52.16
C ILE Q 665 7.04 13.50 51.63
N ALA Q 666 7.38 12.29 51.18
CA ALA Q 666 6.38 11.31 50.70
C ALA Q 666 5.70 10.61 51.87
N THR Q 667 4.98 11.38 52.64
CA THR Q 667 4.31 10.92 53.84
C THR Q 667 2.88 10.44 53.53
N PRO Q 668 2.19 9.78 54.47
CA PRO Q 668 0.80 9.36 54.36
C PRO Q 668 -0.17 10.51 54.08
N ASP Q 669 0.26 11.75 54.31
CA ASP Q 669 -0.57 12.93 54.08
C ASP Q 669 -0.22 13.61 52.75
N LYS Q 670 0.58 12.94 51.93
CA LYS Q 670 1.00 13.46 50.62
C LYS Q 670 0.78 12.41 49.51
N ASN Q 671 0.49 12.88 48.30
CA ASN Q 671 0.41 11.96 47.17
C ASN Q 671 1.75 12.02 46.46
N THR Q 672 2.23 10.92 45.93
CA THR Q 672 3.52 10.99 45.21
C THR Q 672 3.58 10.17 43.95
N GLN Q 673 4.14 10.75 42.89
CA GLN Q 673 4.29 10.00 41.66
C GLN Q 673 5.66 10.30 41.01
N THR Q 674 6.48 9.27 40.80
CA THR Q 674 7.82 9.49 40.24
C THR Q 674 7.96 8.89 38.83
N ILE Q 675 8.92 9.39 38.03
CA ILE Q 675 9.23 8.78 36.72
C ILE Q 675 10.59 8.12 36.71
N GLU Q 676 10.60 6.84 36.45
CA GLU Q 676 11.84 6.08 36.42
C GLU Q 676 11.87 5.18 35.18
N ASP Q 677 13.05 4.75 34.77
CA ASP Q 677 13.16 3.92 33.56
C ASP Q 677 14.36 2.96 33.61
N PRO Q 678 14.19 1.74 34.14
CA PRO Q 678 13.05 1.13 34.83
C PRO Q 678 12.91 1.66 36.24
N VAL Q 679 11.79 1.32 36.87
CA VAL Q 679 11.54 1.68 38.27
C VAL Q 679 12.42 0.92 39.25
N GLU Q 680 13.04 1.65 40.19
CA GLU Q 680 13.90 1.02 41.19
C GLU Q 680 13.74 1.57 42.62
N TYR Q 681 13.54 2.88 42.80
CA TYR Q 681 13.51 3.40 44.17
C TYR Q 681 12.17 3.29 44.85
N GLU Q 682 11.89 2.11 45.35
CA GLU Q 682 10.57 1.84 45.92
C GLU Q 682 10.39 2.43 47.30
N ILE Q 683 10.17 3.73 47.34
CA ILE Q 683 9.97 4.43 48.58
C ILE Q 683 8.58 4.12 49.13
N PRO Q 684 8.44 3.70 50.38
CA PRO Q 684 7.15 3.44 50.92
C PRO Q 684 6.53 4.81 50.93
N GLY Q 685 5.31 4.93 50.44
CA GLY Q 685 4.71 6.25 50.34
C GLY Q 685 4.67 6.79 48.90
N ILE Q 686 5.29 6.11 47.90
CA ILE Q 686 5.19 6.69 46.55
C ILE Q 686 4.68 5.74 45.49
N ASN Q 687 4.22 6.33 44.38
CA ASN Q 687 3.82 5.60 43.19
C ASN Q 687 4.95 5.75 42.18
N GLN Q 688 5.15 4.76 41.33
CA GLN Q 688 6.27 4.86 40.39
C GLN Q 688 5.95 4.47 38.96
N THR Q 689 6.06 5.42 38.04
CA THR Q 689 5.79 5.13 36.64
C THR Q 689 6.98 4.70 35.86
N GLN Q 690 6.83 3.55 35.22
CA GLN Q 690 7.86 3.05 34.36
C GLN Q 690 7.59 3.63 33.00
N VAL Q 691 8.58 4.28 32.46
CA VAL Q 691 8.45 4.89 31.17
C VAL Q 691 8.37 3.80 30.10
N ASN Q 692 7.44 3.95 29.17
CA ASN Q 692 7.23 3.05 28.06
C ASN Q 692 7.14 3.88 26.78
N PRO Q 693 8.26 4.50 26.38
CA PRO Q 693 8.36 5.48 25.33
C PRO Q 693 8.06 4.88 23.97
N GLN Q 694 8.12 3.54 23.88
CA GLN Q 694 7.83 2.84 22.66
C GLN Q 694 6.33 2.89 22.39
N ALA Q 695 5.54 2.89 23.47
CA ALA Q 695 4.09 2.97 23.37
C ALA Q 695 3.72 4.41 23.14
N GLY Q 696 4.57 5.29 23.70
CA GLY Q 696 4.39 6.72 23.70
C GLY Q 696 4.48 7.25 25.13
N LEU Q 697 4.66 6.37 26.10
CA LEU Q 697 4.78 6.79 27.48
C LEU Q 697 6.18 7.18 27.80
N THR Q 698 6.54 8.32 27.31
CA THR Q 698 7.85 8.91 27.48
C THR Q 698 7.89 9.51 28.86
N PHE Q 699 9.04 10.02 29.27
CA PHE Q 699 9.09 10.67 30.56
C PHE Q 699 8.12 11.83 30.55
N ALA Q 700 8.08 12.52 29.42
CA ALA Q 700 7.18 13.64 29.25
C ALA Q 700 5.74 13.23 29.35
N ARG Q 701 5.39 12.13 28.69
CA ARG Q 701 4.03 11.64 28.73
C ARG Q 701 3.71 11.23 30.14
N ALA Q 702 4.69 10.62 30.80
CA ALA Q 702 4.50 10.23 32.16
C ALA Q 702 4.24 11.48 32.98
N LEU Q 703 5.00 12.58 32.80
CA LEU Q 703 4.64 13.70 33.66
C LEU Q 703 3.36 14.39 33.26
N ARG Q 704 3.02 14.42 31.98
CA ARG Q 704 1.77 15.07 31.62
C ARG Q 704 0.69 14.39 32.42
N ALA Q 705 0.75 13.06 32.42
CA ALA Q 705 -0.17 12.25 33.18
C ALA Q 705 -0.03 12.51 34.67
N PHE Q 706 1.21 12.67 35.19
CA PHE Q 706 1.32 12.89 36.63
C PHE Q 706 0.53 14.13 37.00
N LEU Q 707 0.61 15.17 36.17
CA LEU Q 707 -0.11 16.40 36.47
C LEU Q 707 -1.60 16.08 36.53
N ARG Q 708 -2.10 15.31 35.55
CA ARG Q 708 -3.51 14.87 35.56
C ARG Q 708 -3.81 14.03 36.80
N GLN Q 709 -2.77 13.36 37.30
CA GLN Q 709 -2.84 12.51 38.47
C GLN Q 709 -2.60 13.28 39.77
N ASP Q 710 -2.45 14.59 39.68
CA ASP Q 710 -2.36 15.49 40.82
C ASP Q 710 -1.57 15.11 42.10
N PRO Q 711 -0.31 14.64 42.06
CA PRO Q 711 0.46 14.28 43.23
C PRO Q 711 0.92 15.52 44.00
N ASP Q 712 1.31 15.38 45.26
CA ASP Q 712 1.92 16.50 45.96
C ASP Q 712 3.37 16.58 45.59
N ILE Q 713 3.97 15.42 45.37
CA ILE Q 713 5.36 15.40 44.99
C ILE Q 713 5.56 14.74 43.63
N ILE Q 714 6.18 15.49 42.74
CA ILE Q 714 6.51 15.03 41.40
C ILE Q 714 7.97 14.79 41.31
N MET Q 715 8.31 13.62 40.83
CA MET Q 715 9.69 13.34 40.67
C MET Q 715 10.03 12.75 39.35
N VAL Q 716 11.14 13.18 38.85
CA VAL Q 716 11.68 12.60 37.67
C VAL Q 716 13.02 12.13 38.13
N GLY Q 717 13.37 10.87 37.90
CA GLY Q 717 14.69 10.45 38.36
C GLY Q 717 15.69 11.48 37.86
N GLU Q 718 15.70 11.67 36.54
CA GLU Q 718 16.56 12.63 35.85
C GLU Q 718 15.78 13.25 34.68
N ILE Q 719 15.83 14.57 34.56
CA ILE Q 719 15.05 15.15 33.47
C ILE Q 719 15.81 15.14 32.17
N ARG Q 720 15.44 14.18 31.35
CA ARG Q 720 16.07 13.97 30.06
C ARG Q 720 15.48 14.81 28.92
N ASP Q 721 14.36 15.50 29.14
CA ASP Q 721 13.78 16.25 28.03
C ASP Q 721 12.91 17.46 28.40
N SER Q 722 12.53 18.22 27.36
CA SER Q 722 11.76 19.47 27.46
C SER Q 722 10.36 19.36 28.01
N GLU Q 723 9.58 18.45 27.47
CA GLU Q 723 8.21 18.36 27.93
C GLU Q 723 8.21 17.91 29.40
N THR Q 724 9.14 17.03 29.77
CA THR Q 724 9.22 16.60 31.16
C THR Q 724 9.56 17.82 32.04
N ALA Q 725 10.54 18.62 31.61
CA ALA Q 725 10.94 19.79 32.39
C ALA Q 725 9.80 20.79 32.59
N LYS Q 726 8.99 20.99 31.55
CA LYS Q 726 7.89 21.94 31.62
C LYS Q 726 6.81 21.48 32.56
N ILE Q 727 6.44 20.21 32.52
CA ILE Q 727 5.40 19.81 33.45
C ILE Q 727 5.92 19.91 34.86
N ALA Q 728 7.16 19.48 35.06
CA ALA Q 728 7.72 19.50 36.38
C ALA Q 728 7.71 20.92 36.96
N THR Q 729 8.15 21.91 36.17
CA THR Q 729 8.16 23.28 36.68
C THR Q 729 6.80 23.92 36.82
N GLU Q 730 5.96 23.78 35.81
CA GLU Q 730 4.67 24.44 35.85
C GLU Q 730 3.88 23.88 37.01
N ALA Q 731 4.07 22.61 37.31
CA ALA Q 731 3.42 22.03 38.46
C ALA Q 731 3.99 22.63 39.76
N ALA Q 732 5.32 22.74 39.86
CA ALA Q 732 5.96 23.28 41.06
C ALA Q 732 5.46 24.67 41.38
N LEU Q 733 5.30 25.45 40.34
CA LEU Q 733 4.83 26.81 40.40
C LEU Q 733 3.55 27.02 41.16
N THR Q 734 2.65 26.06 41.09
CA THR Q 734 1.33 26.22 41.66
C THR Q 734 1.13 25.52 43.00
N GLY Q 735 2.18 24.86 43.54
CA GLY Q 735 2.00 24.14 44.79
C GLY Q 735 2.57 22.73 44.86
N HIS Q 736 3.09 22.20 43.77
CA HIS Q 736 3.67 20.86 43.86
C HIS Q 736 5.09 21.00 44.37
N LEU Q 737 5.61 19.97 45.02
CA LEU Q 737 7.03 19.93 45.36
C LEU Q 737 7.63 19.08 44.27
N VAL Q 738 8.63 19.61 43.59
CA VAL Q 738 9.17 18.90 42.44
C VAL Q 738 10.64 18.65 42.53
N ILE Q 739 11.01 17.38 42.45
CA ILE Q 739 12.40 16.98 42.64
C ILE Q 739 12.98 16.19 41.47
N ALA Q 740 14.15 16.60 40.98
CA ALA Q 740 14.76 15.82 39.89
C ALA Q 740 16.24 16.11 39.68
N THR Q 741 16.93 15.11 39.10
CA THR Q 741 18.31 15.22 38.69
C THR Q 741 18.57 15.82 37.29
N LEU Q 742 19.56 16.71 37.22
CA LEU Q 742 20.08 17.33 35.99
C LEU Q 742 21.59 17.09 35.82
N HIS Q 743 22.13 17.32 34.62
CA HIS Q 743 23.58 17.21 34.42
C HIS Q 743 24.26 18.52 34.00
N THR Q 744 24.87 19.20 34.96
CA THR Q 744 25.58 20.48 34.72
C THR Q 744 26.92 20.48 35.45
N ASN Q 745 27.68 21.56 35.31
CA ASN Q 745 28.92 21.75 36.06
C ASN Q 745 28.78 22.89 37.08
N ASP Q 746 27.53 23.21 37.45
CA ASP Q 746 27.22 24.29 38.41
C ASP Q 746 25.77 24.27 38.87
N ALA Q 747 25.55 24.79 40.06
CA ALA Q 747 24.20 24.92 40.56
C ALA Q 747 23.45 25.95 39.71
N ALA Q 748 24.14 27.04 39.39
CA ALA Q 748 23.55 28.11 38.59
C ALA Q 748 23.20 27.63 37.17
N GLN Q 749 24.03 26.72 36.65
CA GLN Q 749 23.80 26.16 35.33
C GLN Q 749 22.53 25.33 35.27
N ALA Q 750 22.03 24.86 36.41
CA ALA Q 750 20.81 24.09 36.45
C ALA Q 750 19.66 24.96 36.00
N ILE Q 751 19.74 26.25 36.31
CA ILE Q 751 18.72 27.19 35.92
C ILE Q 751 18.81 27.36 34.43
N THR Q 752 20.04 27.53 33.95
CA THR Q 752 20.22 27.68 32.52
C THR Q 752 19.66 26.46 31.81
N ARG Q 753 20.01 25.25 32.29
CA ARG Q 753 19.49 24.04 31.66
C ARG Q 753 17.96 24.01 31.70
N LEU Q 754 17.36 24.34 32.85
CA LEU Q 754 15.91 24.30 32.98
C LEU Q 754 15.28 25.22 31.92
N ASP Q 755 15.86 26.43 31.75
CA ASP Q 755 15.37 27.37 30.74
C ASP Q 755 15.56 26.77 29.34
N GLU Q 756 16.71 26.11 29.11
CA GLU Q 756 17.01 25.50 27.82
C GLU Q 756 16.03 24.38 27.50
N MET Q 757 15.53 23.71 28.54
CA MET Q 757 14.56 22.65 28.39
C MET Q 757 13.15 23.19 28.11
N GLY Q 758 12.99 24.49 27.90
CA GLY Q 758 11.71 25.04 27.51
C GLY Q 758 10.85 25.50 28.67
N VAL Q 759 11.44 25.59 29.83
CA VAL Q 759 10.66 26.02 30.95
C VAL Q 759 10.73 27.53 31.07
N GLU Q 760 9.60 28.18 31.16
CA GLU Q 760 9.60 29.63 31.19
C GLU Q 760 10.27 30.17 32.46
N PRO Q 761 11.20 31.16 32.36
CA PRO Q 761 11.90 31.86 33.44
C PRO Q 761 10.98 32.46 34.48
N PHE Q 762 9.78 32.76 34.07
CA PHE Q 762 8.86 33.38 34.98
C PHE Q 762 8.32 32.33 35.92
N ASN Q 763 7.94 31.20 35.33
CA ASN Q 763 7.42 30.10 36.11
C ASN Q 763 8.53 29.65 37.03
N ILE Q 764 9.76 29.64 36.51
CA ILE Q 764 10.92 29.20 37.26
C ILE Q 764 11.28 30.11 38.42
N SER Q 765 11.29 31.43 38.22
CA SER Q 765 11.67 32.28 39.33
C SER Q 765 10.73 32.14 40.52
N ALA Q 766 9.46 31.85 40.25
CA ALA Q 766 8.54 31.66 41.34
C ALA Q 766 8.63 30.22 41.86
N ALA Q 767 8.66 29.24 40.95
CA ALA Q 767 8.66 27.81 41.26
C ALA Q 767 9.93 27.28 41.88
N LEU Q 768 11.07 27.73 41.41
CA LEU Q 768 12.34 27.20 41.86
C LEU Q 768 12.76 27.77 43.19
N ILE Q 769 13.08 26.87 44.11
CA ILE Q 769 13.51 27.30 45.43
C ILE Q 769 15.04 27.22 45.49
N GLY Q 770 15.60 26.13 44.95
CA GLY Q 770 17.06 25.99 44.99
C GLY Q 770 17.62 24.80 44.22
N VAL Q 771 18.94 24.80 44.04
CA VAL Q 771 19.66 23.77 43.30
C VAL Q 771 20.84 23.19 44.06
N LEU Q 772 20.87 21.88 44.24
CA LEU Q 772 21.99 21.29 44.93
C LEU Q 772 22.96 20.64 43.96
N SER Q 773 24.08 21.30 43.76
CA SER Q 773 25.13 20.75 42.93
C SER Q 773 25.92 19.83 43.86
N GLN Q 774 26.16 18.60 43.42
CA GLN Q 774 26.83 17.64 44.30
C GLN Q 774 27.79 16.72 43.59
N ARG Q 775 28.92 16.45 44.22
CA ARG Q 775 29.88 15.46 43.74
C ARG Q 775 30.32 14.54 44.87
N LEU Q 776 30.66 13.31 44.52
CA LEU Q 776 31.19 12.42 45.54
C LEU Q 776 32.69 12.26 45.43
N VAL Q 777 33.33 12.49 46.56
CA VAL Q 777 34.77 12.49 46.74
C VAL Q 777 35.12 11.33 47.66
N ARG Q 778 36.21 10.64 47.35
CA ARG Q 778 36.57 9.44 48.07
C ARG Q 778 37.00 9.76 49.51
N ARG Q 779 36.40 9.13 50.51
CA ARG Q 779 36.78 9.36 51.92
C ARG Q 779 38.01 8.56 52.32
N VAL Q 780 38.99 9.20 52.98
CA VAL Q 780 40.20 8.44 53.33
C VAL Q 780 39.94 7.42 54.43
N CYS Q 781 40.39 6.19 54.19
CA CYS Q 781 40.21 5.09 55.14
C CYS Q 781 41.17 5.12 56.33
N GLU Q 782 40.61 5.01 57.54
CA GLU Q 782 41.35 5.14 58.81
C GLU Q 782 42.66 4.36 58.96
N HIS Q 783 42.71 3.10 58.58
CA HIS Q 783 43.96 2.36 58.84
C HIS Q 783 45.07 2.65 57.84
N CYS Q 784 44.83 3.61 56.98
CA CYS Q 784 45.81 4.04 56.02
C CYS Q 784 45.68 5.54 55.89
N LYS Q 785 45.12 6.17 56.92
CA LYS Q 785 44.88 7.59 56.91
C LYS Q 785 46.10 8.37 57.39
N VAL Q 786 46.90 8.89 56.46
CA VAL Q 786 48.12 9.57 56.88
C VAL Q 786 48.09 10.99 56.39
N GLU Q 787 48.64 11.93 57.15
CA GLU Q 787 48.59 13.30 56.67
C GLU Q 787 49.31 13.42 55.36
N VAL Q 788 48.79 14.25 54.46
CA VAL Q 788 49.41 14.40 53.16
C VAL Q 788 49.96 15.79 52.81
N LYS Q 789 49.29 16.89 53.18
CA LYS Q 789 49.77 18.24 52.81
C LYS Q 789 50.57 18.28 51.48
N PRO Q 790 49.86 17.97 50.37
CA PRO Q 790 50.37 17.43 49.11
C PRO Q 790 51.85 17.66 48.80
N ASP Q 791 52.10 18.63 47.94
CA ASP Q 791 53.41 18.84 47.38
C ASP Q 791 54.32 19.79 48.20
N PRO Q 792 53.80 20.78 48.98
CA PRO Q 792 52.46 21.31 49.34
C PRO Q 792 51.84 22.28 48.33
N GLU Q 793 52.40 22.28 47.12
CA GLU Q 793 51.97 23.16 46.05
C GLU Q 793 50.52 22.93 45.64
N THR Q 794 49.98 21.70 45.63
CA THR Q 794 48.57 21.66 45.27
C THR Q 794 47.72 22.52 46.24
N LEU Q 795 47.95 22.47 47.56
CA LEU Q 795 47.14 23.36 48.44
C LEU Q 795 47.40 24.83 48.16
N ARG Q 796 48.65 25.16 47.86
CA ARG Q 796 48.95 26.55 47.53
C ARG Q 796 48.16 26.99 46.30
N ARG Q 797 48.23 26.17 45.25
CA ARG Q 797 47.60 26.45 43.97
C ARG Q 797 46.07 26.46 44.07
N LEU Q 798 45.53 25.80 45.09
CA LEU Q 798 44.10 25.79 45.30
C LEU Q 798 43.62 26.92 46.23
N GLY Q 799 44.55 27.79 46.66
CA GLY Q 799 44.21 28.97 47.45
C GLY Q 799 44.19 28.93 48.98
N LEU Q 800 44.85 27.97 49.65
CA LEU Q 800 44.77 28.05 51.11
C LEU Q 800 45.72 29.03 51.80
N SER Q 801 45.27 29.55 52.95
CA SER Q 801 46.07 30.40 53.81
C SER Q 801 47.06 29.58 54.62
N GLU Q 802 48.03 30.23 55.25
CA GLU Q 802 48.97 29.49 56.07
C GLU Q 802 48.27 28.80 57.22
N ALA Q 803 47.28 29.45 57.82
CA ALA Q 803 46.59 28.82 58.92
C ALA Q 803 45.89 27.54 58.46
N GLU Q 804 45.28 27.61 57.28
CA GLU Q 804 44.58 26.44 56.73
C GLU Q 804 45.54 25.32 56.31
N ILE Q 805 46.71 25.68 55.77
CA ILE Q 805 47.69 24.67 55.37
C ILE Q 805 48.38 24.07 56.60
N GLN Q 806 48.83 24.91 57.52
CA GLN Q 806 49.50 24.45 58.72
C GLN Q 806 48.56 23.61 59.57
N GLY Q 807 47.30 24.03 59.63
CA GLY Q 807 46.25 23.36 60.35
C GLY Q 807 45.57 22.32 59.49
N ALA Q 808 46.08 22.10 58.28
CA ALA Q 808 45.45 21.14 57.42
C ALA Q 808 45.63 19.79 57.99
N ARG Q 809 44.61 18.99 57.91
CA ARG Q 809 44.74 17.62 58.29
C ARG Q 809 44.27 16.87 57.09
N LEU Q 810 44.83 17.21 55.95
CA LEU Q 810 44.46 16.51 54.75
C LEU Q 810 45.01 15.15 54.92
N TYR Q 811 44.32 14.14 54.45
CA TYR Q 811 44.87 12.81 54.53
C TYR Q 811 44.92 12.17 53.19
N LYS Q 812 45.77 11.18 53.06
CA LYS Q 812 45.83 10.40 51.86
C LYS Q 812 45.64 8.96 52.22
N GLY Q 813 44.87 8.26 51.41
CA GLY Q 813 44.66 6.86 51.69
C GLY Q 813 45.82 6.03 51.17
N MET Q 814 46.49 5.33 52.06
CA MET Q 814 47.65 4.53 51.68
C MET Q 814 47.38 3.06 51.34
N GLY Q 815 46.11 2.67 51.21
CA GLY Q 815 45.76 1.29 50.80
C GLY Q 815 45.59 0.16 51.84
N CYS Q 816 45.10 0.45 53.05
CA CYS Q 816 44.91 -0.61 54.05
C CYS Q 816 43.83 -1.62 53.71
N GLU Q 817 43.82 -2.70 54.46
CA GLU Q 817 42.87 -3.80 54.32
C GLU Q 817 41.39 -3.43 54.41
N ARG Q 818 41.07 -2.27 54.96
CA ARG Q 818 39.70 -1.84 55.11
C ARG Q 818 39.17 -1.10 53.87
N CYS Q 819 40.07 -0.81 52.94
CA CYS Q 819 39.78 -0.08 51.71
C CYS Q 819 40.47 -0.72 50.52
N GLY Q 820 41.25 -1.73 50.84
CA GLY Q 820 42.02 -2.41 49.85
C GLY Q 820 43.03 -1.43 49.33
N GLY Q 821 43.69 -1.78 48.24
CA GLY Q 821 44.77 -0.97 47.68
C GLY Q 821 44.29 0.28 46.93
N THR Q 822 43.44 1.07 47.57
CA THR Q 822 42.96 2.30 47.02
C THR Q 822 43.16 3.35 48.03
N GLY Q 823 43.03 2.96 49.28
CA GLY Q 823 43.11 3.91 50.36
C GLY Q 823 41.80 4.58 50.78
N TYR Q 824 40.70 4.30 50.07
CA TYR Q 824 39.46 5.00 50.39
C TYR Q 824 38.34 4.07 50.81
N LYS Q 825 37.56 4.54 51.77
CA LYS Q 825 36.50 3.73 52.29
C LYS Q 825 35.19 4.46 52.41
N GLY Q 826 34.49 4.48 51.29
CA GLY Q 826 33.21 5.11 51.14
C GLY Q 826 33.34 6.51 50.61
N ARG Q 827 32.32 6.96 49.91
CA ARG Q 827 32.31 8.30 49.38
C ARG Q 827 31.74 9.28 50.37
N TYR Q 828 32.05 10.54 50.21
CA TYR Q 828 31.35 11.52 51.01
C TYR Q 828 30.99 12.62 50.03
N ALA Q 829 30.02 13.43 50.36
CA ALA Q 829 29.64 14.46 49.42
C ALA Q 829 30.19 15.82 49.71
N ILE Q 830 30.38 16.54 48.62
CA ILE Q 830 30.72 17.93 48.66
C ILE Q 830 29.59 18.64 47.96
N HIS Q 831 29.27 19.84 48.45
CA HIS Q 831 28.12 20.55 47.92
C HIS Q 831 28.27 21.99 47.54
N GLU Q 832 27.42 22.38 46.61
CA GLU Q 832 27.24 23.72 46.12
C GLU Q 832 25.75 24.04 46.02
N LEU Q 833 25.20 24.65 47.07
CA LEU Q 833 23.75 24.88 47.10
C LEU Q 833 23.37 26.28 46.72
N LEU Q 834 22.59 26.37 45.67
CA LEU Q 834 22.10 27.64 45.17
C LEU Q 834 20.74 27.87 45.77
N VAL Q 835 20.58 28.97 46.45
CA VAL Q 835 19.28 29.27 47.03
C VAL Q 835 18.73 30.44 46.24
N VAL Q 836 17.54 30.30 45.71
CA VAL Q 836 17.04 31.35 44.85
C VAL Q 836 16.45 32.54 45.60
N ASP Q 837 17.37 33.45 45.91
CA ASP Q 837 17.12 34.73 46.59
C ASP Q 837 16.43 35.65 45.61
N ASP Q 838 15.92 36.79 46.08
CA ASP Q 838 15.24 37.73 45.18
C ASP Q 838 16.14 38.21 44.05
N GLU Q 839 17.43 38.32 44.29
CA GLU Q 839 18.37 38.75 43.25
C GLU Q 839 18.44 37.70 42.14
N ILE Q 840 18.24 36.43 42.51
CA ILE Q 840 18.31 35.35 41.56
C ILE Q 840 16.93 35.24 40.91
N ARG Q 841 15.84 35.41 41.67
CA ARG Q 841 14.52 35.34 41.04
C ARG Q 841 14.52 36.39 39.91
N HIS Q 842 15.09 37.56 40.20
CA HIS Q 842 15.29 38.61 39.22
C HIS Q 842 16.15 38.13 38.09
N ALA Q 843 17.31 37.55 38.41
CA ALA Q 843 18.22 37.08 37.38
C ALA Q 843 17.52 36.11 36.45
N ILE Q 844 16.67 35.27 36.99
CA ILE Q 844 15.99 34.32 36.15
C ILE Q 844 15.06 35.03 35.19
N VAL Q 845 14.19 35.90 35.69
CA VAL Q 845 13.24 36.57 34.80
C VAL Q 845 13.88 37.57 33.87
N ALA Q 846 15.03 38.08 34.30
CA ALA Q 846 15.81 39.02 33.55
C ALA Q 846 16.59 38.32 32.44
N GLY Q 847 16.61 36.99 32.44
CA GLY Q 847 17.33 36.22 31.44
C GLY Q 847 18.83 36.16 31.71
N LYS Q 848 19.26 36.33 32.96
CA LYS Q 848 20.67 36.32 33.29
C LYS Q 848 21.26 34.92 33.25
N SER Q 849 22.54 34.85 32.91
CA SER Q 849 23.28 33.61 32.78
C SER Q 849 23.60 32.91 34.07
N ALA Q 850 24.05 31.66 33.95
CA ALA Q 850 24.50 30.90 35.09
C ALA Q 850 25.62 31.63 35.80
N THR Q 851 26.50 32.28 35.05
CA THR Q 851 27.59 33.01 35.67
C THR Q 851 27.07 34.13 36.52
N GLU Q 852 26.12 34.89 35.97
CA GLU Q 852 25.58 36.00 36.73
C GLU Q 852 24.88 35.51 37.99
N ILE Q 853 24.14 34.42 37.85
CA ILE Q 853 23.45 33.83 38.98
C ILE Q 853 24.43 33.34 40.01
N LYS Q 854 25.47 32.67 39.55
CA LYS Q 854 26.53 32.17 40.39
C LYS Q 854 27.16 33.32 41.16
N GLU Q 855 27.47 34.43 40.47
CA GLU Q 855 28.08 35.58 41.14
C GLU Q 855 27.11 36.17 42.16
N ILE Q 856 25.82 36.19 41.84
CA ILE Q 856 24.86 36.67 42.82
C ILE Q 856 24.84 35.73 44.00
N ALA Q 857 24.78 34.45 43.71
CA ALA Q 857 24.72 33.45 44.74
C ALA Q 857 25.96 33.47 45.62
N ARG Q 858 27.13 33.65 45.03
CA ARG Q 858 28.40 33.72 45.77
C ARG Q 858 28.36 34.95 46.66
N ARG Q 859 27.93 36.07 46.09
CA ARG Q 859 27.79 37.33 46.81
C ARG Q 859 26.90 37.13 48.04
N LYS Q 860 25.87 36.30 47.87
CA LYS Q 860 24.92 35.96 48.93
C LYS Q 860 25.38 34.80 49.84
N GLY Q 861 26.59 34.29 49.65
CA GLY Q 861 27.14 33.22 50.49
C GLY Q 861 27.21 31.80 49.89
N MET Q 862 26.98 31.62 48.59
CA MET Q 862 27.10 30.27 48.02
C MET Q 862 28.57 29.85 47.91
N LYS Q 863 28.85 28.69 48.49
CA LYS Q 863 30.16 28.04 48.51
C LYS Q 863 30.27 27.06 47.35
N THR Q 864 31.40 27.05 46.65
CA THR Q 864 31.58 26.13 45.52
C THR Q 864 31.91 24.70 45.92
N LEU Q 865 31.83 23.79 44.96
CA LEU Q 865 32.18 22.40 45.23
C LEU Q 865 33.64 22.30 45.62
N ARG Q 866 34.50 23.04 44.94
CA ARG Q 866 35.91 22.99 45.27
C ARG Q 866 36.15 23.51 46.67
N GLU Q 867 35.53 24.64 47.04
CA GLU Q 867 35.73 25.19 48.38
C GLU Q 867 35.22 24.26 49.47
N ASP Q 868 34.10 23.59 49.23
CA ASP Q 868 33.55 22.69 50.22
C ASP Q 868 34.42 21.47 50.36
N GLY Q 869 34.74 20.84 49.24
CA GLY Q 869 35.55 19.66 49.28
C GLY Q 869 36.91 19.95 49.87
N LEU Q 870 37.49 21.11 49.54
CA LEU Q 870 38.79 21.49 50.04
C LEU Q 870 38.73 21.56 51.53
N TYR Q 871 37.73 22.26 52.05
CA TYR Q 871 37.60 22.34 53.48
C TYR Q 871 37.45 20.94 54.07
N LYS Q 872 36.58 20.11 53.50
CA LYS Q 872 36.39 18.76 54.03
C LYS Q 872 37.70 17.95 53.96
N ALA Q 873 38.53 18.22 52.96
CA ALA Q 873 39.80 17.54 52.95
C ALA Q 873 40.59 18.04 54.15
N LEU Q 874 40.53 19.35 54.41
CA LEU Q 874 41.28 19.95 55.52
C LEU Q 874 40.78 19.44 56.85
N GLN Q 875 39.48 19.10 56.91
CA GLN Q 875 38.81 18.59 58.12
C GLN Q 875 39.20 17.16 58.45
N GLY Q 876 39.94 16.51 57.56
CA GLY Q 876 40.36 15.15 57.78
C GLY Q 876 39.43 14.11 57.21
N ILE Q 877 38.53 14.54 56.34
CA ILE Q 877 37.59 13.63 55.71
C ILE Q 877 38.26 12.97 54.52
N THR Q 878 38.90 13.79 53.71
CA THR Q 878 39.46 13.27 52.48
C THR Q 878 40.86 13.79 52.10
N THR Q 879 41.21 13.55 50.84
CA THR Q 879 42.45 13.87 50.20
C THR Q 879 42.18 15.01 49.25
N LEU Q 880 43.01 16.02 49.31
CA LEU Q 880 42.91 17.19 48.45
C LEU Q 880 42.80 16.86 46.98
N GLU Q 881 43.56 15.86 46.59
CA GLU Q 881 43.69 15.41 45.23
C GLU Q 881 42.35 14.92 44.69
N GLU Q 882 41.55 14.28 45.55
CA GLU Q 882 40.29 13.73 45.11
C GLU Q 882 39.30 14.86 45.01
N VAL Q 883 39.44 15.83 45.89
CA VAL Q 883 38.56 16.98 45.82
C VAL Q 883 38.81 17.72 44.53
N LEU Q 884 40.06 17.97 44.21
CA LEU Q 884 40.33 18.70 42.99
C LEU Q 884 39.76 17.94 41.80
N ALA Q 885 39.99 16.62 41.76
CA ALA Q 885 39.49 15.79 40.66
C ALA Q 885 37.97 15.88 40.49
N ARG Q 886 37.25 16.06 41.59
CA ARG Q 886 35.79 16.14 41.56
C ARG Q 886 35.22 17.53 41.53
N THR Q 887 36.04 18.56 41.46
CA THR Q 887 35.47 19.88 41.64
C THR Q 887 35.73 20.96 40.63
N ILE Q 888 35.08 22.06 40.93
CA ILE Q 888 35.09 23.28 40.17
C ILE Q 888 34.87 24.42 41.15
N SER R 505 -17.48 36.42 -41.45
CA SER R 505 -18.47 37.08 -40.60
C SER R 505 -17.85 38.36 -40.09
N ALA R 506 -18.64 39.26 -39.54
CA ALA R 506 -18.03 40.48 -39.04
C ALA R 506 -16.99 40.16 -37.99
N ALA R 507 -17.26 39.18 -37.12
CA ALA R 507 -16.30 38.80 -36.10
C ALA R 507 -15.05 38.21 -36.72
N GLN R 508 -15.23 37.36 -37.73
CA GLN R 508 -14.06 36.75 -38.36
C GLN R 508 -13.22 37.75 -39.10
N LYS R 509 -13.88 38.69 -39.77
CA LYS R 509 -13.13 39.69 -40.50
C LYS R 509 -12.46 40.60 -39.52
N PHE R 510 -13.19 40.92 -38.45
CA PHE R 510 -12.66 41.78 -37.41
C PHE R 510 -11.37 41.21 -36.89
N VAL R 511 -11.40 39.92 -36.55
CA VAL R 511 -10.22 39.26 -36.03
C VAL R 511 -9.08 39.25 -37.05
N LYS R 512 -9.35 38.88 -38.29
CA LYS R 512 -8.24 38.85 -39.24
C LYS R 512 -7.63 40.25 -39.45
N GLN R 513 -8.48 41.28 -39.48
CA GLN R 513 -8.06 42.66 -39.68
C GLN R 513 -7.30 43.24 -38.50
N VAL R 514 -7.76 42.96 -37.27
CA VAL R 514 -7.07 43.49 -36.09
C VAL R 514 -5.74 42.83 -35.96
N ILE R 515 -5.67 41.58 -36.35
CA ILE R 515 -4.43 40.87 -36.34
C ILE R 515 -3.49 41.44 -37.36
N ARG R 516 -3.98 41.69 -38.56
CA ARG R 516 -3.14 42.34 -39.53
C ARG R 516 -2.61 43.65 -39.01
N GLU R 517 -3.46 44.54 -38.52
CA GLU R 517 -2.92 45.80 -38.00
C GLU R 517 -1.94 45.55 -36.88
N ALA R 518 -2.27 44.63 -35.99
CA ALA R 518 -1.41 44.35 -34.86
C ALA R 518 -0.04 43.87 -35.33
N PHE R 519 0.04 43.02 -36.33
CA PHE R 519 1.37 42.61 -36.74
C PHE R 519 2.08 43.64 -37.59
N LEU R 520 1.32 44.31 -38.43
CA LEU R 520 1.85 45.27 -39.36
C LEU R 520 2.39 46.50 -38.64
N GLN R 521 1.66 46.96 -37.63
CA GLN R 521 2.06 48.14 -36.89
C GLN R 521 2.88 47.79 -35.65
N ASP R 522 3.13 46.49 -35.46
CA ASP R 522 3.95 45.92 -34.37
C ASP R 522 3.42 45.96 -32.93
N ALA R 523 2.22 45.40 -32.71
CA ALA R 523 1.70 45.19 -31.39
C ALA R 523 2.45 44.06 -30.77
N SER R 524 2.52 44.04 -29.46
CA SER R 524 3.01 42.82 -28.88
C SER R 524 1.81 41.91 -28.64
N ASP R 525 0.63 42.52 -28.43
CA ASP R 525 -0.60 41.81 -28.07
C ASP R 525 -1.90 42.48 -28.58
N ILE R 526 -2.92 41.66 -28.83
CA ILE R 526 -4.27 42.12 -29.23
C ILE R 526 -5.27 41.97 -28.10
N HIS R 527 -5.89 43.07 -27.66
CA HIS R 527 -6.79 43.02 -26.51
C HIS R 527 -8.26 43.26 -26.81
N ILE R 528 -9.10 42.23 -26.62
CA ILE R 528 -10.53 42.29 -26.90
C ILE R 528 -11.28 42.21 -25.58
N GLU R 529 -11.95 43.30 -25.15
CA GLU R 529 -12.44 43.28 -23.79
C GLU R 529 -13.96 43.51 -23.58
N PRO R 530 -14.56 42.83 -22.57
CA PRO R 530 -15.95 42.95 -22.14
C PRO R 530 -16.39 44.34 -21.79
N ARG R 531 -17.42 44.77 -22.49
CA ARG R 531 -18.01 46.08 -22.31
C ARG R 531 -19.50 45.98 -22.62
N GLN R 532 -20.30 46.80 -21.98
CA GLN R 532 -21.73 46.71 -22.23
C GLN R 532 -22.17 47.49 -23.46
N ASN R 533 -21.98 46.89 -24.64
CA ASN R 533 -22.36 47.50 -25.92
C ASN R 533 -21.72 48.88 -26.18
N ASP R 534 -20.38 48.91 -26.25
CA ASP R 534 -19.64 48.01 -27.13
C ASP R 534 -18.30 47.55 -26.60
N VAL R 535 -17.82 46.43 -27.17
CA VAL R 535 -16.59 45.71 -26.86
C VAL R 535 -15.42 46.52 -27.20
N GLN R 536 -14.48 46.66 -26.28
CA GLN R 536 -13.35 47.50 -26.58
C GLN R 536 -12.20 46.73 -27.11
N VAL R 537 -11.68 47.16 -28.25
CA VAL R 537 -10.53 46.48 -28.78
C VAL R 537 -9.37 47.45 -28.86
N ARG R 538 -8.26 47.04 -28.27
CA ARG R 538 -7.05 47.83 -28.23
C ARG R 538 -5.88 46.99 -28.69
N LEU R 539 -4.90 47.63 -29.27
CA LEU R 539 -3.70 46.92 -29.67
C LEU R 539 -2.51 47.41 -28.91
N ARG R 540 -1.67 46.51 -28.40
CA ARG R 540 -0.53 46.97 -27.61
C ARG R 540 0.62 47.34 -28.52
N ILE R 541 0.37 48.34 -29.34
CA ILE R 541 1.30 48.76 -30.35
C ILE R 541 2.27 49.68 -29.72
N ASP R 542 3.50 49.24 -29.84
CA ASP R 542 4.60 49.93 -29.27
C ASP R 542 4.47 49.99 -27.74
N GLY R 543 3.77 49.02 -27.15
CA GLY R 543 3.63 48.93 -25.71
C GLY R 543 2.37 49.61 -25.16
N ALA R 544 1.73 50.48 -25.94
CA ALA R 544 0.55 51.21 -25.47
C ALA R 544 -0.73 50.54 -25.94
N LEU R 545 -1.77 50.47 -25.10
CA LEU R 545 -3.00 49.88 -25.64
C LEU R 545 -3.77 50.87 -26.47
N ARG R 546 -3.30 51.02 -27.70
CA ARG R 546 -3.83 52.00 -28.61
C ARG R 546 -5.23 51.58 -28.92
N PRO R 547 -6.17 52.49 -29.05
CA PRO R 547 -7.52 52.13 -29.41
C PRO R 547 -7.48 51.58 -30.81
N TYR R 548 -8.26 50.55 -31.06
CA TYR R 548 -8.39 50.00 -32.39
C TYR R 548 -9.80 50.17 -32.91
N SER R 549 -10.76 49.54 -32.22
CA SER R 549 -12.16 49.56 -32.65
C SER R 549 -13.09 49.00 -31.59
N THR R 550 -14.38 48.94 -31.93
CA THR R 550 -15.34 48.33 -31.03
C THR R 550 -16.36 47.43 -31.72
N LEU R 551 -16.97 46.53 -30.94
CA LEU R 551 -18.05 45.65 -31.46
C LEU R 551 -19.28 45.60 -30.51
N PRO R 552 -20.49 45.22 -30.92
CA PRO R 552 -21.64 45.05 -30.03
C PRO R 552 -21.29 44.05 -28.93
N LYS R 553 -21.92 44.11 -27.75
CA LYS R 553 -21.56 43.19 -26.65
C LYS R 553 -21.61 41.72 -27.08
N GLY R 554 -22.54 41.36 -27.96
CA GLY R 554 -22.70 39.98 -28.42
C GLY R 554 -21.45 39.48 -29.16
N ALA R 555 -20.60 40.42 -29.56
CA ALA R 555 -19.37 40.13 -30.22
C ALA R 555 -18.37 39.55 -29.26
N LEU R 556 -18.59 39.69 -27.97
CA LEU R 556 -17.62 39.08 -27.07
C LEU R 556 -17.66 37.61 -27.35
N ASN R 557 -18.85 37.07 -27.51
CA ASN R 557 -18.93 35.67 -27.78
C ASN R 557 -18.54 35.37 -29.21
N ALA R 558 -18.99 36.16 -30.18
CA ALA R 558 -18.63 35.83 -31.58
C ALA R 558 -17.13 35.93 -31.84
N VAL R 559 -16.50 36.99 -31.35
CA VAL R 559 -15.09 37.24 -31.55
C VAL R 559 -14.26 36.31 -30.72
N ILE R 560 -14.63 36.08 -29.47
CA ILE R 560 -13.87 35.18 -28.65
C ILE R 560 -14.03 33.77 -29.17
N SER R 561 -15.24 33.41 -29.63
CA SER R 561 -15.43 32.10 -30.22
C SER R 561 -14.45 31.98 -31.36
N VAL R 562 -14.24 33.06 -32.15
CA VAL R 562 -13.22 32.99 -33.20
C VAL R 562 -11.82 32.80 -32.57
N VAL R 563 -11.50 33.52 -31.50
CA VAL R 563 -10.18 33.34 -30.89
C VAL R 563 -9.99 31.88 -30.46
N LYS R 564 -10.99 31.31 -29.82
CA LYS R 564 -10.92 29.94 -29.36
C LYS R 564 -10.98 28.89 -30.46
N ILE R 565 -11.85 29.07 -31.44
CA ILE R 565 -12.03 28.04 -32.46
C ILE R 565 -10.77 27.95 -33.26
N MET R 566 -10.08 29.08 -33.41
CA MET R 566 -8.85 29.10 -34.15
C MET R 566 -7.76 28.54 -33.25
N GLY R 567 -7.73 28.97 -31.98
CA GLY R 567 -6.70 28.55 -31.03
C GLY R 567 -6.68 27.06 -30.79
N GLY R 568 -7.85 26.44 -30.91
CA GLY R 568 -8.03 25.02 -30.67
C GLY R 568 -8.52 24.84 -29.24
N LEU R 569 -9.18 25.87 -28.74
CA LEU R 569 -9.69 25.92 -27.39
C LEU R 569 -11.18 25.61 -27.39
N ASN R 570 -11.72 25.12 -26.29
CA ASN R 570 -13.13 24.83 -26.22
C ASN R 570 -13.96 26.10 -26.14
N ILE R 571 -14.88 26.29 -27.10
CA ILE R 571 -15.71 27.50 -27.15
C ILE R 571 -16.69 27.63 -25.99
N ALA R 572 -17.35 26.52 -25.68
CA ALA R 572 -18.34 26.49 -24.61
C ALA R 572 -17.71 26.79 -23.27
N GLU R 573 -16.50 26.29 -23.02
CA GLU R 573 -15.85 26.54 -21.75
C GLU R 573 -15.57 28.01 -21.55
N LYS R 574 -16.19 28.57 -20.52
CA LYS R 574 -16.08 29.98 -20.17
C LYS R 574 -15.77 30.16 -18.68
N ARG R 575 -15.44 29.07 -17.98
CA ARG R 575 -15.15 29.13 -16.55
C ARG R 575 -13.68 28.90 -16.29
N LEU R 576 -13.07 28.04 -17.08
CA LEU R 576 -11.66 27.78 -16.91
C LEU R 576 -10.91 28.36 -18.11
N PRO R 577 -9.69 28.87 -17.94
CA PRO R 577 -8.85 29.42 -19.01
C PRO R 577 -8.26 28.43 -19.96
N GLN R 578 -8.01 28.95 -21.16
CA GLN R 578 -7.42 28.17 -22.24
C GLN R 578 -6.34 28.96 -22.99
N ASP R 579 -5.38 28.25 -23.64
CA ASP R 579 -4.23 28.87 -24.35
C ASP R 579 -3.81 28.08 -25.63
N GLY R 580 -4.11 28.61 -26.83
CA GLY R 580 -3.86 27.93 -28.12
C GLY R 580 -2.84 28.61 -29.05
N ARG R 581 -2.81 28.18 -30.32
CA ARG R 581 -1.85 28.72 -31.33
C ARG R 581 -2.39 28.73 -32.76
N VAL R 582 -2.39 29.91 -33.38
CA VAL R 582 -2.94 30.10 -34.73
C VAL R 582 -2.12 30.90 -35.71
N ARG R 583 -2.05 30.39 -36.93
CA ARG R 583 -1.37 31.04 -38.05
C ARG R 583 -2.39 32.02 -38.68
N TYR R 584 -2.34 33.34 -38.39
CA TYR R 584 -3.39 34.25 -38.89
C TYR R 584 -2.98 35.17 -40.01
N ARG R 585 -3.94 35.53 -40.88
CA ARG R 585 -3.59 36.41 -41.97
C ARG R 585 -4.68 37.34 -42.51
N GLU R 586 -4.22 38.44 -43.09
CA GLU R 586 -4.97 39.46 -43.84
C GLU R 586 -3.96 40.46 -44.40
N GLY R 587 -4.27 41.05 -45.54
CA GLY R 587 -3.41 42.08 -46.10
C GLY R 587 -1.98 41.56 -46.29
N ALA R 588 -1.03 42.29 -45.72
CA ALA R 588 0.41 41.98 -45.79
C ALA R 588 0.87 40.98 -44.73
N ILE R 589 -0.04 40.56 -43.88
CA ILE R 589 0.24 39.71 -42.74
C ILE R 589 -0.19 38.27 -42.80
N ASP R 590 0.71 37.38 -42.38
CA ASP R 590 0.47 35.96 -42.18
C ASP R 590 1.33 35.49 -41.03
N VAL R 591 0.87 35.78 -39.80
CA VAL R 591 1.74 35.60 -38.64
C VAL R 591 1.05 34.91 -37.44
N ASP R 592 1.76 34.01 -36.74
CA ASP R 592 1.24 33.28 -35.58
C ASP R 592 0.83 34.07 -34.35
N LEU R 593 -0.22 33.63 -33.66
CA LEU R 593 -0.59 34.18 -32.35
C LEU R 593 -0.73 33.13 -31.24
N ARG R 594 -0.48 33.54 -29.98
CA ARG R 594 -0.92 32.68 -28.86
C ARG R 594 -2.32 33.13 -28.62
N LEU R 595 -3.22 32.20 -28.35
CA LEU R 595 -4.60 32.63 -28.16
C LEU R 595 -5.11 32.27 -26.82
N SER R 596 -5.58 33.23 -26.07
CA SER R 596 -6.05 32.85 -24.77
C SER R 596 -7.22 33.62 -24.30
N THR R 597 -8.03 32.94 -23.52
CA THR R 597 -9.17 33.64 -23.00
C THR R 597 -9.26 33.45 -21.51
N LEU R 598 -9.91 34.43 -20.92
CA LEU R 598 -10.16 34.53 -19.52
C LEU R 598 -11.61 34.43 -19.09
N PRO R 599 -11.97 33.54 -18.15
CA PRO R 599 -13.31 33.45 -17.61
C PRO R 599 -13.59 34.73 -16.92
N THR R 600 -14.72 35.34 -17.22
CA THR R 600 -15.05 36.65 -16.72
C THR R 600 -16.51 36.82 -16.30
N VAL R 601 -16.75 37.47 -15.16
CA VAL R 601 -18.09 37.72 -14.60
C VAL R 601 -18.96 38.56 -15.54
N TYR R 602 -18.29 39.34 -16.40
CA TYR R 602 -18.92 40.22 -17.38
C TYR R 602 -18.91 39.66 -18.82
N GLY R 603 -18.58 38.38 -18.99
CA GLY R 603 -18.46 37.75 -20.30
C GLY R 603 -16.98 37.66 -20.60
N GLU R 604 -16.53 36.60 -21.27
CA GLU R 604 -15.09 36.40 -21.45
C GLU R 604 -14.31 37.50 -22.12
N LYS R 605 -13.05 37.55 -21.75
CA LYS R 605 -12.05 38.44 -22.34
C LYS R 605 -11.05 37.64 -23.12
N ALA R 606 -10.57 38.17 -24.24
CA ALA R 606 -9.56 37.42 -24.96
C ALA R 606 -8.45 38.29 -25.46
N VAL R 607 -7.27 37.72 -25.38
CA VAL R 607 -6.09 38.40 -25.81
C VAL R 607 -5.24 37.49 -26.66
N MET R 608 -4.70 38.02 -27.75
CA MET R 608 -3.83 37.19 -28.57
C MET R 608 -2.41 37.79 -28.65
N ARG R 609 -1.39 36.95 -28.45
CA ARG R 609 0.00 37.45 -28.40
C ARG R 609 0.74 37.30 -29.72
N LEU R 610 1.37 38.39 -30.14
CA LEU R 610 2.04 38.47 -31.44
C LEU R 610 3.36 37.75 -31.59
N LEU R 611 3.23 36.45 -31.73
CA LEU R 611 4.33 35.54 -31.93
C LEU R 611 4.75 35.80 -33.35
N LYS R 612 5.98 35.56 -33.73
CA LYS R 612 6.26 35.76 -35.11
C LYS R 612 6.37 34.38 -35.82
N LYS R 613 6.24 34.32 -37.14
CA LYS R 613 6.43 33.06 -37.88
C LYS R 613 7.91 32.80 -38.11
N ALA R 614 8.26 31.56 -38.39
CA ALA R 614 9.66 31.31 -38.75
C ALA R 614 10.06 32.18 -39.96
N SER R 615 9.14 32.39 -40.88
CA SER R 615 9.39 33.19 -42.08
C SER R 615 9.51 34.70 -41.80
N ASP R 616 9.15 35.13 -40.59
CA ASP R 616 9.21 36.54 -40.22
C ASP R 616 10.50 36.84 -39.49
N ILE R 617 11.33 35.84 -39.28
CA ILE R 617 12.52 36.08 -38.53
C ILE R 617 13.41 37.05 -39.31
N PRO R 618 13.82 38.19 -38.70
CA PRO R 618 14.60 39.24 -39.27
C PRO R 618 16.02 38.83 -39.46
N GLU R 619 16.68 39.46 -40.41
CA GLU R 619 18.11 39.30 -40.54
C GLU R 619 18.65 39.98 -39.33
N ILE R 620 19.87 39.70 -38.95
CA ILE R 620 20.41 40.43 -37.82
C ILE R 620 20.46 41.95 -38.10
N GLU R 621 20.48 42.29 -39.38
CA GLU R 621 20.49 43.64 -39.92
C GLU R 621 19.15 44.32 -39.69
N ASP R 622 18.11 43.51 -39.48
CA ASP R 622 16.76 43.99 -39.32
C ASP R 622 16.35 44.07 -37.83
N LEU R 623 17.31 43.85 -36.93
CA LEU R 623 17.02 43.90 -35.49
C LEU R 623 17.08 45.28 -34.84
N GLY R 624 17.36 46.34 -35.60
CA GLY R 624 17.37 47.70 -35.04
C GLY R 624 18.73 48.21 -34.55
N PHE R 625 19.80 47.53 -34.91
CA PHE R 625 21.13 47.95 -34.48
C PHE R 625 21.65 49.10 -35.35
N ALA R 626 22.28 50.10 -34.73
CA ALA R 626 22.90 51.16 -35.51
C ALA R 626 24.09 50.51 -36.18
N PRO R 627 24.55 50.92 -37.37
CA PRO R 627 25.67 50.33 -38.09
C PRO R 627 26.90 49.97 -37.23
N GLY R 628 27.21 50.80 -36.24
CA GLY R 628 28.37 50.54 -35.37
C GLY R 628 28.15 49.27 -34.55
N VAL R 629 27.19 49.34 -33.64
CA VAL R 629 26.83 48.21 -32.79
C VAL R 629 26.39 47.02 -33.63
N PHE R 630 25.82 47.29 -34.80
CA PHE R 630 25.42 46.22 -35.69
C PHE R 630 26.60 45.39 -36.14
N GLU R 631 27.66 46.04 -36.60
CA GLU R 631 28.79 45.26 -37.05
C GLU R 631 29.33 44.45 -35.90
N ARG R 632 29.32 45.01 -34.69
CA ARG R 632 29.81 44.24 -33.58
C ARG R 632 28.88 43.09 -33.25
N PHE R 633 27.56 43.31 -33.35
CA PHE R 633 26.61 42.26 -33.08
C PHE R 633 26.89 41.13 -34.01
N LYS R 634 26.98 41.46 -35.29
CA LYS R 634 27.26 40.51 -36.33
C LYS R 634 28.54 39.75 -36.04
N GLU R 635 29.62 40.45 -35.68
CA GLU R 635 30.88 39.76 -35.40
C GLU R 635 30.77 38.88 -34.18
N VAL R 636 30.00 39.29 -33.18
CA VAL R 636 29.85 38.47 -32.00
C VAL R 636 29.08 37.21 -32.25
N ILE R 637 27.87 37.34 -32.78
CA ILE R 637 27.01 36.18 -32.95
C ILE R 637 27.52 35.23 -34.02
N SER R 638 28.37 35.72 -34.91
CA SER R 638 28.91 34.93 -35.99
C SER R 638 30.19 34.23 -35.54
N LYS R 639 30.61 34.42 -34.29
CA LYS R 639 31.81 33.79 -33.80
C LYS R 639 31.65 32.31 -34.15
N PRO R 640 32.66 31.60 -34.67
CA PRO R 640 32.59 30.20 -35.03
C PRO R 640 32.10 29.28 -33.90
N TYR R 641 32.20 29.75 -32.66
CA TYR R 641 31.78 29.01 -31.48
C TYR R 641 31.39 29.95 -30.35
N GLY R 642 30.70 29.42 -29.34
CA GLY R 642 30.42 30.19 -28.14
C GLY R 642 28.94 30.52 -27.92
N ILE R 643 28.62 31.08 -26.76
CA ILE R 643 27.23 31.35 -26.40
C ILE R 643 26.94 32.83 -26.40
N PHE R 644 25.77 33.15 -26.93
CA PHE R 644 25.31 34.52 -26.98
C PHE R 644 24.05 34.65 -26.14
N LEU R 645 24.07 35.58 -25.18
CA LEU R 645 22.92 35.73 -24.32
C LEU R 645 22.05 36.89 -24.77
N ILE R 646 20.75 36.66 -24.76
CA ILE R 646 19.76 37.66 -25.09
C ILE R 646 18.92 37.92 -23.86
N THR R 647 18.96 39.16 -23.37
CA THR R 647 18.32 39.41 -22.10
C THR R 647 17.28 40.52 -21.98
N GLY R 648 16.36 40.29 -21.02
CA GLY R 648 15.38 41.30 -20.61
C GLY R 648 13.95 40.76 -20.33
N PRO R 649 13.07 41.62 -19.76
CA PRO R 649 11.67 41.44 -19.39
C PRO R 649 10.70 41.48 -20.57
N THR R 650 9.41 41.28 -20.26
CA THR R 650 8.37 41.43 -21.26
C THR R 650 8.52 42.83 -21.87
N GLY R 651 8.53 42.91 -23.20
CA GLY R 651 8.71 44.18 -23.92
C GLY R 651 10.15 44.42 -24.38
N SER R 652 11.03 43.40 -24.24
CA SER R 652 12.43 43.51 -24.67
C SER R 652 12.75 43.03 -26.11
N GLY R 653 11.84 42.28 -26.76
CA GLY R 653 12.10 41.79 -28.13
C GLY R 653 13.02 40.56 -28.24
N LYS R 654 13.10 39.78 -27.17
CA LYS R 654 13.98 38.61 -27.12
C LYS R 654 13.78 37.58 -28.23
N SER R 655 12.54 37.10 -28.48
CA SER R 655 12.38 36.05 -29.49
C SER R 655 12.89 36.50 -30.86
N PHE R 656 12.62 37.73 -31.30
CA PHE R 656 13.23 38.06 -32.58
C PHE R 656 14.73 38.06 -32.59
N THR R 657 15.37 38.56 -31.56
CA THR R 657 16.83 38.56 -31.58
C THR R 657 17.33 37.12 -31.58
N THR R 658 16.69 36.31 -30.76
CA THR R 658 17.00 34.91 -30.56
C THR R 658 16.92 34.15 -31.87
N PHE R 659 15.80 34.30 -32.54
CA PHE R 659 15.59 33.62 -33.79
C PHE R 659 16.30 34.27 -34.96
N SER R 660 16.57 35.58 -34.92
CA SER R 660 17.29 36.27 -35.97
C SER R 660 18.68 35.72 -36.10
N ILE R 661 19.32 35.54 -34.96
CA ILE R 661 20.66 35.00 -34.99
C ILE R 661 20.57 33.60 -35.57
N LEU R 662 19.61 32.81 -35.08
CA LEU R 662 19.41 31.45 -35.58
C LEU R 662 19.29 31.45 -37.09
N LYS R 663 18.49 32.35 -37.64
CA LYS R 663 18.31 32.43 -39.08
C LYS R 663 19.64 32.54 -39.79
N ARG R 664 20.51 33.41 -39.25
CA ARG R 664 21.82 33.64 -39.83
C ARG R 664 22.74 32.42 -39.79
N ILE R 665 22.71 31.66 -38.70
CA ILE R 665 23.66 30.57 -38.55
C ILE R 665 23.15 29.13 -38.78
N ALA R 666 21.89 28.88 -38.48
CA ALA R 666 21.34 27.53 -38.58
C ALA R 666 20.76 27.25 -39.93
N THR R 667 21.63 27.13 -40.89
CA THR R 667 21.18 26.89 -42.23
C THR R 667 20.71 25.43 -42.28
N PRO R 668 19.96 24.99 -43.30
CA PRO R 668 19.54 23.60 -43.50
C PRO R 668 20.68 22.60 -43.52
N ASP R 669 21.88 23.08 -43.81
CA ASP R 669 23.05 22.24 -43.86
C ASP R 669 23.71 22.07 -42.48
N LYS R 670 23.25 22.82 -41.48
CA LYS R 670 23.82 22.75 -40.13
C LYS R 670 22.86 22.06 -39.17
N ASN R 671 23.41 21.34 -38.22
CA ASN R 671 22.53 20.65 -37.28
C ASN R 671 22.20 21.55 -36.17
N THR R 672 20.92 21.66 -35.93
CA THR R 672 20.50 22.56 -34.90
C THR R 672 19.47 21.92 -34.06
N GLN R 673 19.56 22.16 -32.77
CA GLN R 673 18.59 21.56 -31.92
C GLN R 673 18.11 22.62 -30.94
N THR R 674 16.80 22.84 -30.96
CA THR R 674 16.11 23.89 -30.22
C THR R 674 15.10 23.40 -29.17
N ILE R 675 15.08 24.03 -27.98
CA ILE R 675 14.08 23.68 -26.96
C ILE R 675 13.03 24.79 -26.76
N GLU R 676 11.78 24.42 -26.94
CA GLU R 676 10.64 25.32 -26.76
C GLU R 676 9.57 24.67 -25.86
N ASP R 677 8.70 25.47 -25.25
CA ASP R 677 7.62 24.93 -24.41
C ASP R 677 6.38 25.82 -24.37
N PRO R 678 5.44 25.69 -25.33
CA PRO R 678 5.41 24.96 -26.59
C PRO R 678 6.17 25.69 -27.69
N VAL R 679 6.29 25.06 -28.86
CA VAL R 679 6.95 25.66 -30.04
C VAL R 679 6.31 26.95 -30.56
N GLU R 680 7.17 27.96 -30.81
CA GLU R 680 6.74 29.28 -31.32
C GLU R 680 7.07 29.43 -32.81
N TYR R 681 8.25 28.96 -33.22
CA TYR R 681 8.68 29.09 -34.62
C TYR R 681 8.89 27.70 -35.13
N GLU R 682 8.65 27.42 -36.42
CA GLU R 682 8.86 26.07 -36.96
C GLU R 682 8.99 26.01 -38.50
N ILE R 683 10.10 26.53 -39.10
CA ILE R 683 11.56 26.33 -38.92
C ILE R 683 12.20 25.00 -39.42
N PRO R 684 12.19 24.74 -40.72
CA PRO R 684 12.83 23.59 -41.29
C PRO R 684 14.34 23.77 -41.17
N GLY R 685 15.07 22.66 -41.05
CA GLY R 685 16.53 22.70 -41.00
C GLY R 685 17.01 22.57 -39.56
N ILE R 686 16.13 22.95 -38.63
CA ILE R 686 16.39 22.90 -37.20
C ILE R 686 15.45 21.96 -36.48
N ASN R 687 16.02 21.05 -35.73
CA ASN R 687 15.24 20.12 -34.97
C ASN R 687 14.67 20.81 -33.76
N GLN R 688 13.36 20.74 -33.59
CA GLN R 688 12.72 21.45 -32.49
C GLN R 688 12.03 20.56 -31.49
N THR R 689 12.65 20.44 -30.33
CA THR R 689 12.08 19.61 -29.28
C THR R 689 11.17 20.41 -28.42
N GLN R 690 9.97 19.90 -28.26
CA GLN R 690 9.03 20.55 -27.42
C GLN R 690 9.10 19.82 -26.10
N VAL R 691 9.26 20.58 -25.06
CA VAL R 691 9.37 20.08 -23.71
C VAL R 691 8.07 19.38 -23.38
N ASN R 692 8.17 18.20 -22.81
CA ASN R 692 6.99 17.41 -22.57
C ASN R 692 7.01 16.64 -21.26
N PRO R 693 6.46 17.23 -20.18
CA PRO R 693 6.34 16.68 -18.85
C PRO R 693 5.62 15.31 -18.84
N GLN R 694 4.87 14.98 -19.91
CA GLN R 694 4.15 13.70 -20.00
C GLN R 694 5.18 12.59 -20.00
N ALA R 695 6.32 12.90 -20.59
CA ALA R 695 7.44 12.00 -20.68
C ALA R 695 8.28 12.15 -19.46
N GLY R 696 8.52 13.43 -19.14
CA GLY R 696 9.45 13.86 -18.11
C GLY R 696 10.52 14.63 -18.87
N LEU R 697 10.18 14.94 -20.12
CA LEU R 697 11.05 15.68 -21.00
C LEU R 697 11.09 17.15 -20.68
N THR R 698 11.88 17.48 -19.67
CA THR R 698 12.08 18.85 -19.21
C THR R 698 13.00 19.57 -20.18
N PHE R 699 13.25 20.87 -19.96
CA PHE R 699 14.17 21.54 -20.87
C PHE R 699 15.49 20.86 -20.69
N ALA R 700 15.78 20.55 -19.43
CA ALA R 700 17.01 19.86 -19.10
C ALA R 700 17.10 18.51 -19.79
N ARG R 701 16.01 17.74 -19.80
CA ARG R 701 16.11 16.45 -20.46
C ARG R 701 16.23 16.64 -21.94
N ALA R 702 15.58 17.68 -22.45
CA ALA R 702 15.73 17.94 -23.84
C ALA R 702 17.19 18.25 -24.09
N LEU R 703 17.84 19.11 -23.28
CA LEU R 703 19.24 19.37 -23.60
C LEU R 703 20.15 18.22 -23.28
N ARG R 704 19.78 17.35 -22.34
CA ARG R 704 20.65 16.24 -22.02
C ARG R 704 20.91 15.52 -23.33
N ALA R 705 19.82 15.28 -24.08
CA ALA R 705 19.94 14.66 -25.39
C ALA R 705 20.66 15.54 -26.37
N PHE R 706 20.38 16.85 -26.40
CA PHE R 706 21.03 17.73 -27.39
C PHE R 706 22.54 17.64 -27.25
N LEU R 707 23.03 17.58 -26.01
CA LEU R 707 24.47 17.53 -25.80
C LEU R 707 25.02 16.24 -26.38
N ARG R 708 24.39 15.12 -26.00
CA ARG R 708 24.84 13.83 -26.50
C ARG R 708 24.66 13.74 -28.01
N GLN R 709 23.68 14.46 -28.52
CA GLN R 709 23.36 14.50 -29.93
C GLN R 709 24.15 15.45 -30.78
N ASP R 710 25.15 16.09 -30.23
CA ASP R 710 26.04 16.90 -31.05
C ASP R 710 25.56 17.83 -32.19
N PRO R 711 24.60 18.73 -32.01
CA PRO R 711 24.19 19.69 -33.02
C PRO R 711 25.29 20.72 -33.15
N ASP R 712 25.33 21.51 -34.22
CA ASP R 712 26.33 22.57 -34.32
C ASP R 712 25.83 23.76 -33.52
N ILE R 713 24.52 23.94 -33.57
CA ILE R 713 23.85 25.06 -32.96
C ILE R 713 22.76 24.65 -31.95
N ILE R 714 22.79 25.27 -30.77
CA ILE R 714 21.77 25.01 -29.75
C ILE R 714 20.98 26.25 -29.42
N MET R 715 19.67 26.11 -29.36
CA MET R 715 18.84 27.22 -28.93
C MET R 715 17.88 26.85 -27.85
N VAL R 716 17.82 27.68 -26.84
CA VAL R 716 16.83 27.45 -25.81
C VAL R 716 15.95 28.68 -25.66
N GLY R 717 14.64 28.47 -25.88
CA GLY R 717 13.63 29.53 -25.82
C GLY R 717 13.58 30.24 -24.47
N GLU R 718 13.91 29.51 -23.42
CA GLU R 718 13.96 30.06 -22.07
C GLU R 718 14.89 29.24 -21.18
N ILE R 719 15.90 29.87 -20.60
CA ILE R 719 16.77 29.10 -19.74
C ILE R 719 16.17 29.02 -18.34
N ARG R 720 15.28 28.04 -18.14
CA ARG R 720 14.62 27.94 -16.85
C ARG R 720 15.17 26.80 -15.98
N ASP R 721 15.56 25.69 -16.60
CA ASP R 721 16.04 24.56 -15.80
C ASP R 721 17.55 24.79 -15.58
N SER R 722 18.08 24.49 -14.38
CA SER R 722 19.52 24.70 -14.11
C SER R 722 20.40 23.90 -15.06
N GLU R 723 20.03 22.64 -15.24
CA GLU R 723 20.78 21.76 -16.11
C GLU R 723 20.78 22.27 -17.54
N THR R 724 19.69 22.91 -17.96
CA THR R 724 19.60 23.47 -19.30
C THR R 724 20.65 24.56 -19.49
N ALA R 725 20.77 25.43 -18.49
CA ALA R 725 21.75 26.51 -18.57
C ALA R 725 23.16 25.95 -18.74
N LYS R 726 23.44 24.89 -17.96
CA LYS R 726 24.75 24.27 -17.94
C LYS R 726 25.10 23.61 -19.25
N ILE R 727 24.15 22.87 -19.81
CA ILE R 727 24.41 22.16 -21.04
C ILE R 727 24.54 23.07 -22.23
N ALA R 728 23.67 24.07 -22.32
CA ALA R 728 23.75 24.98 -23.44
C ALA R 728 25.13 25.60 -23.43
N THR R 729 25.60 25.98 -22.23
CA THR R 729 26.91 26.55 -22.11
C THR R 729 28.00 25.53 -22.40
N GLU R 730 27.85 24.30 -21.87
CA GLU R 730 28.88 23.28 -22.06
C GLU R 730 29.22 23.10 -23.52
N ALA R 731 28.20 23.03 -24.36
CA ALA R 731 28.45 22.88 -25.77
C ALA R 731 29.23 24.10 -26.31
N ALA R 732 28.76 25.28 -25.90
CA ALA R 732 29.33 26.54 -26.29
C ALA R 732 30.79 26.72 -25.87
N LEU R 733 31.17 26.05 -24.80
CA LEU R 733 32.51 26.19 -24.25
C LEU R 733 33.58 25.89 -25.20
N THR R 734 33.35 24.88 -25.99
CA THR R 734 34.41 24.39 -26.79
C THR R 734 34.24 24.56 -28.26
N GLY R 735 33.02 24.69 -28.76
CA GLY R 735 32.94 24.71 -30.20
C GLY R 735 31.55 24.89 -30.80
N HIS R 736 30.50 24.66 -30.03
CA HIS R 736 29.17 24.81 -30.58
C HIS R 736 28.79 26.26 -30.49
N LEU R 737 27.87 26.72 -31.33
CA LEU R 737 27.41 28.10 -31.28
C LEU R 737 26.00 28.08 -30.64
N VAL R 738 25.85 28.77 -29.53
CA VAL R 738 24.63 28.64 -28.74
C VAL R 738 23.88 29.95 -28.50
N ILE R 739 22.56 29.89 -28.66
CA ILE R 739 21.70 31.04 -28.44
C ILE R 739 20.82 30.78 -27.21
N ALA R 740 20.89 31.68 -26.23
CA ALA R 740 20.11 31.47 -25.01
C ALA R 740 19.32 32.71 -24.62
N THR R 741 18.06 32.49 -24.24
CA THR R 741 17.16 33.57 -23.84
C THR R 741 16.90 33.57 -22.30
N LEU R 742 17.09 34.74 -21.64
CA LEU R 742 16.86 34.82 -20.17
C LEU R 742 16.57 36.26 -19.64
N HIS R 743 16.09 36.38 -18.40
CA HIS R 743 15.83 37.73 -17.84
C HIS R 743 16.98 38.43 -17.11
N THR R 744 17.48 39.53 -17.68
CA THR R 744 18.49 40.35 -17.01
C THR R 744 18.38 41.82 -17.49
N ASN R 745 18.54 42.79 -16.59
CA ASN R 745 18.47 44.21 -16.95
C ASN R 745 19.84 44.90 -17.13
N ASP R 746 20.88 44.11 -17.39
CA ASP R 746 22.25 44.58 -17.56
C ASP R 746 23.11 43.53 -18.29
N ALA R 747 23.73 43.91 -19.41
CA ALA R 747 24.51 42.96 -20.22
C ALA R 747 25.65 42.29 -19.45
N ALA R 748 26.24 42.99 -18.49
CA ALA R 748 27.35 42.37 -17.78
C ALA R 748 26.81 41.54 -16.62
N GLN R 749 25.72 42.01 -16.01
CA GLN R 749 25.14 41.26 -14.89
C GLN R 749 24.62 39.94 -15.39
N ALA R 750 24.23 39.88 -16.66
CA ALA R 750 23.76 38.66 -17.30
C ALA R 750 24.77 37.54 -17.14
N ILE R 751 26.05 37.89 -17.10
CA ILE R 751 27.08 36.91 -16.90
C ILE R 751 26.91 36.35 -15.52
N THR R 752 26.72 37.27 -14.57
CA THR R 752 26.48 36.85 -13.19
C THR R 752 25.23 35.99 -13.13
N ARG R 753 24.20 36.35 -13.88
CA ARG R 753 22.98 35.55 -13.87
C ARG R 753 23.24 34.15 -14.40
N LEU R 754 24.01 34.02 -15.48
CA LEU R 754 24.28 32.68 -15.97
C LEU R 754 25.05 31.88 -14.88
N ASP R 755 25.93 32.58 -14.10
CA ASP R 755 26.62 31.89 -12.99
C ASP R 755 25.58 31.39 -11.98
N GLU R 756 24.57 32.23 -11.72
CA GLU R 756 23.50 31.92 -10.76
C GLU R 756 22.68 30.71 -11.21
N MET R 757 22.57 30.54 -12.52
CA MET R 757 21.83 29.42 -13.10
C MET R 757 22.52 28.08 -12.88
N GLY R 758 23.75 28.09 -12.35
CA GLY R 758 24.49 26.87 -12.07
C GLY R 758 25.53 26.59 -13.11
N VAL R 759 25.80 27.55 -13.98
CA VAL R 759 26.79 27.32 -14.99
C VAL R 759 28.13 27.76 -14.45
N GLU R 760 29.08 26.85 -14.45
CA GLU R 760 30.37 27.18 -13.88
C GLU R 760 30.93 28.46 -14.53
N PRO R 761 31.38 29.47 -13.76
CA PRO R 761 31.98 30.71 -14.24
C PRO R 761 33.06 30.48 -15.28
N PHE R 762 33.78 29.38 -15.13
CA PHE R 762 34.85 29.08 -16.05
C PHE R 762 34.25 28.61 -17.36
N ASN R 763 33.10 27.94 -17.26
CA ASN R 763 32.43 27.48 -18.45
C ASN R 763 31.89 28.68 -19.18
N ILE R 764 31.37 29.62 -18.42
CA ILE R 764 30.81 30.79 -19.03
C ILE R 764 31.86 31.56 -19.75
N SER R 765 32.99 31.77 -19.10
CA SER R 765 34.08 32.55 -19.65
C SER R 765 34.42 32.05 -21.04
N ALA R 766 34.73 30.74 -21.11
CA ALA R 766 35.12 30.09 -22.36
C ALA R 766 34.07 30.15 -23.44
N ALA R 767 32.83 29.93 -23.04
CA ALA R 767 31.74 29.92 -23.99
C ALA R 767 31.35 31.28 -24.49
N LEU R 768 31.28 32.23 -23.62
CA LEU R 768 30.68 33.50 -23.95
C LEU R 768 31.38 34.31 -25.02
N ILE R 769 30.56 34.70 -26.00
CA ILE R 769 30.95 35.57 -27.10
C ILE R 769 30.28 36.92 -26.94
N GLY R 770 29.16 36.94 -26.23
CA GLY R 770 28.55 38.24 -25.96
C GLY R 770 27.21 38.21 -25.31
N VAL R 771 26.86 39.37 -24.78
CA VAL R 771 25.58 39.55 -24.13
C VAL R 771 24.87 40.77 -24.62
N LEU R 772 23.63 40.61 -24.99
CA LEU R 772 22.85 41.73 -25.41
C LEU R 772 21.62 41.97 -24.57
N SER R 773 21.54 43.17 -23.99
CA SER R 773 20.36 43.54 -23.23
C SER R 773 19.52 44.40 -24.14
N GLN R 774 18.22 44.15 -24.14
CA GLN R 774 17.37 44.88 -25.07
C GLN R 774 16.16 45.50 -24.45
N ARG R 775 15.68 46.55 -25.10
CA ARG R 775 14.41 47.15 -24.77
C ARG R 775 13.78 47.78 -25.98
N LEU R 776 12.47 47.81 -26.03
CA LEU R 776 11.81 48.42 -27.16
C LEU R 776 11.11 49.75 -26.80
N VAL R 777 11.21 50.76 -27.67
CA VAL R 777 10.53 52.06 -27.47
C VAL R 777 9.60 52.42 -28.62
N ARG R 778 8.69 53.38 -28.42
CA ARG R 778 7.80 53.71 -29.53
C ARG R 778 8.48 54.56 -30.63
N ARG R 779 8.38 54.16 -31.91
CA ARG R 779 8.90 54.95 -33.04
C ARG R 779 8.01 56.13 -33.37
N VAL R 780 8.55 57.30 -33.60
CA VAL R 780 7.69 58.42 -33.92
C VAL R 780 7.21 58.41 -35.38
N CYS R 781 5.90 58.56 -35.60
CA CYS R 781 5.39 58.61 -36.96
C CYS R 781 5.91 59.81 -37.74
N GLU R 782 6.54 59.51 -38.87
CA GLU R 782 7.15 60.49 -39.76
C GLU R 782 6.23 61.61 -40.22
N HIS R 783 4.97 61.29 -40.39
CA HIS R 783 4.02 62.22 -40.94
C HIS R 783 3.44 63.17 -39.90
N CYS R 784 3.91 63.06 -38.66
CA CYS R 784 3.47 63.94 -37.61
C CYS R 784 4.53 63.97 -36.54
N LYS R 785 5.77 63.79 -36.94
CA LYS R 785 6.80 63.85 -35.94
C LYS R 785 6.91 65.29 -35.52
N VAL R 786 7.11 65.53 -34.24
CA VAL R 786 7.27 66.86 -33.76
C VAL R 786 8.64 67.05 -33.20
N GLU R 787 9.39 67.99 -33.74
CA GLU R 787 10.71 68.20 -33.20
C GLU R 787 10.43 68.91 -31.89
N VAL R 788 11.10 68.50 -30.82
CA VAL R 788 10.76 69.07 -29.50
C VAL R 788 11.77 70.03 -28.88
N LYS R 789 11.37 70.61 -27.72
CA LYS R 789 12.12 71.64 -26.98
C LYS R 789 13.66 71.47 -27.06
N PRO R 790 14.25 70.32 -26.67
CA PRO R 790 13.80 69.17 -25.87
C PRO R 790 13.66 69.49 -24.38
N ASP R 791 12.77 68.77 -23.70
CA ASP R 791 12.46 69.05 -22.30
C ASP R 791 13.65 68.94 -21.36
N PRO R 792 14.02 70.03 -20.64
CA PRO R 792 15.19 70.07 -19.77
C PRO R 792 15.13 69.10 -18.60
N GLU R 793 13.96 68.70 -18.14
CA GLU R 793 13.96 67.73 -17.05
C GLU R 793 14.27 66.37 -17.61
N THR R 794 13.64 66.07 -18.73
CA THR R 794 13.86 64.78 -19.33
C THR R 794 15.34 64.68 -19.73
N LEU R 795 15.84 65.75 -20.35
CA LEU R 795 17.23 65.81 -20.81
C LEU R 795 18.21 65.72 -19.67
N ARG R 796 17.91 66.41 -18.55
CA ARG R 796 18.76 66.43 -17.38
C ARG R 796 18.93 65.04 -16.82
N ARG R 797 17.81 64.34 -16.63
CA ARG R 797 17.80 62.99 -16.09
C ARG R 797 18.61 62.06 -16.99
N LEU R 798 18.49 62.26 -18.28
CA LEU R 798 19.19 61.45 -19.27
C LEU R 798 20.64 61.85 -19.49
N GLY R 799 20.96 63.11 -19.22
CA GLY R 799 22.31 63.62 -19.39
C GLY R 799 22.67 63.99 -20.83
N LEU R 800 21.71 64.50 -21.61
CA LEU R 800 22.05 64.83 -23.01
C LEU R 800 22.97 66.04 -23.14
N SER R 801 23.90 65.94 -24.08
CA SER R 801 24.89 66.98 -24.37
C SER R 801 24.36 68.07 -25.26
N GLU R 802 24.92 69.27 -25.13
CA GLU R 802 24.55 70.37 -26.01
C GLU R 802 24.81 70.02 -27.48
N ALA R 803 25.77 69.11 -27.72
CA ALA R 803 26.10 68.67 -29.07
C ALA R 803 24.91 67.97 -29.71
N GLU R 804 24.15 67.27 -28.87
CA GLU R 804 23.01 66.50 -29.29
C GLU R 804 21.80 67.40 -29.35
N ILE R 805 21.60 68.15 -28.28
CA ILE R 805 20.44 69.01 -28.11
C ILE R 805 20.34 70.10 -29.19
N GLN R 806 21.48 70.70 -29.54
CA GLN R 806 21.51 71.76 -30.53
C GLN R 806 21.74 71.28 -31.97
N GLY R 807 21.61 69.98 -32.26
CA GLY R 807 21.85 69.55 -33.63
C GLY R 807 21.28 68.17 -33.97
N ALA R 808 21.41 67.22 -33.06
CA ALA R 808 20.77 65.94 -33.26
C ALA R 808 19.32 66.18 -32.90
N ARG R 809 18.41 65.30 -33.27
CA ARG R 809 17.03 65.66 -33.05
C ARG R 809 16.14 64.60 -32.46
N LEU R 810 15.37 65.04 -31.47
CA LEU R 810 14.42 64.24 -30.73
C LEU R 810 13.03 64.55 -31.22
N TYR R 811 12.17 63.53 -31.33
CA TYR R 811 10.82 63.77 -31.77
C TYR R 811 9.75 63.15 -30.93
N LYS R 812 8.56 63.73 -30.99
CA LYS R 812 7.37 63.14 -30.42
C LYS R 812 6.31 62.90 -31.47
N GLY R 813 5.42 61.96 -31.18
CA GLY R 813 4.32 61.69 -32.10
C GLY R 813 3.10 62.56 -31.81
N MET R 814 2.64 63.27 -32.84
CA MET R 814 1.46 64.14 -32.75
C MET R 814 0.14 63.50 -33.19
N GLY R 815 0.22 62.58 -34.13
CA GLY R 815 -0.92 61.92 -34.75
C GLY R 815 -0.87 62.13 -36.26
N CYS R 816 -0.87 61.03 -37.01
CA CYS R 816 -0.78 61.03 -38.46
C CYS R 816 -1.67 59.99 -39.09
N GLU R 817 -2.67 59.50 -38.36
CA GLU R 817 -3.61 58.45 -38.82
C GLU R 817 -2.96 57.05 -38.95
N ARG R 818 -1.86 57.00 -39.66
CA ARG R 818 -1.04 55.84 -39.98
C ARG R 818 -0.37 55.24 -38.73
N CYS R 819 -0.51 55.96 -37.63
CA CYS R 819 -0.04 55.64 -36.28
C CYS R 819 -1.14 55.20 -35.33
N GLY R 820 -2.33 54.91 -35.84
CA GLY R 820 -3.40 54.44 -34.96
C GLY R 820 -4.00 55.60 -34.18
N GLY R 821 -3.62 56.80 -34.58
CA GLY R 821 -4.03 58.02 -33.94
C GLY R 821 -3.20 58.35 -32.70
N THR R 822 -2.14 57.58 -32.42
CA THR R 822 -1.39 57.85 -31.20
C THR R 822 -0.03 58.51 -31.44
N GLY R 823 0.31 58.72 -32.70
CA GLY R 823 1.53 59.39 -33.13
C GLY R 823 2.77 58.51 -33.33
N TYR R 824 2.66 57.23 -33.04
CA TYR R 824 3.80 56.33 -33.16
C TYR R 824 3.57 55.20 -34.17
N LYS R 825 4.66 54.68 -34.71
CA LYS R 825 4.60 53.60 -35.70
C LYS R 825 5.58 52.44 -35.57
N GLY R 826 5.46 51.66 -34.51
CA GLY R 826 6.23 50.43 -34.35
C GLY R 826 7.31 50.54 -33.30
N ARG R 827 7.83 49.40 -32.84
CA ARG R 827 8.86 49.47 -31.82
C ARG R 827 10.24 49.72 -32.38
N TYR R 828 11.07 50.41 -31.59
CA TYR R 828 12.45 50.64 -31.97
C TYR R 828 13.35 49.96 -30.98
N ALA R 829 13.98 48.87 -31.38
CA ALA R 829 14.81 48.18 -30.43
C ALA R 829 16.03 48.99 -30.10
N ILE R 830 16.40 48.95 -28.83
CA ILE R 830 17.59 49.57 -28.28
C ILE R 830 18.46 48.43 -27.79
N HIS R 831 19.76 48.51 -28.09
CA HIS R 831 20.66 47.38 -27.84
C HIS R 831 21.95 47.69 -27.08
N GLU R 832 22.15 46.98 -25.96
CA GLU R 832 23.38 47.09 -25.16
C GLU R 832 24.22 45.85 -25.34
N LEU R 833 25.23 45.92 -26.19
CA LEU R 833 26.02 44.73 -26.51
C LEU R 833 27.38 44.66 -25.85
N LEU R 834 27.56 43.62 -25.06
CA LEU R 834 28.82 43.34 -24.41
C LEU R 834 29.56 42.36 -25.29
N VAL R 835 30.70 42.80 -25.79
CA VAL R 835 31.50 41.96 -26.67
C VAL R 835 32.53 41.24 -25.83
N VAL R 836 32.49 39.92 -25.83
CA VAL R 836 33.38 39.25 -24.92
C VAL R 836 34.68 38.77 -25.52
N ASP R 837 35.68 39.62 -25.30
CA ASP R 837 37.06 39.39 -25.70
C ASP R 837 37.70 38.60 -24.57
N ASP R 838 39.02 38.42 -24.59
CA ASP R 838 39.57 37.56 -23.55
C ASP R 838 39.90 38.33 -22.24
N GLU R 839 39.68 39.66 -22.20
CA GLU R 839 39.86 40.44 -20.97
C GLU R 839 38.60 40.24 -20.16
N ILE R 840 37.48 40.25 -20.88
CA ILE R 840 36.22 40.02 -20.22
C ILE R 840 36.22 38.56 -19.79
N ARG R 841 36.72 37.64 -20.65
CA ARG R 841 36.83 36.24 -20.25
C ARG R 841 37.57 36.16 -18.91
N HIS R 842 38.72 36.85 -18.81
CA HIS R 842 39.46 36.89 -17.56
C HIS R 842 38.58 37.38 -16.43
N ALA R 843 37.87 38.48 -16.67
CA ALA R 843 37.01 39.01 -15.64
C ALA R 843 36.01 37.95 -15.19
N ILE R 844 35.51 37.16 -16.12
CA ILE R 844 34.54 36.15 -15.76
C ILE R 844 35.16 35.05 -14.91
N VAL R 845 36.34 34.56 -15.30
CA VAL R 845 36.97 33.47 -14.53
C VAL R 845 37.42 33.99 -13.18
N ALA R 846 37.69 35.29 -13.12
CA ALA R 846 38.07 35.97 -11.92
C ALA R 846 36.86 36.20 -11.00
N GLY R 847 35.64 35.92 -11.49
CA GLY R 847 34.41 36.11 -10.72
C GLY R 847 33.92 37.55 -10.67
N LYS R 848 34.29 38.37 -11.64
CA LYS R 848 33.91 39.78 -11.63
C LYS R 848 32.43 40.05 -11.91
N SER R 849 31.92 41.09 -11.24
CA SER R 849 30.55 41.60 -11.26
C SER R 849 30.19 42.39 -12.48
N ALA R 850 28.90 42.74 -12.65
CA ALA R 850 28.57 43.60 -13.77
C ALA R 850 29.33 44.88 -13.76
N THR R 851 29.54 45.48 -12.59
CA THR R 851 30.25 46.74 -12.57
C THR R 851 31.63 46.55 -13.11
N GLU R 852 32.31 45.52 -12.64
CA GLU R 852 33.67 45.32 -13.09
C GLU R 852 33.77 44.98 -14.58
N ILE R 853 32.90 44.10 -15.04
CA ILE R 853 32.87 43.68 -16.42
C ILE R 853 32.45 44.80 -17.36
N LYS R 854 31.42 45.52 -16.96
CA LYS R 854 30.91 46.65 -17.69
C LYS R 854 31.93 47.74 -17.75
N GLU R 855 32.61 48.05 -16.63
CA GLU R 855 33.62 49.09 -16.69
C GLU R 855 34.74 48.67 -17.63
N ILE R 856 35.15 47.40 -17.64
CA ILE R 856 36.18 47.03 -18.59
C ILE R 856 35.66 47.27 -20.00
N ALA R 857 34.46 46.79 -20.26
CA ALA R 857 33.86 46.92 -21.56
C ALA R 857 33.66 48.38 -21.98
N ARG R 858 33.26 49.27 -21.06
CA ARG R 858 33.06 50.68 -21.42
C ARG R 858 34.40 51.33 -21.70
N ARG R 859 35.45 50.90 -20.98
CA ARG R 859 36.79 51.43 -21.20
C ARG R 859 37.25 51.04 -22.61
N LYS R 860 36.72 49.93 -23.12
CA LYS R 860 36.99 49.45 -24.47
C LYS R 860 36.04 50.10 -25.51
N GLY R 861 35.16 51.00 -25.05
CA GLY R 861 34.21 51.68 -25.93
C GLY R 861 32.77 51.14 -25.91
N MET R 862 32.42 50.23 -25.01
CA MET R 862 31.05 49.73 -24.98
C MET R 862 30.05 50.83 -24.67
N LYS R 863 29.03 50.89 -25.52
CA LYS R 863 27.92 51.82 -25.42
C LYS R 863 26.83 51.21 -24.57
N THR R 864 26.33 51.94 -23.60
CA THR R 864 25.30 51.44 -22.70
C THR R 864 23.91 51.49 -23.30
N LEU R 865 22.97 50.80 -22.65
CA LEU R 865 21.59 50.78 -23.12
C LEU R 865 20.99 52.20 -23.16
N ARG R 866 21.38 53.09 -22.23
CA ARG R 866 20.78 54.42 -22.33
C ARG R 866 21.49 55.21 -23.38
N GLU R 867 22.80 55.02 -23.55
CA GLU R 867 23.51 55.79 -24.57
C GLU R 867 22.98 55.44 -25.96
N ASP R 868 22.68 54.16 -26.16
CA ASP R 868 22.17 53.69 -27.43
C ASP R 868 20.77 54.22 -27.66
N GLY R 869 19.92 54.09 -26.66
CA GLY R 869 18.56 54.54 -26.81
C GLY R 869 18.47 56.01 -27.07
N LEU R 870 19.27 56.79 -26.36
CA LEU R 870 19.22 58.21 -26.54
C LEU R 870 19.69 58.57 -27.92
N TYR R 871 20.72 57.88 -28.40
CA TYR R 871 21.19 58.10 -29.74
C TYR R 871 20.03 57.88 -30.69
N LYS R 872 19.33 56.78 -30.53
CA LYS R 872 18.18 56.43 -31.35
C LYS R 872 17.08 57.50 -31.33
N ALA R 873 16.87 58.12 -30.17
CA ALA R 873 15.93 59.23 -30.12
C ALA R 873 16.50 60.37 -30.95
N LEU R 874 17.81 60.59 -30.81
CA LEU R 874 18.57 61.65 -31.48
C LEU R 874 18.76 61.40 -32.97
N GLN R 875 18.56 60.14 -33.40
CA GLN R 875 18.58 59.77 -34.81
C GLN R 875 17.27 60.16 -35.45
N GLY R 876 16.32 60.65 -34.64
CA GLY R 876 15.04 61.07 -35.11
C GLY R 876 14.08 59.92 -35.28
N ILE R 877 14.36 58.80 -34.61
CA ILE R 877 13.51 57.66 -34.78
C ILE R 877 12.50 57.57 -33.66
N THR R 878 12.95 57.85 -32.46
CA THR R 878 12.08 57.73 -31.31
C THR R 878 12.06 59.00 -30.43
N THR R 879 11.48 58.84 -29.25
CA THR R 879 11.23 59.91 -28.31
C THR R 879 12.13 59.80 -27.09
N LEU R 880 12.72 60.94 -26.72
CA LEU R 880 13.64 61.04 -25.58
C LEU R 880 13.07 60.36 -24.33
N GLU R 881 11.80 60.63 -24.07
CA GLU R 881 11.03 60.11 -22.95
C GLU R 881 10.80 58.60 -23.04
N GLU R 882 10.64 58.07 -24.26
CA GLU R 882 10.39 56.63 -24.41
C GLU R 882 11.62 55.87 -24.03
N VAL R 883 12.75 56.48 -24.34
CA VAL R 883 14.01 55.89 -23.99
C VAL R 883 14.18 55.97 -22.49
N LEU R 884 13.95 57.15 -21.91
CA LEU R 884 14.09 57.36 -20.48
C LEU R 884 13.30 56.35 -19.69
N ALA R 885 12.05 56.15 -20.10
CA ALA R 885 11.10 55.30 -19.42
C ALA R 885 11.59 53.89 -19.18
N ARG R 886 12.53 53.41 -19.99
CA ARG R 886 12.99 52.04 -19.88
C ARG R 886 14.45 51.93 -19.42
N THR R 887 15.02 53.03 -18.96
CA THR R 887 16.41 53.05 -18.47
C THR R 887 16.52 54.05 -17.31
N ILE R 888 17.75 54.46 -17.02
CA ILE R 888 18.01 55.40 -15.95
C ILE R 888 18.41 56.78 -16.54
#